data_5FQD
#
_entry.id   5FQD
#
_cell.length_a   87.970
_cell.length_b   109.930
_cell.length_c   112.400
_cell.angle_alpha   106.02
_cell.angle_beta   93.19
_cell.angle_gamma   101.63
#
_symmetry.space_group_name_H-M   'P 1'
#
loop_
_entity.id
_entity.type
_entity.pdbx_description
1 polymer 'DNA DAMAGE-BINDING PROTEIN 1'
2 polymer 'PROTEIN CEREBLON'
3 polymer 'CASEIN KINASE I ISOFORM ALPHA'
4 non-polymer 'ZINC ION'
5 non-polymer S-Lenalidomide
6 water water
#
loop_
_entity_poly.entity_id
_entity_poly.type
_entity_poly.pdbx_seq_one_letter_code
_entity_poly.pdbx_strand_id
1 'polypeptide(L)'
;MHHHHHHVDEENLYFQGGGRMSYNYVVTAQKPTAVNGCVTGHFTSAEDLNLLIAKNTRLEIYVVTAEGLRPVKEVGMYGK
IAVMELFRPKGESKDLLFILTAKYNACILEYKQSGESIDIITRAHGNVQDRIGRPSETGIIGIIDPECRMIGLRLYDGLF
KVIPLDRDNKELKAFNIRLEELHVIDVKFLYGCQAPTICFVYQDPQGRHVKTYEVSLREKEFNKGPWKQENVEAEASMVI
AVPEPFGGAIIIGQESITYHNGDKYLAIAPPIIKQSTIVCHNRVDPNGSRYLLGDMEGRLFMLLLEKEEQMDGTVTLKDL
RVELLGETSIAECLTYLDNGVVFVGSRLGDSQLVKLNVDSNEQGSYVVAMETFTNLGPIVDMCVVDLERQGQGQLVTCSG
AFKEGSLRIIRNGIGGNGNSGEIQKLHIRTVPLYESPRKICYQEVSQCFGVLSSRIEVQDTSGGTTALRPSASTQALSSS
VSSSKLFSSSTAPHETSFGEEVEVHNLLIIDQHTFEVLHAHQFLQNEYALSLVSCKLGKDPNTYFIVGTAMVYPEEAEPK
QGRIVVFQYSDGKLQTVAEKEVKGAVYSMVEFNGKLLASINSTVRLYEWTTEKELRTECNHYNNIMALYLKTKGDFILVG
DLMRSVLLLAYKPMEGNFEEIARDFNPNWMSAVEILDDDNFLGAENAFNLFVCQKDSAATTDEERQHLQEVGLFHLGEFV
NVFCHGSLVMQNLGETSTPTQGSVLFGTVNGMIGLVTSLSESWYNLLLDMQNRLNKVIKSVGKIEHSFWRSFHTERKTEP
ATGFIDGDLIESFLDISRPKMQEVVANLQYDDGSGMKREATADDLIKVVEELTRIH
;
A,D
2 'polypeptide(L)'
;MDWSHPQFEKSAVDENLYFQGGGRAKKPNIINFDTSLPTSHTYLGADMEEFHGRTLHDDDSCQVIPVLPQVMMILIPGQT
LPLQLFHPQEVSMVRNLIQKDRTFAVLAYSNVQEREAQFGTTAEIYAYREEQDFGIEIVKVKAIGRQRFKVLELRTQSDG
IQQAKVQILPECVLPSTMSAVQLESLNKCQIFPSKPVSREDQCSYKWWQKYQKRKFHCANLTSWPRWLYSLYDAETLMDR
IKKQLREWDENLKDDSLPSNPIDFSYRVAACLPIDDVLRIQLLKIGSAIQRLRCELDIMNKCTSLCCKQCQETEITTKNE
IFSLSLCGPMAAYVNPHGYVHETLTVYKACNLNLIGRPSTEHSWFPGYAWTVAQCKICASHIGWKFTATKKDMSPQKFWG
LTRSALLPTIPDTEDEISPDKVILCL
;
B,E
3 'polypeptide(L)'
;GGGRMASSSGSKAEFIVGGKYKLVRKIGSGSFGDIYLAINITNGEEVAVKLESQKARHPQLLYESKLYKILQGGVGIPHI
RWYGQEKDYNVLVMDLLGPSLEDLFNFCSRRFTMKTVLMLADQMISRIEYVHTKNFIHRDIKPDNFLMGIGRHCNKLFLI
DFGLAKKYRDNRTRQHIPYREDKNLTGTARYASINAHLGIEQSRRDDMESLGYVLMYFNRTSLPWQGLKAATKKQKYEKI
SEKKMSTPVEVLCKGFPAEFAMYLNYCRGLRFEEAPDYMYLRQLFRILFRTLNHQYDYTFDWTMLKQKAAQQAASSSGQG
QQAQTPTGKQTDKTKSNMKGF
;
C,F
#
# COMPACT_ATOMS: atom_id res chain seq x y z
N MET A 21 15.95 25.36 -7.09
CA MET A 21 16.52 26.59 -7.67
C MET A 21 16.36 27.77 -6.71
N SER A 22 15.41 27.64 -5.74
CA SER A 22 15.15 28.69 -4.75
C SER A 22 16.02 28.55 -3.49
N TYR A 23 15.91 27.38 -2.79
CA TYR A 23 16.56 27.03 -1.51
C TYR A 23 15.92 27.81 -0.34
N ASN A 24 14.80 27.32 0.20
CA ASN A 24 14.11 27.97 1.31
C ASN A 24 14.07 27.10 2.57
N TYR A 25 13.92 27.76 3.72
CA TYR A 25 13.88 27.14 5.03
C TYR A 25 12.61 27.64 5.73
N VAL A 26 11.72 26.71 6.07
CA VAL A 26 10.46 27.04 6.75
C VAL A 26 10.50 26.46 8.19
N VAL A 27 10.22 27.31 9.17
CA VAL A 27 10.26 26.93 10.58
C VAL A 27 9.07 27.54 11.36
N THR A 28 8.58 26.81 12.36
CA THR A 28 7.50 27.26 13.23
C THR A 28 8.07 28.22 14.28
N ALA A 29 7.47 29.40 14.41
CA ALA A 29 7.81 30.41 15.40
C ALA A 29 6.87 30.20 16.61
N GLN A 30 5.59 29.89 16.31
CA GLN A 30 4.51 29.60 17.25
C GLN A 30 3.71 28.40 16.76
N LYS A 31 3.57 27.35 17.57
CA LYS A 31 2.82 26.14 17.23
C LYS A 31 1.31 26.43 17.16
N PRO A 32 0.50 25.62 16.42
CA PRO A 32 -0.95 25.87 16.39
C PRO A 32 -1.56 25.85 17.79
N THR A 33 -2.44 26.80 18.06
CA THR A 33 -3.09 27.02 19.35
C THR A 33 -4.59 26.60 19.30
N ALA A 34 -5.18 26.52 18.10
CA ALA A 34 -6.58 26.13 17.92
C ALA A 34 -6.73 24.63 18.21
N VAL A 35 -7.81 24.26 18.93
CA VAL A 35 -8.16 22.90 19.36
C VAL A 35 -9.18 22.29 18.40
N ASN A 36 -8.84 21.16 17.79
CA ASN A 36 -9.79 20.50 16.89
C ASN A 36 -10.43 19.25 17.54
N GLY A 37 -9.85 18.79 18.63
CA GLY A 37 -10.33 17.61 19.35
C GLY A 37 -9.81 17.47 20.77
N CYS A 38 -10.59 16.80 21.61
CA CYS A 38 -10.25 16.49 22.99
C CYS A 38 -11.04 15.31 23.47
N VAL A 39 -10.34 14.38 24.14
CA VAL A 39 -10.91 13.16 24.70
C VAL A 39 -10.39 12.93 26.12
N THR A 40 -11.20 12.28 26.96
CA THR A 40 -10.82 11.84 28.31
C THR A 40 -10.77 10.34 28.33
N GLY A 41 -9.95 9.79 29.22
CA GLY A 41 -9.80 8.35 29.41
C GLY A 41 -8.64 7.97 30.30
N HIS A 42 -8.24 6.71 30.24
CA HIS A 42 -7.16 6.21 31.06
C HIS A 42 -6.09 5.69 30.12
N PHE A 43 -5.29 6.62 29.63
CA PHE A 43 -4.26 6.42 28.63
C PHE A 43 -2.87 6.21 29.21
N THR A 44 -2.46 7.05 30.19
CA THR A 44 -1.15 7.01 30.84
C THR A 44 -1.03 5.88 31.87
N SER A 45 -2.15 5.57 32.52
CA SER A 45 -2.29 4.54 33.56
C SER A 45 -3.77 4.21 33.67
N ALA A 46 -4.09 2.99 34.16
CA ALA A 46 -5.46 2.53 34.36
C ALA A 46 -6.14 3.31 35.50
N GLU A 47 -5.32 3.92 36.37
CA GLU A 47 -5.73 4.69 37.54
C GLU A 47 -5.85 6.19 37.28
N ASP A 48 -5.12 6.73 36.27
CA ASP A 48 -5.12 8.16 35.94
C ASP A 48 -6.22 8.56 34.99
N LEU A 49 -6.85 9.73 35.24
CA LEU A 49 -7.83 10.32 34.32
C LEU A 49 -7.05 11.32 33.45
N ASN A 50 -7.11 11.13 32.14
CA ASN A 50 -6.38 11.96 31.19
C ASN A 50 -7.24 12.87 30.36
N LEU A 51 -6.64 13.98 29.93
CA LEU A 51 -7.21 14.90 28.95
C LEU A 51 -6.22 14.94 27.79
N LEU A 52 -6.65 14.44 26.63
CA LEU A 52 -5.87 14.42 25.42
C LEU A 52 -6.40 15.51 24.51
N ILE A 53 -5.54 16.43 24.08
CA ILE A 53 -5.96 17.57 23.25
C ILE A 53 -5.22 17.51 21.93
N ALA A 54 -5.94 17.64 20.81
CA ALA A 54 -5.38 17.70 19.47
C ALA A 54 -5.40 19.16 19.01
N LYS A 55 -4.23 19.66 18.61
CA LYS A 55 -4.04 21.01 18.08
C LYS A 55 -3.35 20.80 16.74
N ASN A 56 -4.14 20.28 15.79
CA ASN A 56 -3.78 19.97 14.40
C ASN A 56 -2.68 18.86 14.36
N THR A 57 -1.39 19.24 14.28
CA THR A 57 -0.24 18.31 14.24
C THR A 57 0.31 18.00 15.65
N ARG A 58 -0.24 18.65 16.69
CA ARG A 58 0.14 18.51 18.09
C ARG A 58 -0.87 17.70 18.87
N LEU A 59 -0.37 16.84 19.75
CA LEU A 59 -1.17 16.04 20.68
C LEU A 59 -0.62 16.32 22.07
N GLU A 60 -1.47 16.84 22.99
CA GLU A 60 -1.14 17.15 24.39
C GLU A 60 -1.79 16.13 25.30
N ILE A 61 -1.01 15.62 26.26
CA ILE A 61 -1.47 14.64 27.24
C ILE A 61 -1.42 15.26 28.65
N TYR A 62 -2.58 15.26 29.32
CA TYR A 62 -2.73 15.82 30.65
C TYR A 62 -3.27 14.82 31.64
N VAL A 63 -2.89 14.96 32.92
CA VAL A 63 -3.47 14.19 34.02
C VAL A 63 -4.45 15.17 34.67
N VAL A 64 -5.71 14.76 34.80
CA VAL A 64 -6.72 15.59 35.44
C VAL A 64 -6.57 15.48 36.97
N THR A 65 -6.18 16.58 37.60
CA THR A 65 -5.99 16.66 39.05
C THR A 65 -7.15 17.48 39.64
N ALA A 66 -7.30 17.46 40.98
CA ALA A 66 -8.34 18.23 41.66
C ALA A 66 -8.14 19.75 41.44
N GLU A 67 -6.87 20.20 41.45
CA GLU A 67 -6.44 21.59 41.24
C GLU A 67 -6.69 22.03 39.78
N GLY A 68 -6.23 21.22 38.82
CA GLY A 68 -6.40 21.50 37.40
C GLY A 68 -5.89 20.40 36.49
N LEU A 69 -5.00 20.76 35.56
CA LEU A 69 -4.40 19.85 34.60
C LEU A 69 -2.90 19.75 34.82
N ARG A 70 -2.38 18.53 34.86
CA ARG A 70 -0.94 18.30 35.02
C ARG A 70 -0.38 17.90 33.66
N PRO A 71 0.49 18.74 33.04
CA PRO A 71 1.05 18.37 31.73
C PRO A 71 1.98 17.17 31.85
N VAL A 72 1.70 16.14 31.07
CA VAL A 72 2.45 14.90 31.13
C VAL A 72 3.37 14.70 29.93
N LYS A 73 2.82 14.81 28.71
CA LYS A 73 3.56 14.61 27.48
C LYS A 73 2.95 15.43 26.36
N GLU A 74 3.81 15.94 25.49
CA GLU A 74 3.40 16.67 24.31
C GLU A 74 4.20 16.10 23.14
N VAL A 75 3.46 15.58 22.16
CA VAL A 75 4.03 15.00 20.96
C VAL A 75 3.55 15.73 19.73
N GLY A 76 4.35 15.61 18.68
CA GLY A 76 4.05 16.15 17.38
C GLY A 76 3.93 15.00 16.43
N MET A 77 3.03 15.12 15.46
CA MET A 77 2.83 14.09 14.46
C MET A 77 3.11 14.62 13.07
N TYR A 78 3.48 13.71 12.17
CA TYR A 78 3.72 13.99 10.76
C TYR A 78 2.38 13.90 10.03
N GLY A 79 1.41 14.62 10.56
CA GLY A 79 0.06 14.65 10.02
C GLY A 79 -0.88 15.57 10.75
N LYS A 80 -1.99 15.87 10.09
CA LYS A 80 -3.08 16.69 10.59
C LYS A 80 -4.04 15.71 11.23
N ILE A 81 -4.24 15.75 12.56
CA ILE A 81 -5.16 14.85 13.28
C ILE A 81 -6.62 15.11 12.87
N ALA A 82 -7.25 14.16 12.17
CA ALA A 82 -8.66 14.26 11.73
C ALA A 82 -9.58 13.57 12.76
N VAL A 83 -9.19 12.37 13.20
CA VAL A 83 -9.89 11.54 14.20
C VAL A 83 -8.91 11.27 15.33
N MET A 84 -9.41 11.30 16.58
CA MET A 84 -8.68 11.00 17.81
C MET A 84 -9.69 10.36 18.81
N GLU A 85 -9.62 9.02 18.98
CA GLU A 85 -10.54 8.28 19.88
C GLU A 85 -9.83 7.27 20.75
N LEU A 86 -10.18 7.24 22.04
CA LEU A 86 -9.68 6.28 23.01
C LEU A 86 -10.62 5.07 23.05
N PHE A 87 -10.05 3.89 23.32
CA PHE A 87 -10.82 2.65 23.39
C PHE A 87 -10.10 1.60 24.23
N ARG A 88 -10.86 0.78 24.98
CA ARG A 88 -10.26 -0.26 25.80
C ARG A 88 -10.78 -1.61 25.32
N PRO A 89 -10.01 -2.34 24.49
CA PRO A 89 -10.48 -3.66 24.03
C PRO A 89 -10.29 -4.74 25.10
N LYS A 90 -10.58 -6.02 24.76
CA LYS A 90 -10.45 -7.10 25.71
C LYS A 90 -8.98 -7.44 25.98
N GLY A 91 -8.66 -7.65 27.26
CA GLY A 91 -7.31 -8.00 27.71
C GLY A 91 -6.41 -6.83 28.07
N GLU A 92 -6.75 -5.62 27.56
CA GLU A 92 -5.99 -4.39 27.79
C GLU A 92 -6.17 -3.81 29.20
N SER A 93 -5.05 -3.47 29.86
CA SER A 93 -5.03 -2.91 31.20
C SER A 93 -5.51 -1.47 31.20
N LYS A 94 -5.17 -0.72 30.12
CA LYS A 94 -5.53 0.68 29.92
C LYS A 94 -5.88 0.98 28.46
N ASP A 95 -6.51 2.15 28.23
CA ASP A 95 -6.95 2.65 26.92
C ASP A 95 -5.81 2.83 25.90
N LEU A 96 -6.17 2.62 24.64
CA LEU A 96 -5.30 2.83 23.50
C LEU A 96 -5.86 4.04 22.77
N LEU A 97 -5.09 4.61 21.84
CA LEU A 97 -5.56 5.77 21.11
C LEU A 97 -5.53 5.55 19.60
N PHE A 98 -6.71 5.68 18.98
CA PHE A 98 -6.81 5.62 17.53
C PHE A 98 -6.68 7.03 16.98
N ILE A 99 -5.81 7.20 16.00
CA ILE A 99 -5.62 8.46 15.31
C ILE A 99 -5.68 8.23 13.81
N LEU A 100 -6.46 9.08 13.12
CA LEU A 100 -6.51 9.12 11.67
C LEU A 100 -6.08 10.51 11.25
N THR A 101 -5.08 10.64 10.36
CA THR A 101 -4.64 11.95 9.87
C THR A 101 -5.47 12.32 8.60
N ALA A 102 -5.40 13.60 8.18
CA ALA A 102 -6.03 14.13 6.98
C ALA A 102 -5.46 13.51 5.70
N LYS A 103 -4.23 12.94 5.74
CA LYS A 103 -3.61 12.21 4.62
C LYS A 103 -3.91 10.67 4.67
N TYR A 104 -4.86 10.29 5.53
CA TYR A 104 -5.43 8.94 5.71
C TYR A 104 -4.48 7.95 6.42
N ASN A 105 -3.54 8.48 7.23
CA ASN A 105 -2.66 7.65 8.03
C ASN A 105 -3.44 7.25 9.28
N ALA A 106 -3.64 5.96 9.45
CA ALA A 106 -4.36 5.42 10.60
C ALA A 106 -3.34 4.77 11.52
N CYS A 107 -3.55 4.84 12.85
CA CYS A 107 -2.63 4.26 13.84
C CYS A 107 -3.27 4.02 15.20
N ILE A 108 -2.72 3.03 15.94
CA ILE A 108 -3.13 2.71 17.31
C ILE A 108 -1.91 2.93 18.19
N LEU A 109 -2.05 3.84 19.16
CA LEU A 109 -0.98 4.31 20.03
C LEU A 109 -1.10 3.86 21.49
N GLU A 110 0.07 3.63 22.10
CA GLU A 110 0.15 3.22 23.49
C GLU A 110 1.13 4.09 24.26
N TYR A 111 0.76 4.46 25.50
CA TYR A 111 1.61 5.23 26.40
C TYR A 111 2.42 4.23 27.20
N LYS A 112 3.75 4.42 27.26
CA LYS A 112 4.63 3.54 28.02
C LYS A 112 5.66 4.37 28.76
N GLN A 113 5.73 4.21 30.08
CA GLN A 113 6.68 4.92 30.92
C GLN A 113 7.46 3.92 31.77
N SER A 114 8.79 4.05 31.79
CA SER A 114 9.70 3.22 32.58
C SER A 114 10.65 4.20 33.28
N GLY A 115 10.41 4.39 34.58
CA GLY A 115 11.17 5.35 35.38
C GLY A 115 10.80 6.76 34.99
N GLU A 116 11.71 7.43 34.26
CA GLU A 116 11.53 8.81 33.76
C GLU A 116 11.27 8.87 32.24
N SER A 117 11.70 7.81 31.51
CA SER A 117 11.56 7.69 30.06
C SER A 117 10.11 7.42 29.60
N ILE A 118 9.57 8.38 28.83
CA ILE A 118 8.21 8.34 28.25
C ILE A 118 8.32 8.11 26.73
N ASP A 119 7.47 7.20 26.18
CA ASP A 119 7.45 6.89 24.74
C ASP A 119 6.05 6.50 24.23
N ILE A 120 5.58 7.16 23.13
CA ILE A 120 4.30 6.85 22.49
C ILE A 120 4.61 5.78 21.44
N ILE A 121 4.50 4.50 21.87
CA ILE A 121 4.79 3.35 21.02
C ILE A 121 3.62 3.11 20.06
N THR A 122 3.95 2.66 18.83
CA THR A 122 2.98 2.41 17.78
C THR A 122 2.63 0.92 17.77
N ARG A 123 1.35 0.60 18.07
CA ARG A 123 0.80 -0.76 18.14
C ARG A 123 0.39 -1.34 16.77
N ALA A 124 -0.15 -0.49 15.90
CA ALA A 124 -0.60 -0.78 14.55
C ALA A 124 -0.60 0.51 13.79
N HIS A 125 -0.54 0.43 12.46
CA HIS A 125 -0.57 1.59 11.56
C HIS A 125 -0.77 1.13 10.13
N GLY A 126 -1.27 2.06 9.32
CA GLY A 126 -1.50 1.83 7.89
C GLY A 126 -2.23 2.96 7.23
N ASN A 127 -2.13 3.07 5.90
CA ASN A 127 -2.84 4.11 5.16
C ASN A 127 -4.16 3.53 4.65
N VAL A 128 -5.27 4.24 4.93
CA VAL A 128 -6.61 3.77 4.60
C VAL A 128 -7.26 4.49 3.37
N GLN A 129 -6.51 5.33 2.65
CA GLN A 129 -7.02 6.00 1.46
C GLN A 129 -7.36 4.97 0.34
N ASP A 130 -8.41 5.27 -0.43
CA ASP A 130 -8.84 4.46 -1.58
C ASP A 130 -8.36 5.11 -2.87
N ARG A 131 -7.91 4.31 -3.86
CA ARG A 131 -7.47 4.85 -5.16
C ARG A 131 -8.60 5.57 -5.92
N ILE A 132 -9.87 5.28 -5.57
CA ILE A 132 -11.10 5.89 -6.10
C ILE A 132 -11.96 6.42 -4.94
N GLY A 133 -12.46 7.64 -5.07
CA GLY A 133 -13.35 8.15 -4.03
C GLY A 133 -13.51 9.65 -3.98
N ARG A 134 -14.77 10.09 -3.86
CA ARG A 134 -15.18 11.50 -3.71
C ARG A 134 -15.15 11.78 -2.21
N PRO A 135 -14.13 12.51 -1.67
CA PRO A 135 -14.11 12.80 -0.22
C PRO A 135 -15.41 13.49 0.21
N SER A 136 -16.13 12.87 1.14
CA SER A 136 -17.44 13.26 1.65
C SER A 136 -17.62 14.75 2.03
N GLU A 137 -18.86 15.28 1.85
CA GLU A 137 -19.27 16.66 2.14
C GLU A 137 -19.21 16.96 3.64
N THR A 138 -19.69 15.99 4.48
CA THR A 138 -19.69 16.06 5.94
C THR A 138 -18.28 15.69 6.52
N GLY A 139 -17.28 15.57 5.64
CA GLY A 139 -15.90 15.26 6.00
C GLY A 139 -15.68 13.86 6.50
N ILE A 140 -14.62 13.69 7.29
CA ILE A 140 -14.22 12.41 7.86
C ILE A 140 -14.99 12.17 9.16
N ILE A 141 -15.59 11.00 9.28
CA ILE A 141 -16.27 10.55 10.49
C ILE A 141 -15.56 9.24 10.89
N GLY A 142 -15.09 9.20 12.12
CA GLY A 142 -14.41 8.05 12.71
C GLY A 142 -15.09 7.61 14.00
N ILE A 143 -15.71 6.43 13.97
CA ILE A 143 -16.44 5.88 15.11
C ILE A 143 -15.86 4.53 15.51
N ILE A 144 -15.84 4.24 16.83
CA ILE A 144 -15.35 2.98 17.39
C ILE A 144 -16.50 2.30 18.12
N ASP A 145 -16.67 1.00 17.86
CA ASP A 145 -17.68 0.14 18.44
C ASP A 145 -17.58 0.08 19.99
N PRO A 146 -18.71 0.11 20.74
CA PRO A 146 -18.63 0.01 22.21
C PRO A 146 -17.96 -1.24 22.78
N GLU A 147 -17.93 -2.34 22.00
CA GLU A 147 -17.30 -3.61 22.38
C GLU A 147 -15.91 -3.80 21.73
N CYS A 148 -15.39 -2.73 21.08
CA CYS A 148 -14.08 -2.64 20.41
C CYS A 148 -13.84 -3.73 19.36
N ARG A 149 -14.90 -4.11 18.63
CA ARG A 149 -14.85 -5.14 17.58
C ARG A 149 -14.39 -4.55 16.24
N MET A 150 -14.51 -3.21 16.05
CA MET A 150 -14.13 -2.52 14.81
C MET A 150 -14.12 -0.98 14.91
N ILE A 151 -13.49 -0.36 13.89
CA ILE A 151 -13.44 1.08 13.66
C ILE A 151 -14.21 1.29 12.36
N GLY A 152 -15.17 2.19 12.41
CA GLY A 152 -15.96 2.56 11.25
C GLY A 152 -15.55 3.94 10.79
N LEU A 153 -15.31 4.08 9.49
CA LEU A 153 -14.89 5.36 8.91
C LEU A 153 -15.78 5.71 7.71
N ARG A 154 -16.18 6.97 7.60
CA ARG A 154 -16.92 7.45 6.45
C ARG A 154 -16.03 8.54 5.85
N LEU A 155 -15.16 8.13 4.92
CA LEU A 155 -14.19 8.97 4.22
C LEU A 155 -14.75 9.46 2.90
N TYR A 156 -15.42 8.56 2.15
CA TYR A 156 -15.98 8.85 0.81
C TYR A 156 -17.47 8.54 0.75
N ASP A 157 -18.20 9.26 -0.14
CA ASP A 157 -19.64 9.09 -0.35
C ASP A 157 -19.93 7.77 -1.04
N GLY A 158 -20.99 7.09 -0.55
CA GLY A 158 -21.44 5.79 -1.05
C GLY A 158 -20.67 4.61 -0.50
N LEU A 159 -19.77 4.84 0.48
CA LEU A 159 -18.95 3.80 1.10
C LEU A 159 -18.75 3.97 2.60
N PHE A 160 -18.70 2.85 3.31
CA PHE A 160 -18.42 2.79 4.74
C PHE A 160 -17.21 1.86 4.92
N LYS A 161 -16.07 2.43 5.38
CA LYS A 161 -14.83 1.67 5.59
C LYS A 161 -14.80 1.03 6.99
N VAL A 162 -14.50 -0.28 7.04
CA VAL A 162 -14.46 -1.04 8.29
C VAL A 162 -13.04 -1.61 8.56
N ILE A 163 -12.49 -1.26 9.73
CA ILE A 163 -11.20 -1.77 10.19
C ILE A 163 -11.48 -2.74 11.34
N PRO A 164 -11.37 -4.05 11.11
CA PRO A 164 -11.59 -4.99 12.22
C PRO A 164 -10.52 -4.86 13.30
N LEU A 165 -10.94 -4.80 14.56
CA LEU A 165 -10.01 -4.66 15.67
C LEU A 165 -9.65 -6.03 16.22
N ASP A 166 -8.46 -6.49 15.84
CA ASP A 166 -7.87 -7.75 16.23
C ASP A 166 -6.40 -7.48 16.53
N ARG A 167 -5.71 -8.41 17.22
CA ARG A 167 -4.28 -8.27 17.49
C ARG A 167 -3.49 -8.54 16.20
N ASP A 168 -4.08 -9.35 15.28
CA ASP A 168 -3.53 -9.74 13.99
C ASP A 168 -3.88 -8.77 12.84
N ASN A 169 -4.15 -7.50 13.17
CA ASN A 169 -4.42 -6.44 12.20
C ASN A 169 -3.50 -5.24 12.50
N LYS A 170 -2.18 -5.53 12.58
CA LYS A 170 -1.12 -4.55 12.85
C LYS A 170 -0.90 -3.61 11.65
N GLU A 171 -1.35 -4.01 10.44
CA GLU A 171 -1.27 -3.23 9.20
C GLU A 171 -2.53 -2.40 8.98
N LEU A 172 -3.55 -2.56 9.85
CA LEU A 172 -4.86 -1.89 9.80
C LEU A 172 -5.57 -2.07 8.43
N LYS A 173 -5.76 -3.36 8.02
CA LYS A 173 -6.45 -3.69 6.77
C LYS A 173 -7.94 -3.39 6.92
N ALA A 174 -8.55 -2.89 5.84
CA ALA A 174 -9.95 -2.49 5.81
C ALA A 174 -10.65 -2.87 4.51
N PHE A 175 -11.98 -2.99 4.61
CA PHE A 175 -12.88 -3.29 3.51
C PHE A 175 -13.99 -2.25 3.51
N ASN A 176 -14.61 -2.03 2.36
CA ASN A 176 -15.72 -1.09 2.24
C ASN A 176 -17.03 -1.78 2.01
N ILE A 177 -18.08 -1.27 2.65
CA ILE A 177 -19.45 -1.73 2.45
C ILE A 177 -20.12 -0.65 1.61
N ARG A 178 -20.86 -1.05 0.56
CA ARG A 178 -21.59 -0.11 -0.28
C ARG A 178 -22.70 0.49 0.58
N LEU A 179 -22.90 1.79 0.45
CA LEU A 179 -23.91 2.47 1.23
C LEU A 179 -24.84 3.19 0.27
N GLU A 180 -26.06 2.63 0.08
CA GLU A 180 -27.09 3.16 -0.84
C GLU A 180 -27.45 4.62 -0.51
N GLU A 181 -27.45 4.97 0.79
CA GLU A 181 -27.69 6.32 1.29
C GLU A 181 -26.40 7.12 1.00
N LEU A 182 -26.40 7.89 -0.10
CA LEU A 182 -25.23 8.64 -0.55
C LEU A 182 -24.89 9.87 0.29
N HIS A 183 -25.92 10.48 0.91
CA HIS A 183 -25.77 11.71 1.70
C HIS A 183 -25.96 11.50 3.20
N VAL A 184 -24.94 10.89 3.83
CA VAL A 184 -24.92 10.64 5.27
C VAL A 184 -24.45 11.90 6.01
N ILE A 185 -25.28 12.35 6.98
CA ILE A 185 -25.02 13.53 7.78
C ILE A 185 -24.18 13.19 9.01
N ASP A 186 -24.62 12.23 9.85
CA ASP A 186 -23.85 11.80 11.03
C ASP A 186 -24.14 10.34 11.31
N VAL A 187 -23.18 9.64 11.92
CA VAL A 187 -23.29 8.21 12.22
C VAL A 187 -22.59 7.85 13.54
N LYS A 188 -23.18 6.94 14.32
CA LYS A 188 -22.62 6.46 15.58
C LYS A 188 -22.86 4.97 15.70
N PHE A 189 -22.03 4.28 16.51
CA PHE A 189 -22.23 2.87 16.85
C PHE A 189 -23.15 2.87 18.08
N LEU A 190 -24.22 2.06 18.06
CA LEU A 190 -25.16 1.95 19.17
C LEU A 190 -24.63 1.04 20.28
N TYR A 191 -25.17 1.21 21.51
CA TYR A 191 -24.86 0.42 22.70
C TYR A 191 -25.95 -0.62 22.89
N GLY A 192 -25.62 -1.68 23.63
CA GLY A 192 -26.54 -2.77 23.96
C GLY A 192 -26.94 -3.66 22.80
N CYS A 193 -26.07 -3.76 21.78
CA CYS A 193 -26.30 -4.57 20.59
C CYS A 193 -25.45 -5.83 20.59
N GLN A 194 -26.05 -6.97 20.20
CA GLN A 194 -25.34 -8.26 20.11
C GLN A 194 -24.35 -8.21 18.93
N ALA A 195 -24.72 -7.50 17.85
CA ALA A 195 -23.90 -7.29 16.65
C ALA A 195 -23.59 -5.78 16.53
N PRO A 196 -22.41 -5.37 15.98
CA PRO A 196 -22.12 -3.93 15.85
C PRO A 196 -23.19 -3.27 15.01
N THR A 197 -23.80 -2.19 15.53
CA THR A 197 -24.89 -1.53 14.84
C THR A 197 -24.65 -0.06 14.71
N ILE A 198 -24.72 0.44 13.47
CA ILE A 198 -24.58 1.85 13.21
C ILE A 198 -25.96 2.52 13.13
N CYS A 199 -26.09 3.73 13.66
CA CYS A 199 -27.30 4.53 13.58
C CYS A 199 -26.89 5.82 12.86
N PHE A 200 -27.63 6.22 11.81
CA PHE A 200 -27.25 7.39 11.02
C PHE A 200 -28.40 8.20 10.47
N VAL A 201 -28.15 9.50 10.30
CA VAL A 201 -29.07 10.46 9.69
C VAL A 201 -28.60 10.64 8.25
N TYR A 202 -29.54 10.53 7.29
CA TYR A 202 -29.24 10.72 5.89
C TYR A 202 -30.28 11.62 5.21
N GLN A 203 -29.95 12.10 4.01
CA GLN A 203 -30.87 12.91 3.22
C GLN A 203 -31.05 12.34 1.81
N ASP A 204 -32.32 12.35 1.35
CA ASP A 204 -32.75 11.91 0.03
C ASP A 204 -33.84 12.87 -0.50
N PRO A 205 -34.38 12.75 -1.76
CA PRO A 205 -35.42 13.70 -2.22
C PRO A 205 -36.59 13.93 -1.25
N GLN A 206 -37.01 12.86 -0.52
CA GLN A 206 -38.11 12.90 0.45
C GLN A 206 -37.78 13.72 1.72
N GLY A 207 -36.49 13.75 2.09
CA GLY A 207 -36.00 14.49 3.25
C GLY A 207 -35.01 13.74 4.11
N ARG A 208 -34.99 14.08 5.41
CA ARG A 208 -34.09 13.48 6.40
C ARG A 208 -34.71 12.34 7.15
N HIS A 209 -33.95 11.24 7.25
CA HIS A 209 -34.38 10.03 7.91
C HIS A 209 -33.26 9.48 8.80
N VAL A 210 -33.64 8.66 9.79
CA VAL A 210 -32.72 7.95 10.66
C VAL A 210 -32.80 6.46 10.32
N LYS A 211 -31.65 5.84 10.07
CA LYS A 211 -31.59 4.43 9.71
C LYS A 211 -30.53 3.71 10.53
N THR A 212 -30.69 2.39 10.67
CA THR A 212 -29.80 1.48 11.39
C THR A 212 -29.34 0.34 10.48
N TYR A 213 -28.11 -0.15 10.69
CA TYR A 213 -27.56 -1.30 9.97
C TYR A 213 -26.73 -2.09 10.94
N GLU A 214 -26.79 -3.41 10.82
CA GLU A 214 -25.93 -4.30 11.58
C GLU A 214 -24.67 -4.42 10.72
N VAL A 215 -23.51 -4.68 11.34
CA VAL A 215 -22.28 -4.79 10.56
C VAL A 215 -21.67 -6.18 10.69
N SER A 216 -21.71 -6.94 9.59
CA SER A 216 -21.15 -8.28 9.57
C SER A 216 -19.68 -8.23 9.17
N LEU A 217 -18.79 -8.68 10.07
CA LEU A 217 -17.36 -8.76 9.82
C LEU A 217 -17.04 -9.97 8.95
N ARG A 218 -17.82 -11.07 9.15
CA ARG A 218 -17.71 -12.34 8.39
C ARG A 218 -18.12 -12.13 6.94
N GLU A 219 -19.34 -11.57 6.73
CA GLU A 219 -19.95 -11.32 5.42
C GLU A 219 -19.41 -10.08 4.74
N LYS A 220 -18.79 -9.17 5.52
CA LYS A 220 -18.23 -7.88 5.11
C LYS A 220 -19.30 -7.00 4.43
N GLU A 221 -20.51 -6.97 5.07
CA GLU A 221 -21.70 -6.25 4.59
C GLU A 221 -22.61 -5.78 5.72
N PHE A 222 -23.66 -5.02 5.34
CA PHE A 222 -24.69 -4.56 6.27
C PHE A 222 -25.87 -5.53 6.24
N ASN A 223 -26.52 -5.70 7.39
CA ASN A 223 -27.74 -6.50 7.53
C ASN A 223 -28.82 -5.56 8.08
N LYS A 224 -30.10 -5.96 7.98
CA LYS A 224 -31.24 -5.15 8.46
C LYS A 224 -30.99 -4.73 9.92
N GLY A 225 -31.05 -3.42 10.16
CA GLY A 225 -30.86 -2.84 11.48
C GLY A 225 -31.91 -3.25 12.49
N PRO A 226 -31.64 -3.08 13.81
CA PRO A 226 -32.62 -3.51 14.82
C PRO A 226 -33.99 -2.84 14.73
N TRP A 227 -34.03 -1.57 14.30
CA TRP A 227 -35.31 -0.88 14.17
C TRP A 227 -35.41 -0.09 12.87
N LYS A 228 -36.67 0.03 12.40
CA LYS A 228 -37.10 0.69 11.17
C LYS A 228 -36.62 2.15 10.99
N GLN A 229 -36.54 2.56 9.70
CA GLN A 229 -36.19 3.91 9.29
C GLN A 229 -37.32 4.84 9.71
N GLU A 230 -37.00 5.88 10.48
CA GLU A 230 -37.96 6.85 10.97
C GLU A 230 -37.71 8.17 10.25
N ASN A 231 -38.79 8.88 9.88
CA ASN A 231 -38.68 10.18 9.19
C ASN A 231 -38.41 11.29 10.26
N VAL A 232 -37.22 11.92 10.20
CA VAL A 232 -36.82 12.94 11.19
C VAL A 232 -36.94 14.38 10.65
N GLU A 233 -36.52 15.35 11.49
CA GLU A 233 -36.52 16.80 11.23
C GLU A 233 -35.68 17.14 10.00
N ALA A 234 -36.12 18.17 9.25
CA ALA A 234 -35.47 18.68 8.06
C ALA A 234 -34.02 19.12 8.29
N GLU A 235 -33.69 19.54 9.53
CA GLU A 235 -32.35 20.02 9.90
C GLU A 235 -31.63 19.12 10.94
N ALA A 236 -32.05 17.84 11.05
CA ALA A 236 -31.42 16.84 11.92
C ALA A 236 -29.95 16.69 11.51
N SER A 237 -29.02 17.02 12.41
CA SER A 237 -27.60 16.96 12.10
C SER A 237 -26.75 16.08 13.01
N MET A 238 -27.18 15.90 14.27
CA MET A 238 -26.37 15.19 15.27
C MET A 238 -27.01 13.93 15.82
N VAL A 239 -26.21 12.84 15.88
CA VAL A 239 -26.59 11.53 16.41
C VAL A 239 -25.78 11.28 17.68
N ILE A 240 -26.47 10.94 18.79
CA ILE A 240 -25.83 10.61 20.06
C ILE A 240 -26.29 9.22 20.47
N ALA A 241 -25.35 8.28 20.64
CA ALA A 241 -25.69 6.92 21.05
C ALA A 241 -25.70 6.90 22.59
N VAL A 242 -26.86 6.57 23.19
CA VAL A 242 -27.04 6.54 24.65
C VAL A 242 -26.54 5.19 25.20
N PRO A 243 -25.66 5.14 26.22
CA PRO A 243 -25.25 3.83 26.75
C PRO A 243 -26.34 3.13 27.56
N GLU A 244 -26.09 1.90 28.05
CA GLU A 244 -27.05 1.18 28.89
C GLU A 244 -27.17 1.91 30.25
N PRO A 245 -28.33 1.92 30.95
CA PRO A 245 -29.58 1.17 30.70
C PRO A 245 -30.57 1.75 29.69
N PHE A 246 -30.42 3.04 29.30
CA PHE A 246 -31.33 3.69 28.35
C PHE A 246 -31.32 3.07 26.96
N GLY A 247 -30.14 3.06 26.33
CA GLY A 247 -29.95 2.55 24.98
C GLY A 247 -30.52 3.49 23.93
N GLY A 248 -30.61 3.00 22.69
CA GLY A 248 -31.13 3.77 21.57
C GLY A 248 -30.22 4.91 21.15
N ALA A 249 -30.82 6.00 20.64
CA ALA A 249 -30.10 7.19 20.18
C ALA A 249 -30.90 8.50 20.22
N ILE A 250 -30.21 9.62 20.54
CA ILE A 250 -30.72 10.99 20.56
C ILE A 250 -30.36 11.62 19.20
N ILE A 251 -31.34 12.23 18.53
CA ILE A 251 -31.12 12.95 17.26
C ILE A 251 -31.47 14.44 17.46
N ILE A 252 -30.47 15.32 17.22
CA ILE A 252 -30.59 16.76 17.40
C ILE A 252 -30.68 17.51 16.05
N GLY A 253 -31.72 18.33 15.94
CA GLY A 253 -31.98 19.19 14.79
C GLY A 253 -31.95 20.67 15.19
N GLN A 254 -32.46 21.56 14.31
CA GLN A 254 -32.47 23.00 14.60
C GLN A 254 -33.57 23.40 15.59
N GLU A 255 -34.70 22.68 15.59
CA GLU A 255 -35.83 22.95 16.47
C GLU A 255 -36.05 21.85 17.50
N SER A 256 -35.73 20.58 17.14
CA SER A 256 -36.02 19.45 18.01
C SER A 256 -34.84 18.59 18.45
N ILE A 257 -35.08 17.87 19.56
CA ILE A 257 -34.24 16.86 20.17
C ILE A 257 -35.20 15.66 20.35
N THR A 258 -35.01 14.62 19.51
CA THR A 258 -35.86 13.40 19.53
C THR A 258 -35.07 12.19 20.00
N TYR A 259 -35.76 11.23 20.60
CA TYR A 259 -35.18 9.98 21.07
C TYR A 259 -35.79 8.81 20.29
N HIS A 260 -34.94 7.83 19.92
CA HIS A 260 -35.34 6.65 19.17
C HIS A 260 -34.67 5.38 19.72
N ASN A 261 -35.48 4.39 20.16
CA ASN A 261 -34.97 3.10 20.65
C ASN A 261 -35.69 1.96 19.92
N GLY A 262 -36.43 2.33 18.88
CA GLY A 262 -37.21 1.40 18.08
C GLY A 262 -38.67 1.75 18.10
N ASP A 263 -39.39 1.13 19.04
CA ASP A 263 -40.81 1.37 19.25
C ASP A 263 -40.97 2.64 20.08
N LYS A 264 -39.98 2.92 20.94
CA LYS A 264 -39.95 4.09 21.82
C LYS A 264 -39.53 5.36 21.07
N TYR A 265 -40.43 6.35 21.06
CA TYR A 265 -40.21 7.64 20.43
C TYR A 265 -40.66 8.77 21.36
N LEU A 266 -39.72 9.66 21.75
CA LEU A 266 -39.94 10.80 22.64
C LEU A 266 -39.34 12.04 22.00
N ALA A 267 -40.17 13.06 21.72
CA ALA A 267 -39.72 14.29 21.10
C ALA A 267 -39.92 15.53 21.98
N ILE A 268 -38.94 16.47 21.92
CA ILE A 268 -38.98 17.77 22.61
C ILE A 268 -38.58 18.87 21.62
N ALA A 269 -39.22 20.03 21.71
CA ALA A 269 -38.91 21.18 20.85
C ALA A 269 -38.63 22.41 21.74
N PRO A 270 -37.47 22.42 22.48
CA PRO A 270 -37.22 23.57 23.37
C PRO A 270 -36.97 24.88 22.64
N PRO A 271 -37.67 25.97 23.03
CA PRO A 271 -37.43 27.27 22.37
C PRO A 271 -36.05 27.85 22.67
N ILE A 272 -35.40 27.35 23.75
CA ILE A 272 -34.08 27.77 24.21
C ILE A 272 -32.97 27.45 23.18
N ILE A 273 -33.14 26.35 22.40
CA ILE A 273 -32.15 25.89 21.42
C ILE A 273 -32.34 26.51 20.02
N LYS A 274 -33.50 27.15 19.76
CA LYS A 274 -33.86 27.74 18.47
C LYS A 274 -32.93 28.88 17.98
N GLN A 275 -32.29 29.61 18.91
CA GLN A 275 -31.40 30.75 18.63
C GLN A 275 -30.16 30.41 17.80
N SER A 276 -29.51 29.25 18.05
CA SER A 276 -28.31 28.84 17.33
C SER A 276 -28.25 27.33 17.23
N THR A 277 -27.56 26.82 16.18
CA THR A 277 -27.41 25.37 15.90
C THR A 277 -26.49 24.73 16.94
N ILE A 278 -26.92 23.58 17.51
CA ILE A 278 -26.10 22.82 18.45
C ILE A 278 -25.11 22.05 17.58
N VAL A 279 -23.79 22.23 17.82
CA VAL A 279 -22.76 21.63 16.93
C VAL A 279 -21.73 20.71 17.64
N CYS A 280 -21.86 20.48 18.95
CA CYS A 280 -21.01 19.58 19.73
C CYS A 280 -21.69 19.18 21.02
N HIS A 281 -21.25 18.05 21.58
CA HIS A 281 -21.79 17.44 22.79
C HIS A 281 -20.72 16.64 23.53
N ASN A 282 -21.06 16.21 24.74
CA ASN A 282 -20.20 15.36 25.55
C ASN A 282 -21.06 14.72 26.61
N ARG A 283 -20.77 13.45 26.90
CA ARG A 283 -21.49 12.73 27.93
C ARG A 283 -20.86 13.10 29.30
N VAL A 284 -21.71 13.39 30.31
CA VAL A 284 -21.26 13.74 31.66
C VAL A 284 -21.22 12.50 32.54
N ASP A 285 -22.39 11.83 32.70
CA ASP A 285 -22.58 10.63 33.50
C ASP A 285 -22.31 9.37 32.65
N PRO A 286 -21.61 8.34 33.18
CA PRO A 286 -21.29 7.15 32.35
C PRO A 286 -22.49 6.36 31.80
N ASN A 287 -23.66 6.46 32.47
CA ASN A 287 -24.88 5.77 32.04
C ASN A 287 -25.73 6.60 31.05
N GLY A 288 -25.21 7.77 30.69
CA GLY A 288 -25.84 8.69 29.75
C GLY A 288 -27.05 9.41 30.30
N SER A 289 -27.00 9.81 31.58
CA SER A 289 -28.08 10.54 32.24
C SER A 289 -28.03 12.00 31.81
N ARG A 290 -26.82 12.59 31.81
CA ARG A 290 -26.59 13.98 31.45
C ARG A 290 -25.60 14.13 30.31
N TYR A 291 -25.84 15.13 29.47
CA TYR A 291 -25.01 15.49 28.35
C TYR A 291 -24.80 16.99 28.28
N LEU A 292 -23.64 17.42 27.82
CA LEU A 292 -23.38 18.86 27.60
C LEU A 292 -23.55 19.10 26.12
N LEU A 293 -24.15 20.23 25.76
CA LEU A 293 -24.38 20.64 24.37
C LEU A 293 -23.85 22.05 24.18
N GLY A 294 -23.18 22.28 23.08
CA GLY A 294 -22.64 23.57 22.73
C GLY A 294 -23.14 24.00 21.37
N ASP A 295 -23.53 25.28 21.25
CA ASP A 295 -24.00 25.82 19.98
C ASP A 295 -22.94 26.69 19.29
N MET A 296 -23.23 27.17 18.07
CA MET A 296 -22.29 28.00 17.29
C MET A 296 -21.98 29.38 17.90
N GLU A 297 -22.72 29.79 18.95
CA GLU A 297 -22.59 31.10 19.54
C GLU A 297 -22.02 31.09 20.97
N GLY A 298 -21.53 29.94 21.43
CA GLY A 298 -20.93 29.82 22.76
C GLY A 298 -21.85 29.47 23.91
N ARG A 299 -23.17 29.31 23.66
CA ARG A 299 -24.12 28.88 24.70
C ARG A 299 -23.82 27.43 25.06
N LEU A 300 -23.87 27.13 26.37
CA LEU A 300 -23.66 25.81 26.93
C LEU A 300 -24.96 25.33 27.58
N PHE A 301 -25.45 24.18 27.11
CA PHE A 301 -26.68 23.54 27.62
C PHE A 301 -26.40 22.20 28.28
N MET A 302 -27.33 21.76 29.13
CA MET A 302 -27.31 20.46 29.77
C MET A 302 -28.55 19.74 29.29
N LEU A 303 -28.36 18.59 28.65
CA LEU A 303 -29.44 17.73 28.22
C LEU A 303 -29.57 16.64 29.30
N LEU A 304 -30.74 16.56 29.93
CA LEU A 304 -30.99 15.58 30.98
C LEU A 304 -31.99 14.50 30.53
N LEU A 305 -31.74 13.26 30.97
CA LEU A 305 -32.57 12.09 30.67
C LEU A 305 -33.11 11.51 31.99
N GLU A 306 -34.45 11.63 32.22
CA GLU A 306 -35.10 11.09 33.42
C GLU A 306 -35.36 9.59 33.24
N LYS A 307 -34.96 8.76 34.23
CA LYS A 307 -35.20 7.33 34.14
C LYS A 307 -36.41 6.90 34.96
N VAL A 315 -35.27 1.51 33.93
CA VAL A 315 -35.30 0.73 32.69
C VAL A 315 -35.61 1.62 31.46
N THR A 316 -36.70 2.43 31.49
CA THR A 316 -37.11 3.27 30.36
C THR A 316 -36.84 4.78 30.58
N LEU A 317 -36.82 5.55 29.47
CA LEU A 317 -36.64 6.98 29.46
C LEU A 317 -37.99 7.67 29.68
N LYS A 318 -38.13 8.36 30.83
CA LYS A 318 -39.35 9.07 31.17
C LYS A 318 -39.52 10.38 30.34
N ASP A 319 -38.50 11.27 30.33
CA ASP A 319 -38.54 12.54 29.57
C ASP A 319 -37.15 13.14 29.29
N LEU A 320 -37.12 14.11 28.36
CA LEU A 320 -35.93 14.87 27.95
C LEU A 320 -36.09 16.33 28.40
N ARG A 321 -35.00 16.92 28.87
CA ARG A 321 -34.94 18.29 29.38
C ARG A 321 -33.68 18.99 28.90
N VAL A 322 -33.79 20.28 28.60
CA VAL A 322 -32.66 21.12 28.21
C VAL A 322 -32.58 22.27 29.22
N GLU A 323 -31.35 22.60 29.66
CA GLU A 323 -31.05 23.68 30.62
C GLU A 323 -29.91 24.52 30.09
N LEU A 324 -30.11 25.84 29.96
CA LEU A 324 -29.03 26.72 29.56
C LEU A 324 -28.15 26.94 30.79
N LEU A 325 -26.90 26.46 30.75
CA LEU A 325 -25.95 26.59 31.84
C LEU A 325 -25.30 27.98 31.88
N GLY A 326 -24.96 28.49 30.69
CA GLY A 326 -24.31 29.77 30.55
C GLY A 326 -23.49 29.85 29.28
N GLU A 327 -22.57 30.82 29.24
CA GLU A 327 -21.74 31.10 28.07
C GLU A 327 -20.29 30.68 28.22
N THR A 328 -19.72 30.15 27.13
CA THR A 328 -18.30 29.76 27.02
C THR A 328 -17.74 30.39 25.71
N SER A 329 -16.48 30.11 25.37
CA SER A 329 -15.92 30.48 24.06
C SER A 329 -16.64 29.58 23.06
N ILE A 330 -16.79 30.02 21.81
CA ILE A 330 -17.44 29.21 20.79
C ILE A 330 -16.69 27.86 20.77
N ALA A 331 -17.39 26.80 21.20
CA ALA A 331 -16.77 25.49 21.31
C ALA A 331 -16.78 24.66 20.02
N GLU A 332 -15.61 24.07 19.73
CA GLU A 332 -15.40 23.13 18.66
C GLU A 332 -15.69 21.75 19.26
N CYS A 333 -15.28 21.58 20.54
CA CYS A 333 -15.40 20.38 21.33
C CYS A 333 -15.52 20.64 22.81
N LEU A 334 -16.32 19.83 23.50
CA LEU A 334 -16.52 19.88 24.95
C LEU A 334 -16.08 18.56 25.56
N THR A 335 -15.56 18.63 26.80
CA THR A 335 -15.17 17.43 27.52
C THR A 335 -15.36 17.64 29.03
N TYR A 336 -16.21 16.80 29.67
CA TYR A 336 -16.43 16.86 31.12
C TYR A 336 -15.26 16.15 31.80
N LEU A 337 -14.61 16.82 32.76
CA LEU A 337 -13.48 16.21 33.44
C LEU A 337 -13.91 15.51 34.73
N ASP A 338 -14.30 16.28 35.75
CA ASP A 338 -14.80 15.80 37.04
C ASP A 338 -14.93 16.98 37.96
N ASN A 339 -15.88 16.87 38.92
CA ASN A 339 -16.20 17.83 39.97
C ASN A 339 -16.66 19.15 39.37
N GLY A 340 -17.56 19.03 38.40
CA GLY A 340 -18.15 20.16 37.70
C GLY A 340 -17.25 20.83 36.67
N VAL A 341 -15.98 20.40 36.55
CA VAL A 341 -15.03 21.01 35.64
C VAL A 341 -15.18 20.42 34.24
N VAL A 342 -15.20 21.31 33.24
CA VAL A 342 -15.39 21.07 31.82
C VAL A 342 -14.28 21.80 31.07
N PHE A 343 -13.68 21.13 30.11
CA PHE A 343 -12.70 21.74 29.23
C PHE A 343 -13.42 22.08 27.94
N VAL A 344 -13.32 23.35 27.53
CA VAL A 344 -13.91 23.89 26.32
C VAL A 344 -12.80 24.07 25.28
N GLY A 345 -12.86 23.26 24.23
CA GLY A 345 -11.92 23.31 23.13
C GLY A 345 -12.39 24.31 22.11
N SER A 346 -11.60 25.35 21.86
CA SER A 346 -12.03 26.37 20.91
C SER A 346 -11.10 26.51 19.70
N ARG A 347 -11.71 26.75 18.53
CA ARG A 347 -11.00 27.01 17.27
C ARG A 347 -10.97 28.53 16.99
N LEU A 348 -12.07 29.25 17.37
CA LEU A 348 -12.31 30.67 17.10
C LEU A 348 -11.88 31.61 18.16
N GLY A 349 -11.75 31.11 19.38
CA GLY A 349 -11.37 31.92 20.53
C GLY A 349 -10.49 31.14 21.46
N ASP A 350 -10.27 31.67 22.66
CA ASP A 350 -9.44 30.99 23.65
C ASP A 350 -10.10 29.73 24.15
N SER A 351 -9.30 28.70 24.48
CA SER A 351 -9.84 27.51 25.12
C SER A 351 -9.98 27.81 26.63
N GLN A 352 -10.86 27.09 27.31
CA GLN A 352 -11.16 27.36 28.70
C GLN A 352 -11.26 26.09 29.50
N LEU A 353 -11.15 26.24 30.83
CA LEU A 353 -11.47 25.28 31.88
C LEU A 353 -12.53 26.04 32.61
N VAL A 354 -13.76 25.48 32.60
CA VAL A 354 -14.90 26.12 33.25
C VAL A 354 -15.46 25.23 34.36
N LYS A 355 -15.88 25.86 35.45
CA LYS A 355 -16.48 25.20 36.58
C LYS A 355 -17.98 25.36 36.46
N LEU A 356 -18.70 24.24 36.57
CA LEU A 356 -20.16 24.23 36.56
C LEU A 356 -20.61 24.10 37.99
N ASN A 357 -21.71 24.76 38.31
CA ASN A 357 -22.31 24.74 39.64
C ASN A 357 -23.75 24.30 39.46
N VAL A 358 -23.90 23.18 38.70
CA VAL A 358 -25.14 22.48 38.34
C VAL A 358 -25.99 22.23 39.59
N ASP A 359 -25.35 21.74 40.67
CA ASP A 359 -26.02 21.52 41.95
C ASP A 359 -26.03 22.86 42.74
N SER A 360 -25.96 22.87 44.11
CA SER A 360 -26.04 24.10 44.93
C SER A 360 -27.29 24.91 44.48
N ASN A 361 -28.43 24.20 44.48
CA ASN A 361 -29.76 24.56 43.97
C ASN A 361 -30.35 25.90 44.48
N GLU A 362 -29.77 26.54 45.51
CA GLU A 362 -30.24 27.85 45.97
C GLU A 362 -29.81 28.93 44.94
N GLN A 363 -28.60 28.76 44.37
CA GLN A 363 -28.07 29.61 43.31
C GLN A 363 -28.39 28.90 41.99
N GLY A 364 -28.57 29.67 40.93
CA GLY A 364 -28.91 29.14 39.61
C GLY A 364 -27.82 28.33 38.92
N SER A 365 -28.07 27.91 37.67
CA SER A 365 -27.08 27.18 36.91
C SER A 365 -26.17 28.26 36.29
N TYR A 366 -24.85 28.22 36.60
CA TYR A 366 -23.92 29.22 36.08
C TYR A 366 -22.52 28.66 35.81
N VAL A 367 -21.90 29.19 34.74
CA VAL A 367 -20.58 28.80 34.22
C VAL A 367 -19.55 29.86 34.66
N VAL A 368 -18.50 29.43 35.38
CA VAL A 368 -17.40 30.26 35.88
C VAL A 368 -16.10 29.78 35.22
N ALA A 369 -15.35 30.69 34.58
CA ALA A 369 -14.11 30.34 33.92
C ALA A 369 -12.98 30.26 34.94
N MET A 370 -12.33 29.10 35.03
CA MET A 370 -11.22 28.86 35.96
C MET A 370 -9.90 29.25 35.30
N GLU A 371 -9.68 28.78 34.06
CA GLU A 371 -8.48 29.03 33.28
C GLU A 371 -8.85 29.39 31.87
N THR A 372 -7.98 30.16 31.24
CA THR A 372 -8.08 30.59 29.86
C THR A 372 -6.77 30.19 29.18
N PHE A 373 -6.86 29.62 27.94
CA PHE A 373 -5.68 29.18 27.20
C PHE A 373 -5.66 29.89 25.88
N THR A 374 -4.62 30.71 25.66
CA THR A 374 -4.37 31.52 24.48
C THR A 374 -4.53 30.75 23.17
N ASN A 375 -5.34 31.32 22.26
CA ASN A 375 -5.55 30.84 20.90
C ASN A 375 -5.42 32.07 20.01
N LEU A 376 -4.40 32.08 19.13
CA LEU A 376 -4.21 33.20 18.21
C LEU A 376 -5.07 33.03 16.95
N GLY A 377 -5.59 31.82 16.75
CA GLY A 377 -6.38 31.49 15.57
C GLY A 377 -7.84 31.85 15.58
N PRO A 378 -8.41 32.08 14.36
CA PRO A 378 -7.68 32.22 13.07
C PRO A 378 -6.94 33.55 13.00
N ILE A 379 -5.73 33.57 12.44
CA ILE A 379 -5.00 34.82 12.20
C ILE A 379 -5.45 35.19 10.79
N VAL A 380 -6.32 36.22 10.66
CA VAL A 380 -6.88 36.64 9.35
C VAL A 380 -6.01 37.74 8.72
N ASP A 381 -5.27 38.49 9.53
CA ASP A 381 -4.30 39.53 9.15
C ASP A 381 -3.34 39.81 10.30
N MET A 382 -2.19 40.41 9.99
CA MET A 382 -1.16 40.79 10.96
C MET A 382 -0.23 41.84 10.40
N CYS A 383 0.51 42.50 11.27
CA CYS A 383 1.52 43.47 10.88
C CYS A 383 2.69 43.47 11.91
N VAL A 384 3.90 43.80 11.44
CA VAL A 384 5.10 43.85 12.27
C VAL A 384 5.37 45.31 12.58
N VAL A 385 5.55 45.61 13.87
CA VAL A 385 5.74 46.97 14.38
C VAL A 385 6.85 46.92 15.39
N ASP A 386 7.75 47.88 15.35
CA ASP A 386 8.82 47.98 16.33
C ASP A 386 8.35 49.00 17.37
N LEU A 387 7.31 48.61 18.15
CA LEU A 387 6.66 49.45 19.16
C LEU A 387 7.58 49.98 20.25
N GLU A 388 8.24 49.07 21.00
CA GLU A 388 9.05 49.41 22.16
C GLU A 388 10.58 49.60 21.87
N ARG A 389 11.37 48.49 21.90
CA ARG A 389 12.85 48.40 21.78
C ARG A 389 13.55 49.20 20.64
N GLN A 390 12.81 49.62 19.58
CA GLN A 390 13.30 50.35 18.40
C GLN A 390 14.41 49.57 17.64
N GLY A 391 14.36 48.24 17.78
CA GLY A 391 15.24 47.25 17.18
C GLY A 391 14.55 45.90 17.03
N GLN A 392 13.87 45.44 18.11
CA GLN A 392 13.15 44.18 18.16
C GLN A 392 11.70 44.38 17.76
N GLY A 393 11.28 43.65 16.72
CA GLY A 393 9.92 43.69 16.17
C GLY A 393 8.86 42.94 16.97
N GLN A 394 7.63 43.44 16.92
CA GLN A 394 6.45 42.86 17.57
C GLN A 394 5.41 42.56 16.49
N LEU A 395 4.63 41.52 16.70
CA LEU A 395 3.62 41.11 15.75
C LEU A 395 2.22 41.44 16.31
N VAL A 396 1.39 42.12 15.51
CA VAL A 396 0.05 42.47 15.97
C VAL A 396 -0.92 41.84 15.00
N THR A 397 -1.67 40.82 15.49
CA THR A 397 -2.60 40.04 14.68
C THR A 397 -4.07 40.42 14.84
N CYS A 398 -4.87 40.10 13.79
CA CYS A 398 -6.32 40.13 13.78
C CYS A 398 -6.70 38.69 14.03
N SER A 399 -7.06 38.36 15.28
CA SER A 399 -7.38 37.00 15.71
C SER A 399 -8.85 36.77 16.04
N GLY A 400 -9.25 35.53 15.93
CA GLY A 400 -10.60 35.11 16.28
C GLY A 400 -11.64 35.55 15.28
N ALA A 401 -12.91 35.37 15.66
CA ALA A 401 -14.03 35.74 14.81
C ALA A 401 -15.19 35.88 15.72
N PHE A 402 -16.16 36.76 15.38
CA PHE A 402 -17.39 37.03 16.15
C PHE A 402 -17.05 37.55 17.54
N LYS A 403 -17.76 37.11 18.60
CA LYS A 403 -17.49 37.58 19.99
C LYS A 403 -16.09 37.26 20.47
N GLU A 404 -15.41 36.37 19.77
CA GLU A 404 -14.06 35.92 20.09
C GLU A 404 -12.98 36.80 19.51
N GLY A 405 -13.37 37.72 18.63
CA GLY A 405 -12.46 38.62 17.93
C GLY A 405 -11.60 39.46 18.83
N SER A 406 -10.32 39.53 18.53
CA SER A 406 -9.39 40.27 19.34
C SER A 406 -8.21 40.70 18.48
N LEU A 407 -7.30 41.46 19.11
CA LEU A 407 -6.00 41.79 18.62
C LEU A 407 -5.08 41.04 19.54
N ARG A 408 -3.97 40.51 19.00
CA ARG A 408 -2.98 39.87 19.85
C ARG A 408 -1.64 40.54 19.57
N ILE A 409 -0.90 40.89 20.61
CA ILE A 409 0.44 41.48 20.51
C ILE A 409 1.46 40.41 20.91
N ILE A 410 2.24 39.94 19.94
CA ILE A 410 3.22 38.86 20.09
C ILE A 410 4.65 39.39 20.06
N ARG A 411 5.40 39.14 21.14
CA ARG A 411 6.81 39.49 21.25
C ARG A 411 7.65 38.31 21.75
N ASN A 412 8.96 38.35 21.50
CA ASN A 412 9.91 37.36 22.02
C ASN A 412 10.27 37.77 23.46
N GLY A 413 10.17 36.79 24.38
CA GLY A 413 10.44 36.96 25.81
C GLY A 413 11.89 37.24 26.15
N LYS A 425 10.50 32.09 25.50
CA LYS A 425 9.11 31.85 25.08
C LYS A 425 8.44 33.11 24.46
N LEU A 426 7.31 32.93 23.72
CA LEU A 426 6.58 34.07 23.12
C LEU A 426 5.64 34.70 24.13
N HIS A 427 5.75 36.02 24.29
CA HIS A 427 4.89 36.81 25.18
C HIS A 427 3.75 37.40 24.34
N ILE A 428 2.50 37.02 24.71
CA ILE A 428 1.25 37.39 24.06
C ILE A 428 0.33 38.23 24.98
N ARG A 429 -0.08 39.41 24.48
CA ARG A 429 -1.03 40.35 25.08
C ARG A 429 -2.33 40.29 24.22
N THR A 430 -3.51 40.23 24.88
CA THR A 430 -4.83 40.10 24.28
C THR A 430 -5.68 41.34 24.46
N VAL A 431 -6.31 41.78 23.37
CA VAL A 431 -7.21 42.95 23.33
C VAL A 431 -8.58 42.46 22.77
N PRO A 432 -9.55 42.06 23.64
CA PRO A 432 -10.87 41.64 23.14
C PRO A 432 -11.63 42.74 22.43
N LEU A 433 -12.21 42.43 21.25
CA LEU A 433 -12.97 43.40 20.47
C LEU A 433 -14.45 43.09 20.49
N TYR A 434 -14.82 41.78 20.64
CA TYR A 434 -16.19 41.23 20.67
C TYR A 434 -16.88 41.25 19.32
N GLU A 435 -16.05 41.34 18.28
CA GLU A 435 -16.45 41.38 16.88
C GLU A 435 -15.26 40.96 16.11
N SER A 436 -15.44 40.73 14.81
CA SER A 436 -14.39 40.24 13.95
C SER A 436 -13.42 41.28 13.47
N PRO A 437 -12.13 41.25 13.92
CA PRO A 437 -11.13 42.12 13.28
C PRO A 437 -10.85 41.50 11.90
N ARG A 438 -10.59 42.33 10.88
CA ARG A 438 -10.39 41.81 9.51
C ARG A 438 -9.07 42.23 8.86
N LYS A 439 -8.65 43.47 9.04
CA LYS A 439 -7.42 44.00 8.43
C LYS A 439 -6.78 44.94 9.42
N ILE A 440 -5.47 45.05 9.35
CA ILE A 440 -4.70 45.87 10.28
C ILE A 440 -3.46 46.49 9.61
N CYS A 441 -3.22 47.74 9.96
CA CYS A 441 -2.06 48.48 9.53
C CYS A 441 -1.72 49.50 10.59
N TYR A 442 -0.45 49.74 10.75
CA TYR A 442 0.08 50.65 11.75
C TYR A 442 0.35 52.00 11.12
N GLN A 443 0.14 53.07 11.88
CA GLN A 443 0.41 54.45 11.43
C GLN A 443 1.26 55.11 12.48
N GLU A 444 2.58 55.06 12.29
CA GLU A 444 3.58 55.58 13.20
C GLU A 444 3.33 57.05 13.60
N VAL A 445 3.04 57.90 12.61
CA VAL A 445 2.83 59.33 12.77
C VAL A 445 1.78 59.62 13.85
N SER A 446 0.62 58.95 13.76
CA SER A 446 -0.49 59.15 14.68
C SER A 446 -0.42 58.27 15.92
N GLN A 447 0.56 57.33 15.97
CA GLN A 447 0.80 56.42 17.11
C GLN A 447 -0.43 55.55 17.42
N CYS A 448 -0.97 55.00 16.34
CA CYS A 448 -2.17 54.18 16.36
C CYS A 448 -2.12 53.15 15.24
N PHE A 449 -3.06 52.21 15.31
CA PHE A 449 -3.35 51.16 14.35
C PHE A 449 -4.72 51.45 13.76
N GLY A 450 -4.88 51.08 12.50
CA GLY A 450 -6.16 51.15 11.82
C GLY A 450 -6.60 49.71 11.66
N VAL A 451 -7.81 49.39 12.11
CA VAL A 451 -8.37 48.03 12.05
C VAL A 451 -9.73 48.06 11.37
N LEU A 452 -9.91 47.29 10.31
CA LEU A 452 -11.22 47.10 9.68
C LEU A 452 -11.87 45.97 10.47
N SER A 453 -13.10 46.13 10.90
CA SER A 453 -13.78 45.09 11.65
C SER A 453 -15.18 44.93 11.16
N SER A 454 -15.83 43.82 11.55
CA SER A 454 -17.24 43.64 11.22
C SER A 454 -18.00 43.09 12.42
N ARG A 455 -19.28 43.44 12.53
CA ARG A 455 -20.16 42.91 13.56
C ARG A 455 -21.47 42.54 12.92
N ILE A 456 -22.14 41.56 13.52
CA ILE A 456 -23.45 41.07 13.12
C ILE A 456 -24.53 41.85 13.93
N GLU A 457 -25.53 42.37 13.22
CA GLU A 457 -26.70 43.04 13.80
C GLU A 457 -27.94 42.33 13.23
N VAL A 458 -28.97 42.20 14.04
CA VAL A 458 -30.23 41.56 13.66
C VAL A 458 -31.27 42.57 13.22
N GLN A 459 -32.07 42.21 12.20
CA GLN A 459 -33.14 43.09 11.69
C GLN A 459 -34.27 43.33 12.72
N ASP A 460 -34.77 44.57 12.74
CA ASP A 460 -35.82 45.04 13.66
C ASP A 460 -37.22 45.00 13.10
N THR A 461 -38.19 44.98 14.01
CA THR A 461 -39.63 45.06 13.77
C THR A 461 -39.94 46.52 13.36
N SER A 462 -39.21 47.48 13.99
CA SER A 462 -39.30 48.93 13.80
C SER A 462 -38.67 49.43 12.48
N GLY A 463 -37.90 48.58 11.80
CA GLY A 463 -37.21 48.94 10.57
C GLY A 463 -35.87 49.54 10.90
N GLY A 464 -34.87 48.67 10.92
CA GLY A 464 -33.48 48.98 11.26
C GLY A 464 -32.79 47.74 11.78
N THR A 465 -31.60 47.88 12.42
CA THR A 465 -30.87 46.73 12.96
C THR A 465 -30.33 46.97 14.37
N THR A 466 -30.34 45.90 15.18
CA THR A 466 -29.91 45.86 16.58
C THR A 466 -28.70 44.95 16.77
N ALA A 467 -27.68 45.43 17.52
CA ALA A 467 -26.47 44.67 17.85
C ALA A 467 -26.78 43.56 18.84
N LEU A 468 -25.93 42.54 18.91
CA LEU A 468 -26.13 41.37 19.79
C LEU A 468 -25.47 41.53 21.16
N ARG A 469 -24.42 42.36 21.19
CA ARG A 469 -23.60 42.65 22.36
C ARG A 469 -22.85 43.93 22.08
N PRO A 470 -22.38 44.66 23.11
CA PRO A 470 -21.49 45.79 22.80
C PRO A 470 -20.19 45.24 22.28
N SER A 471 -19.56 45.98 21.39
CA SER A 471 -18.28 45.54 20.79
C SER A 471 -17.48 46.76 20.50
N ALA A 472 -16.23 46.58 20.08
CA ALA A 472 -15.27 47.66 19.83
C ALA A 472 -15.86 48.82 18.98
N SER A 473 -16.59 48.48 17.91
CA SER A 473 -17.21 49.44 16.98
C SER A 473 -18.45 50.16 17.54
N THR A 474 -19.09 49.62 18.61
CA THR A 474 -20.20 50.29 19.26
C THR A 474 -19.71 50.92 20.59
N GLN A 475 -18.46 50.64 20.98
CA GLN A 475 -17.92 51.17 22.27
C GLN A 475 -16.71 52.08 22.12
N ALA A 476 -16.51 52.70 20.96
CA ALA A 476 -15.42 53.63 20.76
C ALA A 476 -15.71 54.90 21.54
N LEU A 477 -14.66 55.67 21.87
CA LEU A 477 -14.79 56.90 22.62
C LEU A 477 -15.39 58.02 21.77
N SER A 478 -15.18 57.91 20.44
CA SER A 478 -15.69 58.81 19.41
C SER A 478 -16.10 57.94 18.28
N SER A 479 -17.17 58.30 17.62
CA SER A 479 -17.65 57.54 16.50
C SER A 479 -18.10 58.47 15.36
N SER A 480 -18.12 57.94 14.14
CA SER A 480 -18.60 58.63 12.95
C SER A 480 -19.22 57.62 11.97
N VAL A 481 -20.11 58.12 11.10
CA VAL A 481 -20.79 57.29 10.11
C VAL A 481 -20.63 57.93 8.73
N SER A 482 -20.58 57.09 7.70
CA SER A 482 -20.50 57.60 6.33
C SER A 482 -21.86 58.14 5.97
N SER A 483 -21.90 59.23 5.20
CA SER A 483 -23.16 59.83 4.70
C SER A 483 -23.78 58.89 3.67
N SER A 484 -25.05 58.51 3.89
CA SER A 484 -25.81 57.62 3.03
C SER A 484 -26.37 58.28 1.76
N LYS A 485 -26.79 57.44 0.82
CA LYS A 485 -27.36 57.89 -0.46
C LYS A 485 -28.77 57.27 -0.68
N LEU A 486 -29.54 57.84 -1.64
CA LEU A 486 -30.89 57.40 -2.07
C LEU A 486 -31.91 57.44 -0.94
N PHE A 498 -38.14 40.74 11.45
CA PHE A 498 -37.49 40.03 10.35
C PHE A 498 -36.41 39.06 10.85
N GLY A 499 -35.61 39.52 11.83
CA GLY A 499 -34.58 38.75 12.52
C GLY A 499 -33.38 38.27 11.72
N GLU A 500 -33.21 38.81 10.49
CA GLU A 500 -32.10 38.48 9.60
C GLU A 500 -30.81 39.19 9.98
N GLU A 501 -29.69 38.43 9.97
CA GLU A 501 -28.33 38.88 10.24
C GLU A 501 -27.83 39.83 9.16
N VAL A 502 -27.22 40.92 9.60
CA VAL A 502 -26.65 41.98 8.79
C VAL A 502 -25.22 42.18 9.27
N GLU A 503 -24.28 42.27 8.35
CA GLU A 503 -22.88 42.53 8.68
C GLU A 503 -22.62 44.05 8.55
N VAL A 504 -22.18 44.70 9.64
CA VAL A 504 -21.87 46.13 9.61
C VAL A 504 -20.34 46.26 9.66
N HIS A 505 -19.74 47.00 8.71
CA HIS A 505 -18.29 47.21 8.62
C HIS A 505 -17.87 48.56 9.17
N ASN A 506 -16.64 48.59 9.75
CA ASN A 506 -16.11 49.75 10.47
C ASN A 506 -14.61 49.88 10.35
N LEU A 507 -14.09 51.11 10.57
CA LEU A 507 -12.67 51.41 10.68
C LEU A 507 -12.44 51.84 12.11
N LEU A 508 -11.63 51.07 12.83
CA LEU A 508 -11.31 51.36 14.22
C LEU A 508 -9.95 52.02 14.30
N ILE A 509 -9.84 53.05 15.14
CA ILE A 509 -8.58 53.73 15.42
C ILE A 509 -8.24 53.27 16.87
N ILE A 510 -7.15 52.53 16.99
CA ILE A 510 -6.72 51.92 18.25
C ILE A 510 -5.35 52.48 18.63
N ASP A 511 -5.26 53.11 19.82
CA ASP A 511 -4.06 53.68 20.40
C ASP A 511 -3.00 52.56 20.54
N GLN A 512 -1.76 52.81 20.04
CA GLN A 512 -0.69 51.80 20.04
C GLN A 512 -0.16 51.45 21.46
N HIS A 513 -0.34 52.33 22.45
CA HIS A 513 0.13 52.11 23.83
C HIS A 513 -0.86 51.35 24.68
N THR A 514 -2.09 51.88 24.75
CA THR A 514 -3.21 51.43 25.59
C THR A 514 -4.11 50.42 24.92
N PHE A 515 -4.18 50.45 23.57
CA PHE A 515 -5.02 49.57 22.75
C PHE A 515 -6.49 49.90 22.91
N GLU A 516 -6.75 51.17 23.30
CA GLU A 516 -8.11 51.70 23.42
C GLU A 516 -8.65 52.10 22.03
N VAL A 517 -9.95 51.91 21.83
CA VAL A 517 -10.65 52.25 20.59
C VAL A 517 -10.99 53.73 20.68
N LEU A 518 -10.06 54.55 20.21
CA LEU A 518 -10.17 56.00 20.15
C LEU A 518 -11.34 56.44 19.29
N HIS A 519 -11.45 55.87 18.07
CA HIS A 519 -12.49 56.19 17.12
C HIS A 519 -12.97 54.95 16.37
N ALA A 520 -14.26 54.95 15.99
CA ALA A 520 -14.86 53.93 15.15
C ALA A 520 -15.68 54.62 14.07
N HIS A 521 -15.31 54.38 12.80
CA HIS A 521 -15.99 54.91 11.65
C HIS A 521 -16.82 53.82 11.01
N GLN A 522 -18.15 54.02 10.92
CA GLN A 522 -19.05 53.04 10.32
C GLN A 522 -19.27 53.31 8.85
N PHE A 523 -19.15 52.25 8.06
CA PHE A 523 -19.37 52.34 6.61
C PHE A 523 -20.87 52.28 6.27
N LEU A 524 -21.20 52.46 4.99
CA LEU A 524 -22.58 52.51 4.54
C LEU A 524 -23.29 51.16 4.68
N GLN A 525 -24.63 51.18 4.67
CA GLN A 525 -25.38 49.93 4.72
C GLN A 525 -25.03 49.14 3.44
N ASN A 526 -24.79 47.83 3.57
CA ASN A 526 -24.40 46.92 2.49
C ASN A 526 -22.96 47.17 1.96
N GLU A 527 -22.18 48.06 2.57
CA GLU A 527 -20.81 48.32 2.16
C GLU A 527 -19.86 47.38 2.91
N TYR A 528 -19.06 46.66 2.18
CA TYR A 528 -18.13 45.67 2.66
C TYR A 528 -16.72 46.23 2.52
N ALA A 529 -16.02 46.43 3.65
CA ALA A 529 -14.65 46.96 3.66
C ALA A 529 -13.68 45.81 3.41
N LEU A 530 -12.88 45.93 2.34
CA LEU A 530 -12.00 44.87 1.87
C LEU A 530 -10.52 45.07 2.09
N SER A 531 -10.02 46.26 1.78
CA SER A 531 -8.60 46.60 1.83
C SER A 531 -8.37 47.89 2.62
N LEU A 532 -7.22 47.96 3.33
CA LEU A 532 -6.76 49.02 4.22
C LEU A 532 -5.28 49.28 4.03
N VAL A 533 -4.88 50.55 3.94
CA VAL A 533 -3.50 51.00 3.72
C VAL A 533 -3.28 52.23 4.61
N SER A 534 -2.04 52.43 5.07
CA SER A 534 -1.61 53.63 5.80
C SER A 534 -0.39 54.18 5.02
N CYS A 535 -0.52 55.38 4.41
CA CYS A 535 0.59 55.91 3.60
C CYS A 535 0.53 57.40 3.37
N LYS A 536 1.61 57.93 2.71
CA LYS A 536 1.74 59.31 2.24
C LYS A 536 1.64 59.19 0.73
N LEU A 537 0.92 60.13 0.08
CA LEU A 537 0.74 60.14 -1.36
C LEU A 537 1.12 61.48 -1.97
N GLY A 538 1.67 61.43 -3.18
CA GLY A 538 2.12 62.60 -3.95
C GLY A 538 3.09 63.47 -3.17
N LYS A 539 2.90 64.80 -3.22
CA LYS A 539 3.72 65.77 -2.51
C LYS A 539 3.08 66.18 -1.16
N ASP A 540 2.05 65.41 -0.72
CA ASP A 540 1.30 65.66 0.51
C ASP A 540 2.06 65.15 1.73
N PRO A 541 2.39 66.05 2.70
CA PRO A 541 3.13 65.62 3.90
C PRO A 541 2.35 64.70 4.84
N ASN A 542 1.01 64.76 4.78
CA ASN A 542 0.12 63.98 5.62
C ASN A 542 0.15 62.48 5.35
N THR A 543 -0.08 61.69 6.42
CA THR A 543 -0.19 60.24 6.36
C THR A 543 -1.68 59.93 6.49
N TYR A 544 -2.21 59.10 5.59
CA TYR A 544 -3.63 58.76 5.55
C TYR A 544 -3.91 57.27 5.79
N PHE A 545 -5.15 56.96 6.14
CA PHE A 545 -5.68 55.61 6.21
C PHE A 545 -6.59 55.55 4.98
N ILE A 546 -6.32 54.63 4.05
CA ILE A 546 -7.14 54.49 2.85
C ILE A 546 -7.89 53.16 2.90
N VAL A 547 -9.24 53.18 2.72
CA VAL A 547 -10.11 51.99 2.72
C VAL A 547 -10.71 51.78 1.32
N GLY A 548 -10.62 50.55 0.82
CA GLY A 548 -11.16 50.07 -0.43
C GLY A 548 -12.34 49.19 -0.07
N THR A 549 -13.50 49.43 -0.68
CA THR A 549 -14.73 48.74 -0.35
C THR A 549 -15.41 48.10 -1.59
N ALA A 550 -16.60 47.53 -1.36
CA ALA A 550 -17.53 46.93 -2.32
C ALA A 550 -18.94 47.10 -1.77
N MET A 551 -19.95 47.34 -2.63
CA MET A 551 -21.36 47.39 -2.25
C MET A 551 -21.89 46.02 -2.56
N VAL A 552 -22.46 45.37 -1.55
CA VAL A 552 -22.91 43.99 -1.67
C VAL A 552 -24.40 43.92 -1.45
N TYR A 553 -25.11 43.40 -2.45
CA TYR A 553 -26.55 43.20 -2.38
C TYR A 553 -26.78 41.73 -2.70
N PRO A 554 -27.69 41.03 -1.99
CA PRO A 554 -27.88 39.57 -2.22
C PRO A 554 -28.29 39.17 -3.65
N GLU A 555 -29.03 40.04 -4.36
CA GLU A 555 -29.47 39.82 -5.73
C GLU A 555 -28.32 39.87 -6.75
N GLU A 556 -27.28 40.69 -6.49
CA GLU A 556 -26.13 40.85 -7.37
C GLU A 556 -25.03 39.90 -6.98
N ALA A 557 -24.55 39.11 -7.95
CA ALA A 557 -23.46 38.17 -7.76
C ALA A 557 -22.10 38.86 -7.80
N GLU A 558 -21.89 39.81 -8.72
CA GLU A 558 -20.61 40.49 -8.84
C GLU A 558 -20.78 41.97 -8.45
N PRO A 559 -19.89 42.53 -7.60
CA PRO A 559 -20.08 43.93 -7.18
C PRO A 559 -19.84 44.88 -8.33
N LYS A 560 -20.80 45.79 -8.54
CA LYS A 560 -20.77 46.80 -9.61
C LYS A 560 -20.44 48.18 -9.07
N GLN A 561 -20.29 48.29 -7.72
CA GLN A 561 -19.97 49.53 -7.01
C GLN A 561 -18.99 49.26 -5.87
N GLY A 562 -18.20 50.28 -5.56
CA GLY A 562 -17.22 50.28 -4.48
C GLY A 562 -16.65 51.66 -4.29
N ARG A 563 -15.91 51.87 -3.21
CA ARG A 563 -15.33 53.18 -2.94
C ARG A 563 -13.91 53.07 -2.49
N ILE A 564 -13.11 54.12 -2.71
CA ILE A 564 -11.78 54.30 -2.17
C ILE A 564 -11.92 55.52 -1.27
N VAL A 565 -11.91 55.30 0.04
CA VAL A 565 -12.07 56.37 1.01
C VAL A 565 -10.75 56.70 1.67
N VAL A 566 -10.36 57.97 1.60
CA VAL A 566 -9.13 58.51 2.19
C VAL A 566 -9.53 59.20 3.49
N PHE A 567 -8.96 58.73 4.61
CA PHE A 567 -9.18 59.26 5.95
C PHE A 567 -7.93 59.85 6.53
N GLN A 568 -8.10 60.83 7.40
CA GLN A 568 -6.99 61.38 8.15
C GLN A 568 -7.30 61.35 9.63
N TYR A 569 -6.39 60.73 10.39
CA TYR A 569 -6.52 60.72 11.83
C TYR A 569 -5.43 61.66 12.33
N SER A 570 -5.84 62.85 12.78
CA SER A 570 -4.94 63.92 13.26
C SER A 570 -5.62 64.78 14.32
N ASP A 571 -4.83 65.25 15.31
CA ASP A 571 -5.26 66.08 16.45
C ASP A 571 -6.39 65.40 17.26
N GLY A 572 -6.27 64.06 17.37
CA GLY A 572 -7.21 63.18 18.05
C GLY A 572 -8.61 63.14 17.43
N LYS A 573 -8.71 63.31 16.07
CA LYS A 573 -9.98 63.32 15.33
C LYS A 573 -9.86 62.60 13.97
N LEU A 574 -10.92 61.87 13.55
CA LEU A 574 -10.95 61.22 12.23
C LEU A 574 -11.80 62.02 11.26
N GLN A 575 -11.22 62.38 10.13
CA GLN A 575 -11.96 63.09 9.08
C GLN A 575 -11.85 62.33 7.74
N THR A 576 -12.86 62.49 6.87
CA THR A 576 -12.88 61.88 5.54
C THR A 576 -12.31 62.93 4.61
N VAL A 577 -11.11 62.69 4.08
CA VAL A 577 -10.44 63.65 3.22
C VAL A 577 -11.00 63.66 1.79
N ALA A 578 -11.17 62.47 1.20
CA ALA A 578 -11.65 62.28 -0.17
C ALA A 578 -12.34 60.92 -0.30
N GLU A 579 -13.10 60.72 -1.38
CA GLU A 579 -13.88 59.52 -1.66
C GLU A 579 -14.02 59.41 -3.17
N LYS A 580 -13.59 58.28 -3.73
CA LYS A 580 -13.70 58.01 -5.17
C LYS A 580 -14.65 56.83 -5.30
N GLU A 581 -15.68 56.93 -6.16
CA GLU A 581 -16.61 55.83 -6.39
C GLU A 581 -16.16 55.11 -7.64
N VAL A 582 -15.95 53.80 -7.53
CA VAL A 582 -15.47 52.96 -8.63
C VAL A 582 -16.54 51.94 -9.04
N LYS A 583 -16.43 51.40 -10.26
CA LYS A 583 -17.41 50.46 -10.83
C LYS A 583 -17.12 48.97 -10.51
N GLY A 584 -16.70 48.71 -9.27
CA GLY A 584 -16.38 47.37 -8.79
C GLY A 584 -15.82 47.33 -7.38
N ALA A 585 -15.52 46.12 -6.93
CA ALA A 585 -14.99 45.82 -5.62
C ALA A 585 -13.49 46.10 -5.60
N VAL A 586 -13.04 46.96 -4.64
CA VAL A 586 -11.63 47.30 -4.43
C VAL A 586 -11.07 46.20 -3.52
N TYR A 587 -10.60 45.10 -4.13
CA TYR A 587 -10.07 43.94 -3.39
C TYR A 587 -8.79 44.18 -2.67
N SER A 588 -7.90 44.98 -3.27
CA SER A 588 -6.54 45.21 -2.80
C SER A 588 -6.09 46.56 -3.19
N MET A 589 -5.17 47.11 -2.41
CA MET A 589 -4.55 48.41 -2.63
C MET A 589 -3.15 48.35 -2.11
N VAL A 590 -2.24 49.09 -2.73
CA VAL A 590 -0.84 49.14 -2.33
C VAL A 590 -0.30 50.54 -2.60
N GLU A 591 0.50 51.11 -1.66
CA GLU A 591 1.18 52.38 -1.94
C GLU A 591 2.29 51.98 -2.94
N PHE A 592 2.27 52.59 -4.13
CA PHE A 592 3.20 52.31 -5.21
C PHE A 592 3.94 53.58 -5.62
N ASN A 593 5.13 53.78 -5.03
CA ASN A 593 6.05 54.90 -5.31
C ASN A 593 5.36 56.29 -5.26
N GLY A 594 4.69 56.57 -4.14
CA GLY A 594 3.98 57.83 -3.92
C GLY A 594 2.61 57.92 -4.57
N LYS A 595 2.18 56.81 -5.19
CA LYS A 595 0.89 56.67 -5.86
C LYS A 595 0.11 55.54 -5.20
N LEU A 596 -1.17 55.43 -5.52
CA LEU A 596 -2.02 54.38 -4.97
C LEU A 596 -2.42 53.43 -6.10
N LEU A 597 -1.99 52.19 -5.97
CA LEU A 597 -2.33 51.15 -6.92
C LEU A 597 -3.51 50.40 -6.33
N ALA A 598 -4.68 50.45 -6.98
CA ALA A 598 -5.86 49.77 -6.50
C ALA A 598 -6.38 48.76 -7.51
N SER A 599 -6.87 47.61 -7.01
CA SER A 599 -7.42 46.60 -7.90
C SER A 599 -8.96 46.62 -7.81
N ILE A 600 -9.63 47.05 -8.90
CA ILE A 600 -11.09 47.13 -9.01
C ILE A 600 -11.50 45.98 -9.94
N ASN A 601 -12.00 44.89 -9.36
CA ASN A 601 -12.39 43.66 -10.04
C ASN A 601 -11.19 43.03 -10.79
N SER A 602 -11.24 42.99 -12.13
CA SER A 602 -10.19 42.47 -13.01
C SER A 602 -9.24 43.59 -13.46
N THR A 603 -9.50 44.82 -13.04
CA THR A 603 -8.70 46.00 -13.39
C THR A 603 -7.69 46.34 -12.27
N VAL A 604 -6.50 46.80 -12.71
CA VAL A 604 -5.42 47.30 -11.87
C VAL A 604 -5.25 48.78 -12.29
N ARG A 605 -5.62 49.68 -11.36
CA ARG A 605 -5.63 51.12 -11.60
C ARG A 605 -4.62 51.85 -10.74
N LEU A 606 -3.89 52.78 -11.37
CA LEU A 606 -2.91 53.62 -10.68
C LEU A 606 -3.47 55.03 -10.56
N TYR A 607 -3.55 55.53 -9.33
CA TYR A 607 -4.04 56.88 -9.01
C TYR A 607 -2.89 57.73 -8.51
N GLU A 608 -2.94 59.01 -8.86
CA GLU A 608 -2.02 60.03 -8.37
C GLU A 608 -2.78 60.88 -7.37
N TRP A 609 -2.10 61.38 -6.34
CA TRP A 609 -2.76 62.25 -5.37
C TRP A 609 -2.47 63.70 -5.77
N THR A 610 -3.53 64.43 -6.16
CA THR A 610 -3.40 65.80 -6.63
C THR A 610 -3.14 66.79 -5.49
N THR A 611 -2.84 68.04 -5.86
CA THR A 611 -2.61 69.12 -4.92
C THR A 611 -3.97 69.64 -4.40
N GLU A 612 -5.06 69.25 -5.11
CA GLU A 612 -6.47 69.54 -4.79
C GLU A 612 -7.01 68.47 -3.83
N LYS A 613 -6.09 67.55 -3.38
CA LYS A 613 -6.27 66.41 -2.47
C LYS A 613 -7.43 65.52 -2.92
N GLU A 614 -7.26 65.01 -4.17
CA GLU A 614 -8.14 64.11 -4.92
C GLU A 614 -7.31 63.02 -5.62
N LEU A 615 -7.90 61.83 -5.83
CA LEU A 615 -7.22 60.75 -6.58
C LEU A 615 -7.53 60.92 -8.07
N ARG A 616 -6.48 60.94 -8.89
CA ARG A 616 -6.59 61.13 -10.33
C ARG A 616 -6.03 59.89 -11.03
N THR A 617 -6.86 59.23 -11.88
CA THR A 617 -6.46 58.03 -12.62
C THR A 617 -5.29 58.35 -13.55
N GLU A 618 -4.17 57.63 -13.38
CA GLU A 618 -2.99 57.79 -14.23
C GLU A 618 -3.11 56.75 -15.35
N CYS A 619 -3.19 55.47 -14.97
CA CYS A 619 -3.33 54.39 -15.92
C CYS A 619 -4.13 53.22 -15.38
N ASN A 620 -4.65 52.41 -16.29
CA ASN A 620 -5.43 51.21 -16.05
C ASN A 620 -4.75 50.05 -16.75
N HIS A 621 -4.98 48.84 -16.22
CA HIS A 621 -4.51 47.62 -16.84
C HIS A 621 -5.57 46.56 -16.63
N TYR A 622 -6.23 46.19 -17.73
CA TYR A 622 -7.31 45.21 -17.75
C TYR A 622 -6.71 43.82 -17.79
N ASN A 623 -6.97 43.04 -16.75
CA ASN A 623 -6.39 41.71 -16.61
C ASN A 623 -7.32 40.58 -17.04
N ASN A 624 -6.69 39.44 -17.34
CA ASN A 624 -7.37 38.23 -17.73
C ASN A 624 -7.97 37.63 -16.46
N ILE A 625 -7.50 38.08 -15.29
CA ILE A 625 -7.92 37.57 -13.99
C ILE A 625 -8.38 38.68 -13.05
N MET A 626 -9.13 38.28 -12.05
CA MET A 626 -9.59 39.12 -10.99
C MET A 626 -8.38 39.36 -10.09
N ALA A 627 -7.99 40.62 -9.92
CA ALA A 627 -6.83 41.04 -9.15
C ALA A 627 -7.08 41.01 -7.63
N LEU A 628 -7.17 39.80 -7.06
CA LEU A 628 -7.41 39.52 -5.64
C LEU A 628 -6.25 39.90 -4.75
N TYR A 629 -5.05 39.42 -5.12
CA TYR A 629 -3.80 39.63 -4.41
C TYR A 629 -2.98 40.65 -5.20
N LEU A 630 -2.43 41.64 -4.50
CA LEU A 630 -1.58 42.72 -5.02
C LEU A 630 -0.35 42.85 -4.14
N LYS A 631 0.84 42.74 -4.74
CA LYS A 631 2.12 42.90 -4.04
C LYS A 631 3.04 43.70 -4.92
N THR A 632 3.91 44.54 -4.35
CA THR A 632 4.82 45.38 -5.13
C THR A 632 6.24 45.40 -4.57
N LYS A 633 7.23 45.32 -5.47
CA LYS A 633 8.65 45.49 -5.15
C LYS A 633 9.18 46.39 -6.24
N GLY A 634 9.56 47.60 -5.85
CA GLY A 634 10.06 48.60 -6.80
C GLY A 634 8.97 48.98 -7.78
N ASP A 635 9.26 48.80 -9.08
CA ASP A 635 8.32 49.08 -10.16
C ASP A 635 7.62 47.80 -10.66
N PHE A 636 7.80 46.68 -9.93
CA PHE A 636 7.21 45.37 -10.23
C PHE A 636 5.96 45.17 -9.38
N ILE A 637 4.93 44.57 -9.99
CA ILE A 637 3.63 44.28 -9.37
C ILE A 637 3.31 42.78 -9.54
N LEU A 638 2.82 42.14 -8.47
CA LEU A 638 2.42 40.74 -8.41
C LEU A 638 0.90 40.69 -8.27
N VAL A 639 0.21 40.28 -9.34
CA VAL A 639 -1.25 40.17 -9.37
C VAL A 639 -1.56 38.68 -9.33
N GLY A 640 -2.41 38.26 -8.42
CA GLY A 640 -2.83 36.88 -8.31
C GLY A 640 -4.34 36.76 -8.08
N ASP A 641 -4.88 35.57 -8.31
CA ASP A 641 -6.30 35.34 -8.06
C ASP A 641 -6.50 34.17 -7.08
N LEU A 642 -7.79 33.82 -6.79
CA LEU A 642 -8.13 32.74 -5.86
C LEU A 642 -7.75 31.39 -6.46
N MET A 643 -7.54 31.34 -7.78
CA MET A 643 -7.24 30.10 -8.46
C MET A 643 -5.77 29.94 -8.87
N ARG A 644 -4.84 30.61 -8.19
CA ARG A 644 -3.40 30.46 -8.38
C ARG A 644 -2.88 30.98 -9.71
N SER A 645 -3.62 31.95 -10.28
CA SER A 645 -3.24 32.62 -11.52
C SER A 645 -2.29 33.70 -11.04
N VAL A 646 -1.02 33.58 -11.44
CA VAL A 646 0.01 34.50 -11.02
C VAL A 646 0.48 35.29 -12.21
N LEU A 647 0.49 36.61 -12.06
CA LEU A 647 0.84 37.57 -13.11
C LEU A 647 1.87 38.58 -12.59
N LEU A 648 2.85 38.92 -13.44
CA LEU A 648 3.87 39.89 -13.06
C LEU A 648 3.81 41.09 -14.01
N LEU A 649 3.69 42.30 -13.45
CA LEU A 649 3.58 43.53 -14.21
C LEU A 649 4.67 44.53 -13.82
N ALA A 650 5.02 45.41 -14.75
CA ALA A 650 6.02 46.44 -14.52
C ALA A 650 5.47 47.77 -14.98
N TYR A 651 5.61 48.78 -14.13
CA TYR A 651 5.19 50.12 -14.46
C TYR A 651 6.26 50.71 -15.34
N LYS A 652 5.85 51.21 -16.52
CA LYS A 652 6.74 51.80 -17.52
C LYS A 652 6.61 53.32 -17.40
N PRO A 653 7.46 53.98 -16.57
CA PRO A 653 7.29 55.43 -16.34
C PRO A 653 7.40 56.31 -17.57
N MET A 654 8.13 55.86 -18.60
CA MET A 654 8.34 56.59 -19.85
C MET A 654 7.11 56.57 -20.78
N GLU A 655 6.21 55.59 -20.58
CA GLU A 655 4.98 55.40 -21.36
C GLU A 655 3.74 55.73 -20.51
N GLY A 656 3.88 55.64 -19.19
CA GLY A 656 2.82 55.90 -18.21
C GLY A 656 1.74 54.83 -18.20
N ASN A 657 2.13 53.55 -18.44
CA ASN A 657 1.26 52.38 -18.49
C ASN A 657 1.92 51.12 -17.89
N PHE A 658 1.19 49.98 -17.87
CA PHE A 658 1.72 48.73 -17.37
C PHE A 658 2.06 47.75 -18.50
N GLU A 659 3.06 46.90 -18.25
CA GLU A 659 3.54 45.90 -19.21
C GLU A 659 3.67 44.57 -18.47
N GLU A 660 3.06 43.51 -19.03
CA GLU A 660 3.14 42.18 -18.46
C GLU A 660 4.55 41.60 -18.70
N ILE A 661 5.20 41.12 -17.63
CA ILE A 661 6.54 40.54 -17.64
C ILE A 661 6.46 39.03 -17.81
N ALA A 662 5.62 38.35 -17.00
CA ALA A 662 5.46 36.90 -17.01
C ALA A 662 4.14 36.49 -16.36
N ARG A 663 3.76 35.21 -16.54
CA ARG A 663 2.57 34.61 -15.91
C ARG A 663 2.72 33.12 -15.69
N ASP A 664 1.88 32.57 -14.82
CA ASP A 664 1.76 31.15 -14.54
C ASP A 664 0.35 30.85 -14.07
N PHE A 665 -0.38 30.04 -14.84
CA PHE A 665 -1.75 29.64 -14.53
C PHE A 665 -1.86 28.14 -14.27
N ASN A 666 -1.81 27.73 -12.99
CA ASN A 666 -1.97 26.33 -12.59
C ASN A 666 -3.16 26.27 -11.63
N PRO A 667 -4.40 25.99 -12.13
CA PRO A 667 -5.58 26.04 -11.26
C PRO A 667 -5.53 25.22 -9.98
N ASN A 668 -5.58 25.93 -8.84
CA ASN A 668 -5.63 25.44 -7.47
C ASN A 668 -6.07 26.60 -6.61
N TRP A 669 -6.67 26.35 -5.45
CA TRP A 669 -7.06 27.46 -4.56
C TRP A 669 -5.83 28.09 -3.91
N MET A 670 -5.65 29.42 -4.03
CA MET A 670 -4.53 30.16 -3.48
C MET A 670 -5.06 31.10 -2.42
N SER A 671 -4.52 30.96 -1.18
CA SER A 671 -4.97 31.71 -0.03
C SER A 671 -4.14 32.94 0.32
N ALA A 672 -2.90 32.98 -0.19
CA ALA A 672 -1.95 34.08 0.06
C ALA A 672 -0.78 34.01 -0.89
N VAL A 673 -0.14 35.15 -1.10
CA VAL A 673 1.03 35.31 -1.97
C VAL A 673 1.93 36.42 -1.39
N GLU A 674 3.23 36.34 -1.68
CA GLU A 674 4.25 37.28 -1.24
C GLU A 674 5.39 37.32 -2.25
N ILE A 675 6.04 38.49 -2.36
CA ILE A 675 7.25 38.68 -3.15
C ILE A 675 8.42 38.37 -2.17
N LEU A 676 9.23 37.32 -2.44
CA LEU A 676 10.41 37.04 -1.60
C LEU A 676 11.54 38.03 -1.94
N ASP A 677 11.82 38.16 -3.24
CA ASP A 677 12.81 39.05 -3.85
C ASP A 677 12.31 39.39 -5.27
N ASP A 678 13.17 40.03 -6.09
CA ASP A 678 12.85 40.41 -7.48
C ASP A 678 12.48 39.23 -8.39
N ASP A 679 13.02 38.05 -8.09
CA ASP A 679 12.86 36.85 -8.92
C ASP A 679 12.02 35.74 -8.34
N ASN A 680 11.71 35.79 -7.02
CA ASN A 680 10.95 34.73 -6.37
C ASN A 680 9.67 35.18 -5.72
N PHE A 681 8.63 34.34 -5.85
CA PHE A 681 7.28 34.59 -5.37
C PHE A 681 6.83 33.39 -4.56
N LEU A 682 6.41 33.63 -3.33
CA LEU A 682 5.94 32.63 -2.38
C LEU A 682 4.44 32.67 -2.28
N GLY A 683 3.81 31.50 -2.39
CA GLY A 683 2.37 31.40 -2.25
C GLY A 683 1.91 30.27 -1.36
N ALA A 684 0.65 30.36 -0.94
CA ALA A 684 0.00 29.37 -0.12
C ALA A 684 -1.14 28.81 -0.97
N GLU A 685 -1.15 27.51 -1.20
CA GLU A 685 -2.19 26.90 -2.03
C GLU A 685 -2.76 25.59 -1.47
N ASN A 686 -3.97 25.24 -1.94
CA ASN A 686 -4.83 24.11 -1.57
C ASN A 686 -4.12 22.80 -1.29
N ALA A 687 -4.60 22.29 -0.11
CA ALA A 687 -4.31 21.14 0.73
C ALA A 687 -3.05 21.46 1.52
N PHE A 688 -3.09 22.68 2.15
CA PHE A 688 -2.13 23.25 3.11
C PHE A 688 -0.71 23.24 2.66
N ASN A 689 -0.49 23.61 1.40
CA ASN A 689 0.84 23.65 0.79
C ASN A 689 1.40 25.03 0.66
N LEU A 690 2.71 25.09 0.37
CA LEU A 690 3.45 26.28 0.09
C LEU A 690 4.09 26.04 -1.24
N PHE A 691 4.32 27.11 -2.02
CA PHE A 691 5.00 26.97 -3.31
C PHE A 691 5.82 28.19 -3.55
N VAL A 692 6.83 28.04 -4.40
CA VAL A 692 7.69 29.13 -4.83
C VAL A 692 7.75 29.12 -6.38
N CYS A 693 7.51 30.29 -7.00
CA CYS A 693 7.61 30.56 -8.43
C CYS A 693 8.79 31.45 -8.69
N GLN A 694 9.47 31.25 -9.80
CA GLN A 694 10.67 32.00 -10.12
C GLN A 694 10.65 32.53 -11.55
N LYS A 695 11.26 33.72 -11.76
CA LYS A 695 11.40 34.35 -13.08
C LYS A 695 12.86 34.21 -13.59
N ASP A 696 13.08 34.37 -14.91
CA ASP A 696 14.43 34.30 -15.47
C ASP A 696 14.63 35.42 -16.51
N SER A 697 14.76 36.68 -16.02
CA SER A 697 14.97 37.91 -16.81
C SER A 697 16.18 37.88 -17.77
N ALA A 698 16.97 36.78 -17.75
CA ALA A 698 18.17 36.54 -18.56
C ALA A 698 17.93 35.68 -19.82
N ALA A 699 16.87 34.83 -19.82
CA ALA A 699 16.47 33.89 -20.90
C ALA A 699 16.51 34.46 -22.34
N THR A 700 17.14 33.70 -23.24
CA THR A 700 17.36 33.97 -24.67
C THR A 700 16.07 34.06 -25.49
N THR A 701 15.01 33.31 -25.10
CA THR A 701 13.72 33.29 -25.78
C THR A 701 12.67 34.07 -25.01
N ASP A 702 11.73 34.73 -25.73
CA ASP A 702 10.67 35.53 -25.13
C ASP A 702 9.52 34.69 -24.57
N GLU A 703 9.47 33.38 -24.86
CA GLU A 703 8.46 32.48 -24.32
C GLU A 703 8.88 32.13 -22.89
N GLU A 704 10.19 31.83 -22.72
CA GLU A 704 10.84 31.49 -21.46
C GLU A 704 10.79 32.63 -20.44
N ARG A 705 11.10 33.87 -20.89
CA ARG A 705 11.15 35.04 -19.99
C ARG A 705 9.74 35.56 -19.55
N GLN A 706 8.65 35.06 -20.16
CA GLN A 706 7.28 35.38 -19.77
C GLN A 706 6.58 34.12 -19.17
N HIS A 707 7.42 33.23 -18.62
CA HIS A 707 7.05 31.97 -17.99
C HIS A 707 7.65 31.93 -16.61
N LEU A 708 6.83 31.56 -15.62
CA LEU A 708 7.27 31.44 -14.23
C LEU A 708 7.47 29.98 -13.90
N GLN A 709 8.67 29.66 -13.40
CA GLN A 709 9.08 28.31 -13.08
C GLN A 709 8.76 27.95 -11.63
N GLU A 710 8.02 26.83 -11.45
CA GLU A 710 7.70 26.29 -10.14
C GLU A 710 8.98 25.62 -9.62
N VAL A 711 9.61 26.23 -8.58
CA VAL A 711 10.91 25.82 -8.01
C VAL A 711 10.86 25.27 -6.55
N GLY A 712 9.74 25.46 -5.87
CA GLY A 712 9.54 24.98 -4.50
C GLY A 712 8.13 24.50 -4.27
N LEU A 713 7.97 23.35 -3.58
CA LEU A 713 6.69 22.74 -3.19
C LEU A 713 6.85 22.13 -1.81
N PHE A 714 5.86 22.35 -0.92
CA PHE A 714 5.95 21.85 0.44
C PHE A 714 4.59 21.70 1.12
N HIS A 715 4.34 20.56 1.80
CA HIS A 715 3.10 20.42 2.53
C HIS A 715 3.33 20.94 3.95
N LEU A 716 2.88 22.18 4.19
CA LEU A 716 2.95 22.86 5.45
C LEU A 716 2.05 22.24 6.55
N GLY A 717 0.84 21.82 6.21
CA GLY A 717 -0.12 21.29 7.18
C GLY A 717 -0.95 22.41 7.80
N GLU A 718 -0.66 23.65 7.42
CA GLU A 718 -1.40 24.83 7.87
C GLU A 718 -1.98 25.59 6.66
N PHE A 719 -3.07 26.38 6.89
CA PHE A 719 -3.75 27.26 5.91
C PHE A 719 -3.30 28.70 6.17
N VAL A 720 -2.45 29.25 5.30
CA VAL A 720 -1.94 30.64 5.41
C VAL A 720 -2.96 31.71 4.93
N ASN A 721 -3.17 32.74 5.75
CA ASN A 721 -4.05 33.88 5.40
C ASN A 721 -3.23 35.10 5.06
N VAL A 722 -2.01 35.19 5.61
CA VAL A 722 -1.19 36.38 5.50
C VAL A 722 0.29 36.05 5.54
N PHE A 723 1.02 36.72 4.66
CA PHE A 723 2.48 36.69 4.56
C PHE A 723 2.90 38.10 4.86
N CYS A 724 3.97 38.19 5.64
CA CYS A 724 4.39 39.45 6.20
C CYS A 724 5.90 39.51 6.36
N HIS A 725 6.56 40.46 5.71
CA HIS A 725 8.01 40.67 5.84
C HIS A 725 8.33 41.26 7.22
N GLY A 726 9.17 40.57 7.97
CA GLY A 726 9.55 40.99 9.30
C GLY A 726 10.19 39.88 10.10
N SER A 727 10.65 40.25 11.28
CA SER A 727 11.33 39.34 12.22
C SER A 727 10.93 39.70 13.64
N LEU A 728 10.93 38.71 14.56
CA LEU A 728 10.64 38.97 15.97
C LEU A 728 11.92 39.04 16.77
N VAL A 729 13.06 38.69 16.12
CA VAL A 729 14.40 38.69 16.73
C VAL A 729 15.11 40.03 16.54
N MET A 730 16.06 40.33 17.44
CA MET A 730 16.87 41.55 17.49
C MET A 730 17.64 41.82 16.19
N GLN A 731 17.37 42.99 15.57
CA GLN A 731 18.04 43.42 14.34
C GLN A 731 19.26 44.25 14.71
N SER A 737 26.92 37.93 8.32
CA SER A 737 27.63 36.65 8.39
C SER A 737 26.63 35.52 8.72
N THR A 738 25.31 35.80 8.54
CA THR A 738 24.18 34.90 8.82
C THR A 738 23.97 33.86 7.65
N PRO A 739 23.66 32.57 7.98
CA PRO A 739 23.47 31.58 6.90
C PRO A 739 22.14 31.69 6.13
N THR A 740 21.22 32.54 6.65
CA THR A 740 19.88 32.80 6.10
C THR A 740 19.78 34.22 5.51
N GLN A 741 18.94 34.38 4.48
CA GLN A 741 18.69 35.66 3.82
C GLN A 741 17.17 35.92 3.78
N GLY A 742 16.73 37.01 4.38
CA GLY A 742 15.32 37.38 4.39
C GLY A 742 14.51 36.76 5.49
N SER A 743 13.28 37.27 5.68
CA SER A 743 12.37 36.82 6.74
C SER A 743 10.90 37.18 6.41
N VAL A 744 10.12 36.15 6.10
CA VAL A 744 8.70 36.29 5.80
C VAL A 744 7.99 35.49 6.87
N LEU A 745 7.23 36.18 7.68
CA LEU A 745 6.41 35.61 8.73
C LEU A 745 5.05 35.32 8.11
N PHE A 746 4.37 34.30 8.61
CA PHE A 746 3.04 34.00 8.15
C PHE A 746 2.09 33.56 9.29
N GLY A 747 0.81 33.94 9.16
CA GLY A 747 -0.23 33.61 10.12
C GLY A 747 -1.22 32.67 9.48
N THR A 748 -1.68 31.67 10.23
CA THR A 748 -2.54 30.60 9.77
C THR A 748 -3.89 30.56 10.49
N VAL A 749 -4.84 29.80 9.92
CA VAL A 749 -6.14 29.55 10.49
C VAL A 749 -6.06 28.96 11.90
N ASN A 750 -5.10 28.05 12.16
CA ASN A 750 -4.95 27.39 13.47
C ASN A 750 -4.13 28.16 14.52
N GLY A 751 -3.79 29.42 14.23
CA GLY A 751 -3.01 30.29 15.11
C GLY A 751 -1.52 29.99 15.13
N MET A 752 -1.09 29.14 14.20
CA MET A 752 0.32 28.81 14.02
C MET A 752 1.00 30.01 13.32
N ILE A 753 2.23 30.33 13.75
CA ILE A 753 3.04 31.38 13.13
C ILE A 753 4.31 30.73 12.65
N GLY A 754 4.58 30.87 11.37
CA GLY A 754 5.76 30.29 10.76
C GLY A 754 6.65 31.37 10.21
N LEU A 755 7.82 30.97 9.73
CA LEU A 755 8.83 31.84 9.16
C LEU A 755 9.45 31.18 7.92
N VAL A 756 9.62 31.93 6.83
CA VAL A 756 10.27 31.46 5.61
C VAL A 756 11.49 32.35 5.37
N THR A 757 12.64 31.70 5.14
CA THR A 757 13.91 32.37 4.85
C THR A 757 14.61 31.65 3.71
N SER A 758 15.51 32.34 3.01
CA SER A 758 16.25 31.75 1.90
C SER A 758 17.65 31.32 2.34
N LEU A 759 18.16 30.25 1.73
CA LEU A 759 19.48 29.66 1.99
C LEU A 759 20.36 29.71 0.72
N SER A 760 21.63 29.31 0.89
CA SER A 760 22.58 29.11 -0.19
C SER A 760 22.48 27.65 -0.61
N GLU A 761 22.90 27.31 -1.84
CA GLU A 761 22.90 25.93 -2.38
C GLU A 761 23.66 24.98 -1.43
N SER A 762 24.83 25.43 -0.93
CA SER A 762 25.65 24.68 0.02
C SER A 762 24.88 24.35 1.31
N TRP A 763 24.21 25.36 1.90
CA TRP A 763 23.44 25.18 3.13
C TRP A 763 22.23 24.28 2.91
N TYR A 764 21.57 24.44 1.77
CA TYR A 764 20.42 23.61 1.40
C TYR A 764 20.83 22.14 1.26
N ASN A 765 21.87 21.84 0.43
CA ASN A 765 22.36 20.47 0.20
C ASN A 765 22.78 19.74 1.48
N LEU A 766 23.43 20.46 2.42
CA LEU A 766 23.85 19.94 3.72
C LEU A 766 22.64 19.54 4.59
N LEU A 767 21.70 20.49 4.78
CA LEU A 767 20.49 20.31 5.58
C LEU A 767 19.52 19.28 4.99
N LEU A 768 19.52 19.10 3.66
CA LEU A 768 18.70 18.11 2.96
C LEU A 768 19.20 16.69 3.28
N ASP A 769 20.53 16.49 3.23
CA ASP A 769 21.15 15.21 3.57
C ASP A 769 20.90 14.97 5.06
N MET A 770 21.07 16.03 5.87
CA MET A 770 20.82 15.97 7.30
C MET A 770 19.40 15.51 7.63
N GLN A 771 18.40 15.92 6.81
CA GLN A 771 16.99 15.52 6.95
C GLN A 771 16.80 14.02 6.74
N ASN A 772 17.40 13.47 5.68
CA ASN A 772 17.31 12.05 5.33
C ASN A 772 17.98 11.17 6.38
N ARG A 773 19.01 11.73 7.05
CA ARG A 773 19.73 11.08 8.13
C ARG A 773 18.88 11.10 9.38
N LEU A 774 18.32 12.29 9.72
CA LEU A 774 17.43 12.45 10.88
C LEU A 774 16.21 11.55 10.78
N ASN A 775 15.68 11.35 9.56
CA ASN A 775 14.51 10.50 9.34
C ASN A 775 14.75 9.04 9.62
N LYS A 776 16.00 8.58 9.50
CA LYS A 776 16.38 7.20 9.78
C LYS A 776 16.50 6.94 11.29
N VAL A 777 16.69 7.99 12.11
CA VAL A 777 16.91 7.86 13.57
C VAL A 777 15.72 8.32 14.44
N ILE A 778 14.92 9.27 13.96
CA ILE A 778 13.79 9.83 14.71
C ILE A 778 12.59 8.90 14.64
N LYS A 779 11.94 8.66 15.81
CA LYS A 779 10.74 7.83 15.92
C LYS A 779 9.48 8.68 15.70
N SER A 780 8.84 8.47 14.56
CA SER A 780 7.63 9.15 14.13
C SER A 780 6.41 8.48 14.75
N VAL A 781 5.62 9.23 15.55
CA VAL A 781 4.40 8.74 16.17
C VAL A 781 3.40 8.30 15.07
N GLY A 782 2.99 7.05 15.11
CA GLY A 782 2.08 6.47 14.13
C GLY A 782 2.80 5.85 12.95
N LYS A 783 4.16 5.89 12.97
CA LYS A 783 5.10 5.37 11.96
C LYS A 783 4.80 5.95 10.55
N ILE A 784 4.60 7.29 10.53
CA ILE A 784 4.35 8.09 9.33
C ILE A 784 5.70 8.55 8.79
N GLU A 785 5.92 8.39 7.48
CA GLU A 785 7.17 8.86 6.89
C GLU A 785 7.13 10.40 6.74
N HIS A 786 8.24 11.08 7.08
CA HIS A 786 8.39 12.53 6.99
C HIS A 786 8.22 13.01 5.54
N SER A 787 8.82 12.27 4.59
CA SER A 787 8.74 12.56 3.16
C SER A 787 7.32 12.50 2.63
N PHE A 788 6.50 11.54 3.15
CA PHE A 788 5.09 11.38 2.78
C PHE A 788 4.30 12.61 3.31
N TRP A 789 4.51 12.95 4.59
CA TRP A 789 3.90 14.08 5.28
C TRP A 789 4.20 15.41 4.56
N ARG A 790 5.48 15.69 4.24
CA ARG A 790 5.88 16.93 3.60
C ARG A 790 5.64 16.99 2.09
N SER A 791 5.20 15.88 1.48
CA SER A 791 4.91 15.83 0.06
C SER A 791 3.76 16.77 -0.28
N PHE A 792 3.97 17.60 -1.34
CA PHE A 792 2.95 18.48 -1.90
C PHE A 792 1.72 17.61 -2.15
N HIS A 793 0.57 18.03 -1.60
CA HIS A 793 -0.65 17.26 -1.66
C HIS A 793 -1.86 18.05 -2.16
N THR A 794 -2.65 17.41 -3.04
CA THR A 794 -3.96 17.78 -3.60
C THR A 794 -4.61 16.39 -3.76
N GLU A 795 -5.93 16.29 -4.01
CA GLU A 795 -6.49 14.93 -4.15
C GLU A 795 -6.08 14.28 -5.49
N ARG A 796 -5.89 15.12 -6.52
CA ARG A 796 -5.46 14.71 -7.86
C ARG A 796 -3.96 14.38 -7.96
N LYS A 797 -3.09 15.08 -7.19
CA LYS A 797 -1.64 14.87 -7.25
C LYS A 797 -0.91 14.91 -5.92
N THR A 798 0.16 14.10 -5.80
CA THR A 798 1.05 14.06 -4.64
C THR A 798 2.49 13.95 -5.18
N GLU A 799 3.26 15.01 -4.96
CA GLU A 799 4.64 15.19 -5.42
C GLU A 799 5.57 15.37 -4.22
N PRO A 800 6.81 14.83 -4.25
CA PRO A 800 7.73 15.06 -3.11
C PRO A 800 8.07 16.54 -2.97
N ALA A 801 8.30 16.98 -1.73
CA ALA A 801 8.70 18.36 -1.47
C ALA A 801 10.08 18.67 -2.13
N THR A 802 10.19 19.89 -2.70
CA THR A 802 11.38 20.43 -3.38
C THR A 802 11.55 21.87 -2.90
N GLY A 803 12.79 22.35 -2.92
CA GLY A 803 13.16 23.72 -2.57
C GLY A 803 12.84 24.24 -1.19
N PHE A 804 12.47 23.32 -0.24
CA PHE A 804 12.12 23.63 1.15
C PHE A 804 12.78 22.70 2.17
N ILE A 805 13.39 23.29 3.22
CA ILE A 805 13.97 22.60 4.38
C ILE A 805 12.98 22.76 5.54
N ASP A 806 12.63 21.62 6.16
CA ASP A 806 11.75 21.58 7.31
C ASP A 806 12.61 21.92 8.52
N GLY A 807 12.61 23.19 8.89
CA GLY A 807 13.33 23.72 10.04
C GLY A 807 12.99 23.07 11.36
N ASP A 808 11.74 22.61 11.51
CA ASP A 808 11.25 21.91 12.69
C ASP A 808 11.95 20.58 12.88
N LEU A 809 12.19 19.86 11.75
CA LEU A 809 12.93 18.59 11.72
C LEU A 809 14.39 18.84 12.00
N ILE A 810 15.00 19.84 11.31
CA ILE A 810 16.41 20.18 11.57
C ILE A 810 16.61 20.50 13.05
N GLU A 811 15.77 21.40 13.62
CA GLU A 811 15.83 21.80 15.04
C GLU A 811 15.69 20.66 16.02
N SER A 812 14.88 19.62 15.70
CA SER A 812 14.71 18.46 16.56
C SER A 812 16.02 17.63 16.77
N PHE A 813 17.12 17.95 16.02
CA PHE A 813 18.43 17.32 16.21
C PHE A 813 18.93 17.66 17.60
N LEU A 814 18.63 18.86 18.08
CA LEU A 814 19.06 19.29 19.40
C LEU A 814 18.43 18.46 20.55
N ASP A 815 17.25 17.86 20.31
CA ASP A 815 16.50 17.09 21.31
C ASP A 815 16.82 15.60 21.32
N ILE A 816 17.44 15.08 20.24
CA ILE A 816 17.81 13.67 20.16
C ILE A 816 19.00 13.36 21.07
N SER A 817 19.11 12.10 21.51
CA SER A 817 20.16 11.63 22.41
C SER A 817 21.54 11.70 21.78
N ARG A 818 22.61 11.75 22.63
CA ARG A 818 24.00 11.79 22.19
C ARG A 818 24.37 10.56 21.31
N PRO A 819 23.93 9.30 21.61
CA PRO A 819 24.26 8.18 20.69
C PRO A 819 23.59 8.34 19.33
N LYS A 820 22.34 8.85 19.29
CA LYS A 820 21.57 9.12 18.07
C LYS A 820 22.18 10.27 17.28
N MET A 821 22.71 11.30 17.96
CA MET A 821 23.39 12.46 17.37
C MET A 821 24.63 12.01 16.59
N GLN A 822 25.37 11.02 17.16
CA GLN A 822 26.58 10.46 16.57
C GLN A 822 26.30 9.64 15.32
N GLU A 823 25.13 8.98 15.30
CA GLU A 823 24.65 8.18 14.18
C GLU A 823 24.38 9.10 12.96
N VAL A 824 23.73 10.27 13.19
CA VAL A 824 23.41 11.30 12.18
C VAL A 824 24.71 11.85 11.54
N VAL A 825 25.71 12.22 12.37
CA VAL A 825 26.98 12.83 11.94
C VAL A 825 28.05 11.81 11.42
N ALA A 826 27.66 10.56 11.11
CA ALA A 826 28.62 9.58 10.59
C ALA A 826 28.76 9.79 9.06
N ASN A 827 29.63 10.77 8.69
CA ASN A 827 29.91 11.20 7.31
C ASN A 827 30.36 10.05 6.41
N THR A 841 32.18 15.07 16.12
CA THR A 841 31.68 15.94 15.07
C THR A 841 30.22 16.34 15.30
N ALA A 842 29.50 15.71 16.25
CA ALA A 842 28.10 16.03 16.57
C ALA A 842 27.95 17.45 17.13
N ASP A 843 28.94 17.90 17.93
CA ASP A 843 28.99 19.22 18.54
C ASP A 843 29.18 20.33 17.51
N ASP A 844 29.80 19.99 16.36
CA ASP A 844 30.01 20.89 15.24
C ASP A 844 28.67 21.13 14.56
N LEU A 845 27.79 20.10 14.54
CA LEU A 845 26.46 20.17 13.96
C LEU A 845 25.49 20.90 14.88
N ILE A 846 25.68 20.79 16.22
CA ILE A 846 24.89 21.48 17.25
C ILE A 846 25.03 22.99 17.05
N LYS A 847 26.25 23.47 16.72
CA LYS A 847 26.59 24.88 16.45
C LYS A 847 25.76 25.42 15.26
N VAL A 848 25.69 24.63 14.17
CA VAL A 848 24.93 24.91 12.95
C VAL A 848 23.44 25.05 13.28
N VAL A 849 22.91 24.07 14.03
CA VAL A 849 21.49 24.00 14.40
C VAL A 849 21.14 25.13 15.39
N GLU A 850 22.00 25.42 16.39
CA GLU A 850 21.77 26.53 17.34
C GLU A 850 21.75 27.89 16.62
N GLU A 851 22.60 28.05 15.57
CA GLU A 851 22.66 29.26 14.75
C GLU A 851 21.32 29.44 14.00
N LEU A 852 20.73 28.32 13.53
CA LEU A 852 19.44 28.28 12.84
C LEU A 852 18.25 28.55 13.78
N THR A 853 18.39 28.27 15.08
CA THR A 853 17.30 28.53 16.04
C THR A 853 17.17 30.05 16.34
N ARG A 854 18.28 30.79 16.17
CA ARG A 854 18.39 32.23 16.40
C ARG A 854 17.59 33.12 15.40
N ILE A 855 17.00 32.54 14.35
CA ILE A 855 16.26 33.32 13.35
C ILE A 855 14.82 33.61 13.78
N HIS A 856 14.36 32.94 14.85
CA HIS A 856 13.01 33.12 15.39
C HIS A 856 12.99 33.20 16.93
N ILE B 31 -42.99 28.62 -31.98
CA ILE B 31 -42.36 27.85 -30.92
C ILE B 31 -43.02 26.45 -30.88
N ASN B 32 -42.86 25.66 -31.97
CA ASN B 32 -43.44 24.30 -32.05
C ASN B 32 -42.72 23.35 -33.04
N PHE B 33 -41.58 23.79 -33.61
CA PHE B 33 -40.77 23.14 -34.64
C PHE B 33 -40.46 21.62 -34.46
N ASP B 34 -39.78 21.26 -33.33
CA ASP B 34 -39.23 19.97 -32.86
C ASP B 34 -37.71 20.09 -32.81
N THR B 35 -37.21 20.55 -31.66
CA THR B 35 -35.80 20.80 -31.34
C THR B 35 -34.88 19.56 -31.48
N SER B 36 -35.49 18.34 -31.61
CA SER B 36 -34.75 17.07 -31.77
C SER B 36 -34.34 16.83 -33.23
N LEU B 37 -34.92 17.61 -34.16
CA LEU B 37 -34.68 17.49 -35.59
C LEU B 37 -33.26 17.91 -36.05
N PRO B 38 -32.74 19.15 -35.77
CA PRO B 38 -31.41 19.51 -36.29
C PRO B 38 -30.26 18.60 -35.87
N THR B 39 -30.31 18.04 -34.64
CA THR B 39 -29.32 17.15 -34.02
C THR B 39 -29.24 15.80 -34.78
N SER B 40 -30.35 15.38 -35.42
CA SER B 40 -30.40 14.12 -36.16
C SER B 40 -29.62 14.17 -37.48
N HIS B 41 -29.37 15.38 -38.01
CA HIS B 41 -28.70 15.64 -39.30
C HIS B 41 -29.34 14.84 -40.45
N THR B 42 -30.69 14.83 -40.48
CA THR B 42 -31.50 14.05 -41.43
C THR B 42 -31.24 14.38 -42.90
N TYR B 43 -30.71 15.58 -43.17
CA TYR B 43 -30.33 16.07 -44.52
C TYR B 43 -29.19 15.23 -45.10
N LEU B 44 -28.47 14.47 -44.25
CA LEU B 44 -27.37 13.60 -44.66
C LEU B 44 -27.84 12.30 -45.31
N GLY B 45 -29.14 12.02 -45.24
CA GLY B 45 -29.73 10.84 -45.85
C GLY B 45 -30.04 9.72 -44.89
N ALA B 46 -29.89 8.47 -45.39
CA ALA B 46 -30.13 7.19 -44.71
C ALA B 46 -29.34 7.05 -43.43
N ASP B 47 -29.93 6.36 -42.44
CA ASP B 47 -29.30 6.09 -41.15
C ASP B 47 -27.88 5.53 -41.34
N MET B 48 -26.94 6.12 -40.62
CA MET B 48 -25.54 5.73 -40.67
C MET B 48 -25.30 4.48 -39.79
N GLU B 49 -24.15 3.80 -40.02
CA GLU B 49 -23.68 2.69 -39.19
C GLU B 49 -23.24 3.33 -37.87
N GLU B 50 -23.62 2.77 -36.74
CA GLU B 50 -23.25 3.37 -35.45
C GLU B 50 -22.24 2.49 -34.70
N PHE B 51 -21.38 3.12 -33.89
CA PHE B 51 -20.38 2.46 -33.04
C PHE B 51 -20.74 2.65 -31.59
N HIS B 52 -20.50 1.62 -30.75
CA HIS B 52 -20.78 1.74 -29.31
C HIS B 52 -19.50 1.95 -28.46
N GLY B 53 -18.35 1.47 -28.97
CA GLY B 53 -17.06 1.58 -28.29
C GLY B 53 -16.53 2.98 -28.06
N ARG B 54 -15.67 3.16 -27.07
CA ARG B 54 -15.09 4.47 -26.73
C ARG B 54 -13.57 4.39 -26.49
N THR B 55 -12.84 5.39 -27.04
CA THR B 55 -11.38 5.52 -26.95
C THR B 55 -10.97 6.84 -26.24
N LEU B 56 -10.26 6.69 -25.12
CA LEU B 56 -9.72 7.81 -24.37
C LEU B 56 -8.25 7.55 -24.06
N HIS B 57 -7.40 8.55 -24.35
CA HIS B 57 -5.97 8.51 -24.11
C HIS B 57 -5.68 9.02 -22.71
N ASP B 58 -4.63 8.45 -22.08
CA ASP B 58 -4.23 8.83 -20.72
C ASP B 58 -3.83 10.29 -20.69
N ASP B 59 -4.17 10.98 -19.59
CA ASP B 59 -3.82 12.38 -19.37
C ASP B 59 -2.32 12.56 -19.40
N ASP B 60 -1.86 13.64 -20.07
CA ASP B 60 -0.47 14.06 -20.25
C ASP B 60 0.31 13.18 -21.24
N SER B 61 -0.30 12.09 -21.73
CA SER B 61 0.36 11.19 -22.68
C SER B 61 0.56 11.82 -24.02
N CYS B 62 1.61 11.42 -24.70
CA CYS B 62 1.96 11.86 -26.02
C CYS B 62 1.37 10.82 -27.03
N GLN B 63 0.67 11.31 -28.10
CA GLN B 63 0.00 10.47 -29.12
C GLN B 63 0.20 11.07 -30.50
N VAL B 64 0.28 10.24 -31.54
CA VAL B 64 0.36 10.65 -32.94
C VAL B 64 -0.99 10.38 -33.57
N ILE B 65 -1.69 11.45 -34.01
CA ILE B 65 -3.05 11.34 -34.53
C ILE B 65 -3.20 12.02 -35.91
N PRO B 66 -3.90 11.41 -36.89
CA PRO B 66 -4.05 12.08 -38.19
C PRO B 66 -4.98 13.30 -38.17
N VAL B 67 -4.71 14.27 -39.05
CA VAL B 67 -5.49 15.48 -39.23
C VAL B 67 -6.25 15.39 -40.57
N LEU B 68 -7.53 15.75 -40.57
CA LEU B 68 -8.30 15.81 -41.83
C LEU B 68 -7.93 17.13 -42.52
N PRO B 69 -7.45 17.06 -43.79
CA PRO B 69 -6.91 18.25 -44.46
C PRO B 69 -7.79 19.49 -44.61
N GLN B 70 -9.09 19.33 -44.87
CA GLN B 70 -9.97 20.47 -45.13
C GLN B 70 -10.80 20.91 -43.92
N VAL B 71 -10.65 20.25 -42.74
CA VAL B 71 -11.39 20.64 -41.54
C VAL B 71 -10.76 21.93 -41.03
N MET B 72 -11.58 22.99 -40.87
CA MET B 72 -11.15 24.33 -40.41
C MET B 72 -11.76 24.75 -39.07
N MET B 73 -12.69 23.94 -38.56
CA MET B 73 -13.39 24.20 -37.32
C MET B 73 -12.52 23.99 -36.09
N ILE B 74 -12.85 24.73 -34.97
CA ILE B 74 -12.25 24.59 -33.63
C ILE B 74 -13.31 23.80 -32.88
N LEU B 75 -13.04 22.53 -32.63
CA LEU B 75 -13.97 21.61 -32.00
C LEU B 75 -13.83 21.61 -30.45
N ILE B 76 -14.97 21.63 -29.74
CA ILE B 76 -15.03 21.59 -28.30
C ILE B 76 -15.38 20.16 -27.86
N PRO B 77 -14.76 19.62 -26.77
CA PRO B 77 -15.15 18.29 -26.30
C PRO B 77 -16.66 18.20 -26.06
N GLY B 78 -17.25 17.11 -26.55
CA GLY B 78 -18.68 16.83 -26.45
C GLY B 78 -19.50 17.38 -27.59
N GLN B 79 -18.88 18.19 -28.47
CA GLN B 79 -19.49 18.80 -29.65
C GLN B 79 -19.53 17.83 -30.85
N THR B 80 -20.68 17.79 -31.53
CA THR B 80 -20.88 16.96 -32.71
C THR B 80 -20.40 17.68 -33.94
N LEU B 81 -19.58 16.95 -34.74
CA LEU B 81 -19.02 17.40 -36.00
C LEU B 81 -19.45 16.48 -37.19
N PRO B 82 -20.39 16.95 -38.06
CA PRO B 82 -20.74 16.14 -39.23
C PRO B 82 -19.75 16.44 -40.36
N LEU B 83 -19.42 15.47 -41.20
CA LEU B 83 -18.50 15.69 -42.33
C LEU B 83 -18.96 14.93 -43.53
N GLN B 84 -18.70 15.48 -44.73
CA GLN B 84 -18.90 14.83 -46.04
C GLN B 84 -17.54 14.87 -46.70
N LEU B 85 -16.91 13.70 -46.84
CA LEU B 85 -15.57 13.53 -47.45
C LEU B 85 -15.68 13.03 -48.89
N PHE B 86 -15.04 13.75 -49.82
CA PHE B 86 -15.12 13.51 -51.28
C PHE B 86 -13.81 13.01 -51.89
N HIS B 87 -12.70 13.62 -51.48
CA HIS B 87 -11.36 13.35 -51.95
C HIS B 87 -10.90 11.92 -51.61
N PRO B 88 -10.27 11.19 -52.58
CA PRO B 88 -9.85 9.81 -52.32
C PRO B 88 -8.94 9.63 -51.11
N GLN B 89 -8.02 10.59 -50.88
CA GLN B 89 -7.07 10.63 -49.77
C GLN B 89 -7.81 10.77 -48.41
N GLU B 90 -8.88 11.58 -48.34
CA GLU B 90 -9.72 11.80 -47.16
C GLU B 90 -10.53 10.53 -46.84
N VAL B 91 -11.18 9.94 -47.87
CA VAL B 91 -11.97 8.70 -47.80
C VAL B 91 -11.14 7.54 -47.26
N SER B 92 -9.93 7.36 -47.82
CA SER B 92 -8.97 6.33 -47.44
C SER B 92 -8.57 6.48 -45.97
N MET B 93 -8.23 7.70 -45.55
CA MET B 93 -7.84 7.99 -44.16
C MET B 93 -8.93 7.61 -43.15
N VAL B 94 -10.19 7.90 -43.47
CA VAL B 94 -11.33 7.58 -42.63
C VAL B 94 -11.57 6.08 -42.56
N ARG B 95 -11.45 5.34 -43.69
CA ARG B 95 -11.59 3.88 -43.73
C ARG B 95 -10.59 3.24 -42.77
N ASN B 96 -9.34 3.78 -42.72
CA ASN B 96 -8.27 3.33 -41.83
C ASN B 96 -8.64 3.59 -40.37
N LEU B 97 -9.20 4.78 -40.04
CA LEU B 97 -9.64 5.15 -38.69
C LEU B 97 -10.76 4.25 -38.19
N ILE B 98 -11.72 3.94 -39.05
CA ILE B 98 -12.88 3.10 -38.76
C ILE B 98 -12.43 1.65 -38.41
N GLN B 99 -11.19 1.27 -38.82
CA GLN B 99 -10.60 -0.04 -38.54
C GLN B 99 -9.72 -0.01 -37.28
N LYS B 100 -9.13 1.17 -36.94
CA LYS B 100 -8.28 1.39 -35.77
C LYS B 100 -9.10 2.03 -34.62
N ASP B 101 -8.64 3.16 -34.02
CA ASP B 101 -9.27 3.85 -32.88
C ASP B 101 -10.41 4.85 -33.21
N ARG B 102 -10.68 5.13 -34.52
CA ARG B 102 -11.72 6.06 -35.04
C ARG B 102 -11.49 7.54 -34.64
N THR B 103 -10.27 7.87 -34.22
CA THR B 103 -9.92 9.20 -33.66
C THR B 103 -8.97 9.97 -34.56
N PHE B 104 -9.38 11.17 -34.91
CA PHE B 104 -8.59 12.15 -35.68
C PHE B 104 -8.38 13.41 -34.84
N ALA B 105 -7.38 14.23 -35.22
CA ALA B 105 -7.04 15.48 -34.52
C ALA B 105 -7.65 16.63 -35.28
N VAL B 106 -8.34 17.52 -34.54
CA VAL B 106 -9.00 18.71 -35.10
C VAL B 106 -8.22 19.93 -34.59
N LEU B 107 -7.36 20.48 -35.45
CA LEU B 107 -6.50 21.61 -35.10
C LEU B 107 -7.24 22.93 -34.95
N ALA B 108 -6.96 23.63 -33.82
CA ALA B 108 -7.48 24.95 -33.52
C ALA B 108 -6.48 25.91 -34.15
N TYR B 109 -6.77 26.38 -35.37
CA TYR B 109 -5.85 27.22 -36.12
C TYR B 109 -5.77 28.66 -35.64
N SER B 110 -4.56 29.08 -35.20
CA SER B 110 -4.23 30.46 -34.79
C SER B 110 -4.11 31.27 -36.09
N ASN B 111 -3.36 30.73 -37.08
CA ASN B 111 -3.22 31.24 -38.44
C ASN B 111 -3.65 30.10 -39.36
N VAL B 112 -4.85 30.22 -39.92
CA VAL B 112 -5.45 29.22 -40.81
C VAL B 112 -4.68 29.14 -42.15
N GLN B 113 -4.26 30.29 -42.71
CA GLN B 113 -3.52 30.41 -43.97
C GLN B 113 -2.22 29.59 -44.01
N GLU B 114 -1.35 29.79 -43.01
CA GLU B 114 -0.07 29.07 -42.92
C GLU B 114 -0.16 27.76 -42.11
N ARG B 115 -1.41 27.34 -41.81
CA ARG B 115 -1.78 26.13 -41.07
C ARG B 115 -1.03 25.99 -39.73
N GLU B 116 -1.05 27.07 -38.93
CA GLU B 116 -0.43 27.17 -37.61
C GLU B 116 -1.44 26.77 -36.54
N ALA B 117 -1.02 25.93 -35.58
CA ALA B 117 -1.87 25.47 -34.49
C ALA B 117 -1.01 25.09 -33.31
N GLN B 118 -1.42 25.53 -32.12
CA GLN B 118 -0.71 25.25 -30.86
C GLN B 118 -1.56 24.30 -30.02
N PHE B 119 -2.87 24.32 -30.27
CA PHE B 119 -3.85 23.50 -29.57
C PHE B 119 -4.80 22.81 -30.55
N GLY B 120 -5.69 21.98 -30.01
CA GLY B 120 -6.66 21.23 -30.77
C GLY B 120 -7.45 20.26 -29.92
N THR B 121 -8.36 19.51 -30.56
CA THR B 121 -9.23 18.55 -29.87
C THR B 121 -9.35 17.30 -30.69
N THR B 122 -9.36 16.13 -30.03
CA THR B 122 -9.54 14.85 -30.71
C THR B 122 -11.02 14.75 -31.07
N ALA B 123 -11.29 14.05 -32.19
CA ALA B 123 -12.64 13.82 -32.64
C ALA B 123 -12.80 12.31 -32.88
N GLU B 124 -13.81 11.68 -32.23
CA GLU B 124 -14.07 10.25 -32.34
C GLU B 124 -15.30 10.01 -33.19
N ILE B 125 -15.11 9.29 -34.33
CA ILE B 125 -16.16 8.93 -35.26
C ILE B 125 -17.09 7.94 -34.55
N TYR B 126 -18.37 8.30 -34.43
CA TYR B 126 -19.36 7.45 -33.79
C TYR B 126 -20.40 6.94 -34.80
N ALA B 127 -20.43 7.54 -36.01
CA ALA B 127 -21.33 7.15 -37.10
C ALA B 127 -20.67 7.42 -38.44
N TYR B 128 -20.98 6.59 -39.44
CA TYR B 128 -20.43 6.69 -40.80
C TYR B 128 -21.33 6.04 -41.84
N ARG B 129 -21.16 6.45 -43.09
CA ARG B 129 -21.85 5.87 -44.24
C ARG B 129 -21.04 6.07 -45.49
N GLU B 130 -20.75 4.98 -46.18
CA GLU B 130 -20.04 4.98 -47.46
C GLU B 130 -21.07 4.86 -48.57
N GLU B 131 -20.98 5.76 -49.56
CA GLU B 131 -21.91 5.82 -50.69
C GLU B 131 -21.15 5.85 -52.00
N GLN B 132 -21.67 5.16 -53.03
CA GLN B 132 -21.05 5.25 -54.35
C GLN B 132 -21.91 6.13 -55.27
N ASP B 133 -21.98 7.44 -54.90
CA ASP B 133 -22.70 8.51 -55.59
C ASP B 133 -21.93 9.00 -56.83
N PHE B 134 -22.50 8.77 -58.04
CA PHE B 134 -21.97 9.16 -59.37
C PHE B 134 -20.60 8.49 -59.68
N GLY B 135 -20.52 7.17 -59.44
CA GLY B 135 -19.32 6.35 -59.66
C GLY B 135 -18.16 6.65 -58.73
N ILE B 136 -18.32 7.65 -57.80
CA ILE B 136 -17.29 8.05 -56.84
C ILE B 136 -17.67 7.68 -55.40
N GLU B 137 -16.70 7.13 -54.65
CA GLU B 137 -16.87 6.74 -53.24
C GLU B 137 -16.87 8.03 -52.40
N ILE B 138 -17.96 8.23 -51.64
CA ILE B 138 -18.20 9.36 -50.75
C ILE B 138 -18.41 8.83 -49.33
N VAL B 139 -17.81 9.47 -48.31
CA VAL B 139 -18.02 9.02 -46.95
C VAL B 139 -18.53 10.18 -46.07
N LYS B 140 -19.69 9.96 -45.45
CA LYS B 140 -20.36 10.86 -44.52
C LYS B 140 -20.00 10.35 -43.11
N VAL B 141 -19.64 11.25 -42.22
CA VAL B 141 -19.18 10.90 -40.88
C VAL B 141 -19.79 11.82 -39.83
N LYS B 142 -20.08 11.29 -38.65
CA LYS B 142 -20.49 12.08 -37.47
C LYS B 142 -19.44 11.77 -36.42
N ALA B 143 -18.72 12.81 -35.98
CA ALA B 143 -17.67 12.72 -34.96
C ALA B 143 -18.06 13.56 -33.75
N ILE B 144 -17.42 13.30 -32.62
CA ILE B 144 -17.65 14.01 -31.38
C ILE B 144 -16.30 14.35 -30.77
N GLY B 145 -16.21 15.56 -30.24
CA GLY B 145 -15.04 16.07 -29.57
C GLY B 145 -14.83 15.31 -28.30
N ARG B 146 -13.59 14.84 -28.08
CA ARG B 146 -13.32 14.07 -26.89
C ARG B 146 -12.34 14.76 -25.96
N GLN B 147 -11.04 14.79 -26.35
CA GLN B 147 -9.97 15.33 -25.51
C GLN B 147 -9.23 16.51 -26.12
N ARG B 148 -8.91 17.49 -25.28
CA ARG B 148 -8.12 18.68 -25.63
C ARG B 148 -6.63 18.28 -25.69
N PHE B 149 -5.87 18.95 -26.56
CA PHE B 149 -4.44 18.66 -26.65
C PHE B 149 -3.60 19.88 -26.95
N LYS B 150 -2.30 19.74 -26.71
CA LYS B 150 -1.23 20.65 -27.01
C LYS B 150 -0.48 20.00 -28.18
N VAL B 151 -0.30 20.75 -29.27
CA VAL B 151 0.42 20.29 -30.46
C VAL B 151 1.90 20.37 -30.15
N LEU B 152 2.61 19.26 -30.30
CA LEU B 152 4.05 19.15 -30.05
C LEU B 152 4.79 19.21 -31.37
N GLU B 153 4.25 18.58 -32.43
CA GLU B 153 4.85 18.58 -33.76
C GLU B 153 3.76 18.29 -34.81
N LEU B 154 3.93 18.81 -36.03
CA LEU B 154 3.06 18.53 -37.17
C LEU B 154 3.96 18.10 -38.30
N ARG B 155 3.68 16.91 -38.85
CA ARG B 155 4.42 16.33 -39.93
C ARG B 155 3.51 15.90 -41.05
N THR B 156 3.70 16.48 -42.24
CA THR B 156 2.97 16.10 -43.45
C THR B 156 3.75 14.96 -44.12
N GLN B 157 3.10 13.82 -44.39
CA GLN B 157 3.78 12.65 -44.98
C GLN B 157 3.81 12.73 -46.52
N SER B 158 4.63 11.86 -47.16
CA SER B 158 4.79 11.72 -48.62
C SER B 158 3.48 11.50 -49.41
N ASP B 159 2.36 11.23 -48.70
CA ASP B 159 1.01 10.99 -49.27
C ASP B 159 0.19 12.31 -49.33
N GLY B 160 0.64 13.34 -48.61
CA GLY B 160 -0.04 14.63 -48.52
C GLY B 160 -0.91 14.77 -47.27
N ILE B 161 -1.07 13.63 -46.52
CA ILE B 161 -1.86 13.53 -45.29
C ILE B 161 -0.97 13.73 -44.07
N GLN B 162 -1.36 14.63 -43.18
CA GLN B 162 -0.51 14.96 -42.05
C GLN B 162 -0.93 14.35 -40.71
N GLN B 163 0.08 14.09 -39.85
CA GLN B 163 -0.03 13.50 -38.52
C GLN B 163 0.40 14.54 -37.49
N ALA B 164 -0.30 14.58 -36.36
CA ALA B 164 0.02 15.49 -35.27
C ALA B 164 0.56 14.75 -34.06
N LYS B 165 1.78 15.13 -33.59
CA LYS B 165 2.38 14.64 -32.36
C LYS B 165 1.76 15.55 -31.32
N VAL B 166 0.98 14.97 -30.44
CA VAL B 166 0.12 15.68 -29.50
C VAL B 166 0.31 15.25 -28.05
N GLN B 167 0.02 16.13 -27.10
CA GLN B 167 0.06 15.88 -25.66
C GLN B 167 -1.34 16.14 -25.09
N ILE B 168 -1.98 15.09 -24.52
CA ILE B 168 -3.33 15.14 -23.98
C ILE B 168 -3.35 16.02 -22.75
N LEU B 169 -4.15 17.11 -22.81
CA LEU B 169 -4.29 18.07 -21.72
C LEU B 169 -5.28 17.55 -20.69
N PRO B 170 -4.86 17.42 -19.41
CA PRO B 170 -5.79 16.94 -18.38
C PRO B 170 -6.90 17.94 -18.00
N GLU B 171 -8.04 17.41 -17.51
CA GLU B 171 -9.18 18.18 -17.02
C GLU B 171 -9.01 18.38 -15.51
N CYS B 172 -8.76 19.62 -15.11
CA CYS B 172 -8.55 19.94 -13.71
C CYS B 172 -9.84 20.02 -12.90
N VAL B 173 -9.99 19.12 -11.93
CA VAL B 173 -11.15 19.06 -11.02
C VAL B 173 -10.66 19.55 -9.68
N LEU B 174 -11.25 20.64 -9.17
CA LEU B 174 -10.86 21.17 -7.87
C LEU B 174 -11.90 20.82 -6.81
N PRO B 175 -11.50 20.62 -5.52
CA PRO B 175 -12.53 20.40 -4.49
C PRO B 175 -13.22 21.72 -4.16
N SER B 176 -14.26 21.71 -3.28
CA SER B 176 -14.89 22.95 -2.81
C SER B 176 -13.80 23.84 -2.22
N THR B 177 -13.92 25.14 -2.46
CA THR B 177 -12.95 26.13 -1.97
C THR B 177 -12.86 26.10 -0.41
N MET B 178 -13.93 25.60 0.25
CA MET B 178 -14.06 25.46 1.69
C MET B 178 -13.51 24.15 2.25
N SER B 179 -13.17 23.17 1.41
CA SER B 179 -12.65 21.86 1.85
C SER B 179 -11.45 21.97 2.79
N ALA B 180 -10.47 22.86 2.45
CA ALA B 180 -9.27 23.11 3.26
C ALA B 180 -9.51 24.15 4.39
N VAL B 181 -10.74 24.66 4.50
CA VAL B 181 -11.03 25.71 5.48
C VAL B 181 -12.34 25.46 6.22
N GLN B 182 -12.73 24.20 6.45
CA GLN B 182 -13.98 23.91 7.13
C GLN B 182 -13.72 23.45 8.58
N LEU B 183 -14.60 23.88 9.53
CA LEU B 183 -14.54 23.45 10.92
C LEU B 183 -15.27 22.11 10.99
N GLU B 184 -14.62 21.11 11.62
CA GLU B 184 -15.10 19.73 11.74
C GLU B 184 -16.45 19.61 12.45
N SER B 185 -16.76 20.55 13.40
CA SER B 185 -18.02 20.61 14.14
C SER B 185 -19.21 21.02 13.24
N LEU B 186 -18.91 21.76 12.14
CA LEU B 186 -19.90 22.27 11.18
C LEU B 186 -20.03 21.38 9.95
N ASN B 187 -19.36 20.22 9.98
CA ASN B 187 -19.36 19.24 8.89
C ASN B 187 -20.78 18.66 8.67
N LYS B 188 -21.52 18.39 9.76
CA LYS B 188 -22.89 17.85 9.76
C LYS B 188 -23.98 18.87 9.30
N CYS B 189 -23.55 20.10 8.98
CA CYS B 189 -24.38 21.21 8.51
C CYS B 189 -24.20 21.44 7.00
N GLN B 190 -23.25 20.71 6.39
CA GLN B 190 -22.89 20.84 4.98
C GLN B 190 -23.89 20.23 4.01
N ILE B 191 -24.82 19.39 4.50
CA ILE B 191 -25.88 18.82 3.67
C ILE B 191 -27.11 19.75 3.88
N PHE B 192 -27.72 20.26 2.78
CA PHE B 192 -28.84 21.21 2.87
C PHE B 192 -30.15 20.68 2.29
N PRO B 193 -31.31 21.01 2.92
CA PRO B 193 -32.60 20.53 2.38
C PRO B 193 -33.08 21.38 1.20
N CYS B 203 -39.43 29.99 -4.09
CA CYS B 203 -38.52 31.12 -3.81
C CYS B 203 -37.05 30.67 -3.83
N SER B 204 -36.48 30.58 -5.05
CA SER B 204 -35.10 30.16 -5.30
C SER B 204 -34.05 31.12 -4.75
N TYR B 205 -34.33 32.45 -4.74
CA TYR B 205 -33.45 33.50 -4.21
C TYR B 205 -33.14 33.32 -2.69
N LYS B 206 -34.18 32.98 -1.89
CA LYS B 206 -34.05 32.76 -0.45
C LYS B 206 -33.23 31.49 -0.22
N TRP B 207 -33.38 30.49 -1.12
CA TRP B 207 -32.66 29.22 -1.05
C TRP B 207 -31.16 29.42 -1.32
N TRP B 208 -30.83 30.23 -2.34
CA TRP B 208 -29.47 30.51 -2.73
C TRP B 208 -28.75 31.34 -1.69
N GLN B 209 -29.49 32.22 -1.01
CA GLN B 209 -29.00 33.04 0.11
C GLN B 209 -28.55 32.14 1.27
N LYS B 210 -29.33 31.08 1.58
CA LYS B 210 -29.06 30.10 2.63
C LYS B 210 -27.97 29.14 2.21
N TYR B 211 -27.89 28.83 0.90
CA TYR B 211 -26.87 27.97 0.33
C TYR B 211 -25.50 28.64 0.60
N GLN B 212 -25.38 29.92 0.21
CA GLN B 212 -24.18 30.74 0.36
C GLN B 212 -23.78 30.92 1.83
N LYS B 213 -24.75 31.18 2.74
CA LYS B 213 -24.47 31.35 4.16
C LYS B 213 -23.94 30.09 4.85
N ARG B 214 -24.45 28.92 4.44
CA ARG B 214 -24.08 27.62 5.03
C ARG B 214 -22.87 27.01 4.39
N LYS B 215 -22.79 26.99 3.06
CA LYS B 215 -21.64 26.41 2.35
C LYS B 215 -20.34 27.19 2.61
N PHE B 216 -20.45 28.53 2.67
CA PHE B 216 -19.32 29.43 2.82
C PHE B 216 -19.20 30.06 4.19
N HIS B 217 -19.77 29.42 5.25
CA HIS B 217 -19.69 29.95 6.60
C HIS B 217 -18.24 30.09 7.06
N CYS B 218 -17.40 29.09 6.75
CA CYS B 218 -16.03 29.09 7.20
C CYS B 218 -15.11 30.01 6.39
N ALA B 219 -15.68 30.89 5.56
CA ALA B 219 -14.95 31.94 4.86
C ALA B 219 -14.47 33.01 5.89
N ASN B 220 -15.07 33.04 7.10
CA ASN B 220 -14.69 33.97 8.19
C ASN B 220 -13.39 33.56 8.88
N LEU B 221 -12.82 32.41 8.51
CA LEU B 221 -11.52 31.96 9.01
C LEU B 221 -10.42 32.44 8.03
N THR B 222 -10.85 33.02 6.87
CA THR B 222 -9.98 33.49 5.78
C THR B 222 -9.98 35.03 5.57
N SER B 223 -9.32 35.43 4.48
CA SER B 223 -9.14 36.83 4.06
C SER B 223 -10.30 37.38 3.23
N TRP B 224 -11.24 36.50 2.82
CA TRP B 224 -12.32 36.85 1.90
C TRP B 224 -13.74 36.55 2.40
N PRO B 225 -14.73 37.31 1.87
CA PRO B 225 -16.14 37.06 2.26
C PRO B 225 -16.80 35.92 1.48
N ARG B 226 -17.99 35.48 1.95
CA ARG B 226 -18.78 34.42 1.32
C ARG B 226 -19.08 34.73 -0.11
N TRP B 227 -19.44 36.01 -0.39
CA TRP B 227 -19.81 36.45 -1.74
C TRP B 227 -18.67 36.30 -2.76
N LEU B 228 -17.40 36.32 -2.32
CA LEU B 228 -16.28 36.11 -3.22
C LEU B 228 -16.16 34.62 -3.56
N TYR B 229 -16.30 33.74 -2.56
CA TYR B 229 -16.22 32.32 -2.81
C TYR B 229 -17.29 31.85 -3.75
N SER B 230 -18.50 32.49 -3.71
CA SER B 230 -19.63 32.19 -4.61
C SER B 230 -19.28 32.35 -6.09
N LEU B 231 -18.41 33.32 -6.39
CA LEU B 231 -17.96 33.65 -7.74
C LEU B 231 -17.04 32.58 -8.30
N TYR B 232 -16.60 31.63 -7.46
CA TYR B 232 -15.74 30.53 -7.87
C TYR B 232 -16.40 29.18 -7.50
N ASP B 233 -17.74 29.19 -7.28
CA ASP B 233 -18.50 28.00 -6.93
C ASP B 233 -19.23 27.45 -8.14
N ALA B 234 -18.85 26.21 -8.60
CA ALA B 234 -19.42 25.53 -9.76
C ALA B 234 -20.93 25.57 -9.86
N GLU B 235 -21.63 25.16 -8.80
CA GLU B 235 -23.09 25.10 -8.71
C GLU B 235 -23.75 26.46 -8.89
N THR B 236 -23.20 27.50 -8.25
CA THR B 236 -23.67 28.88 -8.33
C THR B 236 -23.44 29.43 -9.71
N LEU B 237 -22.23 29.25 -10.25
CA LEU B 237 -21.87 29.67 -11.62
C LEU B 237 -22.78 28.98 -12.68
N MET B 238 -23.03 27.64 -12.52
CA MET B 238 -23.92 26.86 -13.41
C MET B 238 -25.36 27.37 -13.28
N ASP B 239 -25.80 27.76 -12.05
CA ASP B 239 -27.15 28.31 -11.89
C ASP B 239 -27.31 29.69 -12.52
N ARG B 240 -26.22 30.46 -12.58
CA ARG B 240 -26.21 31.78 -13.19
C ARG B 240 -26.29 31.62 -14.70
N ILE B 241 -25.57 30.59 -15.26
CA ILE B 241 -25.57 30.27 -16.70
C ILE B 241 -26.95 29.75 -17.12
N LYS B 242 -27.53 28.79 -16.35
CA LYS B 242 -28.87 28.27 -16.59
C LYS B 242 -29.87 29.39 -16.75
N LYS B 243 -29.75 30.48 -15.97
CA LYS B 243 -30.67 31.63 -16.04
C LYS B 243 -30.62 32.35 -17.41
N GLN B 244 -29.47 32.31 -18.08
CA GLN B 244 -29.25 32.89 -19.39
C GLN B 244 -29.66 31.89 -20.51
N LEU B 245 -29.44 30.59 -20.28
CA LEU B 245 -29.81 29.53 -21.19
C LEU B 245 -31.33 29.41 -21.27
N ARG B 246 -32.05 29.68 -20.14
CA ARG B 246 -33.51 29.68 -20.06
C ARG B 246 -34.05 30.87 -20.87
N GLU B 247 -33.29 31.97 -20.90
CA GLU B 247 -33.60 33.16 -21.70
C GLU B 247 -33.57 32.85 -23.24
N TRP B 248 -32.85 31.76 -23.63
CA TRP B 248 -32.66 31.28 -25.00
C TRP B 248 -33.58 30.10 -25.40
N ASP B 249 -33.92 29.21 -24.45
CA ASP B 249 -34.73 28.00 -24.66
C ASP B 249 -35.69 27.77 -23.50
N GLU B 250 -36.91 27.26 -23.80
CA GLU B 250 -37.91 27.00 -22.75
C GLU B 250 -37.86 25.57 -22.13
N ASN B 251 -36.89 24.74 -22.57
CA ASN B 251 -36.66 23.39 -22.04
C ASN B 251 -36.04 23.50 -20.63
N LEU B 252 -36.48 22.66 -19.70
CA LEU B 252 -36.01 22.68 -18.31
C LEU B 252 -34.65 22.06 -18.07
N LYS B 253 -33.92 22.63 -17.10
CA LYS B 253 -32.59 22.22 -16.62
C LYS B 253 -32.62 20.74 -16.21
N ASP B 254 -33.74 20.36 -15.54
CA ASP B 254 -34.13 19.05 -15.01
C ASP B 254 -33.54 17.86 -15.79
N ASP B 255 -33.66 17.89 -17.11
CA ASP B 255 -33.22 16.81 -17.99
C ASP B 255 -32.08 17.25 -18.92
N SER B 256 -32.40 18.13 -19.90
CA SER B 256 -31.54 18.65 -20.97
C SER B 256 -30.11 19.04 -20.56
N LEU B 257 -29.94 19.79 -19.46
CA LEU B 257 -28.61 20.29 -19.04
C LEU B 257 -27.87 19.35 -18.08
N PRO B 258 -26.53 19.08 -18.31
CA PRO B 258 -25.79 18.17 -17.41
C PRO B 258 -25.55 18.74 -16.01
N SER B 259 -25.30 17.84 -15.04
CA SER B 259 -25.04 18.16 -13.65
C SER B 259 -23.54 18.27 -13.35
N ASN B 260 -22.69 17.61 -14.19
CA ASN B 260 -21.23 17.68 -14.03
C ASN B 260 -20.72 19.03 -14.54
N PRO B 261 -20.00 19.84 -13.72
CA PRO B 261 -19.48 21.13 -14.20
C PRO B 261 -18.67 21.00 -15.49
N ILE B 262 -17.82 19.95 -15.63
CA ILE B 262 -17.01 19.72 -16.84
C ILE B 262 -17.89 19.67 -18.11
N ASP B 263 -18.91 18.80 -18.12
CA ASP B 263 -19.82 18.61 -19.24
C ASP B 263 -20.66 19.83 -19.50
N PHE B 264 -21.20 20.44 -18.42
CA PHE B 264 -22.01 21.66 -18.52
C PHE B 264 -21.15 22.76 -19.20
N SER B 265 -19.94 23.01 -18.65
CA SER B 265 -19.04 24.03 -19.17
C SER B 265 -18.72 23.81 -20.64
N TYR B 266 -18.52 22.56 -21.07
CA TYR B 266 -18.23 22.25 -22.49
C TYR B 266 -19.45 22.42 -23.36
N ARG B 267 -20.63 22.01 -22.87
CA ARG B 267 -21.91 22.17 -23.58
C ARG B 267 -22.19 23.66 -23.86
N VAL B 268 -21.91 24.56 -22.89
CA VAL B 268 -22.10 26.00 -23.04
C VAL B 268 -21.05 26.60 -24.00
N ALA B 269 -19.78 26.19 -23.89
CA ALA B 269 -18.68 26.63 -24.75
C ALA B 269 -18.94 26.37 -26.23
N ALA B 270 -19.59 25.24 -26.53
CA ALA B 270 -19.91 24.81 -27.89
C ALA B 270 -20.93 25.71 -28.58
N CYS B 271 -21.85 26.30 -27.80
CA CYS B 271 -22.88 27.11 -28.40
C CYS B 271 -22.74 28.64 -28.12
N LEU B 272 -21.54 29.13 -27.76
CA LEU B 272 -21.26 30.57 -27.60
C LEU B 272 -20.77 31.15 -28.91
N PRO B 273 -21.47 32.16 -29.50
CA PRO B 273 -21.01 32.72 -30.78
C PRO B 273 -19.85 33.70 -30.66
N ILE B 274 -18.64 33.16 -30.49
CA ILE B 274 -17.42 33.96 -30.37
C ILE B 274 -16.46 33.68 -31.52
N ASP B 275 -15.54 34.60 -31.76
CA ASP B 275 -14.52 34.46 -32.79
C ASP B 275 -13.48 33.41 -32.41
N ASP B 276 -12.67 32.98 -33.37
CA ASP B 276 -11.66 31.92 -33.21
C ASP B 276 -10.58 32.22 -32.18
N VAL B 277 -10.18 33.49 -32.05
CA VAL B 277 -9.15 33.89 -31.09
C VAL B 277 -9.67 33.69 -29.65
N LEU B 278 -10.95 34.02 -29.42
CA LEU B 278 -11.60 33.83 -28.13
C LEU B 278 -11.84 32.34 -27.85
N ARG B 279 -12.31 31.60 -28.86
CA ARG B 279 -12.56 30.16 -28.73
C ARG B 279 -11.29 29.38 -28.42
N ILE B 280 -10.14 29.78 -28.98
CA ILE B 280 -8.84 29.14 -28.70
C ILE B 280 -8.51 29.36 -27.21
N GLN B 281 -8.69 30.58 -26.70
CA GLN B 281 -8.43 30.91 -25.30
C GLN B 281 -9.32 30.07 -24.38
N LEU B 282 -10.60 29.93 -24.77
CA LEU B 282 -11.57 29.12 -24.05
C LEU B 282 -11.14 27.64 -24.08
N LEU B 283 -10.64 27.14 -25.22
CA LEU B 283 -10.15 25.76 -25.35
C LEU B 283 -8.91 25.50 -24.47
N LYS B 284 -8.05 26.51 -24.29
CA LYS B 284 -6.85 26.46 -23.44
C LYS B 284 -7.17 26.31 -21.92
N ILE B 285 -8.42 26.62 -21.49
CA ILE B 285 -8.84 26.51 -20.08
C ILE B 285 -8.99 25.02 -19.68
N GLY B 286 -8.28 24.63 -18.60
CA GLY B 286 -8.29 23.30 -18.02
C GLY B 286 -9.24 23.08 -16.86
N SER B 287 -9.66 24.17 -16.17
CA SER B 287 -10.57 24.08 -15.05
C SER B 287 -12.00 24.42 -15.46
N ALA B 288 -12.97 23.59 -15.06
CA ALA B 288 -14.37 23.89 -15.31
C ALA B 288 -14.79 25.20 -14.65
N ILE B 289 -14.29 25.52 -13.44
CA ILE B 289 -14.61 26.79 -12.73
C ILE B 289 -14.25 27.98 -13.62
N GLN B 290 -13.02 28.00 -14.12
CA GLN B 290 -12.49 29.06 -14.99
C GLN B 290 -13.24 29.16 -16.31
N ARG B 291 -13.66 28.01 -16.87
CA ARG B 291 -14.41 27.91 -18.13
C ARG B 291 -15.81 28.49 -17.94
N LEU B 292 -16.54 28.05 -16.89
CA LEU B 292 -17.86 28.58 -16.53
C LEU B 292 -17.79 30.09 -16.26
N ARG B 293 -16.76 30.56 -15.54
CA ARG B 293 -16.62 31.99 -15.21
C ARG B 293 -16.43 32.83 -16.46
N CYS B 294 -15.58 32.34 -17.35
CA CYS B 294 -15.19 32.93 -18.61
C CYS B 294 -16.40 33.04 -19.58
N GLU B 295 -17.29 32.03 -19.54
CA GLU B 295 -18.51 31.96 -20.34
C GLU B 295 -19.49 32.99 -19.87
N LEU B 296 -19.69 33.10 -18.55
CA LEU B 296 -20.59 34.07 -17.93
C LEU B 296 -20.18 35.46 -18.26
N ASP B 297 -18.87 35.71 -18.28
CA ASP B 297 -18.32 37.02 -18.60
C ASP B 297 -18.53 37.41 -20.08
N ILE B 298 -18.38 36.46 -20.98
CA ILE B 298 -18.63 36.66 -22.42
C ILE B 298 -20.12 36.97 -22.64
N MET B 299 -20.99 36.17 -22.00
CA MET B 299 -22.44 36.31 -22.01
C MET B 299 -22.93 37.65 -21.48
N ASN B 300 -22.17 38.29 -20.60
CA ASN B 300 -22.58 39.57 -20.05
C ASN B 300 -21.96 40.75 -20.81
N LYS B 301 -20.66 40.65 -21.17
CA LYS B 301 -19.89 41.67 -21.89
C LYS B 301 -20.37 41.84 -23.35
N CYS B 302 -20.27 40.77 -24.16
CA CYS B 302 -20.60 40.79 -25.57
C CYS B 302 -22.07 40.73 -25.78
N THR B 303 -22.68 41.90 -25.95
CA THR B 303 -24.13 41.97 -26.22
C THR B 303 -24.44 42.13 -27.75
N SER B 304 -23.48 42.68 -28.51
CA SER B 304 -23.62 42.91 -29.94
C SER B 304 -22.83 41.90 -30.78
N LEU B 305 -23.34 41.57 -32.00
CA LEU B 305 -22.68 40.67 -32.95
C LEU B 305 -22.59 41.39 -34.29
N CYS B 306 -21.37 41.69 -34.68
CA CYS B 306 -21.09 42.43 -35.90
C CYS B 306 -20.54 41.56 -36.97
N CYS B 307 -20.46 42.10 -38.18
CA CYS B 307 -19.84 41.45 -39.32
C CYS B 307 -18.32 41.47 -39.06
N LYS B 308 -17.63 40.32 -39.19
CA LYS B 308 -16.19 40.22 -38.94
C LYS B 308 -15.37 41.04 -39.93
N GLN B 309 -15.77 41.06 -41.20
CA GLN B 309 -15.10 41.82 -42.26
C GLN B 309 -15.20 43.36 -42.08
N CYS B 310 -16.36 43.84 -41.63
CA CYS B 310 -16.65 45.25 -41.37
C CYS B 310 -16.12 45.67 -40.03
N GLN B 311 -16.35 44.81 -39.01
CA GLN B 311 -16.04 44.98 -37.59
C GLN B 311 -16.97 45.99 -36.93
N GLU B 312 -17.55 46.92 -37.72
CA GLU B 312 -18.43 47.97 -37.21
C GLU B 312 -19.89 47.78 -37.60
N THR B 313 -20.19 46.86 -38.53
CA THR B 313 -21.57 46.63 -38.96
C THR B 313 -22.30 45.60 -38.09
N GLU B 314 -23.27 46.08 -37.30
CA GLU B 314 -24.10 45.26 -36.42
C GLU B 314 -25.05 44.38 -37.21
N ILE B 315 -25.07 43.08 -36.88
CA ILE B 315 -25.95 42.09 -37.51
C ILE B 315 -27.08 41.67 -36.56
N THR B 316 -26.75 41.37 -35.29
CA THR B 316 -27.74 40.98 -34.29
C THR B 316 -27.20 41.29 -32.86
N THR B 317 -28.03 41.00 -31.85
CA THR B 317 -27.72 41.18 -30.42
C THR B 317 -28.07 39.87 -29.71
N LYS B 318 -27.57 39.70 -28.46
CA LYS B 318 -27.84 38.49 -27.65
C LYS B 318 -29.33 38.31 -27.33
N ASN B 319 -30.09 39.40 -27.37
CA ASN B 319 -31.53 39.39 -27.10
C ASN B 319 -32.32 38.64 -28.17
N GLU B 320 -31.71 38.47 -29.37
CA GLU B 320 -32.35 37.80 -30.49
C GLU B 320 -31.98 36.34 -30.60
N ILE B 321 -30.96 35.92 -29.83
CA ILE B 321 -30.46 34.54 -29.76
C ILE B 321 -31.54 33.62 -29.15
N PHE B 322 -31.78 32.48 -29.78
CA PHE B 322 -32.74 31.49 -29.32
C PHE B 322 -32.33 30.11 -29.79
N SER B 323 -32.76 29.06 -29.07
CA SER B 323 -32.43 27.68 -29.41
C SER B 323 -33.54 27.02 -30.23
N LEU B 324 -33.18 26.58 -31.44
CA LEU B 324 -34.06 25.84 -32.32
C LEU B 324 -33.63 24.36 -32.29
N SER B 325 -32.56 24.08 -31.55
CA SER B 325 -31.96 22.76 -31.36
C SER B 325 -31.67 22.53 -29.84
N LEU B 326 -31.76 21.26 -29.39
CA LEU B 326 -31.52 20.80 -28.03
C LEU B 326 -30.12 21.18 -27.55
N CYS B 327 -29.16 21.31 -28.50
CA CYS B 327 -27.77 21.68 -28.27
C CYS B 327 -27.61 23.09 -27.80
N GLY B 328 -28.56 23.92 -28.20
CA GLY B 328 -28.57 25.33 -27.85
C GLY B 328 -28.80 26.17 -29.07
N PRO B 329 -28.38 27.45 -29.03
CA PRO B 329 -28.63 28.32 -30.18
C PRO B 329 -27.71 28.08 -31.38
N MET B 330 -26.55 27.44 -31.18
CA MET B 330 -25.57 27.23 -32.22
C MET B 330 -25.05 25.80 -32.25
N ALA B 331 -24.94 25.22 -33.47
CA ALA B 331 -24.42 23.89 -33.74
C ALA B 331 -23.77 23.85 -35.13
N ALA B 332 -22.91 22.85 -35.36
CA ALA B 332 -22.22 22.64 -36.63
C ALA B 332 -23.06 21.75 -37.52
N TYR B 333 -23.17 22.16 -38.80
CA TYR B 333 -23.86 21.46 -39.87
C TYR B 333 -22.94 21.44 -41.06
N VAL B 334 -23.10 20.45 -41.94
CA VAL B 334 -22.28 20.28 -43.13
C VAL B 334 -23.17 20.54 -44.38
N ASN B 335 -22.62 21.25 -45.36
CA ASN B 335 -23.35 21.57 -46.58
C ASN B 335 -23.11 20.47 -47.65
N PRO B 336 -23.77 20.48 -48.84
CA PRO B 336 -23.59 19.36 -49.82
C PRO B 336 -22.18 19.12 -50.35
N HIS B 337 -21.28 20.08 -50.22
CA HIS B 337 -19.91 20.04 -50.70
C HIS B 337 -18.90 19.95 -49.52
N GLY B 338 -19.40 19.57 -48.37
CA GLY B 338 -18.59 19.32 -47.18
C GLY B 338 -18.11 20.49 -46.37
N TYR B 339 -18.66 21.70 -46.63
CA TYR B 339 -18.35 22.90 -45.86
C TYR B 339 -19.18 22.87 -44.63
N VAL B 340 -18.52 23.00 -43.48
CA VAL B 340 -19.08 22.98 -42.16
C VAL B 340 -19.32 24.41 -41.65
N HIS B 341 -20.53 24.67 -41.18
CA HIS B 341 -20.93 25.97 -40.67
C HIS B 341 -21.49 25.81 -39.29
N GLU B 342 -20.94 26.54 -38.32
CA GLU B 342 -21.52 26.60 -36.99
C GLU B 342 -22.57 27.69 -37.12
N THR B 343 -23.83 27.26 -37.12
CA THR B 343 -24.97 28.11 -37.39
C THR B 343 -25.73 28.43 -36.11
N LEU B 344 -25.72 29.75 -35.79
CA LEU B 344 -26.38 30.41 -34.67
C LEU B 344 -27.74 30.90 -35.14
N THR B 345 -28.82 30.39 -34.54
CA THR B 345 -30.22 30.77 -34.84
C THR B 345 -30.66 32.01 -34.03
N VAL B 346 -31.12 33.07 -34.74
CA VAL B 346 -31.59 34.32 -34.15
C VAL B 346 -32.93 34.71 -34.74
N TYR B 347 -33.76 35.42 -33.94
CA TYR B 347 -35.09 35.86 -34.35
C TYR B 347 -35.04 36.96 -35.37
N LYS B 348 -34.19 37.97 -35.11
CA LYS B 348 -34.02 39.14 -35.95
C LYS B 348 -32.54 39.43 -36.20
N ALA B 349 -32.27 39.91 -37.42
CA ALA B 349 -30.97 40.35 -37.91
C ALA B 349 -31.24 41.58 -38.77
N CYS B 350 -30.26 42.50 -38.80
CA CYS B 350 -30.31 43.73 -39.59
C CYS B 350 -29.02 43.84 -40.41
N ASN B 351 -28.96 44.76 -41.38
CA ASN B 351 -27.82 45.05 -42.27
C ASN B 351 -27.48 43.90 -43.19
N LEU B 352 -28.54 43.16 -43.60
CA LEU B 352 -28.39 42.01 -44.47
C LEU B 352 -29.25 42.08 -45.72
N ASN B 353 -28.67 41.73 -46.88
CA ASN B 353 -29.36 41.64 -48.17
C ASN B 353 -29.59 40.16 -48.49
N LEU B 354 -30.75 39.84 -49.06
CA LEU B 354 -31.09 38.48 -49.41
C LEU B 354 -30.77 38.22 -50.87
N ILE B 355 -29.99 37.17 -51.15
CA ILE B 355 -29.62 36.84 -52.52
C ILE B 355 -30.46 35.69 -53.03
N GLY B 356 -31.17 35.92 -54.11
CA GLY B 356 -32.01 34.92 -54.74
C GLY B 356 -33.36 34.70 -54.10
N ARG B 357 -33.90 33.50 -54.28
CA ARG B 357 -35.21 33.08 -53.82
C ARG B 357 -35.05 31.92 -52.81
N PRO B 358 -36.04 31.62 -51.92
CA PRO B 358 -35.82 30.53 -50.96
C PRO B 358 -35.72 29.15 -51.60
N SER B 359 -35.00 28.24 -50.94
CA SER B 359 -34.81 26.86 -51.36
C SER B 359 -34.89 25.93 -50.15
N THR B 360 -35.45 24.73 -50.34
CA THR B 360 -35.56 23.70 -49.28
C THR B 360 -34.45 22.64 -49.42
N GLU B 361 -33.67 22.72 -50.51
CA GLU B 361 -32.59 21.80 -50.88
C GLU B 361 -31.50 21.76 -49.83
N HIS B 362 -31.33 20.61 -49.17
CA HIS B 362 -30.34 20.32 -48.15
C HIS B 362 -30.51 21.20 -46.89
N SER B 363 -31.77 21.62 -46.58
CA SER B 363 -32.09 22.45 -45.40
C SER B 363 -31.80 21.74 -44.09
N TRP B 364 -31.03 22.39 -43.21
CA TRP B 364 -30.60 21.89 -41.90
C TRP B 364 -31.72 21.95 -40.85
N PHE B 365 -32.79 22.68 -41.17
CA PHE B 365 -33.95 22.88 -40.30
C PHE B 365 -35.15 22.47 -41.10
N PRO B 366 -35.47 21.15 -41.10
CA PRO B 366 -36.56 20.64 -41.95
C PRO B 366 -37.90 21.32 -41.72
N GLY B 367 -38.47 21.80 -42.82
CA GLY B 367 -39.72 22.55 -42.80
C GLY B 367 -39.47 24.01 -43.11
N TYR B 368 -38.20 24.39 -43.17
CA TYR B 368 -37.78 25.75 -43.48
C TYR B 368 -36.98 25.78 -44.76
N ALA B 369 -37.19 26.83 -45.54
CA ALA B 369 -36.45 27.10 -46.76
C ALA B 369 -35.36 28.16 -46.40
N TRP B 370 -34.19 28.09 -47.04
CA TRP B 370 -33.10 29.05 -46.82
C TRP B 370 -32.91 30.02 -48.01
N THR B 371 -32.48 31.25 -47.73
CA THR B 371 -32.09 32.28 -48.70
C THR B 371 -30.77 32.86 -48.23
N VAL B 372 -29.72 32.80 -49.03
CA VAL B 372 -28.38 33.37 -48.70
C VAL B 372 -28.47 34.84 -48.22
N ALA B 373 -27.84 35.19 -47.09
CA ALA B 373 -27.83 36.57 -46.56
C ALA B 373 -26.42 37.12 -46.52
N GLN B 374 -26.18 38.25 -47.18
CA GLN B 374 -24.89 38.93 -47.21
C GLN B 374 -24.97 40.26 -46.46
N CYS B 375 -23.82 40.76 -46.02
CA CYS B 375 -23.70 42.07 -45.39
C CYS B 375 -23.94 43.13 -46.46
N LYS B 376 -24.74 44.17 -46.11
CA LYS B 376 -25.07 45.29 -46.99
C LYS B 376 -23.84 46.14 -47.38
N ILE B 377 -22.78 46.12 -46.55
CA ILE B 377 -21.61 46.96 -46.77
C ILE B 377 -20.53 46.26 -47.56
N CYS B 378 -20.07 45.11 -47.08
CA CYS B 378 -18.97 44.42 -47.73
C CYS B 378 -19.39 43.22 -48.58
N ALA B 379 -20.70 42.89 -48.61
CA ALA B 379 -21.28 41.77 -49.34
C ALA B 379 -20.75 40.38 -48.94
N SER B 380 -20.11 40.28 -47.73
CA SER B 380 -19.59 39.03 -47.17
C SER B 380 -20.76 38.19 -46.74
N HIS B 381 -20.66 36.86 -46.95
CA HIS B 381 -21.70 35.90 -46.57
C HIS B 381 -21.79 35.84 -45.07
N ILE B 382 -22.99 36.21 -44.53
CA ILE B 382 -23.18 36.20 -43.08
C ILE B 382 -23.95 34.94 -42.65
N GLY B 383 -24.86 34.48 -43.48
CA GLY B 383 -25.64 33.29 -43.21
C GLY B 383 -26.80 33.14 -44.17
N TRP B 384 -27.95 32.76 -43.64
CA TRP B 384 -29.16 32.50 -44.42
C TRP B 384 -30.36 32.92 -43.60
N LYS B 385 -31.43 33.32 -44.29
CA LYS B 385 -32.71 33.58 -43.65
C LYS B 385 -33.49 32.29 -43.86
N PHE B 386 -34.11 31.77 -42.79
CA PHE B 386 -34.96 30.59 -42.85
C PHE B 386 -36.40 31.02 -42.74
N THR B 387 -37.21 30.64 -43.73
CA THR B 387 -38.64 30.96 -43.84
C THR B 387 -39.42 29.67 -43.91
N ALA B 388 -40.48 29.55 -43.07
CA ALA B 388 -41.38 28.40 -42.93
C ALA B 388 -42.07 28.08 -44.24
N THR B 389 -42.25 26.79 -44.53
CA THR B 389 -42.94 26.30 -45.73
C THR B 389 -44.44 26.17 -45.49
N LYS B 390 -44.84 25.93 -44.22
CA LYS B 390 -46.24 25.79 -43.79
C LYS B 390 -46.63 26.98 -42.89
N LYS B 391 -47.86 27.49 -43.09
CA LYS B 391 -48.41 28.64 -42.37
C LYS B 391 -48.62 28.38 -40.87
N ASP B 392 -48.84 27.13 -40.50
CA ASP B 392 -49.07 26.67 -39.13
C ASP B 392 -47.79 26.63 -38.26
N MET B 393 -46.60 26.65 -38.90
CA MET B 393 -45.29 26.58 -38.25
C MET B 393 -44.94 27.83 -37.49
N SER B 394 -44.28 27.66 -36.34
CA SER B 394 -43.75 28.76 -35.56
C SER B 394 -42.34 28.45 -35.05
N PRO B 395 -41.36 29.39 -35.15
CA PRO B 395 -41.45 30.73 -35.77
C PRO B 395 -41.67 30.65 -37.28
N GLN B 396 -42.27 31.70 -37.86
CA GLN B 396 -42.50 31.73 -39.30
C GLN B 396 -41.17 32.04 -40.05
N LYS B 397 -40.25 32.79 -39.39
CA LYS B 397 -38.94 33.15 -39.92
C LYS B 397 -37.89 33.34 -38.83
N PHE B 398 -36.61 33.09 -39.18
CA PHE B 398 -35.45 33.29 -38.32
C PHE B 398 -34.20 33.34 -39.21
N TRP B 399 -33.03 33.62 -38.61
CA TRP B 399 -31.77 33.68 -39.33
C TRP B 399 -30.78 32.71 -38.75
N GLY B 400 -30.05 32.08 -39.64
CA GLY B 400 -28.97 31.17 -39.29
C GLY B 400 -27.69 31.86 -39.69
N LEU B 401 -26.90 32.31 -38.72
CA LEU B 401 -25.67 33.03 -39.01
C LEU B 401 -24.46 32.15 -38.80
N THR B 402 -23.52 32.17 -39.74
CA THR B 402 -22.32 31.34 -39.65
C THR B 402 -21.29 32.07 -38.75
N ARG B 403 -20.92 31.42 -37.64
CA ARG B 403 -19.99 31.90 -36.62
C ARG B 403 -18.71 32.55 -37.17
N SER B 404 -18.15 31.96 -38.24
CA SER B 404 -16.93 32.41 -38.95
C SER B 404 -17.05 33.85 -39.48
N ALA B 405 -18.28 34.32 -39.75
CA ALA B 405 -18.61 35.64 -40.27
C ALA B 405 -18.90 36.71 -39.19
N LEU B 406 -19.04 36.28 -37.93
CA LEU B 406 -19.42 37.19 -36.85
C LEU B 406 -18.30 37.60 -35.92
N LEU B 407 -18.49 38.74 -35.25
CA LEU B 407 -17.51 39.27 -34.31
C LEU B 407 -18.22 39.79 -33.06
N PRO B 408 -18.02 39.14 -31.87
CA PRO B 408 -18.67 39.59 -30.63
C PRO B 408 -18.18 40.99 -30.25
N THR B 409 -19.09 41.90 -29.94
CA THR B 409 -18.73 43.30 -29.69
C THR B 409 -19.22 43.76 -28.32
N ILE B 410 -18.38 44.56 -27.64
CA ILE B 410 -18.69 45.19 -26.36
C ILE B 410 -19.33 46.56 -26.71
N PRO B 411 -20.60 46.83 -26.29
CA PRO B 411 -21.21 48.16 -26.56
C PRO B 411 -20.40 49.33 -25.96
N ASP B 412 -20.67 50.56 -26.47
CA ASP B 412 -19.99 51.82 -26.11
C ASP B 412 -18.59 51.76 -26.79
N THR B 413 -17.51 52.21 -26.10
CA THR B 413 -16.14 52.20 -26.67
C THR B 413 -15.12 51.56 -25.67
N GLU B 414 -14.67 50.33 -26.00
CA GLU B 414 -13.66 49.54 -25.27
C GLU B 414 -13.13 48.40 -26.14
N ASP B 415 -11.96 47.83 -25.78
CA ASP B 415 -11.36 46.71 -26.51
C ASP B 415 -12.07 45.38 -26.13
N GLU B 416 -11.34 44.26 -26.09
CA GLU B 416 -11.89 42.94 -25.77
C GLU B 416 -10.98 42.19 -24.78
N ILE B 417 -11.58 41.52 -23.76
CA ILE B 417 -10.85 40.75 -22.75
C ILE B 417 -11.79 39.66 -22.14
N SER B 418 -11.27 38.42 -21.96
CA SER B 418 -12.03 37.28 -21.40
C SER B 418 -11.55 36.84 -19.99
N PRO B 419 -11.98 37.51 -18.87
CA PRO B 419 -11.55 37.09 -17.52
C PRO B 419 -11.89 35.66 -17.10
N ASP B 420 -10.78 34.92 -16.76
CA ASP B 420 -10.51 33.56 -16.30
C ASP B 420 -10.24 32.60 -17.46
N GLU C 14 -18.90 19.17 -61.58
CA GLU C 14 -17.75 18.95 -62.45
C GLU C 14 -17.00 20.23 -62.86
N PHE C 15 -17.69 21.32 -63.31
CA PHE C 15 -16.95 22.52 -63.74
C PHE C 15 -17.05 23.70 -62.74
N ILE C 16 -15.97 23.85 -61.95
CA ILE C 16 -15.86 24.86 -60.91
C ILE C 16 -14.94 26.01 -61.36
N VAL C 17 -15.45 27.26 -61.28
CA VAL C 17 -14.75 28.50 -61.65
C VAL C 17 -14.55 29.34 -60.37
N GLY C 18 -13.46 30.10 -60.33
CA GLY C 18 -13.09 30.95 -59.19
C GLY C 18 -12.92 30.23 -57.86
N GLY C 19 -12.69 28.93 -57.91
CA GLY C 19 -12.54 28.08 -56.75
C GLY C 19 -13.82 27.72 -56.00
N LYS C 20 -14.94 28.42 -56.25
CA LYS C 20 -16.18 28.11 -55.51
C LYS C 20 -17.49 28.10 -56.32
N TYR C 21 -17.49 28.48 -57.60
CA TYR C 21 -18.72 28.49 -58.39
C TYR C 21 -18.81 27.30 -59.34
N LYS C 22 -19.68 26.33 -59.00
CA LYS C 22 -19.91 25.11 -59.79
C LYS C 22 -21.01 25.42 -60.80
N LEU C 23 -20.76 25.11 -62.08
CA LEU C 23 -21.69 25.35 -63.20
C LEU C 23 -22.80 24.34 -63.16
N VAL C 24 -24.02 24.80 -63.27
CA VAL C 24 -25.22 23.97 -63.22
C VAL C 24 -25.73 23.72 -64.64
N ARG C 25 -26.12 24.79 -65.37
CA ARG C 25 -26.61 24.65 -66.74
C ARG C 25 -26.49 25.97 -67.51
N LYS C 26 -26.49 25.89 -68.86
CA LYS C 26 -26.46 27.04 -69.77
C LYS C 26 -27.81 27.73 -69.67
N ILE C 27 -27.81 29.07 -69.54
CA ILE C 27 -29.01 29.90 -69.43
C ILE C 27 -29.04 31.02 -70.50
N GLY C 28 -28.01 31.05 -71.35
CA GLY C 28 -27.86 32.06 -72.41
C GLY C 28 -26.63 31.89 -73.30
N SER C 29 -26.41 32.89 -74.19
CA SER C 29 -25.30 32.94 -75.18
C SER C 29 -24.85 34.40 -75.48
N GLY C 30 -23.96 34.54 -76.47
CA GLY C 30 -23.40 35.81 -76.92
C GLY C 30 -22.31 35.65 -77.98
N SER C 31 -21.69 36.78 -78.40
CA SER C 31 -20.61 36.82 -79.40
C SER C 31 -19.34 36.10 -78.88
N PHE C 32 -19.05 36.36 -77.60
CA PHE C 32 -17.94 35.87 -76.78
C PHE C 32 -18.03 34.34 -76.50
N GLY C 33 -19.23 33.89 -76.07
CA GLY C 33 -19.56 32.52 -75.68
C GLY C 33 -20.91 32.41 -74.97
N ASP C 34 -20.99 31.56 -73.92
CA ASP C 34 -22.27 31.31 -73.19
C ASP C 34 -22.37 31.88 -71.77
N ILE C 35 -23.61 31.89 -71.25
CA ILE C 35 -23.96 32.33 -69.90
C ILE C 35 -24.56 31.13 -69.18
N TYR C 36 -24.03 30.82 -67.98
CA TYR C 36 -24.41 29.68 -67.15
C TYR C 36 -24.99 30.05 -65.78
N LEU C 37 -25.83 29.15 -65.25
CA LEU C 37 -26.32 29.24 -63.89
C LEU C 37 -25.24 28.52 -63.07
N ALA C 38 -24.71 29.15 -62.03
CA ALA C 38 -23.67 28.53 -61.20
C ALA C 38 -24.11 28.63 -59.74
N ILE C 39 -23.58 27.76 -58.90
CA ILE C 39 -23.89 27.74 -57.48
C ILE C 39 -22.60 27.84 -56.65
N ASN C 40 -22.56 28.77 -55.68
CA ASN C 40 -21.44 28.93 -54.74
C ASN C 40 -21.47 27.73 -53.80
N ILE C 41 -20.53 26.81 -53.98
CA ILE C 41 -20.40 25.55 -53.25
C ILE C 41 -20.22 25.74 -51.72
N THR C 42 -19.90 26.97 -51.27
CA THR C 42 -19.73 27.18 -49.84
C THR C 42 -21.02 27.57 -49.12
N ASN C 43 -22.06 28.04 -49.81
CA ASN C 43 -23.25 28.55 -49.15
C ASN C 43 -24.62 28.45 -49.92
N GLY C 44 -24.61 27.96 -51.16
CA GLY C 44 -25.83 27.79 -51.95
C GLY C 44 -26.21 28.95 -52.83
N GLU C 45 -25.47 30.06 -52.76
CA GLU C 45 -25.71 31.26 -53.56
C GLU C 45 -25.70 30.93 -55.04
N GLU C 46 -26.71 31.40 -55.79
CA GLU C 46 -26.83 31.24 -57.25
C GLU C 46 -26.32 32.47 -57.95
N VAL C 47 -25.50 32.26 -58.98
CA VAL C 47 -24.87 33.34 -59.74
C VAL C 47 -24.94 33.03 -61.25
N ALA C 48 -24.59 34.05 -62.06
CA ALA C 48 -24.47 33.91 -63.50
C ALA C 48 -22.96 33.92 -63.79
N VAL C 49 -22.54 33.05 -64.71
CA VAL C 49 -21.15 32.91 -65.14
C VAL C 49 -21.12 33.04 -66.67
N LYS C 50 -20.52 34.13 -67.18
CA LYS C 50 -20.28 34.35 -68.60
C LYS C 50 -18.92 33.69 -68.86
N LEU C 51 -18.91 32.77 -69.83
CA LEU C 51 -17.74 31.98 -70.23
C LEU C 51 -17.38 32.36 -71.67
N GLU C 52 -16.10 32.68 -71.90
CA GLU C 52 -15.60 33.07 -73.21
C GLU C 52 -14.30 32.36 -73.45
N SER C 53 -14.19 31.70 -74.61
CA SER C 53 -12.95 31.03 -74.94
C SER C 53 -11.83 32.07 -75.05
N GLN C 54 -10.64 31.68 -74.61
CA GLN C 54 -9.42 32.45 -74.79
C GLN C 54 -9.19 32.06 -76.24
N LYS C 55 -8.85 33.00 -77.13
CA LYS C 55 -8.74 32.71 -78.57
C LYS C 55 -10.15 32.62 -79.23
N ALA C 56 -11.08 33.44 -78.71
CA ALA C 56 -12.43 33.58 -79.26
C ALA C 56 -12.32 34.63 -80.36
N ARG C 57 -13.14 34.48 -81.41
CA ARG C 57 -13.22 35.36 -82.57
C ARG C 57 -13.61 36.79 -82.16
N HIS C 58 -14.61 36.91 -81.25
CA HIS C 58 -15.13 38.20 -80.77
C HIS C 58 -14.98 38.39 -79.25
N PRO C 59 -13.75 38.70 -78.74
CA PRO C 59 -13.58 38.87 -77.28
C PRO C 59 -14.20 40.16 -76.72
N GLN C 60 -14.84 40.08 -75.53
CA GLN C 60 -15.46 41.23 -74.86
C GLN C 60 -15.46 41.14 -73.32
N LEU C 61 -15.26 39.95 -72.73
CA LEU C 61 -15.30 39.69 -71.29
C LEU C 61 -14.31 40.49 -70.43
N LEU C 62 -13.05 40.61 -70.85
CA LEU C 62 -12.09 41.41 -70.11
C LEU C 62 -12.56 42.88 -70.15
N TYR C 63 -12.98 43.36 -71.33
CA TYR C 63 -13.49 44.71 -71.52
C TYR C 63 -14.72 44.95 -70.65
N GLU C 64 -15.69 44.01 -70.68
CA GLU C 64 -16.88 44.07 -69.82
C GLU C 64 -16.50 44.11 -68.34
N SER C 65 -15.54 43.28 -67.89
CA SER C 65 -15.07 43.23 -66.50
C SER C 65 -14.53 44.59 -66.03
N LYS C 66 -13.84 45.31 -66.93
CA LYS C 66 -13.24 46.63 -66.69
C LYS C 66 -14.33 47.67 -66.61
N LEU C 67 -15.26 47.62 -67.55
CA LEU C 67 -16.37 48.53 -67.66
C LEU C 67 -17.35 48.37 -66.47
N TYR C 68 -17.51 47.15 -65.89
CA TYR C 68 -18.32 46.91 -64.67
C TYR C 68 -17.65 47.48 -63.43
N LYS C 69 -16.31 47.65 -63.44
CA LYS C 69 -15.57 48.28 -62.33
C LYS C 69 -15.89 49.76 -62.26
N ILE C 70 -15.95 50.42 -63.44
CA ILE C 70 -16.25 51.84 -63.56
C ILE C 70 -17.76 52.08 -63.21
N LEU C 71 -18.66 51.20 -63.66
CA LEU C 71 -20.11 51.34 -63.47
C LEU C 71 -20.64 50.90 -62.11
N GLN C 72 -19.81 50.23 -61.31
CA GLN C 72 -20.24 49.77 -59.98
C GLN C 72 -20.67 50.93 -59.08
N GLY C 73 -21.83 50.73 -58.45
CA GLY C 73 -22.42 51.72 -57.54
C GLY C 73 -23.76 52.25 -58.01
N GLY C 74 -23.97 52.22 -59.32
CA GLY C 74 -25.21 52.65 -59.94
C GLY C 74 -26.29 51.68 -59.56
N VAL C 75 -27.54 52.14 -59.51
CA VAL C 75 -28.61 51.19 -59.21
C VAL C 75 -28.88 50.46 -60.56
N GLY C 76 -29.32 49.22 -60.53
CA GLY C 76 -29.55 48.58 -61.81
C GLY C 76 -28.29 48.20 -62.58
N ILE C 77 -27.12 48.26 -61.92
CA ILE C 77 -25.83 47.82 -62.48
C ILE C 77 -25.49 46.56 -61.67
N PRO C 78 -25.44 45.32 -62.28
CA PRO C 78 -25.14 44.12 -61.47
C PRO C 78 -23.74 44.10 -60.84
N HIS C 79 -23.66 43.40 -59.73
CA HIS C 79 -22.43 43.24 -58.99
C HIS C 79 -21.61 42.09 -59.62
N ILE C 80 -20.30 42.31 -59.74
CA ILE C 80 -19.33 41.34 -60.26
C ILE C 80 -18.63 40.67 -59.09
N ARG C 81 -18.69 39.33 -59.04
CA ARG C 81 -18.06 38.54 -57.98
C ARG C 81 -16.60 38.29 -58.25
N TRP C 82 -16.26 37.93 -59.51
CA TRP C 82 -14.90 37.52 -59.89
C TRP C 82 -14.73 37.50 -61.39
N TYR C 83 -13.56 37.95 -61.85
CA TYR C 83 -13.14 37.84 -63.23
C TYR C 83 -11.80 37.14 -63.22
N GLY C 84 -11.67 36.15 -64.08
CA GLY C 84 -10.42 35.42 -64.18
C GLY C 84 -10.46 34.37 -65.25
N GLN C 85 -9.52 33.45 -65.19
CA GLN C 85 -9.39 32.36 -66.14
C GLN C 85 -9.57 31.04 -65.42
N GLU C 86 -10.14 30.06 -66.11
CA GLU C 86 -10.35 28.69 -65.67
C GLU C 86 -10.31 27.84 -66.92
N LYS C 87 -9.28 26.99 -67.04
CA LYS C 87 -9.00 26.12 -68.20
C LYS C 87 -8.66 27.03 -69.40
N ASP C 88 -9.30 26.80 -70.58
CA ASP C 88 -9.06 27.63 -71.76
C ASP C 88 -10.15 28.72 -71.92
N TYR C 89 -10.71 29.19 -70.79
CA TYR C 89 -11.75 30.21 -70.76
C TYR C 89 -11.41 31.40 -69.89
N ASN C 90 -12.03 32.54 -70.23
CA ASN C 90 -12.08 33.77 -69.48
C ASN C 90 -13.47 33.70 -68.84
N VAL C 91 -13.57 34.03 -67.55
CA VAL C 91 -14.77 33.87 -66.74
C VAL C 91 -15.19 35.17 -66.07
N LEU C 92 -16.46 35.53 -66.21
CA LEU C 92 -17.03 36.67 -65.51
C LEU C 92 -18.17 36.13 -64.64
N VAL C 93 -17.98 36.19 -63.31
CA VAL C 93 -18.97 35.76 -62.32
C VAL C 93 -19.70 37.01 -61.84
N MET C 94 -21.03 36.99 -61.94
CA MET C 94 -21.87 38.13 -61.57
C MET C 94 -23.21 37.71 -60.99
N ASP C 95 -24.03 38.72 -60.62
CA ASP C 95 -25.39 38.59 -60.10
C ASP C 95 -26.24 37.79 -61.08
N LEU C 96 -27.02 36.84 -60.57
CA LEU C 96 -28.01 36.14 -61.38
C LEU C 96 -29.23 37.08 -61.44
N LEU C 97 -29.63 37.46 -62.65
CA LEU C 97 -30.78 38.35 -62.85
C LEU C 97 -31.91 37.54 -63.45
N GLY C 98 -33.11 38.11 -63.42
CA GLY C 98 -34.32 37.52 -63.96
C GLY C 98 -34.40 37.56 -65.46
N PRO C 99 -35.63 37.45 -66.03
CA PRO C 99 -35.74 37.43 -67.49
C PRO C 99 -35.60 38.80 -68.14
N SER C 100 -35.26 38.80 -69.44
CA SER C 100 -35.15 40.04 -70.19
C SER C 100 -36.57 40.53 -70.55
N LEU C 101 -36.64 41.78 -71.06
CA LEU C 101 -37.88 42.40 -71.51
C LEU C 101 -38.46 41.67 -72.71
N GLU C 102 -37.59 41.05 -73.55
CA GLU C 102 -38.00 40.26 -74.68
C GLU C 102 -38.63 38.93 -74.19
N ASP C 103 -38.10 38.35 -73.10
CA ASP C 103 -38.62 37.13 -72.50
C ASP C 103 -40.00 37.41 -71.90
N LEU C 104 -40.12 38.56 -71.22
CA LEU C 104 -41.37 38.98 -70.59
C LEU C 104 -42.40 39.39 -71.62
N PHE C 105 -41.94 40.00 -72.75
CA PHE C 105 -42.80 40.39 -73.88
C PHE C 105 -43.43 39.14 -74.48
N ASN C 106 -42.62 38.08 -74.71
CA ASN C 106 -43.05 36.74 -75.19
C ASN C 106 -44.06 36.08 -74.22
N PHE C 107 -43.75 36.08 -72.93
CA PHE C 107 -44.58 35.58 -71.83
C PHE C 107 -45.96 36.27 -71.84
N CYS C 108 -45.98 37.58 -72.16
CA CYS C 108 -47.19 38.42 -72.27
C CYS C 108 -47.82 38.41 -73.66
N SER C 109 -47.49 37.39 -74.46
CA SER C 109 -47.98 37.19 -75.82
C SER C 109 -47.71 38.38 -76.75
N ARG C 110 -46.44 38.94 -76.73
CA ARG C 110 -45.95 40.01 -77.59
C ARG C 110 -46.89 41.26 -77.50
N ARG C 111 -47.36 41.56 -76.31
CA ARG C 111 -48.28 42.65 -76.04
C ARG C 111 -48.04 43.20 -74.61
N PHE C 112 -47.74 44.53 -74.52
CA PHE C 112 -47.59 45.29 -73.27
C PHE C 112 -48.60 46.45 -73.24
N THR C 113 -49.19 46.69 -72.04
CA THR C 113 -50.14 47.77 -71.82
C THR C 113 -49.38 49.06 -71.75
N MET C 114 -50.08 50.19 -71.99
CA MET C 114 -49.45 51.50 -71.89
C MET C 114 -48.86 51.72 -70.49
N LYS C 115 -49.49 51.16 -69.42
CA LYS C 115 -49.02 51.23 -68.03
C LYS C 115 -47.63 50.56 -67.87
N THR C 116 -47.43 49.34 -68.44
CA THR C 116 -46.15 48.63 -68.40
C THR C 116 -45.09 49.41 -69.19
N VAL C 117 -45.38 49.77 -70.42
CA VAL C 117 -44.45 50.53 -71.27
C VAL C 117 -44.00 51.82 -70.56
N LEU C 118 -44.95 52.56 -69.94
CA LEU C 118 -44.60 53.80 -69.24
C LEU C 118 -43.79 53.58 -67.96
N MET C 119 -44.10 52.54 -67.13
CA MET C 119 -43.32 52.20 -65.93
C MET C 119 -41.92 51.74 -66.31
N LEU C 120 -41.79 51.05 -67.43
CA LEU C 120 -40.52 50.56 -67.93
C LEU C 120 -39.69 51.70 -68.44
N ALA C 121 -40.31 52.61 -69.21
CA ALA C 121 -39.68 53.79 -69.82
C ALA C 121 -38.92 54.64 -68.82
N ASP C 122 -39.46 54.80 -67.62
CA ASP C 122 -38.90 55.58 -66.52
C ASP C 122 -37.57 55.04 -66.09
N GLN C 123 -37.52 53.71 -65.82
CA GLN C 123 -36.32 52.97 -65.43
C GLN C 123 -35.28 52.85 -66.55
N MET C 124 -35.69 52.66 -67.81
CA MET C 124 -34.82 52.57 -68.98
C MET C 124 -34.06 53.89 -69.31
N ILE C 125 -34.68 55.05 -69.09
CA ILE C 125 -34.05 56.38 -69.28
C ILE C 125 -32.99 56.52 -68.19
N SER C 126 -33.36 56.23 -66.92
CA SER C 126 -32.45 56.29 -65.77
C SER C 126 -31.25 55.37 -65.91
N ARG C 127 -31.46 54.11 -66.38
CA ARG C 127 -30.38 53.13 -66.61
C ARG C 127 -29.36 53.65 -67.64
N ILE C 128 -29.82 54.15 -68.82
CA ILE C 128 -28.98 54.74 -69.90
C ILE C 128 -28.28 56.01 -69.35
N GLU C 129 -29.04 56.88 -68.65
CA GLU C 129 -28.54 58.09 -68.04
C GLU C 129 -27.30 57.85 -67.16
N TYR C 130 -27.37 56.81 -66.31
CA TYR C 130 -26.26 56.49 -65.42
C TYR C 130 -24.99 56.14 -66.18
N VAL C 131 -25.11 55.25 -67.19
CA VAL C 131 -24.02 54.84 -68.08
C VAL C 131 -23.39 56.10 -68.71
N HIS C 132 -24.24 57.05 -69.16
CA HIS C 132 -23.83 58.34 -69.72
C HIS C 132 -23.09 59.25 -68.68
N THR C 133 -23.50 59.21 -67.40
CA THR C 133 -22.78 60.02 -66.39
C THR C 133 -21.39 59.50 -66.15
N LYS C 134 -21.18 58.19 -66.41
CA LYS C 134 -19.89 57.52 -66.28
C LYS C 134 -19.06 57.60 -67.58
N ASN C 135 -19.44 58.52 -68.52
CA ASN C 135 -18.73 58.83 -69.78
C ASN C 135 -18.83 57.77 -70.87
N PHE C 136 -19.79 56.86 -70.77
CA PHE C 136 -19.96 55.81 -71.77
C PHE C 136 -21.31 55.87 -72.44
N ILE C 137 -21.36 55.43 -73.70
CA ILE C 137 -22.58 55.19 -74.50
C ILE C 137 -22.66 53.65 -74.58
N HIS C 138 -23.85 53.04 -74.50
CA HIS C 138 -24.06 51.58 -74.50
C HIS C 138 -23.89 50.94 -75.89
N ARG C 139 -24.56 51.52 -76.89
CA ARG C 139 -24.53 51.16 -78.32
C ARG C 139 -25.24 49.84 -78.66
N ASP C 140 -25.98 49.27 -77.73
CA ASP C 140 -26.71 48.06 -78.02
C ASP C 140 -27.97 48.04 -77.16
N ILE C 141 -28.77 49.11 -77.29
CA ILE C 141 -30.05 49.28 -76.59
C ILE C 141 -31.10 48.40 -77.32
N LYS C 142 -31.55 47.33 -76.65
CA LYS C 142 -32.54 46.39 -77.19
C LYS C 142 -33.28 45.71 -76.03
N PRO C 143 -34.53 45.22 -76.21
CA PRO C 143 -35.25 44.59 -75.07
C PRO C 143 -34.49 43.48 -74.32
N ASP C 144 -33.63 42.73 -75.04
CA ASP C 144 -32.80 41.64 -74.52
C ASP C 144 -31.72 42.06 -73.51
N ASN C 145 -31.28 43.33 -73.54
CA ASN C 145 -30.26 43.84 -72.62
C ASN C 145 -30.83 44.52 -71.37
N PHE C 146 -32.16 44.54 -71.25
CA PHE C 146 -32.86 45.04 -70.06
C PHE C 146 -33.51 43.81 -69.41
N LEU C 147 -33.06 43.48 -68.18
CA LEU C 147 -33.44 42.31 -67.38
C LEU C 147 -33.99 42.75 -66.06
N MET C 148 -35.03 42.06 -65.55
CA MET C 148 -35.57 42.38 -64.23
C MET C 148 -34.70 41.61 -63.24
N GLY C 149 -34.63 42.06 -62.00
CA GLY C 149 -33.84 41.36 -61.01
C GLY C 149 -34.59 40.18 -60.40
N ILE C 150 -33.96 39.52 -59.41
CA ILE C 150 -34.54 38.36 -58.71
C ILE C 150 -34.73 38.71 -57.23
N GLY C 151 -35.81 38.20 -56.66
CA GLY C 151 -36.15 38.35 -55.27
C GLY C 151 -36.45 39.78 -54.90
N ARG C 152 -35.57 40.37 -54.10
CA ARG C 152 -35.66 41.78 -53.64
C ARG C 152 -35.64 42.76 -54.83
N HIS C 153 -34.92 42.39 -55.89
CA HIS C 153 -34.73 43.18 -57.09
C HIS C 153 -35.70 42.84 -58.21
N CYS C 154 -36.83 42.17 -57.92
CA CYS C 154 -37.76 41.72 -58.95
C CYS C 154 -38.48 42.86 -59.71
N ASN C 155 -38.55 44.10 -59.16
CA ASN C 155 -39.17 45.24 -59.85
C ASN C 155 -38.13 46.26 -60.30
N LYS C 156 -36.85 45.89 -60.20
CA LYS C 156 -35.71 46.72 -60.59
C LYS C 156 -35.22 46.15 -61.90
N LEU C 157 -35.11 47.05 -62.88
CA LEU C 157 -34.65 46.75 -64.22
C LEU C 157 -33.14 47.04 -64.31
N PHE C 158 -32.38 46.15 -64.96
CA PHE C 158 -30.93 46.20 -65.12
C PHE C 158 -30.55 46.30 -66.56
N LEU C 159 -29.68 47.26 -66.94
CA LEU C 159 -29.16 47.35 -68.32
C LEU C 159 -27.84 46.62 -68.27
N ILE C 160 -27.68 45.58 -69.11
CA ILE C 160 -26.48 44.74 -69.11
C ILE C 160 -25.85 44.70 -70.52
N ASP C 161 -24.78 43.87 -70.71
CA ASP C 161 -24.04 43.63 -71.96
C ASP C 161 -23.29 44.89 -72.46
N PHE C 162 -22.15 45.15 -71.82
CA PHE C 162 -21.34 46.34 -72.08
C PHE C 162 -20.19 46.10 -73.07
N GLY C 163 -20.28 45.03 -73.85
CA GLY C 163 -19.27 44.66 -74.85
C GLY C 163 -19.11 45.63 -76.01
N LEU C 164 -20.16 46.38 -76.32
CA LEU C 164 -20.11 47.38 -77.39
C LEU C 164 -20.04 48.81 -76.83
N ALA C 165 -19.99 48.96 -75.50
CA ALA C 165 -19.95 50.27 -74.86
C ALA C 165 -18.69 51.01 -75.27
N LYS C 166 -18.79 52.33 -75.51
CA LYS C 166 -17.64 53.17 -75.90
C LYS C 166 -17.61 54.45 -75.05
N LYS C 167 -16.41 54.97 -74.78
CA LYS C 167 -16.26 56.21 -74.05
C LYS C 167 -16.60 57.33 -75.07
N TYR C 168 -17.46 58.30 -74.68
CA TYR C 168 -17.84 59.40 -75.60
C TYR C 168 -17.17 60.72 -75.17
N ARG C 169 -16.60 60.76 -73.97
CA ARG C 169 -15.94 61.96 -73.47
C ARG C 169 -14.86 61.63 -72.41
N ASP C 170 -13.81 62.49 -72.31
CA ASP C 170 -12.74 62.35 -71.30
C ASP C 170 -13.33 62.65 -69.94
N ASN C 171 -12.96 61.85 -68.90
CA ASN C 171 -13.52 62.01 -67.56
C ASN C 171 -13.26 63.40 -66.95
N ARG C 172 -12.02 63.92 -67.02
CA ARG C 172 -11.73 65.21 -66.39
C ARG C 172 -12.11 66.43 -67.27
N THR C 173 -11.56 66.54 -68.49
CA THR C 173 -11.80 67.67 -69.42
C THR C 173 -13.26 67.76 -69.96
N ARG C 174 -13.99 66.64 -69.96
CA ARG C 174 -15.35 66.45 -70.49
C ARG C 174 -15.39 66.68 -72.04
N GLN C 175 -14.20 66.64 -72.70
CA GLN C 175 -14.07 66.78 -74.16
C GLN C 175 -14.78 65.60 -74.86
N HIS C 176 -15.78 65.91 -75.72
CA HIS C 176 -16.52 64.90 -76.46
C HIS C 176 -15.67 64.31 -77.58
N ILE C 177 -15.94 63.08 -77.93
CA ILE C 177 -15.23 62.36 -78.98
C ILE C 177 -15.47 63.03 -80.32
N PRO C 178 -14.49 63.00 -81.28
CA PRO C 178 -14.71 63.64 -82.58
C PRO C 178 -15.88 63.08 -83.39
N TYR C 179 -16.37 63.92 -84.30
CA TYR C 179 -17.43 63.59 -85.22
C TYR C 179 -16.79 62.90 -86.41
N ARG C 180 -17.22 61.66 -86.58
CA ARG C 180 -16.77 60.82 -87.68
C ARG C 180 -17.98 60.33 -88.45
N GLU C 181 -17.72 59.96 -89.67
CA GLU C 181 -18.65 59.33 -90.57
C GLU C 181 -17.92 58.09 -91.05
N ASP C 182 -18.47 57.34 -92.01
CA ASP C 182 -17.80 56.13 -92.52
C ASP C 182 -17.54 55.06 -91.43
N LYS C 183 -18.53 54.88 -90.53
CA LYS C 183 -18.48 53.88 -89.46
C LYS C 183 -19.45 52.77 -89.83
N ASN C 184 -19.06 51.50 -89.64
CA ASN C 184 -19.95 50.36 -89.88
C ASN C 184 -20.83 50.29 -88.66
N LEU C 185 -22.10 49.85 -88.83
CA LEU C 185 -23.06 49.78 -87.71
C LEU C 185 -22.68 48.74 -86.65
N THR C 186 -22.81 49.20 -85.37
CA THR C 186 -22.56 48.53 -84.10
C THR C 186 -23.94 48.30 -83.43
N GLY C 187 -24.21 47.05 -83.08
CA GLY C 187 -25.46 46.66 -82.42
C GLY C 187 -26.48 46.09 -83.38
N THR C 188 -27.71 45.82 -82.90
CA THR C 188 -28.77 45.27 -83.76
C THR C 188 -29.39 46.34 -84.63
N ALA C 189 -29.66 45.99 -85.88
CA ALA C 189 -30.24 46.89 -86.89
C ALA C 189 -31.67 47.35 -86.59
N ARG C 190 -32.46 46.52 -85.86
CA ARG C 190 -33.86 46.85 -85.55
C ARG C 190 -34.02 48.12 -84.72
N TYR C 191 -33.17 48.31 -83.72
CA TYR C 191 -33.31 49.46 -82.85
C TYR C 191 -32.24 50.53 -83.07
N ALA C 192 -31.37 50.40 -84.11
CA ALA C 192 -30.30 51.35 -84.42
C ALA C 192 -30.86 52.72 -84.80
N SER C 193 -30.14 53.81 -84.45
CA SER C 193 -30.62 55.15 -84.81
C SER C 193 -30.48 55.37 -86.33
N ILE C 194 -31.13 56.39 -86.90
CA ILE C 194 -31.01 56.71 -88.32
C ILE C 194 -29.55 57.07 -88.65
N ASN C 195 -28.91 57.91 -87.80
CA ASN C 195 -27.53 58.34 -88.00
C ASN C 195 -26.55 57.20 -87.88
N ALA C 196 -26.78 56.24 -86.96
CA ALA C 196 -25.91 55.06 -86.84
C ALA C 196 -25.96 54.24 -88.16
N HIS C 197 -27.13 54.21 -88.84
CA HIS C 197 -27.32 53.54 -90.14
C HIS C 197 -26.52 54.24 -91.25
N LEU C 198 -26.48 55.59 -91.23
CA LEU C 198 -25.75 56.43 -92.20
C LEU C 198 -24.22 56.37 -92.02
N GLY C 199 -23.77 55.64 -90.99
CA GLY C 199 -22.36 55.49 -90.67
C GLY C 199 -21.78 56.60 -89.81
N ILE C 200 -22.63 57.57 -89.39
CA ILE C 200 -22.28 58.70 -88.51
C ILE C 200 -21.87 58.12 -87.12
N GLU C 201 -20.90 58.76 -86.43
CA GLU C 201 -20.44 58.25 -85.12
C GLU C 201 -21.53 58.39 -84.05
N GLN C 202 -21.71 57.32 -83.27
CA GLN C 202 -22.69 57.26 -82.19
C GLN C 202 -22.29 58.09 -80.98
N SER C 203 -23.29 58.70 -80.34
CA SER C 203 -23.13 59.48 -79.13
C SER C 203 -24.40 59.28 -78.29
N ARG C 204 -24.53 60.05 -77.19
CA ARG C 204 -25.66 59.94 -76.27
C ARG C 204 -27.00 59.93 -76.93
N ARG C 205 -27.22 60.81 -77.89
CA ARG C 205 -28.47 60.94 -78.67
C ARG C 205 -28.92 59.64 -79.35
N ASP C 206 -27.96 58.82 -79.80
CA ASP C 206 -28.24 57.57 -80.49
C ASP C 206 -28.73 56.47 -79.56
N ASP C 207 -28.25 56.45 -78.29
CA ASP C 207 -28.74 55.51 -77.27
C ASP C 207 -30.19 55.85 -76.95
N MET C 208 -30.49 57.14 -76.80
CA MET C 208 -31.82 57.68 -76.53
C MET C 208 -32.80 57.39 -77.66
N GLU C 209 -32.36 57.53 -78.92
CA GLU C 209 -33.21 57.30 -80.09
C GLU C 209 -33.59 55.81 -80.23
N SER C 210 -32.62 54.93 -79.96
CA SER C 210 -32.77 53.48 -79.89
C SER C 210 -33.80 53.11 -78.83
N LEU C 211 -33.76 53.77 -77.65
CA LEU C 211 -34.75 53.56 -76.60
C LEU C 211 -36.20 53.86 -77.07
N GLY C 212 -36.36 54.89 -77.93
CA GLY C 212 -37.63 55.27 -78.54
C GLY C 212 -38.18 54.17 -79.44
N TYR C 213 -37.28 53.49 -80.14
CA TYR C 213 -37.66 52.38 -81.01
C TYR C 213 -38.11 51.18 -80.19
N VAL C 214 -37.41 50.91 -79.05
CA VAL C 214 -37.69 49.80 -78.12
C VAL C 214 -39.12 49.97 -77.57
N LEU C 215 -39.47 51.20 -77.14
CA LEU C 215 -40.80 51.57 -76.62
C LEU C 215 -41.91 51.45 -77.67
N MET C 216 -41.61 51.84 -78.92
CA MET C 216 -42.57 51.74 -80.05
C MET C 216 -42.83 50.31 -80.44
N TYR C 217 -41.79 49.49 -80.34
CA TYR C 217 -41.82 48.03 -80.54
C TYR C 217 -42.69 47.36 -79.46
N PHE C 218 -42.64 47.82 -78.18
CA PHE C 218 -43.56 47.23 -77.19
C PHE C 218 -45.02 47.68 -77.45
N ASN C 219 -45.18 48.94 -77.93
CA ASN C 219 -46.45 49.61 -78.22
C ASN C 219 -47.21 48.96 -79.37
N ARG C 220 -46.58 48.89 -80.54
CA ARG C 220 -47.07 48.21 -81.75
C ARG C 220 -46.45 46.81 -81.64
N THR C 221 -47.16 45.70 -81.86
CA THR C 221 -46.48 44.40 -81.75
C THR C 221 -45.09 44.36 -82.47
N SER C 222 -45.06 44.90 -83.70
CA SER C 222 -43.87 44.98 -84.55
C SER C 222 -43.52 46.44 -84.94
N LEU C 223 -42.37 46.59 -85.62
CA LEU C 223 -41.90 47.84 -86.17
C LEU C 223 -42.06 47.87 -87.71
N PRO C 224 -42.22 49.07 -88.33
CA PRO C 224 -42.45 49.12 -89.79
C PRO C 224 -41.39 48.46 -90.69
N TRP C 225 -40.14 48.34 -90.19
CA TRP C 225 -38.97 47.78 -90.89
C TRP C 225 -38.57 46.39 -90.38
N GLN C 226 -39.46 45.74 -89.61
CA GLN C 226 -39.19 44.43 -89.02
C GLN C 226 -39.22 43.26 -89.99
N GLY C 227 -40.29 43.14 -90.77
CA GLY C 227 -40.48 42.02 -91.70
C GLY C 227 -39.91 42.23 -93.09
N LEU C 228 -38.69 42.80 -93.15
CA LEU C 228 -37.95 43.10 -94.38
C LEU C 228 -36.82 42.09 -94.56
N LYS C 229 -37.07 41.06 -95.37
CA LYS C 229 -36.07 40.03 -95.64
C LYS C 229 -35.21 40.35 -96.87
N ALA C 230 -33.95 39.92 -96.81
CA ALA C 230 -32.91 40.03 -97.84
C ALA C 230 -31.90 38.91 -97.54
N ALA C 231 -31.29 38.35 -98.61
CA ALA C 231 -30.32 37.26 -98.51
C ALA C 231 -29.16 37.56 -97.53
N THR C 232 -28.42 38.65 -97.77
CA THR C 232 -27.27 39.04 -96.95
C THR C 232 -27.62 40.16 -95.95
N LYS C 233 -26.87 40.21 -94.84
CA LYS C 233 -27.00 41.21 -93.78
C LYS C 233 -26.82 42.64 -94.32
N LYS C 234 -25.94 42.84 -95.34
CA LYS C 234 -25.68 44.14 -95.97
C LYS C 234 -26.91 44.71 -96.69
N GLN C 235 -27.75 43.79 -97.25
CA GLN C 235 -29.01 44.06 -97.96
C GLN C 235 -30.17 44.25 -96.96
N LYS C 236 -30.12 43.46 -95.85
CA LYS C 236 -31.10 43.46 -94.75
C LYS C 236 -31.21 44.86 -94.10
N TYR C 237 -30.06 45.56 -93.98
CA TYR C 237 -29.88 46.89 -93.37
C TYR C 237 -30.25 48.02 -94.33
N GLU C 238 -29.96 47.87 -95.63
CA GLU C 238 -30.26 48.89 -96.64
C GLU C 238 -31.76 49.18 -96.69
N LYS C 239 -32.59 48.16 -96.37
CA LYS C 239 -34.05 48.23 -96.34
C LYS C 239 -34.53 48.86 -95.03
N ILE C 240 -34.04 48.35 -93.88
CA ILE C 240 -34.34 48.87 -92.53
C ILE C 240 -34.02 50.37 -92.48
N SER C 241 -32.78 50.75 -92.87
CA SER C 241 -32.27 52.11 -92.91
C SER C 241 -33.17 53.03 -93.74
N GLU C 242 -33.48 52.61 -94.99
CA GLU C 242 -34.33 53.37 -95.89
C GLU C 242 -35.79 53.42 -95.43
N LYS C 243 -36.28 52.35 -94.75
CA LYS C 243 -37.65 52.30 -94.20
C LYS C 243 -37.77 53.25 -93.02
N LYS C 244 -36.74 53.29 -92.14
CA LYS C 244 -36.66 54.22 -91.00
C LYS C 244 -36.70 55.66 -91.48
N MET C 245 -35.96 55.93 -92.57
CA MET C 245 -35.86 57.26 -93.16
C MET C 245 -37.10 57.65 -93.97
N SER C 246 -37.84 56.66 -94.52
CA SER C 246 -39.06 56.94 -95.26
C SER C 246 -40.27 57.05 -94.33
N THR C 247 -40.17 56.47 -93.10
CA THR C 247 -41.24 56.48 -92.08
C THR C 247 -41.15 57.73 -91.16
N PRO C 248 -42.01 58.76 -91.39
CA PRO C 248 -42.04 59.92 -90.46
C PRO C 248 -42.43 59.46 -89.06
N VAL C 249 -41.91 60.14 -88.00
CA VAL C 249 -42.15 59.74 -86.59
C VAL C 249 -43.68 59.66 -86.31
N GLU C 250 -44.44 60.59 -86.92
CA GLU C 250 -45.89 60.72 -86.84
C GLU C 250 -46.61 59.49 -87.43
N VAL C 251 -45.98 58.85 -88.44
CA VAL C 251 -46.53 57.65 -89.08
C VAL C 251 -46.25 56.45 -88.18
N LEU C 252 -45.02 56.32 -87.69
CA LEU C 252 -44.63 55.25 -86.78
C LEU C 252 -45.47 55.26 -85.45
N CYS C 253 -45.68 56.48 -84.87
CA CYS C 253 -46.35 56.68 -83.58
C CYS C 253 -47.87 56.95 -83.67
N LYS C 254 -48.47 56.76 -84.86
CA LYS C 254 -49.89 56.99 -85.09
C LYS C 254 -50.76 56.08 -84.24
N GLY C 255 -51.75 56.69 -83.57
CA GLY C 255 -52.68 55.98 -82.69
C GLY C 255 -52.19 55.88 -81.27
N PHE C 256 -50.94 56.32 -81.02
CA PHE C 256 -50.33 56.28 -79.70
C PHE C 256 -50.27 57.67 -79.09
N PRO C 257 -50.08 57.82 -77.75
CA PRO C 257 -50.01 59.18 -77.18
C PRO C 257 -48.89 60.01 -77.82
N ALA C 258 -49.15 61.32 -78.00
CA ALA C 258 -48.25 62.28 -78.62
C ALA C 258 -46.83 62.25 -78.05
N GLU C 259 -46.69 61.87 -76.76
CA GLU C 259 -45.42 61.82 -76.00
C GLU C 259 -44.34 60.95 -76.66
N PHE C 260 -44.76 59.84 -77.28
CA PHE C 260 -43.88 58.94 -78.01
C PHE C 260 -43.26 59.62 -79.24
N ALA C 261 -44.05 60.43 -79.97
CA ALA C 261 -43.53 61.20 -81.09
C ALA C 261 -42.66 62.34 -80.58
N MET C 262 -43.08 63.02 -79.49
CA MET C 262 -42.29 64.10 -78.84
C MET C 262 -40.89 63.60 -78.45
N TYR C 263 -40.82 62.38 -77.88
CA TYR C 263 -39.61 61.68 -77.46
C TYR C 263 -38.65 61.47 -78.64
N LEU C 264 -39.11 60.78 -79.72
CA LEU C 264 -38.31 60.52 -80.94
C LEU C 264 -37.87 61.79 -81.68
N ASN C 265 -38.77 62.78 -81.80
CA ASN C 265 -38.44 64.07 -82.42
C ASN C 265 -37.37 64.84 -81.65
N TYR C 266 -37.41 64.80 -80.29
CA TYR C 266 -36.44 65.47 -79.42
C TYR C 266 -35.01 64.93 -79.65
N CYS C 267 -34.88 63.56 -79.69
CA CYS C 267 -33.65 62.77 -79.84
C CYS C 267 -33.01 62.96 -81.17
N ARG C 268 -33.85 63.03 -82.19
CA ARG C 268 -33.41 63.19 -83.56
C ARG C 268 -33.00 64.62 -83.83
N GLY C 269 -33.48 65.52 -82.96
CA GLY C 269 -33.18 66.95 -82.96
C GLY C 269 -31.91 67.31 -82.19
N LEU C 270 -31.34 66.35 -81.43
CA LEU C 270 -30.11 66.61 -80.67
C LEU C 270 -28.87 66.71 -81.57
N ARG C 271 -27.94 67.62 -81.17
CA ARG C 271 -26.65 67.74 -81.83
C ARG C 271 -25.77 66.59 -81.33
N PHE C 272 -24.79 66.21 -82.13
CA PHE C 272 -23.81 65.16 -81.86
C PHE C 272 -23.29 65.14 -80.43
N GLU C 273 -22.69 66.24 -79.96
CA GLU C 273 -22.09 66.39 -78.63
C GLU C 273 -23.10 66.79 -77.50
N GLU C 274 -24.37 67.06 -77.88
CA GLU C 274 -25.42 67.53 -76.97
C GLU C 274 -25.96 66.46 -76.00
N ALA C 275 -26.08 66.88 -74.75
CA ALA C 275 -26.59 66.10 -73.64
C ALA C 275 -28.11 66.02 -73.69
N PRO C 276 -28.69 64.81 -73.58
CA PRO C 276 -30.15 64.73 -73.57
C PRO C 276 -30.65 65.30 -72.22
N ASP C 277 -31.83 65.91 -72.20
CA ASP C 277 -32.47 66.43 -70.99
C ASP C 277 -33.33 65.26 -70.54
N TYR C 278 -32.72 64.38 -69.70
CA TYR C 278 -33.37 63.18 -69.19
C TYR C 278 -34.61 63.47 -68.36
N MET C 279 -34.60 64.59 -67.60
CA MET C 279 -35.72 65.01 -66.77
C MET C 279 -36.93 65.26 -67.62
N TYR C 280 -36.74 66.00 -68.73
CA TYR C 280 -37.75 66.32 -69.73
C TYR C 280 -38.35 65.04 -70.29
N LEU C 281 -37.53 64.09 -70.74
CA LEU C 281 -37.99 62.82 -71.32
C LEU C 281 -38.74 61.94 -70.33
N ARG C 282 -38.30 61.89 -69.04
CA ARG C 282 -38.97 61.13 -67.98
C ARG C 282 -40.32 61.74 -67.65
N GLN C 283 -40.36 63.09 -67.55
CA GLN C 283 -41.52 63.94 -67.32
C GLN C 283 -42.60 63.76 -68.36
N LEU C 284 -42.23 63.61 -69.67
CA LEU C 284 -43.18 63.39 -70.76
C LEU C 284 -44.05 62.19 -70.39
N PHE C 285 -43.37 61.06 -70.02
CA PHE C 285 -44.02 59.80 -69.68
C PHE C 285 -44.69 59.80 -68.31
N ARG C 286 -44.13 60.52 -67.34
CA ARG C 286 -44.69 60.63 -65.99
C ARG C 286 -46.01 61.41 -65.99
N ILE C 287 -46.06 62.53 -66.75
CA ILE C 287 -47.25 63.38 -66.92
C ILE C 287 -48.35 62.59 -67.67
N LEU C 288 -47.96 61.77 -68.67
CA LEU C 288 -48.88 60.88 -69.40
C LEU C 288 -49.48 59.81 -68.47
N PHE C 289 -48.63 59.14 -67.66
CA PHE C 289 -48.99 58.09 -66.69
C PHE C 289 -50.05 58.58 -65.67
N ARG C 290 -49.85 59.80 -65.16
CA ARG C 290 -50.71 60.51 -64.24
C ARG C 290 -52.06 60.76 -64.92
N THR C 291 -52.02 61.32 -66.15
CA THR C 291 -53.18 61.63 -67.00
C THR C 291 -54.04 60.37 -67.30
N LEU C 292 -53.40 59.21 -67.48
CA LEU C 292 -54.07 57.94 -67.72
C LEU C 292 -54.61 57.29 -66.43
N ASN C 293 -54.34 57.92 -65.25
CA ASN C 293 -54.79 57.57 -63.89
C ASN C 293 -54.16 56.29 -63.35
N HIS C 294 -52.89 56.07 -63.72
CA HIS C 294 -52.05 54.95 -63.32
C HIS C 294 -51.16 55.27 -62.09
N GLN C 295 -50.89 54.23 -61.27
CA GLN C 295 -50.03 54.32 -60.08
C GLN C 295 -48.77 53.50 -60.32
N TYR C 296 -47.65 53.92 -59.73
CA TYR C 296 -46.40 53.17 -59.87
C TYR C 296 -46.37 52.05 -58.77
N ASP C 297 -47.40 51.15 -58.77
CA ASP C 297 -47.61 50.01 -57.86
C ASP C 297 -46.79 48.74 -58.19
N TYR C 298 -45.98 48.79 -59.27
CA TYR C 298 -45.11 47.71 -59.78
C TYR C 298 -45.90 46.45 -60.18
N THR C 299 -47.15 46.67 -60.60
CA THR C 299 -47.97 45.60 -61.13
C THR C 299 -47.81 45.72 -62.65
N PHE C 300 -46.85 44.97 -63.21
CA PHE C 300 -46.61 44.95 -64.65
C PHE C 300 -47.57 43.94 -65.26
N ASP C 301 -47.53 43.75 -66.59
CA ASP C 301 -48.42 42.80 -67.26
C ASP C 301 -48.13 41.37 -66.83
N TRP C 302 -46.83 41.05 -66.65
CA TRP C 302 -46.37 39.72 -66.29
C TRP C 302 -46.66 39.41 -64.85
N THR C 303 -46.72 40.44 -64.00
CA THR C 303 -47.01 40.35 -62.58
C THR C 303 -48.40 39.74 -62.44
N MET C 304 -49.32 40.26 -63.27
CA MET C 304 -50.72 39.87 -63.37
C MET C 304 -50.94 38.44 -63.91
N LEU C 305 -50.18 38.01 -64.93
CA LEU C 305 -50.29 36.65 -65.49
C LEU C 305 -49.88 35.58 -64.49
N LYS C 306 -49.04 35.98 -63.51
CA LYS C 306 -48.55 35.16 -62.40
C LYS C 306 -49.52 35.25 -61.18
N GLN C 307 -50.63 36.00 -61.35
CA GLN C 307 -51.74 36.20 -60.41
C GLN C 307 -52.99 35.73 -61.17
N MET D 21 24.57 -2.93 0.83
CA MET D 21 26.02 -3.01 1.07
C MET D 21 26.72 -3.90 0.03
N SER D 22 25.94 -4.76 -0.66
CA SER D 22 26.47 -5.69 -1.65
C SER D 22 26.41 -5.12 -3.05
N TYR D 23 25.19 -4.71 -3.49
CA TYR D 23 24.86 -4.19 -4.81
C TYR D 23 24.98 -5.30 -5.87
N ASN D 24 23.88 -6.03 -6.07
CA ASN D 24 23.78 -7.12 -7.04
C ASN D 24 22.74 -6.86 -8.12
N TYR D 25 22.92 -7.50 -9.26
CA TYR D 25 22.07 -7.39 -10.43
C TYR D 25 21.66 -8.81 -10.85
N VAL D 26 20.37 -9.09 -10.82
CA VAL D 26 19.83 -10.39 -11.20
C VAL D 26 19.02 -10.26 -12.51
N VAL D 27 19.32 -11.09 -13.50
CA VAL D 27 18.68 -11.04 -14.81
C VAL D 27 18.39 -12.46 -15.33
N THR D 28 17.30 -12.62 -16.09
CA THR D 28 16.90 -13.88 -16.69
C THR D 28 17.71 -14.07 -17.97
N ALA D 29 18.35 -15.23 -18.10
CA ALA D 29 19.11 -15.64 -19.28
C ALA D 29 18.17 -16.47 -20.16
N GLN D 30 17.35 -17.33 -19.53
CA GLN D 30 16.34 -18.21 -20.11
C GLN D 30 15.07 -18.16 -19.25
N LYS D 31 13.93 -17.80 -19.85
CA LYS D 31 12.63 -17.74 -19.16
C LYS D 31 12.15 -19.14 -18.76
N PRO D 32 11.25 -19.27 -17.76
CA PRO D 32 10.75 -20.62 -17.38
C PRO D 32 10.10 -21.32 -18.56
N THR D 33 10.39 -22.61 -18.73
CA THR D 33 9.92 -23.44 -19.83
C THR D 33 8.86 -24.45 -19.36
N ALA D 34 8.79 -24.73 -18.04
CA ALA D 34 7.82 -25.67 -17.47
C ALA D 34 6.42 -25.04 -17.53
N VAL D 35 5.39 -25.84 -17.87
CA VAL D 35 3.98 -25.46 -18.03
C VAL D 35 3.21 -25.82 -16.78
N ASN D 36 2.57 -24.85 -16.14
CA ASN D 36 1.76 -25.14 -14.94
C ASN D 36 0.25 -25.07 -15.23
N GLY D 37 -0.11 -24.51 -16.37
CA GLY D 37 -1.50 -24.39 -16.80
C GLY D 37 -1.70 -24.12 -18.27
N CYS D 38 -2.87 -24.51 -18.78
CA CYS D 38 -3.29 -24.27 -20.17
C CYS D 38 -4.79 -24.34 -20.29
N VAL D 39 -5.36 -23.34 -20.98
CA VAL D 39 -6.81 -23.23 -21.22
C VAL D 39 -7.07 -22.87 -22.69
N THR D 40 -8.22 -23.30 -23.22
CA THR D 40 -8.71 -22.93 -24.57
C THR D 40 -9.94 -22.06 -24.40
N GLY D 41 -10.18 -21.18 -25.37
CA GLY D 41 -11.33 -20.29 -25.38
C GLY D 41 -11.26 -19.25 -26.47
N HIS D 42 -12.07 -18.20 -26.35
CA HIS D 42 -12.14 -17.14 -27.36
C HIS D 42 -11.83 -15.84 -26.66
N PHE D 43 -10.56 -15.57 -26.53
CA PHE D 43 -10.01 -14.46 -25.79
C PHE D 43 -9.56 -13.30 -26.70
N THR D 44 -8.87 -13.62 -27.79
CA THR D 44 -8.37 -12.63 -28.75
C THR D 44 -9.48 -12.06 -29.61
N SER D 45 -10.48 -12.90 -29.93
CA SER D 45 -11.63 -12.60 -30.77
C SER D 45 -12.70 -13.65 -30.47
N ALA D 46 -13.98 -13.31 -30.70
CA ALA D 46 -15.12 -14.21 -30.49
C ALA D 46 -15.09 -15.36 -31.51
N GLU D 47 -14.37 -15.14 -32.63
CA GLU D 47 -14.23 -16.07 -33.74
C GLU D 47 -13.00 -16.98 -33.65
N ASP D 48 -11.93 -16.53 -32.93
CA ASP D 48 -10.67 -17.27 -32.79
C ASP D 48 -10.69 -18.26 -31.66
N LEU D 49 -10.11 -19.46 -31.89
CA LEU D 49 -9.89 -20.45 -30.84
C LEU D 49 -8.46 -20.24 -30.33
N ASN D 50 -8.33 -19.99 -29.04
CA ASN D 50 -7.05 -19.72 -28.41
C ASN D 50 -6.54 -20.81 -27.52
N LEU D 51 -5.21 -20.87 -27.38
CA LEU D 51 -4.51 -21.72 -26.43
C LEU D 51 -3.69 -20.77 -25.56
N LEU D 52 -4.04 -20.70 -24.29
CA LEU D 52 -3.36 -19.85 -23.32
C LEU D 52 -2.51 -20.77 -22.45
N ILE D 53 -1.22 -20.50 -22.37
CA ILE D 53 -0.29 -21.34 -21.62
C ILE D 53 0.35 -20.50 -20.54
N ALA D 54 0.36 -21.01 -19.28
CA ALA D 54 1.02 -20.37 -18.14
C ALA D 54 2.33 -21.10 -17.89
N LYS D 55 3.41 -20.36 -17.86
CA LYS D 55 4.76 -20.83 -17.57
C LYS D 55 5.26 -19.93 -16.44
N ASN D 56 4.64 -20.13 -15.26
CA ASN D 56 4.95 -19.44 -14.01
C ASN D 56 4.60 -17.94 -14.04
N THR D 57 5.54 -17.08 -14.48
CA THR D 57 5.40 -15.61 -14.56
C THR D 57 5.08 -15.14 -16.02
N ARG D 58 5.03 -16.09 -16.96
CA ARG D 58 4.80 -15.88 -18.38
C ARG D 58 3.48 -16.45 -18.77
N LEU D 59 2.76 -15.70 -19.61
CA LEU D 59 1.50 -16.14 -20.17
C LEU D 59 1.66 -16.06 -21.68
N GLU D 60 1.45 -17.18 -22.37
CA GLU D 60 1.53 -17.26 -23.84
C GLU D 60 0.14 -17.39 -24.43
N ILE D 61 -0.11 -16.61 -25.45
CA ILE D 61 -1.40 -16.57 -26.16
C ILE D 61 -1.20 -17.06 -27.60
N TYR D 62 -1.93 -18.12 -27.96
CA TYR D 62 -1.88 -18.74 -29.27
C TYR D 62 -3.22 -18.78 -29.95
N VAL D 63 -3.21 -18.73 -31.30
CA VAL D 63 -4.39 -18.95 -32.11
C VAL D 63 -4.23 -20.39 -32.60
N VAL D 64 -5.24 -21.23 -32.37
CA VAL D 64 -5.22 -22.62 -32.83
C VAL D 64 -5.60 -22.63 -34.33
N THR D 65 -4.62 -23.01 -35.18
CA THR D 65 -4.81 -23.10 -36.63
C THR D 65 -4.87 -24.58 -37.01
N ALA D 66 -5.24 -24.88 -38.26
CA ALA D 66 -5.30 -26.25 -38.78
C ALA D 66 -3.91 -26.88 -38.79
N GLU D 67 -2.89 -26.08 -39.17
CA GLU D 67 -1.47 -26.47 -39.22
C GLU D 67 -0.90 -26.72 -37.80
N GLY D 68 -1.10 -25.76 -36.90
CA GLY D 68 -0.64 -25.86 -35.53
C GLY D 68 -1.07 -24.70 -34.66
N LEU D 69 -0.09 -24.05 -34.02
CA LEU D 69 -0.31 -22.92 -33.13
C LEU D 69 0.32 -21.64 -33.71
N ARG D 70 -0.45 -20.55 -33.73
CA ARG D 70 0.06 -19.27 -34.20
C ARG D 70 0.33 -18.38 -32.99
N PRO D 71 1.60 -18.03 -32.71
CA PRO D 71 1.88 -17.17 -31.54
C PRO D 71 1.34 -15.76 -31.76
N VAL D 72 0.54 -15.30 -30.81
CA VAL D 72 -0.13 -14.03 -30.91
C VAL D 72 0.47 -12.98 -29.95
N LYS D 73 0.57 -13.32 -28.66
CA LYS D 73 1.07 -12.42 -27.62
C LYS D 73 1.70 -13.22 -26.51
N GLU D 74 2.76 -12.66 -25.93
CA GLU D 74 3.43 -13.22 -24.79
C GLU D 74 3.65 -12.11 -23.79
N VAL D 75 3.08 -12.29 -22.61
CA VAL D 75 3.18 -11.33 -21.52
C VAL D 75 3.86 -11.93 -20.30
N GLY D 76 4.42 -11.05 -19.52
CA GLY D 76 5.01 -11.37 -18.24
C GLY D 76 4.21 -10.67 -17.18
N MET D 77 4.06 -11.32 -16.05
CA MET D 77 3.35 -10.77 -14.92
C MET D 77 4.28 -10.64 -13.74
N TYR D 78 3.93 -9.70 -12.85
CA TYR D 78 4.64 -9.45 -11.61
C TYR D 78 4.06 -10.42 -10.56
N GLY D 79 4.04 -11.69 -10.91
CA GLY D 79 3.51 -12.75 -10.06
C GLY D 79 3.63 -14.14 -10.64
N LYS D 80 3.47 -15.16 -9.76
CA LYS D 80 3.46 -16.58 -10.12
C LYS D 80 1.99 -16.97 -10.31
N ILE D 81 1.60 -17.29 -11.55
CA ILE D 81 0.23 -17.68 -11.89
C ILE D 81 -0.18 -18.99 -11.15
N ALA D 82 -1.13 -18.90 -10.22
CA ALA D 82 -1.65 -20.04 -9.48
C ALA D 82 -2.95 -20.55 -10.15
N VAL D 83 -3.86 -19.64 -10.52
CA VAL D 83 -5.13 -19.90 -11.21
C VAL D 83 -5.11 -19.10 -12.52
N MET D 84 -5.64 -19.71 -13.60
CA MET D 84 -5.81 -19.13 -14.93
C MET D 84 -7.09 -19.73 -15.57
N GLU D 85 -8.20 -18.97 -15.59
CA GLU D 85 -9.46 -19.45 -16.16
C GLU D 85 -10.12 -18.41 -17.06
N LEU D 86 -10.63 -18.85 -18.24
CA LEU D 86 -11.39 -18.04 -19.19
C LEU D 86 -12.89 -18.16 -18.87
N PHE D 87 -13.64 -17.08 -19.05
CA PHE D 87 -15.08 -17.02 -18.76
C PHE D 87 -15.68 -15.87 -19.55
N ARG D 88 -16.97 -15.93 -19.82
CA ARG D 88 -17.63 -14.86 -20.56
C ARG D 88 -18.92 -14.45 -19.88
N PRO D 89 -18.95 -13.30 -19.17
CA PRO D 89 -20.20 -12.88 -18.51
C PRO D 89 -21.22 -12.37 -19.54
N LYS D 90 -22.50 -12.23 -19.12
CA LYS D 90 -23.53 -11.70 -20.01
C LYS D 90 -23.12 -10.29 -20.49
N GLY D 91 -23.38 -10.02 -21.77
CA GLY D 91 -23.03 -8.74 -22.39
C GLY D 91 -21.65 -8.67 -23.02
N GLU D 92 -20.74 -9.60 -22.65
CA GLU D 92 -19.39 -9.66 -23.21
C GLU D 92 -19.40 -10.40 -24.56
N SER D 93 -18.72 -9.83 -25.55
CA SER D 93 -18.62 -10.37 -26.90
C SER D 93 -17.68 -11.57 -26.95
N LYS D 94 -16.63 -11.54 -26.10
CA LYS D 94 -15.61 -12.58 -26.00
C LYS D 94 -15.16 -12.80 -24.54
N ASP D 95 -14.49 -13.94 -24.31
CA ASP D 95 -13.95 -14.37 -23.00
C ASP D 95 -12.98 -13.36 -22.37
N LEU D 96 -13.06 -13.27 -21.03
CA LEU D 96 -12.16 -12.53 -20.14
C LEU D 96 -11.32 -13.58 -19.38
N LEU D 97 -10.11 -13.18 -18.94
CA LEU D 97 -9.22 -14.09 -18.24
C LEU D 97 -9.08 -13.76 -16.76
N PHE D 98 -9.41 -14.74 -15.91
CA PHE D 98 -9.21 -14.60 -14.49
C PHE D 98 -7.85 -15.19 -14.14
N ILE D 99 -7.05 -14.42 -13.41
CA ILE D 99 -5.76 -14.84 -12.95
C ILE D 99 -5.64 -14.56 -11.46
N LEU D 100 -5.17 -15.56 -10.71
CA LEU D 100 -4.81 -15.43 -9.30
C LEU D 100 -3.33 -15.79 -9.17
N THR D 101 -2.52 -14.91 -8.58
CA THR D 101 -1.08 -15.20 -8.36
C THR D 101 -0.90 -15.89 -7.01
N ALA D 102 0.30 -16.46 -6.79
CA ALA D 102 0.70 -17.10 -5.53
C ALA D 102 0.74 -16.09 -4.34
N LYS D 103 0.88 -14.75 -4.61
CA LYS D 103 0.88 -13.70 -3.57
C LYS D 103 -0.56 -13.16 -3.33
N TYR D 104 -1.58 -13.83 -3.97
CA TYR D 104 -3.03 -13.60 -3.85
C TYR D 104 -3.53 -12.37 -4.62
N ASN D 105 -2.79 -12.00 -5.69
CA ASN D 105 -3.22 -10.94 -6.58
C ASN D 105 -4.23 -11.53 -7.54
N ALA D 106 -5.44 -11.02 -7.51
CA ALA D 106 -6.54 -11.48 -8.38
C ALA D 106 -6.79 -10.43 -9.40
N CYS D 107 -7.16 -10.87 -10.62
CA CYS D 107 -7.47 -9.91 -11.68
C CYS D 107 -8.26 -10.52 -12.81
N ILE D 108 -9.03 -9.64 -13.47
CA ILE D 108 -9.79 -9.96 -14.66
C ILE D 108 -9.12 -9.17 -15.77
N LEU D 109 -8.77 -9.87 -16.85
CA LEU D 109 -8.03 -9.34 -17.97
C LEU D 109 -8.78 -9.43 -19.27
N GLU D 110 -8.50 -8.48 -20.17
CA GLU D 110 -9.14 -8.42 -21.49
C GLU D 110 -8.08 -8.23 -22.57
N TYR D 111 -8.24 -8.94 -23.72
CA TYR D 111 -7.38 -8.78 -24.88
C TYR D 111 -7.97 -7.64 -25.73
N LYS D 112 -7.14 -6.66 -26.12
CA LYS D 112 -7.58 -5.53 -26.92
C LYS D 112 -6.54 -5.25 -27.99
N GLN D 113 -6.97 -5.27 -29.25
CA GLN D 113 -6.11 -5.00 -30.38
C GLN D 113 -6.71 -3.87 -31.23
N SER D 114 -5.89 -2.87 -31.56
CA SER D 114 -6.25 -1.73 -32.39
C SER D 114 -5.14 -1.59 -33.41
N GLY D 115 -5.42 -2.03 -34.64
CA GLY D 115 -4.45 -2.05 -35.73
C GLY D 115 -3.41 -3.11 -35.49
N GLU D 116 -2.20 -2.68 -35.08
CA GLU D 116 -1.04 -3.54 -34.79
C GLU D 116 -0.78 -3.65 -33.27
N SER D 117 -1.21 -2.63 -32.49
CA SER D 117 -1.03 -2.56 -31.03
C SER D 117 -1.91 -3.54 -30.25
N ILE D 118 -1.25 -4.52 -29.59
CA ILE D 118 -1.88 -5.54 -28.75
C ILE D 118 -1.60 -5.13 -27.30
N ASP D 119 -2.62 -5.25 -26.43
CA ASP D 119 -2.58 -4.88 -25.00
C ASP D 119 -3.46 -5.79 -24.14
N ILE D 120 -2.97 -6.14 -22.94
CA ILE D 120 -3.76 -6.91 -21.98
C ILE D 120 -4.22 -5.90 -20.92
N ILE D 121 -5.48 -5.50 -20.99
CA ILE D 121 -6.03 -4.49 -20.08
C ILE D 121 -6.69 -5.15 -18.85
N THR D 122 -6.64 -4.44 -17.70
CA THR D 122 -7.17 -4.92 -16.43
C THR D 122 -8.58 -4.38 -16.20
N ARG D 123 -9.53 -5.30 -16.23
CA ARG D 123 -10.94 -5.00 -16.05
C ARG D 123 -11.28 -4.86 -14.57
N ALA D 124 -10.61 -5.64 -13.72
CA ALA D 124 -10.76 -5.64 -12.27
C ALA D 124 -9.53 -6.25 -11.68
N HIS D 125 -9.17 -5.84 -10.45
CA HIS D 125 -8.03 -6.39 -9.74
C HIS D 125 -8.20 -6.14 -8.26
N GLY D 126 -7.51 -6.95 -7.46
CA GLY D 126 -7.52 -6.82 -6.01
C GLY D 126 -6.74 -7.92 -5.35
N ASN D 127 -6.27 -7.69 -4.11
CA ASN D 127 -5.60 -8.74 -3.34
C ASN D 127 -6.63 -9.47 -2.46
N VAL D 128 -6.70 -10.79 -2.57
CA VAL D 128 -7.71 -11.60 -1.89
C VAL D 128 -7.17 -12.36 -0.64
N GLN D 129 -5.93 -12.12 -0.22
CA GLN D 129 -5.35 -12.75 0.98
C GLN D 129 -6.14 -12.32 2.24
N ASP D 130 -6.27 -13.23 3.21
CA ASP D 130 -6.90 -12.98 4.51
C ASP D 130 -5.76 -12.82 5.55
N ARG D 131 -5.88 -11.87 6.50
CA ARG D 131 -4.84 -11.69 7.52
C ARG D 131 -4.69 -12.95 8.43
N ILE D 132 -5.72 -13.79 8.46
CA ILE D 132 -5.78 -15.06 9.21
C ILE D 132 -6.13 -16.21 8.25
N GLY D 133 -5.39 -17.28 8.35
CA GLY D 133 -5.66 -18.43 7.49
C GLY D 133 -4.49 -19.35 7.31
N ARG D 134 -4.80 -20.65 7.43
CA ARG D 134 -3.86 -21.75 7.23
C ARG D 134 -3.94 -22.07 5.74
N PRO D 135 -2.93 -21.70 4.89
CA PRO D 135 -3.01 -22.02 3.46
C PRO D 135 -3.20 -23.53 3.27
N SER D 136 -4.30 -23.91 2.62
CA SER D 136 -4.77 -25.28 2.40
C SER D 136 -3.70 -26.29 1.89
N GLU D 137 -3.83 -27.57 2.30
CA GLU D 137 -2.93 -28.69 1.98
C GLU D 137 -2.97 -29.01 0.48
N THR D 138 -4.18 -29.01 -0.11
CA THR D 138 -4.45 -29.24 -1.53
C THR D 138 -4.19 -27.96 -2.39
N GLY D 139 -3.63 -26.93 -1.76
CA GLY D 139 -3.28 -25.68 -2.40
C GLY D 139 -4.46 -24.80 -2.76
N ILE D 140 -4.24 -23.94 -3.74
CA ILE D 140 -5.22 -22.99 -4.22
C ILE D 140 -6.09 -23.67 -5.26
N ILE D 141 -7.42 -23.53 -5.10
CA ILE D 141 -8.41 -24.02 -6.05
C ILE D 141 -9.22 -22.80 -6.45
N GLY D 142 -9.29 -22.55 -7.74
CA GLY D 142 -10.03 -21.45 -8.34
C GLY D 142 -11.01 -21.96 -9.37
N ILE D 143 -12.32 -21.82 -9.07
CA ILE D 143 -13.40 -22.31 -9.94
C ILE D 143 -14.32 -21.16 -10.31
N ILE D 144 -14.84 -21.18 -11.55
CA ILE D 144 -15.78 -20.17 -12.05
C ILE D 144 -17.09 -20.87 -12.42
N ASP D 145 -18.20 -20.28 -11.98
CA ASP D 145 -19.55 -20.76 -12.19
C ASP D 145 -19.90 -20.88 -13.71
N PRO D 146 -20.61 -21.95 -14.15
CA PRO D 146 -20.97 -22.06 -15.58
C PRO D 146 -21.81 -20.92 -16.15
N GLU D 147 -22.54 -20.18 -15.29
CA GLU D 147 -23.38 -19.04 -15.67
C GLU D 147 -22.70 -17.68 -15.36
N CYS D 148 -21.41 -17.71 -14.98
CA CYS D 148 -20.52 -16.57 -14.66
C CYS D 148 -21.07 -15.62 -13.58
N ARG D 149 -21.75 -16.19 -12.58
CA ARG D 149 -22.36 -15.44 -11.48
C ARG D 149 -21.33 -15.16 -10.36
N MET D 150 -20.22 -15.97 -10.31
CA MET D 150 -19.19 -15.83 -9.27
C MET D 150 -17.91 -16.66 -9.53
N ILE D 151 -16.85 -16.31 -8.77
CA ILE D 151 -15.58 -17.01 -8.73
C ILE D 151 -15.51 -17.58 -7.30
N GLY D 152 -15.23 -18.86 -7.22
CA GLY D 152 -15.08 -19.56 -5.96
C GLY D 152 -13.62 -19.88 -5.78
N LEU D 153 -13.09 -19.58 -4.58
CA LEU D 153 -11.70 -19.85 -4.25
C LEU D 153 -11.59 -20.59 -2.93
N ARG D 154 -10.73 -21.62 -2.89
CA ARG D 154 -10.44 -22.33 -1.66
C ARG D 154 -8.94 -22.10 -1.43
N LEU D 155 -8.64 -21.03 -0.67
CA LEU D 155 -7.27 -20.61 -0.35
C LEU D 155 -6.83 -21.17 0.99
N TYR D 156 -7.76 -21.13 1.98
CA TYR D 156 -7.50 -21.57 3.35
C TYR D 156 -8.52 -22.60 3.82
N ASP D 157 -8.08 -23.47 4.75
CA ASP D 157 -8.90 -24.51 5.35
C ASP D 157 -10.01 -23.90 6.24
N GLY D 158 -11.21 -24.46 6.11
CA GLY D 158 -12.40 -24.04 6.84
C GLY D 158 -13.13 -22.85 6.26
N LEU D 159 -12.71 -22.38 5.06
CA LEU D 159 -13.31 -21.21 4.39
C LEU D 159 -13.39 -21.36 2.87
N PHE D 160 -14.48 -20.81 2.31
CA PHE D 160 -14.72 -20.75 0.88
C PHE D 160 -14.92 -19.27 0.52
N LYS D 161 -13.98 -18.71 -0.26
CA LYS D 161 -14.03 -17.30 -0.67
C LYS D 161 -14.86 -17.14 -1.95
N VAL D 162 -15.84 -16.21 -1.93
CA VAL D 162 -16.72 -15.94 -3.06
C VAL D 162 -16.53 -14.52 -3.60
N ILE D 163 -16.21 -14.41 -4.90
CA ILE D 163 -16.09 -13.12 -5.59
C ILE D 163 -17.28 -13.01 -6.53
N PRO D 164 -18.28 -12.17 -6.19
CA PRO D 164 -19.42 -12.00 -7.10
C PRO D 164 -19.01 -11.33 -8.40
N LEU D 165 -19.46 -11.89 -9.53
CA LEU D 165 -19.13 -11.37 -10.85
C LEU D 165 -20.19 -10.39 -11.29
N ASP D 166 -19.86 -9.11 -11.15
CA ASP D 166 -20.66 -7.95 -11.51
C ASP D 166 -19.71 -6.96 -12.18
N ARG D 167 -20.26 -5.98 -12.91
CA ARG D 167 -19.44 -4.93 -13.53
C ARG D 167 -18.97 -3.95 -12.45
N ASP D 168 -19.77 -3.83 -11.35
CA ASP D 168 -19.54 -2.98 -10.19
C ASP D 168 -18.67 -3.64 -9.08
N ASN D 169 -17.82 -4.61 -9.47
CA ASN D 169 -16.89 -5.27 -8.57
C ASN D 169 -15.47 -5.19 -9.16
N LYS D 170 -15.05 -3.95 -9.50
CA LYS D 170 -13.75 -3.63 -10.09
C LYS D 170 -12.58 -3.85 -9.12
N GLU D 171 -12.88 -3.84 -7.80
CA GLU D 171 -11.90 -4.06 -6.74
C GLU D 171 -11.83 -5.52 -6.32
N LEU D 172 -12.73 -6.36 -6.88
CA LEU D 172 -12.87 -7.80 -6.62
C LEU D 172 -13.09 -8.10 -5.13
N LYS D 173 -14.14 -7.48 -4.56
CA LYS D 173 -14.48 -7.71 -3.16
C LYS D 173 -15.06 -9.11 -3.01
N ALA D 174 -14.73 -9.74 -1.88
CA ALA D 174 -15.09 -11.11 -1.58
C ALA D 174 -15.51 -11.30 -0.13
N PHE D 175 -16.33 -12.33 0.08
CA PHE D 175 -16.80 -12.74 1.39
C PHE D 175 -16.47 -14.21 1.56
N ASN D 176 -16.34 -14.66 2.81
CA ASN D 176 -16.07 -16.05 3.07
C ASN D 176 -17.28 -16.74 3.68
N ILE D 177 -17.50 -17.98 3.26
CA ILE D 177 -18.54 -18.83 3.83
C ILE D 177 -17.76 -19.85 4.68
N ARG D 178 -18.22 -20.09 5.91
CA ARG D 178 -17.60 -21.09 6.80
C ARG D 178 -17.85 -22.46 6.17
N LEU D 179 -16.84 -23.30 6.17
CA LEU D 179 -16.94 -24.63 5.60
C LEU D 179 -16.58 -25.63 6.70
N GLU D 180 -17.62 -26.33 7.25
CA GLU D 180 -17.46 -27.33 8.32
C GLU D 180 -16.48 -28.45 7.92
N GLU D 181 -16.47 -28.83 6.62
CA GLU D 181 -15.57 -29.83 6.05
C GLU D 181 -14.19 -29.15 5.93
N LEU D 182 -13.32 -29.42 6.90
CA LEU D 182 -12.01 -28.79 6.99
C LEU D 182 -11.00 -29.31 5.98
N HIS D 183 -11.12 -30.57 5.55
CA HIS D 183 -10.16 -31.19 4.63
C HIS D 183 -10.74 -31.46 3.24
N VAL D 184 -10.88 -30.39 2.45
CA VAL D 184 -11.39 -30.46 1.08
C VAL D 184 -10.28 -30.89 0.11
N ILE D 185 -10.54 -31.94 -0.68
CA ILE D 185 -9.61 -32.47 -1.67
C ILE D 185 -9.78 -31.78 -3.02
N ASP D 186 -11.02 -31.74 -3.55
CA ASP D 186 -11.28 -31.09 -4.85
C ASP D 186 -12.68 -30.54 -4.85
N VAL D 187 -12.90 -29.47 -5.62
CA VAL D 187 -14.20 -28.82 -5.71
C VAL D 187 -14.43 -28.26 -7.13
N LYS D 188 -15.66 -28.39 -7.63
CA LYS D 188 -16.07 -27.86 -8.93
C LYS D 188 -17.45 -27.26 -8.82
N PHE D 189 -17.79 -26.32 -9.72
CA PHE D 189 -19.17 -25.79 -9.85
C PHE D 189 -19.89 -26.74 -10.80
N LEU D 190 -21.09 -27.20 -10.42
CA LEU D 190 -21.90 -28.09 -11.26
C LEU D 190 -22.65 -27.33 -12.36
N TYR D 191 -23.05 -28.06 -13.42
CA TYR D 191 -23.82 -27.56 -14.55
C TYR D 191 -25.27 -27.96 -14.35
N GLY D 192 -26.17 -27.26 -15.04
CA GLY D 192 -27.61 -27.51 -15.02
C GLY D 192 -28.32 -27.19 -13.72
N CYS D 193 -27.76 -26.26 -12.94
CA CYS D 193 -28.30 -25.86 -11.64
C CYS D 193 -28.95 -24.47 -11.70
N GLN D 194 -30.12 -24.32 -11.07
CA GLN D 194 -30.82 -23.02 -11.00
C GLN D 194 -30.02 -22.03 -10.14
N ALA D 195 -29.34 -22.56 -9.08
CA ALA D 195 -28.49 -21.81 -8.16
C ALA D 195 -27.04 -22.31 -8.30
N PRO D 196 -26.00 -21.45 -8.11
CA PRO D 196 -24.62 -21.96 -8.21
C PRO D 196 -24.40 -23.08 -7.20
N THR D 197 -23.90 -24.21 -7.66
CA THR D 197 -23.73 -25.37 -6.80
C THR D 197 -22.34 -25.92 -6.88
N ILE D 198 -21.69 -26.07 -5.72
CA ILE D 198 -20.37 -26.66 -5.66
C ILE D 198 -20.46 -28.14 -5.31
N CYS D 199 -19.56 -28.92 -5.87
CA CYS D 199 -19.46 -30.32 -5.59
C CYS D 199 -18.04 -30.60 -5.14
N PHE D 200 -17.89 -31.33 -4.04
CA PHE D 200 -16.55 -31.55 -3.52
C PHE D 200 -16.34 -32.85 -2.80
N VAL D 201 -15.09 -33.30 -2.83
CA VAL D 201 -14.60 -34.49 -2.13
C VAL D 201 -13.89 -33.98 -0.89
N TYR D 202 -14.22 -34.56 0.27
CA TYR D 202 -13.60 -34.20 1.53
C TYR D 202 -13.19 -35.42 2.33
N GLN D 203 -12.35 -35.22 3.36
CA GLN D 203 -11.93 -36.30 4.24
C GLN D 203 -12.18 -35.95 5.69
N ASP D 204 -12.68 -36.93 6.45
CA ASP D 204 -12.95 -36.83 7.89
C ASP D 204 -12.55 -38.17 8.56
N PRO D 205 -12.61 -38.36 9.91
CA PRO D 205 -12.20 -39.66 10.48
C PRO D 205 -12.81 -40.90 9.84
N GLN D 206 -14.08 -40.80 9.38
CA GLN D 206 -14.84 -41.88 8.72
C GLN D 206 -14.28 -42.23 7.32
N GLY D 207 -13.73 -41.24 6.63
CA GLY D 207 -13.14 -41.41 5.31
C GLY D 207 -13.47 -40.31 4.32
N ARG D 208 -13.48 -40.69 3.02
CA ARG D 208 -13.76 -39.77 1.92
C ARG D 208 -15.21 -39.79 1.49
N HIS D 209 -15.78 -38.59 1.34
CA HIS D 209 -17.17 -38.39 0.95
C HIS D 209 -17.29 -37.33 -0.11
N VAL D 210 -18.38 -37.34 -0.87
CA VAL D 210 -18.71 -36.33 -1.87
C VAL D 210 -19.93 -35.55 -1.35
N LYS D 211 -19.83 -34.23 -1.33
CA LYS D 211 -20.90 -33.37 -0.84
C LYS D 211 -21.14 -32.22 -1.84
N THR D 212 -22.33 -31.59 -1.75
CA THR D 212 -22.72 -30.45 -2.56
C THR D 212 -23.32 -29.36 -1.67
N TYR D 213 -23.21 -28.13 -2.14
CA TYR D 213 -23.78 -26.96 -1.48
C TYR D 213 -24.26 -26.02 -2.52
N GLU D 214 -25.38 -25.37 -2.26
CA GLU D 214 -25.87 -24.30 -3.12
C GLU D 214 -25.19 -23.04 -2.59
N VAL D 215 -24.96 -22.04 -3.44
CA VAL D 215 -24.28 -20.82 -2.99
C VAL D 215 -25.18 -19.62 -3.14
N SER D 216 -25.63 -19.07 -2.00
CA SER D 216 -26.48 -17.89 -2.00
C SER D 216 -25.62 -16.62 -1.97
N LEU D 217 -25.74 -15.79 -3.01
CA LEU D 217 -25.04 -14.52 -3.11
C LEU D 217 -25.74 -13.48 -2.24
N ARG D 218 -27.09 -13.58 -2.14
CA ARG D 218 -27.96 -12.70 -1.34
C ARG D 218 -27.72 -12.92 0.15
N GLU D 219 -27.79 -14.20 0.60
CA GLU D 219 -27.61 -14.61 1.99
C GLU D 219 -26.15 -14.72 2.40
N LYS D 220 -25.23 -14.80 1.42
CA LYS D 220 -23.77 -14.95 1.57
C LYS D 220 -23.44 -16.20 2.43
N GLU D 221 -24.12 -17.31 2.09
CA GLU D 221 -24.00 -18.62 2.76
C GLU D 221 -24.26 -19.81 1.84
N PHE D 222 -24.06 -21.02 2.38
CA PHE D 222 -24.37 -22.26 1.69
C PHE D 222 -25.77 -22.74 2.11
N ASN D 223 -26.49 -23.39 1.18
CA ASN D 223 -27.76 -24.03 1.45
C ASN D 223 -27.60 -25.50 1.09
N LYS D 224 -28.55 -26.37 1.56
CA LYS D 224 -28.51 -27.82 1.28
C LYS D 224 -28.33 -28.06 -0.22
N GLY D 225 -27.30 -28.83 -0.56
CA GLY D 225 -26.97 -29.18 -1.94
C GLY D 225 -28.04 -30.03 -2.61
N PRO D 226 -28.04 -30.12 -3.97
CA PRO D 226 -29.08 -30.90 -4.67
C PRO D 226 -29.10 -32.37 -4.31
N TRP D 227 -27.95 -32.93 -3.94
CA TRP D 227 -27.93 -34.33 -3.56
C TRP D 227 -27.11 -34.63 -2.35
N LYS D 228 -27.61 -35.63 -1.58
CA LYS D 228 -27.05 -36.15 -0.35
C LYS D 228 -25.55 -36.53 -0.48
N GLN D 229 -24.87 -36.49 0.68
CA GLN D 229 -23.48 -36.87 0.81
C GLN D 229 -23.38 -38.39 0.56
N GLU D 230 -22.51 -38.78 -0.37
CA GLU D 230 -22.29 -40.18 -0.73
C GLU D 230 -20.89 -40.56 -0.24
N ASN D 231 -20.73 -41.77 0.33
CA ASN D 231 -19.44 -42.26 0.80
C ASN D 231 -18.61 -42.79 -0.42
N VAL D 232 -17.49 -42.13 -0.75
CA VAL D 232 -16.66 -42.49 -1.92
C VAL D 232 -15.38 -43.29 -1.54
N GLU D 233 -14.54 -43.58 -2.56
CA GLU D 233 -13.28 -44.30 -2.46
C GLU D 233 -12.29 -43.60 -1.53
N ALA D 234 -11.45 -44.40 -0.82
CA ALA D 234 -10.41 -43.92 0.10
C ALA D 234 -9.39 -42.99 -0.55
N GLU D 235 -9.17 -43.15 -1.86
CA GLU D 235 -8.20 -42.35 -2.62
C GLU D 235 -8.84 -41.45 -3.69
N ALA D 236 -10.14 -41.12 -3.54
CA ALA D 236 -10.88 -40.22 -4.44
C ALA D 236 -10.20 -38.85 -4.40
N SER D 237 -9.63 -38.41 -5.52
CA SER D 237 -8.90 -37.15 -5.57
C SER D 237 -9.42 -36.12 -6.56
N MET D 238 -10.10 -36.55 -7.62
CA MET D 238 -10.52 -35.69 -8.71
C MET D 238 -12.03 -35.62 -8.90
N VAL D 239 -12.54 -34.38 -9.03
CA VAL D 239 -13.94 -34.04 -9.26
C VAL D 239 -14.05 -33.43 -10.66
N ILE D 240 -14.95 -33.99 -11.51
CA ILE D 240 -15.22 -33.49 -12.86
C ILE D 240 -16.70 -33.16 -12.95
N ALA D 241 -17.06 -31.89 -13.25
CA ALA D 241 -18.45 -31.47 -13.41
C ALA D 241 -18.86 -31.75 -14.83
N VAL D 242 -19.86 -32.62 -15.00
CA VAL D 242 -20.30 -33.00 -16.34
C VAL D 242 -21.33 -31.97 -16.87
N PRO D 243 -21.12 -31.42 -18.11
CA PRO D 243 -22.08 -30.45 -18.67
C PRO D 243 -23.39 -31.11 -19.08
N GLU D 244 -24.37 -30.31 -19.51
CA GLU D 244 -25.65 -30.84 -20.00
C GLU D 244 -25.40 -31.61 -21.32
N PRO D 245 -26.11 -32.73 -21.61
CA PRO D 245 -27.30 -33.28 -20.95
C PRO D 245 -27.10 -34.13 -19.70
N PHE D 246 -25.83 -34.48 -19.38
CA PHE D 246 -25.50 -35.31 -18.22
C PHE D 246 -25.70 -34.63 -16.85
N GLY D 247 -24.95 -33.57 -16.60
CA GLY D 247 -24.99 -32.92 -15.28
C GLY D 247 -24.29 -33.82 -14.28
N GLY D 248 -24.44 -33.51 -13.00
CA GLY D 248 -23.79 -34.31 -11.97
C GLY D 248 -22.27 -34.25 -11.98
N ALA D 249 -21.61 -35.27 -11.41
CA ALA D 249 -20.15 -35.29 -11.30
C ALA D 249 -19.49 -36.66 -11.45
N ILE D 250 -18.22 -36.64 -11.81
CA ILE D 250 -17.37 -37.80 -11.97
C ILE D 250 -16.26 -37.70 -10.93
N ILE D 251 -16.19 -38.74 -10.05
CA ILE D 251 -15.18 -38.86 -8.99
C ILE D 251 -14.15 -39.92 -9.36
N ILE D 252 -12.89 -39.48 -9.53
CA ILE D 252 -11.77 -40.36 -9.87
C ILE D 252 -10.86 -40.63 -8.67
N GLY D 253 -10.67 -41.92 -8.38
CA GLY D 253 -9.81 -42.42 -7.31
C GLY D 253 -8.66 -43.24 -7.86
N GLN D 254 -7.97 -44.01 -6.98
CA GLN D 254 -6.84 -44.85 -7.42
C GLN D 254 -7.28 -46.13 -8.14
N GLU D 255 -8.43 -46.67 -7.76
CA GLU D 255 -8.98 -47.90 -8.33
C GLU D 255 -10.25 -47.66 -9.14
N SER D 256 -11.06 -46.65 -8.74
CA SER D 256 -12.37 -46.41 -9.36
C SER D 256 -12.60 -45.05 -9.99
N ILE D 257 -13.57 -45.04 -10.91
CA ILE D 257 -14.14 -43.91 -11.63
C ILE D 257 -15.65 -44.06 -11.40
N THR D 258 -16.21 -43.17 -10.56
CA THR D 258 -17.63 -43.18 -10.19
C THR D 258 -18.35 -41.92 -10.70
N TYR D 259 -19.64 -42.03 -10.95
CA TYR D 259 -20.51 -40.94 -11.40
C TYR D 259 -21.61 -40.80 -10.37
N HIS D 260 -21.91 -39.55 -10.01
CA HIS D 260 -22.92 -39.18 -9.03
C HIS D 260 -23.81 -38.07 -9.56
N ASN D 261 -25.15 -38.19 -9.36
CA ASN D 261 -26.14 -37.20 -9.77
C ASN D 261 -27.46 -37.54 -9.10
N GLY D 262 -27.66 -36.98 -7.91
CA GLY D 262 -28.87 -37.17 -7.13
C GLY D 262 -29.09 -38.58 -6.63
N ASP D 263 -29.98 -39.31 -7.30
CA ASP D 263 -30.29 -40.70 -6.99
C ASP D 263 -29.35 -41.63 -7.75
N LYS D 264 -28.86 -41.17 -8.92
CA LYS D 264 -27.95 -41.93 -9.79
C LYS D 264 -26.52 -42.05 -9.22
N TYR D 265 -26.03 -43.31 -9.25
CA TYR D 265 -24.69 -43.78 -8.91
C TYR D 265 -24.31 -44.79 -10.00
N LEU D 266 -23.07 -44.66 -10.52
CA LEU D 266 -22.55 -45.53 -11.55
C LEU D 266 -21.05 -45.68 -11.31
N ALA D 267 -20.60 -46.91 -10.99
CA ALA D 267 -19.19 -47.15 -10.70
C ALA D 267 -18.51 -48.12 -11.64
N ILE D 268 -17.23 -47.85 -11.97
CA ILE D 268 -16.34 -48.71 -12.77
C ILE D 268 -14.98 -48.81 -12.05
N ALA D 269 -14.36 -49.98 -12.10
CA ALA D 269 -13.05 -50.20 -11.49
C ALA D 269 -12.11 -50.79 -12.57
N PRO D 270 -11.69 -49.98 -13.59
CA PRO D 270 -10.84 -50.56 -14.65
C PRO D 270 -9.44 -50.94 -14.16
N PRO D 271 -8.98 -52.17 -14.45
CA PRO D 271 -7.63 -52.57 -14.01
C PRO D 271 -6.54 -51.80 -14.77
N ILE D 272 -6.91 -51.19 -15.93
CA ILE D 272 -6.04 -50.42 -16.82
C ILE D 272 -5.53 -49.11 -16.17
N ILE D 273 -6.25 -48.56 -15.15
CA ILE D 273 -5.90 -47.33 -14.41
C ILE D 273 -5.15 -47.58 -13.08
N LYS D 274 -5.12 -48.83 -12.60
CA LYS D 274 -4.52 -49.23 -11.32
C LYS D 274 -3.00 -49.00 -11.22
N GLN D 275 -2.28 -49.02 -12.36
CA GLN D 275 -0.83 -48.86 -12.43
C GLN D 275 -0.29 -47.53 -11.93
N SER D 276 -0.99 -46.41 -12.22
CA SER D 276 -0.56 -45.07 -11.82
C SER D 276 -1.75 -44.19 -11.54
N THR D 277 -1.59 -43.18 -10.67
CA THR D 277 -2.64 -42.25 -10.26
C THR D 277 -2.98 -41.32 -11.42
N ILE D 278 -4.27 -41.15 -11.73
CA ILE D 278 -4.73 -40.19 -12.74
C ILE D 278 -4.67 -38.82 -12.06
N VAL D 279 -3.91 -37.86 -12.64
CA VAL D 279 -3.70 -36.56 -11.99
C VAL D 279 -4.13 -35.31 -12.81
N CYS D 280 -4.70 -35.51 -13.98
CA CYS D 280 -5.22 -34.44 -14.84
C CYS D 280 -6.22 -34.97 -15.85
N HIS D 281 -7.09 -34.09 -16.34
CA HIS D 281 -8.15 -34.39 -17.28
C HIS D 281 -8.47 -33.18 -18.16
N ASN D 282 -9.26 -33.41 -19.19
CA ASN D 282 -9.76 -32.37 -20.06
C ASN D 282 -10.97 -32.88 -20.76
N ARG D 283 -11.97 -32.01 -20.94
CA ARG D 283 -13.17 -32.37 -21.67
C ARG D 283 -12.87 -32.26 -23.17
N VAL D 284 -13.28 -33.27 -23.96
CA VAL D 284 -13.12 -33.28 -25.42
C VAL D 284 -14.36 -32.68 -26.12
N ASP D 285 -15.53 -33.28 -25.89
CA ASP D 285 -16.78 -32.82 -26.48
C ASP D 285 -17.44 -31.78 -25.60
N PRO D 286 -18.09 -30.74 -26.15
CA PRO D 286 -18.75 -29.73 -25.30
C PRO D 286 -19.84 -30.24 -24.37
N ASN D 287 -20.46 -31.37 -24.72
CA ASN D 287 -21.53 -32.04 -23.98
C ASN D 287 -21.03 -33.11 -23.00
N GLY D 288 -19.71 -33.16 -22.76
CA GLY D 288 -19.05 -34.08 -21.84
C GLY D 288 -19.16 -35.56 -22.14
N SER D 289 -19.26 -35.97 -23.43
CA SER D 289 -19.36 -37.37 -23.87
C SER D 289 -18.00 -38.06 -23.80
N ARG D 290 -16.89 -37.30 -23.96
CA ARG D 290 -15.52 -37.80 -23.89
C ARG D 290 -14.63 -36.88 -23.08
N TYR D 291 -13.70 -37.50 -22.35
CA TYR D 291 -12.72 -36.83 -21.52
C TYR D 291 -11.37 -37.46 -21.72
N LEU D 292 -10.31 -36.66 -21.64
CA LEU D 292 -8.94 -37.18 -21.67
C LEU D 292 -8.45 -37.22 -20.24
N LEU D 293 -7.73 -38.29 -19.89
CA LEU D 293 -7.15 -38.47 -18.54
C LEU D 293 -5.67 -38.77 -18.69
N GLY D 294 -4.88 -38.18 -17.82
CA GLY D 294 -3.44 -38.39 -17.80
C GLY D 294 -3.00 -38.84 -16.43
N ASP D 295 -2.11 -39.83 -16.38
CA ASP D 295 -1.56 -40.32 -15.10
C ASP D 295 -0.15 -39.81 -14.83
N MET D 296 0.40 -40.11 -13.64
CA MET D 296 1.74 -39.66 -13.24
C MET D 296 2.91 -40.26 -14.08
N GLU D 297 2.62 -41.24 -14.95
CA GLU D 297 3.64 -41.94 -15.72
C GLU D 297 3.58 -41.69 -17.23
N GLY D 298 2.75 -40.72 -17.66
CA GLY D 298 2.62 -40.36 -19.07
C GLY D 298 1.58 -41.11 -19.88
N ARG D 299 0.85 -42.07 -19.27
CA ARG D 299 -0.23 -42.77 -19.98
C ARG D 299 -1.38 -41.78 -20.22
N LEU D 300 -1.97 -41.87 -21.41
CA LEU D 300 -3.10 -41.06 -21.85
C LEU D 300 -4.29 -41.99 -22.07
N PHE D 301 -5.39 -41.71 -21.35
CA PHE D 301 -6.65 -42.46 -21.44
C PHE D 301 -7.80 -41.58 -21.99
N MET D 302 -8.83 -42.26 -22.52
CA MET D 302 -10.06 -41.64 -22.97
C MET D 302 -11.15 -42.20 -22.10
N LEU D 303 -11.86 -41.33 -21.40
CA LEU D 303 -13.02 -41.70 -20.59
C LEU D 303 -14.25 -41.40 -21.45
N LEU D 304 -15.04 -42.42 -21.75
CA LEU D 304 -16.24 -42.25 -22.58
C LEU D 304 -17.51 -42.43 -21.74
N LEU D 305 -18.45 -41.50 -21.92
CA LEU D 305 -19.73 -41.49 -21.21
C LEU D 305 -20.85 -41.83 -22.20
N GLU D 306 -21.51 -42.98 -22.03
CA GLU D 306 -22.61 -43.40 -22.91
C GLU D 306 -23.93 -42.78 -22.46
N LYS D 307 -24.66 -42.13 -23.38
CA LYS D 307 -25.96 -41.51 -23.03
C LYS D 307 -27.13 -42.40 -23.44
N GLU D 308 -28.24 -42.24 -22.70
CA GLU D 308 -29.46 -43.03 -22.88
C GLU D 308 -30.65 -42.10 -22.67
N GLU D 309 -31.48 -41.89 -23.73
CA GLU D 309 -32.64 -41.02 -23.57
C GLU D 309 -33.76 -41.81 -22.89
N GLN D 310 -34.43 -41.15 -21.93
CA GLN D 310 -35.50 -41.65 -21.09
C GLN D 310 -36.88 -41.39 -21.67
N MET D 311 -37.89 -42.03 -21.06
CA MET D 311 -39.28 -41.88 -21.44
C MET D 311 -39.80 -40.48 -21.15
N ASP D 312 -39.26 -39.83 -20.10
CA ASP D 312 -39.64 -38.48 -19.64
C ASP D 312 -38.89 -37.32 -20.36
N GLY D 313 -38.12 -37.66 -21.39
CA GLY D 313 -37.37 -36.70 -22.18
C GLY D 313 -35.93 -36.59 -21.76
N THR D 314 -35.64 -36.75 -20.44
CA THR D 314 -34.26 -36.67 -19.92
C THR D 314 -33.28 -37.63 -20.58
N VAL D 315 -32.01 -37.31 -20.46
CA VAL D 315 -30.94 -38.14 -20.97
C VAL D 315 -30.12 -38.49 -19.76
N THR D 316 -29.99 -39.80 -19.48
CA THR D 316 -29.18 -40.29 -18.35
C THR D 316 -27.89 -40.96 -18.82
N LEU D 317 -26.91 -41.11 -17.89
CA LEU D 317 -25.65 -41.81 -18.18
C LEU D 317 -25.89 -43.33 -18.12
N LYS D 318 -25.71 -44.05 -19.26
CA LYS D 318 -25.88 -45.49 -19.36
C LYS D 318 -24.66 -46.24 -18.81
N ASP D 319 -23.44 -45.89 -19.29
CA ASP D 319 -22.22 -46.52 -18.80
C ASP D 319 -20.98 -45.64 -18.93
N LEU D 320 -19.86 -46.14 -18.35
CA LEU D 320 -18.54 -45.52 -18.34
C LEU D 320 -17.52 -46.52 -18.90
N ARG D 321 -16.58 -46.00 -19.71
CA ARG D 321 -15.53 -46.76 -20.36
C ARG D 321 -14.23 -46.00 -20.31
N VAL D 322 -13.12 -46.74 -20.17
CA VAL D 322 -11.76 -46.20 -20.20
C VAL D 322 -11.01 -46.90 -21.34
N GLU D 323 -10.23 -46.13 -22.10
CA GLU D 323 -9.42 -46.61 -23.23
C GLU D 323 -8.02 -46.02 -23.11
N LEU D 324 -7.00 -46.88 -23.09
CA LEU D 324 -5.63 -46.41 -23.11
C LEU D 324 -5.32 -45.98 -24.55
N LEU D 325 -5.08 -44.67 -24.76
CA LEU D 325 -4.77 -44.12 -26.08
C LEU D 325 -3.30 -44.34 -26.43
N GLY D 326 -2.43 -44.17 -25.46
CA GLY D 326 -0.99 -44.29 -25.65
C GLY D 326 -0.21 -43.46 -24.65
N GLU D 327 1.07 -43.19 -25.00
CA GLU D 327 1.98 -42.47 -24.13
C GLU D 327 2.31 -41.05 -24.57
N THR D 328 2.41 -40.15 -23.60
CA THR D 328 2.80 -38.75 -23.79
C THR D 328 3.95 -38.43 -22.77
N SER D 329 4.41 -37.18 -22.72
CA SER D 329 5.32 -36.73 -21.66
C SER D 329 4.44 -36.71 -20.41
N ILE D 330 5.05 -36.88 -19.23
CA ILE D 330 4.30 -36.82 -17.97
C ILE D 330 3.55 -35.47 -17.98
N ALA D 331 2.23 -35.52 -18.07
CA ALA D 331 1.43 -34.31 -18.15
C ALA D 331 1.06 -33.68 -16.81
N GLU D 332 1.20 -32.37 -16.73
CA GLU D 332 0.78 -31.53 -15.64
C GLU D 332 -0.68 -31.12 -15.98
N CYS D 333 -0.92 -30.87 -17.28
CA CYS D 333 -2.17 -30.43 -17.83
C CYS D 333 -2.38 -30.88 -19.27
N LEU D 334 -3.63 -31.21 -19.62
CA LEU D 334 -4.05 -31.63 -20.96
C LEU D 334 -5.08 -30.62 -21.49
N THR D 335 -5.05 -30.39 -22.81
CA THR D 335 -6.05 -29.52 -23.44
C THR D 335 -6.31 -30.02 -24.87
N TYR D 336 -7.58 -30.38 -25.16
CA TYR D 336 -8.00 -30.78 -26.49
C TYR D 336 -8.19 -29.52 -27.35
N LEU D 337 -7.54 -29.48 -28.52
CA LEU D 337 -7.63 -28.31 -29.37
C LEU D 337 -8.74 -28.48 -30.41
N ASP D 338 -8.55 -29.37 -31.38
CA ASP D 338 -9.51 -29.72 -32.42
C ASP D 338 -8.82 -30.62 -33.42
N ASN D 339 -9.63 -31.47 -34.09
CA ASN D 339 -9.24 -32.41 -35.15
C ASN D 339 -8.25 -33.43 -34.62
N GLY D 340 -8.55 -33.96 -33.44
CA GLY D 340 -7.74 -34.97 -32.76
C GLY D 340 -6.47 -34.45 -32.11
N VAL D 341 -6.17 -33.16 -32.25
CA VAL D 341 -4.96 -32.56 -31.69
C VAL D 341 -5.19 -32.15 -30.25
N VAL D 342 -4.21 -32.50 -29.41
CA VAL D 342 -4.16 -32.31 -27.97
C VAL D 342 -2.82 -31.70 -27.63
N PHE D 343 -2.85 -30.67 -26.78
CA PHE D 343 -1.64 -30.06 -26.26
C PHE D 343 -1.40 -30.65 -24.89
N VAL D 344 -0.18 -31.19 -24.68
CA VAL D 344 0.27 -31.80 -23.43
C VAL D 344 1.20 -30.81 -22.74
N GLY D 345 0.76 -30.27 -21.62
CA GLY D 345 1.54 -29.36 -20.80
C GLY D 345 2.40 -30.14 -19.83
N SER D 346 3.73 -30.01 -19.93
CA SER D 346 4.58 -30.78 -19.05
C SER D 346 5.45 -29.92 -18.13
N ARG D 347 5.63 -30.37 -16.89
CA ARG D 347 6.51 -29.75 -15.89
C ARG D 347 7.85 -30.51 -15.84
N LEU D 348 7.81 -31.86 -16.00
CA LEU D 348 8.94 -32.79 -15.88
C LEU D 348 9.69 -33.11 -17.15
N GLY D 349 9.05 -32.89 -18.29
CA GLY D 349 9.62 -33.18 -19.59
C GLY D 349 9.17 -32.15 -20.60
N ASP D 350 9.43 -32.41 -21.87
CA ASP D 350 9.02 -31.51 -22.92
C ASP D 350 7.52 -31.47 -23.08
N SER D 351 6.97 -30.30 -23.46
CA SER D 351 5.56 -30.21 -23.78
C SER D 351 5.38 -30.70 -25.23
N GLN D 352 4.18 -31.14 -25.57
CA GLN D 352 3.92 -31.74 -26.86
C GLN D 352 2.62 -31.26 -27.44
N LEU D 353 2.48 -31.44 -28.76
CA LEU D 353 1.26 -31.35 -29.56
C LEU D 353 1.19 -32.76 -30.09
N VAL D 354 0.12 -33.48 -29.70
CA VAL D 354 -0.07 -34.87 -30.12
C VAL D 354 -1.35 -35.01 -30.94
N LYS D 355 -1.30 -35.87 -31.95
CA LYS D 355 -2.44 -36.18 -32.77
C LYS D 355 -3.02 -37.51 -32.30
N LEU D 356 -4.34 -37.56 -32.12
CA LEU D 356 -5.04 -38.80 -31.77
C LEU D 356 -5.58 -39.47 -33.06
N ASN D 357 -5.35 -40.80 -33.18
CA ASN D 357 -5.78 -41.62 -34.32
C ASN D 357 -6.62 -42.83 -33.89
N SER D 365 -6.78 -45.13 -31.44
CA SER D 365 -6.07 -46.18 -30.72
C SER D 365 -4.54 -45.91 -30.50
N TYR D 366 -3.98 -44.84 -31.11
CA TYR D 366 -2.56 -44.52 -30.94
C TYR D 366 -2.27 -43.01 -30.99
N VAL D 367 -1.30 -42.58 -30.17
CA VAL D 367 -0.87 -41.20 -29.98
C VAL D 367 0.42 -40.96 -30.77
N VAL D 368 0.40 -39.96 -31.68
CA VAL D 368 1.52 -39.55 -32.53
C VAL D 368 1.92 -38.11 -32.19
N ALA D 369 3.19 -37.88 -31.88
CA ALA D 369 3.69 -36.55 -31.52
C ALA D 369 3.90 -35.73 -32.79
N MET D 370 3.25 -34.56 -32.86
CA MET D 370 3.36 -33.65 -34.00
C MET D 370 4.50 -32.67 -33.77
N GLU D 371 4.53 -32.06 -32.56
CA GLU D 371 5.53 -31.07 -32.15
C GLU D 371 5.98 -31.35 -30.75
N THR D 372 7.22 -30.96 -30.45
CA THR D 372 7.87 -31.08 -29.16
C THR D 372 8.34 -29.68 -28.79
N PHE D 373 8.12 -29.27 -27.53
CA PHE D 373 8.51 -27.94 -27.03
C PHE D 373 9.43 -28.11 -25.87
N THR D 374 10.66 -27.63 -26.04
CA THR D 374 11.75 -27.64 -25.05
C THR D 374 11.33 -27.18 -23.66
N ASN D 375 11.62 -28.04 -22.66
CA ASN D 375 11.46 -27.77 -21.24
C ASN D 375 12.78 -28.19 -20.59
N LEU D 376 13.51 -27.24 -20.00
CA LEU D 376 14.77 -27.53 -19.31
C LEU D 376 14.51 -28.00 -17.88
N GLY D 377 13.30 -27.75 -17.39
CA GLY D 377 12.92 -28.07 -16.03
C GLY D 377 12.50 -29.48 -15.72
N PRO D 378 12.72 -29.90 -14.44
CA PRO D 378 13.50 -29.18 -13.41
C PRO D 378 15.00 -29.28 -13.72
N ILE D 379 15.77 -28.20 -13.49
CA ILE D 379 17.23 -28.23 -13.61
C ILE D 379 17.66 -28.59 -12.19
N VAL D 380 18.13 -29.85 -11.98
CA VAL D 380 18.54 -30.36 -10.66
C VAL D 380 20.03 -30.12 -10.42
N ASP D 381 20.81 -30.00 -11.51
CA ASP D 381 22.26 -29.69 -11.49
C ASP D 381 22.67 -29.20 -12.87
N MET D 382 23.83 -28.55 -12.95
CA MET D 382 24.41 -28.04 -14.20
C MET D 382 25.90 -27.77 -14.03
N CYS D 383 26.60 -27.63 -15.15
CA CYS D 383 28.01 -27.24 -15.17
C CYS D 383 28.34 -26.43 -16.44
N VAL D 384 29.32 -25.51 -16.33
CA VAL D 384 29.75 -24.67 -17.44
C VAL D 384 31.04 -25.26 -18.02
N VAL D 385 31.05 -25.44 -19.33
CA VAL D 385 32.16 -26.06 -20.07
C VAL D 385 32.38 -25.27 -21.33
N ASP D 386 33.63 -25.04 -21.69
CA ASP D 386 33.95 -24.37 -22.95
C ASP D 386 34.25 -25.48 -23.99
N LEU D 387 33.17 -26.16 -24.46
CA LEU D 387 33.21 -27.27 -25.43
C LEU D 387 33.81 -26.86 -26.77
N GLU D 388 33.17 -25.89 -27.48
CA GLU D 388 33.54 -25.41 -28.82
C GLU D 388 34.86 -24.56 -28.86
N ARG D 389 34.91 -23.55 -29.76
CA ARG D 389 36.05 -22.65 -29.92
C ARG D 389 36.15 -21.69 -28.72
N GLN D 390 37.12 -22.01 -27.82
CA GLN D 390 37.46 -21.36 -26.54
C GLN D 390 37.16 -19.84 -26.50
N GLY D 391 36.37 -19.45 -25.49
CA GLY D 391 35.88 -18.10 -25.26
C GLY D 391 34.47 -18.15 -24.72
N GLN D 392 33.57 -18.84 -25.45
CA GLN D 392 32.17 -19.02 -25.07
C GLN D 392 31.93 -20.32 -24.32
N GLY D 393 31.32 -20.18 -23.15
CA GLY D 393 30.94 -21.29 -22.30
C GLY D 393 29.58 -21.84 -22.69
N GLN D 394 29.44 -23.16 -22.57
CA GLN D 394 28.22 -23.93 -22.81
C GLN D 394 27.77 -24.46 -21.48
N LEU D 395 26.47 -24.46 -21.26
CA LEU D 395 25.85 -24.92 -20.03
C LEU D 395 25.28 -26.33 -20.26
N VAL D 396 25.66 -27.27 -19.38
CA VAL D 396 25.17 -28.64 -19.52
C VAL D 396 24.40 -28.98 -18.25
N THR D 397 23.08 -29.12 -18.40
CA THR D 397 22.18 -29.36 -17.29
C THR D 397 21.72 -30.82 -17.12
N CYS D 398 21.31 -31.15 -15.89
CA CYS D 398 20.64 -32.38 -15.52
C CYS D 398 19.16 -31.96 -15.47
N SER D 399 18.41 -32.27 -16.53
CA SER D 399 17.02 -31.88 -16.66
C SER D 399 16.03 -33.01 -16.58
N GLY D 400 14.80 -32.68 -16.19
CA GLY D 400 13.70 -33.63 -16.14
C GLY D 400 13.78 -34.58 -14.99
N ALA D 401 12.93 -35.60 -15.00
CA ALA D 401 12.91 -36.62 -13.94
C ALA D 401 12.23 -37.78 -14.54
N PHE D 402 12.58 -39.01 -14.08
CA PHE D 402 12.00 -40.28 -14.56
C PHE D 402 12.24 -40.48 -16.04
N LYS D 403 11.28 -40.99 -16.82
CA LYS D 403 11.45 -41.21 -18.28
C LYS D 403 11.76 -39.96 -19.06
N GLU D 404 11.51 -38.82 -18.43
CA GLU D 404 11.73 -37.50 -19.03
C GLU D 404 13.16 -36.98 -18.87
N GLY D 405 13.95 -37.67 -18.06
CA GLY D 405 15.31 -37.29 -17.72
C GLY D 405 16.20 -37.14 -18.92
N SER D 406 16.96 -36.06 -18.95
CA SER D 406 17.84 -35.80 -20.07
C SER D 406 19.01 -34.93 -19.60
N LEU D 407 19.92 -34.69 -20.55
CA LEU D 407 20.97 -33.69 -20.45
C LEU D 407 20.59 -32.64 -21.48
N ARG D 408 20.82 -31.37 -21.16
CA ARG D 408 20.55 -30.32 -22.12
C ARG D 408 21.81 -29.51 -22.26
N ILE D 409 22.21 -29.23 -23.51
CA ILE D 409 23.38 -28.41 -23.83
C ILE D 409 22.91 -27.05 -24.33
N ILE D 410 23.15 -26.01 -23.53
CA ILE D 410 22.70 -24.64 -23.78
C ILE D 410 23.88 -23.74 -24.19
N ARG D 411 23.77 -23.14 -25.39
CA ARG D 411 24.75 -22.19 -25.90
C ARG D 411 24.05 -20.94 -26.44
N ASN D 412 24.80 -19.83 -26.54
CA ASN D 412 24.31 -18.57 -27.14
C ASN D 412 24.48 -18.70 -28.67
N GLY D 413 23.38 -18.40 -29.39
CA GLY D 413 23.29 -18.47 -30.85
C GLY D 413 24.17 -17.47 -31.59
N LYS D 425 19.36 -15.73 -29.88
CA LYS D 425 18.61 -16.65 -29.01
C LYS D 425 19.46 -17.84 -28.49
N LEU D 426 18.93 -18.59 -27.46
CA LEU D 426 19.65 -19.73 -26.87
C LEU D 426 19.45 -20.98 -27.68
N HIS D 427 20.56 -21.63 -28.06
CA HIS D 427 20.57 -22.89 -28.79
C HIS D 427 20.70 -24.04 -27.78
N ILE D 428 19.68 -24.91 -27.77
CA ILE D 428 19.51 -26.06 -26.87
C ILE D 428 19.51 -27.40 -27.60
N ARG D 429 20.41 -28.30 -27.18
CA ARG D 429 20.58 -29.67 -27.66
C ARG D 429 20.09 -30.62 -26.53
N THR D 430 19.32 -31.67 -26.88
CA THR D 430 18.72 -32.61 -25.93
C THR D 430 19.25 -34.02 -26.07
N VAL D 431 19.60 -34.63 -24.93
CA VAL D 431 20.13 -35.97 -24.81
C VAL D 431 19.21 -36.79 -23.87
N PRO D 432 18.18 -37.52 -24.39
CA PRO D 432 17.32 -38.31 -23.52
C PRO D 432 18.05 -39.44 -22.80
N LEU D 433 17.78 -39.58 -21.48
CA LEU D 433 18.42 -40.63 -20.67
C LEU D 433 17.44 -41.70 -20.27
N TYR D 434 16.12 -41.35 -20.15
CA TYR D 434 14.97 -42.19 -19.76
C TYR D 434 14.98 -42.56 -18.29
N GLU D 435 15.72 -41.78 -17.51
CA GLU D 435 15.91 -41.93 -16.09
C GLU D 435 16.34 -40.60 -15.58
N SER D 436 16.39 -40.44 -14.25
CA SER D 436 16.70 -39.19 -13.64
C SER D 436 18.19 -38.88 -13.60
N PRO D 437 18.67 -37.84 -14.33
CA PRO D 437 20.06 -37.37 -14.08
C PRO D 437 20.01 -36.62 -12.74
N ARG D 438 21.08 -36.71 -11.94
CA ARG D 438 21.09 -36.07 -10.61
C ARG D 438 22.24 -35.11 -10.37
N LYS D 439 23.45 -35.45 -10.82
CA LYS D 439 24.63 -34.62 -10.64
C LYS D 439 25.49 -34.72 -11.87
N ILE D 440 26.24 -33.67 -12.16
CA ILE D 440 27.08 -33.61 -13.34
C ILE D 440 28.38 -32.83 -13.08
N CYS D 441 29.46 -33.33 -13.66
CA CYS D 441 30.76 -32.69 -13.65
C CYS D 441 31.52 -33.09 -14.88
N TYR D 442 32.31 -32.19 -15.38
CA TYR D 442 33.07 -32.37 -16.59
C TYR D 442 34.49 -32.78 -16.25
N GLN D 443 35.10 -33.64 -17.08
CA GLN D 443 36.48 -34.08 -16.92
C GLN D 443 37.19 -33.85 -18.23
N GLU D 444 37.85 -32.69 -18.35
CA GLU D 444 38.55 -32.27 -19.56
C GLU D 444 39.55 -33.31 -20.09
N VAL D 445 40.37 -33.86 -19.19
CA VAL D 445 41.42 -34.84 -19.51
C VAL D 445 40.87 -36.02 -20.31
N SER D 446 39.75 -36.61 -19.83
CA SER D 446 39.15 -37.78 -20.47
C SER D 446 38.12 -37.42 -21.54
N GLN D 447 37.83 -36.11 -21.72
CA GLN D 447 36.90 -35.59 -22.74
C GLN D 447 35.49 -36.19 -22.60
N CYS D 448 35.03 -36.19 -21.35
CA CYS D 448 33.77 -36.77 -20.96
C CYS D 448 33.21 -36.02 -19.73
N PHE D 449 31.94 -36.31 -19.44
CA PHE D 449 31.16 -35.87 -18.31
C PHE D 449 30.88 -37.08 -17.43
N GLY D 450 30.81 -36.84 -16.14
CA GLY D 450 30.40 -37.85 -15.18
C GLY D 450 29.02 -37.43 -14.70
N VAL D 451 28.04 -38.34 -14.78
CA VAL D 451 26.64 -38.05 -14.40
C VAL D 451 26.17 -39.13 -13.42
N LEU D 452 25.71 -38.70 -12.25
CA LEU D 452 25.06 -39.60 -11.30
C LEU D 452 23.60 -39.66 -11.73
N SER D 453 23.03 -40.84 -11.87
CA SER D 453 21.64 -40.95 -12.28
C SER D 453 20.93 -41.97 -11.43
N SER D 454 19.59 -41.97 -11.46
CA SER D 454 18.84 -42.99 -10.78
C SER D 454 17.70 -43.50 -11.66
N ARG D 455 17.33 -44.77 -11.48
CA ARG D 455 16.20 -45.37 -12.16
C ARG D 455 15.42 -46.15 -11.13
N ILE D 456 14.12 -46.29 -11.38
CA ILE D 456 13.16 -47.05 -10.60
C ILE D 456 13.08 -48.47 -11.21
N GLU D 457 13.11 -49.47 -10.34
CA GLU D 457 12.98 -50.88 -10.68
C GLU D 457 11.92 -51.44 -9.74
N VAL D 458 11.16 -52.42 -10.18
CA VAL D 458 10.12 -53.03 -9.34
C VAL D 458 10.58 -54.39 -8.89
N GLN D 459 10.18 -54.77 -7.67
CA GLN D 459 10.51 -56.06 -7.06
C GLN D 459 9.66 -57.16 -7.74
N ASP D 460 10.32 -58.31 -8.05
CA ASP D 460 9.74 -59.51 -8.70
C ASP D 460 9.29 -60.61 -7.75
N THR D 461 8.56 -61.59 -8.32
CA THR D 461 8.05 -62.81 -7.68
C THR D 461 9.26 -63.71 -7.37
N SER D 462 10.24 -63.75 -8.31
CA SER D 462 11.50 -64.51 -8.27
C SER D 462 12.55 -63.89 -7.33
N GLY D 463 12.22 -62.73 -6.78
CA GLY D 463 13.14 -61.94 -5.97
C GLY D 463 13.84 -61.01 -6.93
N GLY D 464 14.73 -60.17 -6.42
CA GLY D 464 15.45 -59.23 -7.27
C GLY D 464 14.54 -58.20 -7.92
N THR D 465 15.11 -57.33 -8.79
CA THR D 465 14.30 -56.27 -9.40
C THR D 465 14.36 -56.22 -10.94
N THR D 466 13.29 -55.66 -11.53
CA THR D 466 13.11 -55.50 -12.98
C THR D 466 12.85 -54.02 -13.33
N ALA D 467 13.58 -53.54 -14.36
CA ALA D 467 13.48 -52.17 -14.89
C ALA D 467 12.14 -51.97 -15.59
N LEU D 468 11.73 -50.70 -15.73
CA LEU D 468 10.45 -50.36 -16.36
C LEU D 468 10.57 -50.12 -17.87
N ARG D 469 11.76 -49.70 -18.30
CA ARG D 469 12.11 -49.38 -19.67
C ARG D 469 13.62 -49.38 -19.77
N PRO D 470 14.22 -49.55 -20.96
CA PRO D 470 15.67 -49.37 -21.06
C PRO D 470 15.97 -47.88 -20.83
N SER D 471 17.12 -47.62 -20.25
CA SER D 471 17.52 -46.25 -19.93
C SER D 471 19.04 -46.20 -20.00
N ALA D 472 19.63 -45.00 -19.90
CA ALA D 472 21.07 -44.73 -20.02
C ALA D 472 21.92 -45.68 -19.23
N SER D 473 21.51 -46.00 -18.00
CA SER D 473 22.24 -46.89 -17.08
C SER D 473 22.10 -48.41 -17.40
N THR D 474 21.07 -48.79 -18.18
CA THR D 474 20.92 -50.19 -18.63
C THR D 474 21.37 -50.31 -20.09
N GLN D 475 21.66 -49.17 -20.76
CA GLN D 475 22.02 -49.19 -22.19
C GLN D 475 23.43 -48.66 -22.49
N ALA D 476 24.33 -48.62 -21.52
CA ALA D 476 25.69 -48.16 -21.74
C ALA D 476 26.41 -49.17 -22.61
N LEU D 477 27.48 -48.74 -23.29
CA LEU D 477 28.28 -49.61 -24.16
C LEU D 477 29.13 -50.59 -23.37
N SER D 478 29.48 -50.20 -22.13
CA SER D 478 30.24 -50.95 -21.13
C SER D 478 29.58 -50.67 -19.80
N SER D 479 29.53 -51.66 -18.95
CA SER D 479 28.91 -51.50 -17.65
C SER D 479 29.74 -52.21 -16.58
N SER D 480 29.56 -51.79 -15.33
CA SER D 480 30.20 -52.40 -14.16
C SER D 480 29.28 -52.24 -12.92
N VAL D 481 29.47 -53.12 -11.94
CA VAL D 481 28.66 -53.14 -10.71
C VAL D 481 29.62 -53.16 -9.52
N SER D 482 29.21 -52.52 -8.42
CA SER D 482 29.99 -52.56 -7.19
C SER D 482 29.80 -53.95 -6.61
N SER D 483 30.86 -54.49 -5.99
CA SER D 483 30.82 -55.78 -5.32
C SER D 483 30.02 -55.61 -4.02
N SER D 484 29.01 -56.46 -3.83
CA SER D 484 28.16 -56.48 -2.65
C SER D 484 28.79 -57.14 -1.40
N LYS D 485 28.15 -56.87 -0.25
CA LYS D 485 28.60 -57.35 1.04
C LYS D 485 27.55 -58.18 1.79
N LEU D 486 27.89 -58.54 3.05
CA LEU D 486 27.14 -59.31 4.06
C LEU D 486 25.64 -58.99 4.10
N THR D 496 11.79 -56.59 1.15
CA THR D 496 11.00 -55.96 0.09
C THR D 496 10.00 -56.94 -0.53
N SER D 497 8.72 -56.53 -0.58
CA SER D 497 7.58 -57.27 -1.14
C SER D 497 7.46 -57.02 -2.66
N PHE D 498 6.69 -57.87 -3.37
CA PHE D 498 6.47 -57.78 -4.82
C PHE D 498 5.87 -56.41 -5.26
N GLY D 499 6.28 -55.96 -6.45
CA GLY D 499 5.82 -54.71 -7.06
C GLY D 499 6.33 -53.43 -6.44
N GLU D 500 7.11 -53.54 -5.35
CA GLU D 500 7.67 -52.38 -4.67
C GLU D 500 8.82 -51.74 -5.43
N GLU D 501 8.73 -50.40 -5.59
CA GLU D 501 9.70 -49.54 -6.25
C GLU D 501 11.01 -49.49 -5.51
N VAL D 502 12.09 -49.62 -6.27
CA VAL D 502 13.47 -49.61 -5.80
C VAL D 502 14.21 -48.56 -6.66
N GLU D 503 14.96 -47.68 -6.02
CA GLU D 503 15.78 -46.71 -6.72
C GLU D 503 17.22 -47.29 -6.90
N VAL D 504 17.69 -47.43 -8.15
CA VAL D 504 19.04 -47.94 -8.42
C VAL D 504 19.88 -46.74 -8.86
N HIS D 505 21.04 -46.52 -8.23
CA HIS D 505 21.95 -45.41 -8.53
C HIS D 505 23.13 -45.86 -9.35
N ASN D 506 23.63 -44.94 -10.19
CA ASN D 506 24.68 -45.22 -11.17
C ASN D 506 25.55 -44.02 -11.46
N LEU D 507 26.77 -44.28 -11.96
CA LEU D 507 27.68 -43.26 -12.47
C LEU D 507 27.80 -43.51 -13.97
N LEU D 508 27.39 -42.52 -14.76
CA LEU D 508 27.43 -42.61 -16.21
C LEU D 508 28.63 -41.83 -16.71
N ILE D 509 29.33 -42.40 -17.71
CA ILE D 509 30.46 -41.75 -18.37
C ILE D 509 29.91 -41.43 -19.75
N ILE D 510 29.79 -40.13 -20.05
CA ILE D 510 29.18 -39.61 -21.26
C ILE D 510 30.22 -38.86 -22.08
N ASP D 511 30.41 -39.25 -23.38
CA ASP D 511 31.36 -38.63 -24.29
C ASP D 511 30.95 -37.15 -24.48
N GLN D 512 31.91 -36.20 -24.40
CA GLN D 512 31.59 -34.76 -24.51
C GLN D 512 31.18 -34.30 -25.94
N HIS D 513 31.59 -35.05 -26.97
CA HIS D 513 31.27 -34.72 -28.37
C HIS D 513 29.95 -35.28 -28.83
N THR D 514 29.79 -36.61 -28.66
CA THR D 514 28.68 -37.45 -29.10
C THR D 514 27.55 -37.55 -28.11
N PHE D 515 27.87 -37.45 -26.80
CA PHE D 515 26.91 -37.56 -25.68
C PHE D 515 26.42 -38.99 -25.51
N GLU D 516 27.22 -39.94 -25.98
CA GLU D 516 27.01 -41.37 -25.83
C GLU D 516 27.43 -41.84 -24.44
N VAL D 517 26.67 -42.78 -23.87
CA VAL D 517 26.92 -43.40 -22.57
C VAL D 517 27.96 -44.49 -22.77
N LEU D 518 29.22 -44.08 -22.67
CA LEU D 518 30.38 -44.95 -22.80
C LEU D 518 30.39 -46.05 -21.73
N HIS D 519 30.17 -45.66 -20.48
CA HIS D 519 30.17 -46.57 -19.33
C HIS D 519 29.09 -46.21 -18.34
N ALA D 520 28.54 -47.22 -17.64
CA ALA D 520 27.59 -47.06 -16.54
C ALA D 520 28.02 -47.97 -15.42
N HIS D 521 28.30 -47.35 -14.25
CA HIS D 521 28.71 -48.06 -13.05
C HIS D 521 27.57 -48.06 -12.07
N GLN D 522 27.09 -49.27 -11.69
CA GLN D 522 25.97 -49.43 -10.75
C GLN D 522 26.45 -49.55 -9.32
N PHE D 523 25.83 -48.76 -8.44
CA PHE D 523 26.16 -48.77 -7.03
C PHE D 523 25.45 -49.94 -6.31
N LEU D 524 25.76 -50.12 -5.03
CA LEU D 524 25.23 -51.23 -4.24
C LEU D 524 23.74 -51.12 -4.00
N GLN D 525 23.09 -52.22 -3.62
CA GLN D 525 21.66 -52.20 -3.31
C GLN D 525 21.49 -51.28 -2.09
N ASN D 526 20.49 -50.38 -2.13
CA ASN D 526 20.19 -49.41 -1.05
C ASN D 526 21.25 -48.28 -0.93
N GLU D 527 22.22 -48.20 -1.87
CA GLU D 527 23.23 -47.14 -1.85
C GLU D 527 22.74 -45.98 -2.67
N TYR D 528 22.70 -44.82 -2.05
CA TYR D 528 22.24 -43.58 -2.63
C TYR D 528 23.44 -42.70 -2.94
N ALA D 529 23.67 -42.38 -4.22
CA ALA D 529 24.79 -41.51 -4.65
C ALA D 529 24.37 -40.08 -4.49
N LEU D 530 25.13 -39.34 -3.68
CA LEU D 530 24.78 -37.96 -3.30
C LEU D 530 25.63 -36.86 -3.93
N SER D 531 26.95 -37.04 -3.94
CA SER D 531 27.92 -36.05 -4.38
C SER D 531 28.91 -36.64 -5.38
N LEU D 532 29.34 -35.82 -6.34
CA LEU D 532 30.22 -36.14 -7.45
C LEU D 532 31.23 -35.01 -7.68
N VAL D 533 32.52 -35.35 -7.86
CA VAL D 533 33.60 -34.42 -8.10
C VAL D 533 34.52 -35.02 -9.16
N SER D 534 35.18 -34.18 -9.94
CA SER D 534 36.21 -34.56 -10.92
C SER D 534 37.47 -33.72 -10.58
N CYS D 535 38.56 -34.37 -10.14
CA CYS D 535 39.74 -33.63 -9.73
C CYS D 535 41.04 -34.43 -9.70
N LYS D 536 42.16 -33.72 -9.44
CA LYS D 536 43.49 -34.27 -9.22
C LYS D 536 43.74 -34.08 -7.72
N LEU D 537 44.33 -35.09 -7.05
CA LEU D 537 44.62 -35.02 -5.62
C LEU D 537 46.08 -35.33 -5.33
N GLY D 538 46.61 -34.68 -4.29
CA GLY D 538 48.00 -34.84 -3.83
C GLY D 538 49.01 -34.58 -4.92
N LYS D 539 50.03 -35.47 -5.04
CA LYS D 539 51.05 -35.36 -6.09
C LYS D 539 50.74 -36.32 -7.26
N ASP D 540 49.50 -36.84 -7.30
CA ASP D 540 49.01 -37.78 -8.32
C ASP D 540 48.64 -37.05 -9.62
N PRO D 541 49.30 -37.39 -10.74
CA PRO D 541 49.00 -36.71 -12.02
C PRO D 541 47.62 -37.00 -12.59
N ASN D 542 47.03 -38.14 -12.20
CA ASN D 542 45.72 -38.61 -12.67
C ASN D 542 44.57 -37.73 -12.21
N THR D 543 43.53 -37.66 -13.07
CA THR D 543 42.28 -36.99 -12.77
C THR D 543 41.26 -38.09 -12.47
N TYR D 544 40.54 -37.96 -11.35
CA TYR D 544 39.56 -38.94 -10.90
C TYR D 544 38.14 -38.41 -10.84
N PHE D 545 37.16 -39.33 -10.81
CA PHE D 545 35.75 -39.06 -10.56
C PHE D 545 35.55 -39.61 -9.15
N ILE D 546 35.16 -38.77 -8.21
CA ILE D 546 34.95 -39.19 -6.82
C ILE D 546 33.45 -39.11 -6.48
N VAL D 547 32.87 -40.22 -5.99
CA VAL D 547 31.43 -40.31 -5.61
C VAL D 547 31.31 -40.50 -4.09
N GLY D 548 30.47 -39.69 -3.47
CA GLY D 548 30.13 -39.73 -2.05
C GLY D 548 28.72 -40.27 -1.98
N THR D 549 28.51 -41.28 -1.13
CA THR D 549 27.23 -41.99 -1.05
C THR D 549 26.67 -42.04 0.40
N ALA D 550 25.55 -42.75 0.56
CA ALA D 550 24.84 -43.04 1.82
C ALA D 550 24.13 -44.39 1.62
N MET D 551 24.07 -45.23 2.67
CA MET D 551 23.31 -46.49 2.65
C MET D 551 21.99 -46.16 3.29
N VAL D 552 20.91 -46.41 2.57
CA VAL D 552 19.58 -46.03 3.00
C VAL D 552 18.72 -47.25 3.17
N TYR D 553 18.19 -47.43 4.37
CA TYR D 553 17.29 -48.53 4.69
C TYR D 553 16.04 -47.90 5.27
N PRO D 554 14.82 -48.39 4.90
CA PRO D 554 13.57 -47.74 5.40
C PRO D 554 13.39 -47.68 6.92
N GLU D 555 13.95 -48.65 7.66
CA GLU D 555 13.89 -48.72 9.11
C GLU D 555 14.77 -47.65 9.79
N GLU D 556 15.89 -47.24 9.16
CA GLU D 556 16.82 -46.24 9.69
C GLU D 556 16.47 -44.86 9.17
N ALA D 557 16.30 -43.90 10.06
CA ALA D 557 15.99 -42.52 9.72
C ALA D 557 17.25 -41.74 9.34
N GLU D 558 18.36 -41.93 10.07
CA GLU D 558 19.59 -41.21 9.76
C GLU D 558 20.65 -42.20 9.22
N PRO D 559 21.36 -41.88 8.10
CA PRO D 559 22.32 -42.84 7.54
C PRO D 559 23.52 -42.98 8.44
N LYS D 560 23.86 -44.25 8.77
CA LYS D 560 24.97 -44.62 9.63
C LYS D 560 26.15 -45.16 8.83
N GLN D 561 25.98 -45.30 7.50
CA GLN D 561 26.98 -45.79 6.55
C GLN D 561 26.96 -45.00 5.25
N GLY D 562 28.12 -44.95 4.61
CA GLY D 562 28.32 -44.29 3.33
C GLY D 562 29.70 -44.58 2.79
N ARG D 563 29.97 -44.24 1.54
CA ARG D 563 31.27 -44.50 0.95
C ARG D 563 31.77 -43.31 0.17
N ILE D 564 33.10 -43.19 0.04
CA ILE D 564 33.76 -42.24 -0.84
C ILE D 564 34.50 -43.14 -1.83
N VAL D 565 33.98 -43.21 -3.05
CA VAL D 565 34.55 -44.05 -4.09
C VAL D 565 35.32 -43.22 -5.10
N VAL D 566 36.59 -43.57 -5.31
CA VAL D 566 37.49 -42.92 -6.26
C VAL D 566 37.53 -43.80 -7.51
N PHE D 567 37.14 -43.24 -8.66
CA PHE D 567 37.13 -43.90 -9.94
C PHE D 567 38.09 -43.24 -10.90
N GLN D 568 38.62 -44.03 -11.82
CA GLN D 568 39.43 -43.51 -12.90
C GLN D 568 38.88 -43.94 -14.23
N TYR D 569 38.62 -42.98 -15.09
CA TYR D 569 38.18 -43.26 -16.44
C TYR D 569 39.38 -42.92 -17.32
N SER D 570 40.07 -43.96 -17.83
CA SER D 570 41.27 -43.82 -18.64
C SER D 570 41.40 -45.00 -19.62
N ASP D 571 41.94 -44.71 -20.83
CA ASP D 571 42.14 -45.67 -21.94
C ASP D 571 40.80 -46.37 -22.32
N GLY D 572 39.72 -45.60 -22.26
CA GLY D 572 38.35 -46.01 -22.55
C GLY D 572 37.81 -47.07 -21.60
N LYS D 573 38.23 -47.05 -20.32
CA LYS D 573 37.80 -48.02 -19.29
C LYS D 573 37.57 -47.34 -17.93
N LEU D 574 36.55 -47.79 -17.15
CA LEU D 574 36.32 -47.29 -15.80
C LEU D 574 36.82 -48.29 -14.76
N GLN D 575 37.70 -47.84 -13.86
CA GLN D 575 38.18 -48.68 -12.78
C GLN D 575 37.93 -48.00 -11.43
N THR D 576 37.80 -48.80 -10.36
CA THR D 576 37.61 -48.31 -8.99
C THR D 576 39.01 -48.27 -8.40
N VAL D 577 39.51 -47.07 -8.15
CA VAL D 577 40.88 -46.91 -7.64
C VAL D 577 40.98 -47.16 -6.12
N ALA D 578 40.06 -46.60 -5.35
CA ALA D 578 40.00 -46.69 -3.89
C ALA D 578 38.54 -46.52 -3.40
N GLU D 579 38.28 -46.88 -2.15
CA GLU D 579 36.97 -46.85 -1.52
C GLU D 579 37.18 -46.69 -0.02
N LYS D 580 36.58 -45.66 0.56
CA LYS D 580 36.67 -45.39 1.99
C LYS D 580 35.26 -45.53 2.53
N GLU D 581 35.05 -46.33 3.58
CA GLU D 581 33.73 -46.48 4.19
C GLU D 581 33.66 -45.55 5.37
N VAL D 582 32.65 -44.66 5.40
CA VAL D 582 32.46 -43.67 6.46
C VAL D 582 31.21 -43.96 7.27
N LYS D 583 31.10 -43.38 8.47
CA LYS D 583 29.98 -43.61 9.39
C LYS D 583 28.81 -42.62 9.23
N GLY D 584 28.49 -42.31 7.99
CA GLY D 584 27.42 -41.39 7.63
C GLY D 584 27.30 -41.12 6.15
N ALA D 585 26.31 -40.28 5.81
CA ALA D 585 26.00 -39.86 4.46
C ALA D 585 26.97 -38.77 4.02
N VAL D 586 27.65 -38.99 2.88
CA VAL D 586 28.59 -38.03 2.26
C VAL D 586 27.73 -37.10 1.41
N TYR D 587 27.21 -36.05 2.02
CA TYR D 587 26.30 -35.10 1.33
C TYR D 587 26.94 -34.24 0.29
N SER D 588 28.20 -33.85 0.52
CA SER D 588 28.93 -32.90 -0.30
C SER D 588 30.40 -33.20 -0.25
N MET D 589 31.10 -32.84 -1.31
CA MET D 589 32.54 -33.00 -1.44
C MET D 589 33.05 -31.87 -2.29
N VAL D 590 34.28 -31.44 -2.05
CA VAL D 590 34.90 -30.36 -2.79
C VAL D 590 36.41 -30.62 -2.87
N GLU D 591 37.04 -30.42 -4.06
CA GLU D 591 38.50 -30.47 -4.13
C GLU D 591 38.96 -29.18 -3.40
N PHE D 592 39.77 -29.35 -2.36
CA PHE D 592 40.26 -28.26 -1.51
C PHE D 592 41.78 -28.25 -1.49
N ASN D 593 42.37 -27.44 -2.40
CA ASN D 593 43.82 -27.23 -2.52
C ASN D 593 44.64 -28.56 -2.57
N GLY D 594 44.27 -29.43 -3.50
CA GLY D 594 44.93 -30.72 -3.70
C GLY D 594 44.49 -31.81 -2.74
N LYS D 595 43.51 -31.49 -1.88
CA LYS D 595 42.93 -32.41 -0.90
C LYS D 595 41.43 -32.56 -1.16
N LEU D 596 40.79 -33.51 -0.50
CA LEU D 596 39.36 -33.75 -0.67
C LEU D 596 38.67 -33.40 0.64
N LEU D 597 37.80 -32.40 0.57
CA LEU D 597 37.01 -31.98 1.71
C LEU D 597 35.65 -32.65 1.54
N ALA D 598 35.28 -33.54 2.48
CA ALA D 598 34.00 -34.24 2.41
C ALA D 598 33.16 -33.99 3.65
N SER D 599 31.84 -33.88 3.45
CA SER D 599 30.96 -33.67 4.59
C SER D 599 30.20 -34.95 4.90
N ILE D 600 30.51 -35.59 6.05
CA ILE D 600 29.88 -36.83 6.53
C ILE D 600 28.95 -36.43 7.67
N ASN D 601 27.65 -36.33 7.39
CA ASN D 601 26.60 -35.90 8.33
C ASN D 601 26.86 -34.46 8.81
N SER D 602 27.14 -34.28 10.10
CA SER D 602 27.43 -32.99 10.75
C SER D 602 28.95 -32.73 10.79
N THR D 603 29.75 -33.66 10.28
CA THR D 603 31.21 -33.58 10.23
C THR D 603 31.71 -33.07 8.88
N VAL D 604 32.78 -32.27 8.92
CA VAL D 604 33.53 -31.78 7.78
C VAL D 604 34.94 -32.38 7.93
N ARG D 605 35.29 -33.30 7.01
CA ARG D 605 36.53 -34.04 7.03
C ARG D 605 37.44 -33.70 5.86
N LEU D 606 38.72 -33.50 6.13
CA LEU D 606 39.73 -33.23 5.12
C LEU D 606 40.61 -34.48 4.95
N TYR D 607 40.67 -35.01 3.72
CA TYR D 607 41.47 -36.17 3.35
C TYR D 607 42.62 -35.74 2.46
N GLU D 608 43.75 -36.42 2.61
CA GLU D 608 44.93 -36.25 1.77
C GLU D 608 45.01 -37.49 0.90
N TRP D 609 45.52 -37.35 -0.32
CA TRP D 609 45.67 -38.50 -1.20
C TRP D 609 47.12 -38.99 -1.11
N THR D 610 47.30 -40.20 -0.57
CA THR D 610 48.64 -40.76 -0.35
C THR D 610 49.30 -41.24 -1.65
N THR D 611 50.58 -41.61 -1.56
CA THR D 611 51.36 -42.12 -2.68
C THR D 611 50.98 -43.61 -2.90
N GLU D 612 50.29 -44.20 -1.89
CA GLU D 612 49.78 -45.57 -1.88
C GLU D 612 48.36 -45.59 -2.50
N LYS D 613 47.93 -44.41 -3.02
CA LYS D 613 46.67 -44.07 -3.68
C LYS D 613 45.48 -44.48 -2.82
N GLU D 614 45.45 -43.91 -1.60
CA GLU D 614 44.47 -44.06 -0.53
C GLU D 614 44.15 -42.67 0.10
N LEU D 615 42.91 -42.50 0.61
CA LEU D 615 42.53 -41.26 1.29
C LEU D 615 42.90 -41.38 2.77
N ARG D 616 43.63 -40.39 3.29
CA ARG D 616 44.10 -40.37 4.67
C ARG D 616 43.51 -39.14 5.36
N THR D 617 42.76 -39.36 6.47
CA THR D 617 42.15 -38.28 7.25
C THR D 617 43.23 -37.33 7.81
N GLU D 618 43.14 -36.04 7.46
CA GLU D 618 44.05 -35.02 7.95
C GLU D 618 43.42 -34.41 9.20
N CYS D 619 42.22 -33.84 9.03
CA CYS D 619 41.49 -33.24 10.14
C CYS D 619 39.98 -33.36 9.98
N ASN D 620 39.29 -33.22 11.11
CA ASN D 620 37.84 -33.26 11.23
C ASN D 620 37.38 -31.97 11.87
N HIS D 621 36.11 -31.59 11.59
CA HIS D 621 35.49 -30.47 12.23
C HIS D 621 34.04 -30.80 12.46
N TYR D 622 33.69 -31.00 13.74
CA TYR D 622 32.34 -31.36 14.17
C TYR D 622 31.50 -30.11 14.24
N ASN D 623 30.43 -30.07 13.43
CA ASN D 623 29.57 -28.89 13.35
C ASN D 623 28.28 -29.00 14.14
N ASN D 624 27.72 -27.84 14.44
CA ASN D 624 26.46 -27.68 15.13
C ASN D 624 25.35 -28.04 14.15
N ILE D 625 25.66 -28.07 12.84
CA ILE D 625 24.71 -28.35 11.79
C ILE D 625 25.18 -29.46 10.87
N MET D 626 24.24 -30.02 10.14
CA MET D 626 24.44 -31.00 9.13
C MET D 626 25.02 -30.24 7.92
N ALA D 627 26.21 -30.63 7.48
CA ALA D 627 26.94 -29.99 6.41
C ALA D 627 26.41 -30.44 5.02
N LEU D 628 25.21 -30.01 4.69
CA LEU D 628 24.49 -30.28 3.45
C LEU D 628 25.11 -29.58 2.22
N TYR D 629 25.40 -28.26 2.35
CA TYR D 629 26.01 -27.43 1.32
C TYR D 629 27.45 -27.16 1.71
N LEU D 630 28.38 -27.34 0.76
CA LEU D 630 29.83 -27.15 0.90
C LEU D 630 30.33 -26.33 -0.28
N LYS D 631 30.98 -25.20 0.00
CA LYS D 631 31.56 -24.33 -1.02
C LYS D 631 32.90 -23.86 -0.52
N THR D 632 33.88 -23.72 -1.42
CA THR D 632 35.21 -23.25 -1.04
C THR D 632 35.78 -22.18 -1.94
N LYS D 633 36.44 -21.19 -1.33
CA LYS D 633 37.18 -20.14 -2.03
C LYS D 633 38.48 -20.02 -1.25
N GLY D 634 39.58 -20.40 -1.89
CA GLY D 634 40.89 -20.35 -1.24
C GLY D 634 40.93 -21.30 -0.07
N ASP D 635 41.24 -20.76 1.12
CA ASP D 635 41.29 -21.53 2.36
C ASP D 635 40.01 -21.36 3.20
N PHE D 636 38.98 -20.72 2.60
CA PHE D 636 37.67 -20.48 3.22
C PHE D 636 36.68 -21.53 2.76
N ILE D 637 35.83 -22.00 3.69
CA ILE D 637 34.80 -23.01 3.48
C ILE D 637 33.44 -22.45 3.94
N LEU D 638 32.39 -22.68 3.12
CA LEU D 638 31.02 -22.27 3.39
C LEU D 638 30.21 -23.53 3.65
N VAL D 639 29.81 -23.73 4.92
CA VAL D 639 29.01 -24.89 5.31
C VAL D 639 27.60 -24.37 5.57
N GLY D 640 26.62 -25.01 4.97
CA GLY D 640 25.23 -24.66 5.14
C GLY D 640 24.35 -25.89 5.32
N ASP D 641 23.13 -25.67 5.84
CA ASP D 641 22.14 -26.72 6.06
C ASP D 641 20.82 -26.36 5.37
N LEU D 642 19.83 -27.26 5.44
CA LEU D 642 18.54 -27.09 4.80
C LEU D 642 17.75 -25.96 5.45
N MET D 643 18.12 -25.56 6.65
CA MET D 643 17.39 -24.53 7.37
C MET D 643 18.06 -23.18 7.41
N ARG D 644 18.88 -22.83 6.40
CA ARG D 644 19.51 -21.50 6.28
C ARG D 644 20.58 -21.20 7.34
N SER D 645 21.07 -22.24 8.04
CA SER D 645 22.15 -22.08 9.00
C SER D 645 23.35 -21.95 8.08
N VAL D 646 24.10 -20.87 8.25
CA VAL D 646 25.26 -20.62 7.41
C VAL D 646 26.45 -20.53 8.33
N LEU D 647 27.56 -21.14 7.92
CA LEU D 647 28.77 -21.21 8.71
C LEU D 647 29.98 -20.95 7.82
N LEU D 648 30.95 -20.17 8.33
CA LEU D 648 32.18 -19.87 7.60
C LEU D 648 33.41 -20.40 8.32
N LEU D 649 34.18 -21.28 7.64
CA LEU D 649 35.37 -21.92 8.22
C LEU D 649 36.63 -21.61 7.43
N ALA D 650 37.78 -21.64 8.10
CA ALA D 650 39.07 -21.39 7.49
C ALA D 650 40.02 -22.48 7.89
N TYR D 651 40.72 -23.03 6.90
CA TYR D 651 41.71 -24.06 7.13
C TYR D 651 42.96 -23.35 7.62
N LYS D 652 43.49 -23.79 8.78
CA LYS D 652 44.67 -23.22 9.44
C LYS D 652 45.83 -24.16 9.14
N PRO D 653 46.58 -23.94 8.03
CA PRO D 653 47.65 -24.89 7.66
C PRO D 653 48.75 -25.10 8.68
N MET D 654 49.00 -24.10 9.55
CA MET D 654 50.04 -24.16 10.57
C MET D 654 49.65 -25.02 11.78
N GLU D 655 48.33 -25.27 11.97
CA GLU D 655 47.77 -26.08 13.05
C GLU D 655 47.22 -27.41 12.51
N GLY D 656 46.88 -27.43 11.22
CA GLY D 656 46.31 -28.58 10.53
C GLY D 656 44.89 -28.92 10.93
N ASN D 657 44.08 -27.87 11.24
CA ASN D 657 42.69 -27.97 11.68
C ASN D 657 41.82 -26.83 11.10
N PHE D 658 40.51 -26.82 11.43
CA PHE D 658 39.59 -25.77 10.99
C PHE D 658 39.22 -24.81 12.10
N GLU D 659 38.94 -23.56 11.75
CA GLU D 659 38.58 -22.49 12.67
C GLU D 659 37.35 -21.78 12.12
N GLU D 660 36.31 -21.64 12.95
CA GLU D 660 35.09 -20.94 12.58
C GLU D 660 35.36 -19.41 12.55
N ILE D 661 35.02 -18.78 11.43
CA ILE D 661 35.19 -17.35 11.16
C ILE D 661 33.92 -16.61 11.53
N ALA D 662 32.74 -17.07 11.06
CA ALA D 662 31.46 -16.43 11.32
C ALA D 662 30.30 -17.39 11.10
N ARG D 663 29.09 -17.00 11.56
CA ARG D 663 27.86 -17.75 11.34
C ARG D 663 26.63 -16.86 11.30
N ASP D 664 25.54 -17.40 10.76
CA ASP D 664 24.24 -16.76 10.73
C ASP D 664 23.19 -17.84 10.69
N PHE D 665 22.34 -17.89 11.75
CA PHE D 665 21.26 -18.86 11.86
C PHE D 665 19.89 -18.18 11.83
N ASN D 666 19.24 -18.10 10.65
CA ASN D 666 17.89 -17.55 10.52
C ASN D 666 17.00 -18.65 9.90
N PRO D 667 16.33 -19.46 10.76
CA PRO D 667 15.55 -20.60 10.24
C PRO D 667 14.56 -20.30 9.11
N ASN D 668 14.90 -20.87 7.95
CA ASN D 668 14.11 -20.87 6.72
C ASN D 668 14.65 -21.94 5.79
N TRP D 669 13.79 -22.57 4.98
CA TRP D 669 14.27 -23.56 4.03
C TRP D 669 15.25 -22.96 3.05
N MET D 670 16.40 -23.62 2.83
CA MET D 670 17.41 -23.15 1.91
C MET D 670 17.68 -24.24 0.88
N SER D 671 17.59 -23.90 -0.40
CA SER D 671 17.72 -24.85 -1.50
C SER D 671 19.06 -24.84 -2.21
N ALA D 672 19.84 -23.74 -2.04
CA ALA D 672 21.16 -23.58 -2.66
C ALA D 672 21.90 -22.44 -2.04
N VAL D 673 23.22 -22.48 -2.16
CA VAL D 673 24.15 -21.47 -1.66
C VAL D 673 25.38 -21.39 -2.59
N GLU D 674 26.03 -20.22 -2.63
CA GLU D 674 27.20 -19.94 -3.42
C GLU D 674 28.06 -18.86 -2.75
N ILE D 675 29.38 -18.93 -2.96
CA ILE D 675 30.32 -17.91 -2.54
C ILE D 675 30.40 -16.91 -3.72
N LEU D 676 30.00 -15.64 -3.54
CA LEU D 676 30.15 -14.65 -4.62
C LEU D 676 31.63 -14.20 -4.71
N ASP D 677 32.20 -13.84 -3.54
CA ASP D 677 33.57 -13.41 -3.33
C ASP D 677 33.96 -13.78 -1.90
N ASP D 678 35.13 -13.30 -1.41
CA ASP D 678 35.63 -13.56 -0.06
C ASP D 678 34.68 -13.08 1.06
N ASP D 679 33.88 -12.05 0.80
CA ASP D 679 33.02 -11.42 1.78
C ASP D 679 31.55 -11.61 1.58
N ASN D 680 31.11 -12.10 0.41
CA ASN D 680 29.68 -12.24 0.12
C ASN D 680 29.26 -13.64 -0.24
N PHE D 681 28.08 -14.04 0.30
CA PHE D 681 27.52 -15.37 0.09
C PHE D 681 26.08 -15.26 -0.35
N LEU D 682 25.76 -15.88 -1.49
CA LEU D 682 24.45 -15.87 -2.14
C LEU D 682 23.70 -17.17 -1.88
N GLY D 683 22.44 -17.06 -1.46
CA GLY D 683 21.60 -18.23 -1.22
C GLY D 683 20.20 -18.12 -1.81
N ALA D 684 19.53 -19.25 -1.99
CA ALA D 684 18.13 -19.35 -2.49
C ALA D 684 17.33 -19.87 -1.32
N GLU D 685 16.19 -19.26 -1.02
CA GLU D 685 15.43 -19.67 0.16
C GLU D 685 13.92 -19.46 0.05
N ASN D 686 13.19 -20.19 0.92
CA ASN D 686 11.76 -20.32 1.00
C ASN D 686 11.00 -19.02 0.78
N ALA D 687 10.03 -19.23 -0.14
CA ALA D 687 9.08 -18.50 -0.92
C ALA D 687 9.76 -17.89 -2.14
N PHE D 688 10.64 -18.69 -2.84
CA PHE D 688 11.25 -18.35 -4.12
C PHE D 688 12.07 -17.05 -4.06
N ASN D 689 12.89 -16.93 -2.99
CA ASN D 689 13.75 -15.78 -2.76
C ASN D 689 15.20 -16.00 -3.02
N LEU D 690 15.97 -14.89 -2.99
CA LEU D 690 17.42 -14.86 -3.02
C LEU D 690 17.82 -14.03 -1.85
N PHE D 691 18.99 -14.31 -1.31
CA PHE D 691 19.51 -13.49 -0.24
C PHE D 691 21.00 -13.42 -0.39
N VAL D 692 21.58 -12.37 0.19
CA VAL D 692 23.02 -12.19 0.25
C VAL D 692 23.42 -11.90 1.70
N CYS D 693 24.42 -12.64 2.17
CA CYS D 693 25.05 -12.47 3.48
C CYS D 693 26.45 -11.96 3.30
N GLN D 694 26.90 -11.09 4.22
CA GLN D 694 28.21 -10.45 4.14
C GLN D 694 29.01 -10.56 5.42
N LYS D 695 30.35 -10.67 5.32
CA LYS D 695 31.27 -10.68 6.47
C LYS D 695 31.99 -9.33 6.61
N GLU D 703 36.81 -10.03 17.16
CA GLU D 703 35.72 -9.40 17.91
C GLU D 703 34.34 -9.98 17.51
N GLU D 704 33.37 -9.12 17.11
CA GLU D 704 32.04 -9.56 16.67
C GLU D 704 31.94 -9.69 15.13
N ARG D 705 33.11 -9.98 14.52
CA ARG D 705 33.31 -10.22 13.08
C ARG D 705 32.83 -11.66 12.75
N GLN D 706 32.31 -12.36 13.78
CA GLN D 706 31.77 -13.72 13.70
C GLN D 706 30.24 -13.70 13.52
N HIS D 707 29.76 -12.60 12.92
CA HIS D 707 28.38 -12.32 12.58
C HIS D 707 28.30 -11.99 11.11
N LEU D 708 27.34 -12.61 10.43
CA LEU D 708 27.11 -12.39 9.01
C LEU D 708 25.91 -11.49 8.84
N GLN D 709 26.12 -10.39 8.10
CA GLN D 709 25.11 -9.37 7.87
C GLN D 709 24.27 -9.65 6.63
N GLU D 710 22.95 -9.69 6.80
CA GLU D 710 22.00 -9.88 5.69
C GLU D 710 21.95 -8.51 4.97
N VAL D 711 22.51 -8.46 3.74
CA VAL D 711 22.66 -7.24 2.93
C VAL D 711 21.80 -7.21 1.63
N GLY D 712 21.24 -8.35 1.23
CA GLY D 712 20.41 -8.46 0.04
C GLY D 712 19.25 -9.42 0.23
N LEU D 713 18.04 -9.04 -0.24
CA LEU D 713 16.79 -9.82 -0.21
C LEU D 713 16.03 -9.56 -1.50
N PHE D 714 15.51 -10.61 -2.12
CA PHE D 714 14.81 -10.47 -3.39
C PHE D 714 13.85 -11.61 -3.68
N HIS D 715 12.63 -11.27 -4.10
CA HIS D 715 11.70 -12.30 -4.47
C HIS D 715 11.85 -12.57 -5.94
N LEU D 716 12.57 -13.67 -6.24
CA LEU D 716 12.91 -14.19 -7.55
C LEU D 716 11.66 -14.74 -8.28
N GLY D 717 10.87 -15.58 -7.62
CA GLY D 717 9.66 -16.16 -8.18
C GLY D 717 9.92 -17.56 -8.72
N GLU D 718 11.18 -17.99 -8.65
CA GLU D 718 11.67 -19.31 -9.06
C GLU D 718 12.37 -20.00 -7.86
N PHE D 719 12.47 -21.37 -7.88
CA PHE D 719 13.11 -22.23 -6.87
C PHE D 719 14.48 -22.67 -7.43
N VAL D 720 15.55 -22.13 -6.88
CA VAL D 720 16.94 -22.45 -7.32
C VAL D 720 17.48 -23.80 -6.74
N ASN D 721 18.02 -24.67 -7.62
CA ASN D 721 18.62 -25.94 -7.23
C ASN D 721 20.12 -25.88 -7.30
N VAL D 722 20.66 -25.02 -8.14
CA VAL D 722 22.09 -24.93 -8.38
C VAL D 722 22.53 -23.54 -8.75
N PHE D 723 23.67 -23.16 -8.20
CA PHE D 723 24.40 -21.93 -8.46
C PHE D 723 25.70 -22.38 -9.04
N CYS D 724 26.12 -21.69 -10.07
CA CYS D 724 27.23 -22.08 -10.87
C CYS D 724 28.01 -20.85 -11.41
N HIS D 725 29.28 -20.73 -11.09
CA HIS D 725 30.14 -19.67 -11.61
C HIS D 725 30.45 -19.90 -13.08
N GLY D 726 30.13 -18.94 -13.91
CA GLY D 726 30.34 -19.04 -15.35
C GLY D 726 29.53 -18.03 -16.13
N SER D 727 29.78 -17.99 -17.44
CA SER D 727 29.13 -17.08 -18.37
C SER D 727 28.88 -17.81 -19.68
N LEU D 728 27.80 -17.39 -20.42
CA LEU D 728 27.52 -17.97 -21.73
C LEU D 728 28.02 -17.07 -22.84
N VAL D 729 28.47 -15.84 -22.47
CA VAL D 729 28.99 -14.83 -23.39
C VAL D 729 30.52 -14.91 -23.55
N MET D 730 31.02 -14.43 -24.70
CA MET D 730 32.43 -14.41 -25.09
C MET D 730 33.32 -13.66 -24.07
N GLN D 731 34.33 -14.37 -23.53
CA GLN D 731 35.28 -13.83 -22.56
C GLN D 731 36.45 -13.27 -23.35
N ASN D 732 36.47 -11.92 -23.42
CA ASN D 732 37.41 -11.10 -24.19
C ASN D 732 38.70 -10.76 -23.41
N LEU D 733 39.40 -11.82 -22.92
CA LEU D 733 40.64 -11.84 -22.13
C LEU D 733 41.35 -10.47 -21.96
N GLY D 734 41.17 -9.87 -20.78
CA GLY D 734 41.77 -8.59 -20.40
C GLY D 734 41.16 -7.37 -21.05
N GLU D 735 39.83 -7.40 -21.33
CA GLU D 735 39.11 -6.29 -21.96
C GLU D 735 38.95 -5.05 -21.06
N THR D 736 38.65 -5.27 -19.74
CA THR D 736 38.45 -4.25 -18.68
C THR D 736 37.21 -3.34 -18.94
N SER D 737 36.98 -2.33 -18.05
CA SER D 737 35.94 -1.29 -18.04
C SER D 737 34.48 -1.86 -18.20
N THR D 738 34.15 -2.87 -17.36
CA THR D 738 32.83 -3.52 -17.35
C THR D 738 31.91 -2.99 -16.20
N PRO D 739 30.61 -2.69 -16.49
CA PRO D 739 29.72 -2.19 -15.42
C PRO D 739 29.29 -3.25 -14.41
N THR D 740 29.69 -4.53 -14.63
CA THR D 740 29.35 -5.73 -13.84
C THR D 740 30.61 -6.52 -13.43
N GLN D 741 30.66 -7.04 -12.19
CA GLN D 741 31.78 -7.85 -11.68
C GLN D 741 31.27 -9.24 -11.29
N GLY D 742 31.81 -10.27 -11.94
CA GLY D 742 31.43 -11.63 -11.66
C GLY D 742 30.22 -12.12 -12.42
N SER D 743 29.98 -13.44 -12.35
CA SER D 743 28.89 -14.11 -13.05
C SER D 743 28.55 -15.46 -12.41
N VAL D 744 27.39 -15.52 -11.78
CA VAL D 744 26.85 -16.73 -11.16
C VAL D 744 25.58 -17.03 -11.88
N LEU D 745 25.57 -18.14 -12.57
CA LEU D 745 24.43 -18.66 -13.28
C LEU D 745 23.66 -19.55 -12.31
N PHE D 746 22.37 -19.63 -12.47
CA PHE D 746 21.57 -20.51 -11.65
C PHE D 746 20.45 -21.23 -12.45
N GLY D 747 20.15 -22.47 -12.06
CA GLY D 747 19.12 -23.29 -12.68
C GLY D 747 18.00 -23.51 -11.70
N THR D 748 16.75 -23.52 -12.20
CA THR D 748 15.57 -23.63 -11.35
C THR D 748 14.64 -24.82 -11.68
N VAL D 749 13.71 -25.10 -10.77
CA VAL D 749 12.70 -26.13 -10.95
C VAL D 749 11.91 -25.92 -12.24
N ASN D 750 11.55 -24.65 -12.60
CA ASN D 750 10.75 -24.35 -13.80
C ASN D 750 11.55 -24.24 -15.11
N GLY D 751 12.83 -24.60 -15.09
CA GLY D 751 13.70 -24.54 -16.27
C GLY D 751 14.21 -23.14 -16.59
N MET D 752 13.96 -22.18 -15.68
CA MET D 752 14.41 -20.82 -15.83
C MET D 752 15.93 -20.79 -15.52
N ILE D 753 16.70 -20.00 -16.29
CA ILE D 753 18.14 -19.82 -16.04
C ILE D 753 18.34 -18.32 -15.81
N GLY D 754 18.93 -17.99 -14.68
CA GLY D 754 19.17 -16.61 -14.34
C GLY D 754 20.65 -16.38 -14.18
N LEU D 755 21.03 -15.13 -13.97
CA LEU D 755 22.40 -14.67 -13.79
C LEU D 755 22.46 -13.64 -12.66
N VAL D 756 23.45 -13.76 -11.76
CA VAL D 756 23.68 -12.81 -10.68
C VAL D 756 25.09 -12.25 -10.86
N THR D 757 25.19 -10.91 -10.85
CA THR D 757 26.45 -10.20 -10.97
C THR D 757 26.49 -9.09 -9.94
N SER D 758 27.68 -8.60 -9.61
CA SER D 758 27.82 -7.50 -8.66
C SER D 758 28.05 -6.18 -9.38
N LEU D 759 27.64 -5.07 -8.73
CA LEU D 759 27.79 -3.68 -9.22
C LEU D 759 28.47 -2.81 -8.15
N SER D 760 28.88 -1.61 -8.57
CA SER D 760 29.44 -0.58 -7.72
C SER D 760 28.26 0.21 -7.14
N GLU D 761 28.48 0.95 -6.03
CA GLU D 761 27.49 1.81 -5.37
C GLU D 761 26.86 2.78 -6.39
N SER D 762 27.71 3.40 -7.25
CA SER D 762 27.28 4.33 -8.30
C SER D 762 26.32 3.67 -9.29
N TRP D 763 26.69 2.51 -9.82
CA TRP D 763 25.85 1.73 -10.75
C TRP D 763 24.53 1.29 -10.12
N TYR D 764 24.58 0.84 -8.85
CA TYR D 764 23.40 0.44 -8.10
C TYR D 764 22.44 1.61 -7.91
N ASN D 765 22.91 2.75 -7.34
CA ASN D 765 22.11 3.95 -7.08
C ASN D 765 21.41 4.52 -8.32
N LEU D 766 22.10 4.49 -9.47
CA LEU D 766 21.57 4.93 -10.77
C LEU D 766 20.42 4.04 -11.23
N LEU D 767 20.65 2.71 -11.28
CA LEU D 767 19.69 1.70 -11.71
C LEU D 767 18.49 1.56 -10.77
N LEU D 768 18.68 1.86 -9.46
CA LEU D 768 17.62 1.83 -8.46
C LEU D 768 16.63 2.98 -8.71
N ASP D 769 17.14 4.19 -8.98
CA ASP D 769 16.32 5.36 -9.30
C ASP D 769 15.64 5.08 -10.63
N MET D 770 16.41 4.51 -11.58
CA MET D 770 15.88 4.13 -12.88
C MET D 770 14.69 3.15 -12.77
N GLN D 771 14.72 2.22 -11.79
CA GLN D 771 13.64 1.28 -11.51
C GLN D 771 12.35 1.97 -11.07
N ASN D 772 12.46 2.90 -10.11
CA ASN D 772 11.34 3.66 -9.56
C ASN D 772 10.68 4.56 -10.63
N ARG D 773 11.52 5.04 -11.60
CA ARG D 773 11.09 5.84 -12.76
C ARG D 773 10.41 4.95 -13.82
N LEU D 774 10.93 3.73 -14.04
CA LEU D 774 10.34 2.77 -14.96
C LEU D 774 9.00 2.28 -14.43
N ASN D 775 8.87 2.12 -13.10
CA ASN D 775 7.62 1.65 -12.48
C ASN D 775 6.48 2.64 -12.62
N LYS D 776 6.79 3.93 -12.75
CA LYS D 776 5.76 4.96 -12.94
C LYS D 776 5.22 4.98 -14.37
N VAL D 777 5.98 4.46 -15.36
CA VAL D 777 5.64 4.51 -16.80
C VAL D 777 5.19 3.14 -17.40
N ILE D 778 5.68 2.02 -16.84
CA ILE D 778 5.36 0.67 -17.32
C ILE D 778 3.99 0.19 -16.80
N LYS D 779 3.16 -0.37 -17.70
CA LYS D 779 1.84 -0.91 -17.36
C LYS D 779 1.96 -2.40 -17.02
N SER D 780 1.77 -2.70 -15.74
CA SER D 780 1.81 -4.02 -15.14
C SER D 780 0.49 -4.74 -15.35
N VAL D 781 0.54 -5.91 -16.00
CA VAL D 781 -0.63 -6.77 -16.24
C VAL D 781 -1.23 -7.19 -14.88
N GLY D 782 -2.48 -6.85 -14.64
CA GLY D 782 -3.20 -7.15 -13.42
C GLY D 782 -3.08 -6.06 -12.38
N LYS D 783 -2.37 -4.96 -12.73
CA LYS D 783 -2.09 -3.78 -11.90
C LYS D 783 -1.42 -4.15 -10.56
N ILE D 784 -0.38 -5.01 -10.69
CA ILE D 784 0.43 -5.51 -9.58
C ILE D 784 1.63 -4.56 -9.47
N GLU D 785 1.93 -4.09 -8.26
CA GLU D 785 3.11 -3.22 -8.08
C GLU D 785 4.38 -4.07 -8.14
N HIS D 786 5.42 -3.55 -8.83
CA HIS D 786 6.72 -4.23 -8.98
C HIS D 786 7.40 -4.46 -7.61
N SER D 787 7.32 -3.46 -6.75
CA SER D 787 7.87 -3.49 -5.40
C SER D 787 7.21 -4.54 -4.53
N PHE D 788 5.89 -4.77 -4.70
CA PHE D 788 5.11 -5.78 -3.97
C PHE D 788 5.58 -7.18 -4.44
N TRP D 789 5.66 -7.37 -5.78
CA TRP D 789 6.14 -8.57 -6.43
C TRP D 789 7.56 -8.95 -5.99
N ARG D 790 8.50 -8.02 -6.06
CA ARG D 790 9.90 -8.28 -5.71
C ARG D 790 10.19 -8.32 -4.22
N SER D 791 9.19 -7.99 -3.38
CA SER D 791 9.35 -8.02 -1.94
C SER D 791 9.64 -9.44 -1.46
N PHE D 792 10.70 -9.60 -0.62
CA PHE D 792 11.05 -10.85 0.03
C PHE D 792 9.78 -11.36 0.69
N HIS D 793 9.40 -12.58 0.36
CA HIS D 793 8.15 -13.11 0.88
C HIS D 793 8.32 -14.49 1.49
N THR D 794 7.58 -14.76 2.56
CA THR D 794 7.33 -15.99 3.32
C THR D 794 5.90 -15.77 3.83
N GLU D 795 5.20 -16.79 4.38
CA GLU D 795 3.84 -16.53 4.86
C GLU D 795 3.86 -15.66 6.17
N ARG D 796 4.91 -15.84 6.98
CA ARG D 796 5.12 -15.10 8.23
C ARG D 796 5.59 -13.64 8.00
N LYS D 797 6.42 -13.38 6.96
CA LYS D 797 6.99 -12.05 6.73
C LYS D 797 7.08 -11.64 5.27
N THR D 798 6.93 -10.33 5.03
CA THR D 798 7.09 -9.69 3.72
C THR D 798 7.86 -8.37 3.94
N GLU D 799 9.08 -8.33 3.38
CA GLU D 799 10.02 -7.21 3.48
C GLU D 799 10.34 -6.69 2.07
N PRO D 800 10.50 -5.36 1.87
CA PRO D 800 10.89 -4.87 0.53
C PRO D 800 12.27 -5.39 0.10
N ALA D 801 12.45 -5.61 -1.22
CA ALA D 801 13.73 -6.04 -1.75
C ALA D 801 14.84 -4.98 -1.49
N THR D 802 16.04 -5.45 -1.15
CA THR D 802 17.25 -4.66 -0.88
C THR D 802 18.43 -5.35 -1.56
N GLY D 803 19.47 -4.58 -1.91
CA GLY D 803 20.71 -5.04 -2.50
C GLY D 803 20.67 -5.77 -3.82
N PHE D 804 19.49 -5.71 -4.52
CA PHE D 804 19.22 -6.36 -5.81
C PHE D 804 18.54 -5.45 -6.81
N ILE D 805 19.08 -5.44 -8.05
CA ILE D 805 18.53 -4.73 -9.21
C ILE D 805 17.87 -5.79 -10.09
N ASP D 806 16.61 -5.56 -10.44
CA ASP D 806 15.85 -6.42 -11.32
C ASP D 806 16.27 -6.06 -12.75
N GLY D 807 17.23 -6.80 -13.27
CA GLY D 807 17.74 -6.66 -14.62
C GLY D 807 16.69 -6.77 -15.72
N ASP D 808 15.64 -7.56 -15.47
CA ASP D 808 14.52 -7.76 -16.39
C ASP D 808 13.74 -6.49 -16.56
N LEU D 809 13.56 -5.74 -15.46
CA LEU D 809 12.89 -4.42 -15.44
C LEU D 809 13.76 -3.41 -16.12
N ILE D 810 15.07 -3.33 -15.76
CA ILE D 810 15.99 -2.41 -16.42
C ILE D 810 16.00 -2.63 -17.94
N GLU D 811 16.14 -3.90 -18.39
CA GLU D 811 16.15 -4.28 -19.80
C GLU D 811 14.88 -3.90 -20.56
N SER D 812 13.70 -3.98 -19.89
CA SER D 812 12.43 -3.58 -20.52
C SER D 812 12.36 -2.07 -20.90
N PHE D 813 13.38 -1.27 -20.46
CA PHE D 813 13.49 0.14 -20.80
C PHE D 813 13.69 0.24 -22.33
N LEU D 814 14.39 -0.72 -22.94
CA LEU D 814 14.63 -0.76 -24.39
C LEU D 814 13.34 -0.97 -25.22
N ASP D 815 12.30 -1.57 -24.62
CA ASP D 815 11.04 -1.87 -25.30
C ASP D 815 9.99 -0.77 -25.20
N ILE D 816 10.16 0.16 -24.24
CA ILE D 816 9.22 1.27 -24.06
C ILE D 816 9.39 2.30 -25.18
N SER D 817 8.31 3.05 -25.48
CA SER D 817 8.27 4.06 -26.54
C SER D 817 9.21 5.22 -26.27
N ARG D 818 9.59 5.94 -27.34
CA ARG D 818 10.47 7.11 -27.26
C ARG D 818 9.89 8.22 -26.35
N PRO D 819 8.56 8.55 -26.38
CA PRO D 819 8.04 9.56 -25.43
C PRO D 819 8.14 9.11 -23.97
N LYS D 820 7.91 7.78 -23.70
CA LYS D 820 8.01 7.16 -22.38
C LYS D 820 9.46 7.11 -21.90
N MET D 821 10.42 6.88 -22.84
CA MET D 821 11.86 6.86 -22.57
C MET D 821 12.33 8.22 -22.08
N GLN D 822 11.78 9.31 -22.66
CA GLN D 822 12.09 10.70 -22.32
C GLN D 822 11.57 11.08 -20.94
N GLU D 823 10.44 10.48 -20.54
CA GLU D 823 9.80 10.68 -19.24
C GLU D 823 10.72 10.11 -18.13
N VAL D 824 11.28 8.89 -18.35
CA VAL D 824 12.21 8.20 -17.44
C VAL D 824 13.50 9.03 -17.22
N VAL D 825 14.11 9.53 -18.31
CA VAL D 825 15.38 10.28 -18.29
C VAL D 825 15.26 11.79 -17.86
N ALA D 826 14.36 12.10 -16.89
CA ALA D 826 14.14 13.45 -16.35
C ALA D 826 15.42 14.18 -15.83
N ASN D 827 16.56 13.45 -15.67
CA ASN D 827 17.84 14.04 -15.24
C ASN D 827 19.09 13.48 -16.02
N LEU D 828 19.83 14.41 -16.65
CA LEU D 828 21.03 14.25 -17.50
C LEU D 828 22.17 13.51 -16.76
N THR D 841 20.54 12.34 -21.94
CA THR D 841 19.48 12.04 -22.90
C THR D 841 19.05 10.57 -22.80
N ALA D 842 17.96 10.22 -23.49
CA ALA D 842 17.42 8.85 -23.51
C ALA D 842 18.34 7.88 -24.22
N ASP D 843 19.02 8.33 -25.30
CA ASP D 843 19.96 7.56 -26.11
C ASP D 843 21.23 7.21 -25.32
N ASP D 844 21.55 8.06 -24.32
CA ASP D 844 22.69 7.87 -23.42
C ASP D 844 22.38 6.74 -22.46
N LEU D 845 21.09 6.61 -22.08
CA LEU D 845 20.59 5.55 -21.21
C LEU D 845 20.45 4.23 -21.96
N ILE D 846 20.09 4.27 -23.27
CA ILE D 846 19.98 3.10 -24.16
C ILE D 846 21.33 2.39 -24.23
N LYS D 847 22.45 3.17 -24.28
CA LYS D 847 23.83 2.68 -24.32
C LYS D 847 24.16 1.86 -23.05
N VAL D 848 23.76 2.39 -21.87
CA VAL D 848 23.93 1.77 -20.55
C VAL D 848 23.16 0.44 -20.52
N VAL D 849 21.89 0.45 -20.96
CA VAL D 849 21.01 -0.71 -20.95
C VAL D 849 21.50 -1.77 -21.97
N GLU D 850 21.93 -1.36 -23.18
CA GLU D 850 22.45 -2.29 -24.19
C GLU D 850 23.74 -2.97 -23.69
N GLU D 851 24.58 -2.21 -22.93
CA GLU D 851 25.82 -2.73 -22.33
C GLU D 851 25.48 -3.81 -21.28
N LEU D 852 24.37 -3.61 -20.53
CA LEU D 852 23.86 -4.54 -19.53
C LEU D 852 23.23 -5.79 -20.15
N THR D 853 22.74 -5.72 -21.39
CA THR D 853 22.16 -6.90 -22.07
C THR D 853 23.26 -7.88 -22.53
N ARG D 854 24.48 -7.35 -22.75
CA ARG D 854 25.66 -8.08 -23.20
C ARG D 854 26.26 -9.06 -22.17
N ILE D 855 25.75 -9.08 -20.92
CA ILE D 855 26.28 -9.97 -19.87
C ILE D 855 25.70 -11.38 -19.97
N HIS D 856 24.64 -11.54 -20.77
CA HIS D 856 23.99 -12.84 -20.96
C HIS D 856 23.65 -13.13 -22.44
N ILE E 31 4.70 -50.97 38.54
CA ILE E 31 4.03 -50.11 37.59
C ILE E 31 2.54 -50.03 37.99
N ASN E 32 2.27 -49.54 39.22
CA ASN E 32 0.90 -49.40 39.77
C ASN E 32 0.76 -48.18 40.73
N PHE E 33 1.76 -47.27 40.73
CA PHE E 33 1.78 -46.11 41.63
C PHE E 33 0.66 -45.07 41.35
N ASP E 34 0.62 -44.47 40.11
CA ASP E 34 -0.31 -43.44 39.61
C ASP E 34 0.45 -42.16 39.24
N THR E 35 0.84 -42.04 37.96
CA THR E 35 1.60 -40.91 37.36
C THR E 35 0.93 -39.52 37.51
N SER E 36 -0.37 -39.49 37.87
CA SER E 36 -1.13 -38.26 38.04
C SER E 36 -1.04 -37.67 39.47
N LEU E 37 -0.17 -38.26 40.33
CA LEU E 37 0.08 -37.84 41.71
C LEU E 37 1.26 -36.84 41.86
N PRO E 38 2.46 -37.03 41.20
CA PRO E 38 3.54 -36.05 41.33
C PRO E 38 3.21 -34.68 40.72
N THR E 39 2.46 -34.70 39.60
CA THR E 39 1.99 -33.54 38.83
C THR E 39 1.13 -32.56 39.66
N SER E 40 0.37 -33.08 40.65
CA SER E 40 -0.54 -32.36 41.55
C SER E 40 0.14 -31.57 42.68
N HIS E 41 1.40 -31.93 43.05
CA HIS E 41 2.21 -31.32 44.10
C HIS E 41 1.48 -31.30 45.46
N THR E 42 0.83 -32.43 45.79
CA THR E 42 0.00 -32.63 46.99
C THR E 42 0.75 -32.37 48.32
N TYR E 43 2.08 -32.51 48.31
CA TYR E 43 2.97 -32.26 49.45
C TYR E 43 2.93 -30.78 49.88
N LEU E 44 2.43 -29.88 48.98
CA LEU E 44 2.31 -28.45 49.24
C LEU E 44 1.14 -28.10 50.16
N GLY E 45 0.28 -29.09 50.43
CA GLY E 45 -0.87 -28.94 51.31
C GLY E 45 -2.21 -28.75 50.61
N ALA E 46 -3.06 -27.92 51.23
CA ALA E 46 -4.43 -27.56 50.81
C ALA E 46 -4.48 -26.98 49.42
N ASP E 47 -5.58 -27.24 48.69
CA ASP E 47 -5.81 -26.74 47.34
C ASP E 47 -5.57 -25.23 47.28
N MET E 48 -4.77 -24.82 46.29
CA MET E 48 -4.43 -23.43 46.06
C MET E 48 -5.57 -22.71 45.32
N GLU E 49 -5.56 -21.36 45.34
CA GLU E 49 -6.49 -20.52 44.59
C GLU E 49 -6.03 -20.64 43.15
N GLU E 50 -6.95 -20.87 42.21
CA GLU E 50 -6.56 -21.03 40.81
C GLU E 50 -7.01 -19.84 39.96
N PHE E 51 -6.25 -19.54 38.90
CA PHE E 51 -6.55 -18.46 37.95
C PHE E 51 -6.88 -19.07 36.59
N HIS E 52 -7.84 -18.48 35.87
CA HIS E 52 -8.21 -18.95 34.53
C HIS E 52 -7.64 -18.08 33.41
N GLY E 53 -7.43 -16.78 33.69
CA GLY E 53 -6.92 -15.79 32.74
C GLY E 53 -5.52 -16.06 32.21
N ARG E 54 -5.20 -15.54 31.01
CA ARG E 54 -3.89 -15.72 30.37
C ARG E 54 -3.30 -14.42 29.80
N THR E 55 -1.99 -14.20 30.01
CA THR E 55 -1.24 -13.02 29.56
C THR E 55 -0.09 -13.39 28.61
N LEU E 56 -0.12 -12.85 27.37
CA LEU E 56 0.92 -13.03 26.36
C LEU E 56 1.30 -11.69 25.75
N HIS E 57 2.62 -11.41 25.69
CA HIS E 57 3.17 -10.19 25.11
C HIS E 57 3.43 -10.38 23.62
N ASP E 58 3.31 -9.30 22.85
CA ASP E 58 3.51 -9.32 21.40
C ASP E 58 4.94 -9.70 21.08
N ASP E 59 5.14 -10.48 20.00
CA ASP E 59 6.46 -10.89 19.54
C ASP E 59 7.32 -9.68 19.19
N ASP E 60 8.60 -9.74 19.60
CA ASP E 60 9.64 -8.73 19.39
C ASP E 60 9.46 -7.49 20.28
N SER E 61 8.35 -7.41 21.05
CA SER E 61 8.08 -6.27 21.93
C SER E 61 9.03 -6.23 23.10
N CYS E 62 9.31 -5.03 23.58
CA CYS E 62 10.15 -4.77 24.72
C CYS E 62 9.22 -4.64 25.96
N GLN E 63 9.54 -5.35 27.07
CA GLN E 63 8.76 -5.36 28.32
C GLN E 63 9.69 -5.30 29.53
N VAL E 64 9.22 -4.66 30.63
CA VAL E 64 9.95 -4.61 31.91
C VAL E 64 9.23 -5.56 32.87
N ILE E 65 9.93 -6.62 33.31
CA ILE E 65 9.33 -7.67 34.13
C ILE E 65 10.15 -7.94 35.41
N PRO E 66 9.52 -8.11 36.60
CA PRO E 66 10.32 -8.40 37.81
C PRO E 66 10.93 -9.81 37.84
N VAL E 67 12.07 -9.93 38.52
CA VAL E 67 12.81 -11.19 38.70
C VAL E 67 12.67 -11.62 40.17
N LEU E 68 12.40 -12.91 40.43
CA LEU E 68 12.38 -13.43 41.79
C LEU E 68 13.84 -13.67 42.21
N PRO E 69 14.28 -13.07 43.33
CA PRO E 69 15.71 -13.12 43.71
C PRO E 69 16.39 -14.47 43.88
N GLN E 70 15.71 -15.46 44.45
CA GLN E 70 16.34 -16.75 44.73
C GLN E 70 16.05 -17.85 43.71
N VAL E 71 15.28 -17.54 42.63
CA VAL E 71 15.00 -18.52 41.58
C VAL E 71 16.28 -18.70 40.76
N MET E 72 16.77 -19.96 40.67
CA MET E 72 18.01 -20.31 39.95
C MET E 72 17.78 -21.23 38.76
N MET E 73 16.53 -21.69 38.59
CA MET E 73 16.17 -22.60 37.52
C MET E 73 16.09 -21.93 36.15
N ILE E 74 16.35 -22.73 35.08
CA ILE E 74 16.22 -22.38 33.67
C ILE E 74 14.88 -22.98 33.30
N LEU E 75 13.87 -22.10 33.16
CA LEU E 75 12.51 -22.50 32.87
C LEU E 75 12.24 -22.58 31.36
N ILE E 76 11.57 -23.67 30.94
CA ILE E 76 11.18 -23.89 29.56
C ILE E 76 9.72 -23.51 29.41
N PRO E 77 9.30 -22.84 28.30
CA PRO E 77 7.87 -22.57 28.10
C PRO E 77 7.03 -23.86 28.22
N GLY E 78 5.93 -23.78 28.97
CA GLY E 78 5.03 -24.90 29.21
C GLY E 78 5.38 -25.73 30.45
N GLN E 79 6.54 -25.44 31.06
CA GLN E 79 7.04 -26.13 32.25
C GLN E 79 6.46 -25.56 33.54
N THR E 80 6.04 -26.45 34.46
CA THR E 80 5.51 -26.07 35.77
C THR E 80 6.65 -25.87 36.76
N LEU E 81 6.58 -24.72 37.44
CA LEU E 81 7.51 -24.30 38.47
C LEU E 81 6.82 -24.07 39.84
N PRO E 82 6.96 -25.00 40.83
CA PRO E 82 6.39 -24.74 42.16
C PRO E 82 7.38 -23.90 42.98
N LEU E 83 6.88 -23.00 43.83
CA LEU E 83 7.74 -22.16 44.67
C LEU E 83 7.17 -22.02 46.06
N GLN E 84 8.04 -21.93 47.08
CA GLN E 84 7.69 -21.60 48.46
C GLN E 84 8.52 -20.36 48.80
N LEU E 85 7.83 -19.21 48.93
CA LEU E 85 8.45 -17.90 49.22
C LEU E 85 8.29 -17.56 50.71
N PHE E 86 9.43 -17.24 51.37
CA PHE E 86 9.52 -16.98 52.80
C PHE E 86 9.83 -15.53 53.15
N HIS E 87 10.77 -14.93 52.41
CA HIS E 87 11.23 -13.56 52.59
C HIS E 87 10.12 -12.51 52.36
N PRO E 88 10.01 -11.48 53.25
CA PRO E 88 8.95 -10.47 53.09
C PRO E 88 8.93 -9.74 51.75
N GLN E 89 10.13 -9.47 51.18
CA GLN E 89 10.34 -8.81 49.90
C GLN E 89 9.79 -9.68 48.74
N GLU E 90 10.00 -11.02 48.80
CA GLU E 90 9.51 -12.01 47.83
C GLU E 90 7.99 -12.11 47.87
N VAL E 91 7.42 -12.23 49.09
CA VAL E 91 5.98 -12.32 49.38
C VAL E 91 5.24 -11.09 48.83
N SER E 92 5.78 -9.88 49.12
CA SER E 92 5.25 -8.60 48.68
C SER E 92 5.21 -8.52 47.15
N MET E 93 6.32 -8.89 46.49
CA MET E 93 6.43 -8.87 45.03
C MET E 93 5.37 -9.75 44.35
N VAL E 94 5.11 -10.94 44.92
CA VAL E 94 4.12 -11.88 44.41
C VAL E 94 2.70 -11.33 44.60
N ARG E 95 2.39 -10.71 45.77
CA ARG E 95 1.08 -10.09 46.02
C ARG E 95 0.76 -9.05 44.95
N ASN E 96 1.79 -8.26 44.54
CA ASN E 96 1.69 -7.24 43.50
C ASN E 96 1.42 -7.88 42.13
N LEU E 97 2.10 -9.01 41.80
CA LEU E 97 1.90 -9.74 40.54
C LEU E 97 0.51 -10.32 40.44
N ILE E 98 0.00 -10.89 41.55
CA ILE E 98 -1.33 -11.49 41.64
C ILE E 98 -2.44 -10.44 41.40
N GLN E 99 -2.11 -9.14 41.56
CA GLN E 99 -3.03 -8.02 41.32
C GLN E 99 -2.89 -7.46 39.89
N LYS E 100 -1.69 -7.58 39.29
CA LYS E 100 -1.38 -7.13 37.92
C LYS E 100 -1.47 -8.30 36.92
N ASP E 101 -0.42 -8.54 36.09
CA ASP E 101 -0.39 -9.58 35.03
C ASP E 101 0.02 -11.02 35.49
N ARG E 102 0.47 -11.20 36.77
CA ARG E 102 0.91 -12.48 37.38
C ARG E 102 2.19 -13.06 36.74
N THR E 103 2.93 -12.24 35.99
CA THR E 103 4.09 -12.64 35.21
C THR E 103 5.40 -12.09 35.74
N PHE E 104 6.35 -12.99 36.01
CA PHE E 104 7.71 -12.68 36.42
C PHE E 104 8.69 -13.24 35.40
N ALA E 105 9.94 -12.72 35.42
CA ALA E 105 11.01 -13.13 34.52
C ALA E 105 11.89 -14.15 35.24
N VAL E 106 12.17 -15.27 34.57
CA VAL E 106 13.02 -16.34 35.09
C VAL E 106 14.29 -16.35 34.25
N LEU E 107 15.36 -15.79 34.81
CA LEU E 107 16.66 -15.68 34.13
C LEU E 107 17.41 -17.00 33.98
N ALA E 108 17.86 -17.30 32.73
CA ALA E 108 18.67 -18.47 32.39
C ALA E 108 20.11 -18.02 32.63
N TYR E 109 20.63 -18.34 33.83
CA TYR E 109 21.95 -17.89 34.23
C TYR E 109 23.10 -18.65 33.58
N SER E 110 23.94 -17.89 32.81
CA SER E 110 25.17 -18.38 32.16
C SER E 110 26.21 -18.52 33.30
N ASN E 111 26.34 -17.47 34.13
CA ASN E 111 27.16 -17.43 35.34
C ASN E 111 26.20 -17.08 36.48
N VAL E 112 25.85 -18.08 37.28
CA VAL E 112 24.93 -17.95 38.40
C VAL E 112 25.53 -17.08 39.54
N GLN E 113 26.85 -17.25 39.82
CA GLN E 113 27.60 -16.51 40.86
C GLN E 113 27.53 -14.98 40.69
N GLU E 114 27.88 -14.47 39.50
CA GLU E 114 27.87 -13.03 39.20
C GLU E 114 26.53 -12.55 38.63
N ARG E 115 25.49 -13.43 38.68
CA ARG E 115 24.13 -13.21 38.21
C ARG E 115 24.06 -12.69 36.76
N GLU E 116 24.77 -13.39 35.86
CA GLU E 116 24.85 -13.08 34.43
C GLU E 116 23.77 -13.87 33.68
N ALA E 117 23.04 -13.20 32.78
CA ALA E 117 22.00 -13.81 31.98
C ALA E 117 21.80 -13.02 30.69
N GLN E 118 21.71 -13.74 29.57
CA GLN E 118 21.52 -13.14 28.25
C GLN E 118 20.10 -13.49 27.75
N PHE E 119 19.55 -14.59 28.29
CA PHE E 119 18.24 -15.10 27.95
C PHE E 119 17.43 -15.42 29.20
N GLY E 120 16.19 -15.82 29.00
CA GLY E 120 15.27 -16.18 30.05
C GLY E 120 13.88 -16.48 29.53
N THR E 121 12.96 -16.80 30.45
CA THR E 121 11.59 -17.18 30.11
C THR E 121 10.64 -16.55 31.10
N THR E 122 9.49 -16.07 30.62
CA THR E 122 8.47 -15.50 31.50
C THR E 122 7.77 -16.66 32.21
N ALA E 123 7.30 -16.42 33.43
CA ALA E 123 6.58 -17.40 34.21
C ALA E 123 5.29 -16.77 34.69
N GLU E 124 4.14 -17.42 34.39
CA GLU E 124 2.82 -16.93 34.76
C GLU E 124 2.25 -17.76 35.91
N ILE E 125 1.99 -17.09 37.06
CA ILE E 125 1.40 -17.69 38.24
C ILE E 125 -0.02 -18.10 37.92
N TYR E 126 -0.32 -19.40 38.06
CA TYR E 126 -1.65 -19.93 37.79
C TYR E 126 -2.33 -20.43 39.06
N ALA E 127 -1.56 -20.59 40.15
CA ALA E 127 -2.05 -21.02 41.45
C ALA E 127 -1.21 -20.41 42.56
N TYR E 128 -1.84 -20.10 43.71
CA TYR E 128 -1.18 -19.51 44.89
C TYR E 128 -1.92 -19.83 46.18
N ARG E 129 -1.21 -19.73 47.31
CA ARG E 129 -1.77 -19.89 48.64
C ARG E 129 -0.94 -19.14 49.65
N GLU E 130 -1.58 -18.26 50.42
CA GLU E 130 -0.95 -17.48 51.47
C GLU E 130 -1.25 -18.18 52.80
N GLU E 131 -0.21 -18.42 53.61
CA GLU E 131 -0.31 -19.10 54.90
C GLU E 131 0.37 -18.30 55.99
N ILE E 138 3.78 -16.73 54.57
CA ILE E 138 4.42 -17.62 53.60
C ILE E 138 3.54 -17.74 52.36
N VAL E 139 4.13 -17.68 51.15
CA VAL E 139 3.33 -17.82 49.94
C VAL E 139 3.88 -18.95 49.05
N LYS E 140 3.01 -19.92 48.76
CA LYS E 140 3.26 -21.06 47.88
C LYS E 140 2.66 -20.69 46.52
N VAL E 141 3.41 -20.95 45.45
CA VAL E 141 3.01 -20.55 44.11
C VAL E 141 3.28 -21.68 43.09
N LYS E 142 2.43 -21.80 42.08
CA LYS E 142 2.64 -22.70 40.94
C LYS E 142 2.63 -21.79 39.72
N ALA E 143 3.75 -21.74 39.00
CA ALA E 143 3.90 -20.92 37.78
C ALA E 143 4.18 -21.83 36.58
N ILE E 144 3.98 -21.28 35.39
CA ILE E 144 4.18 -21.99 34.14
C ILE E 144 4.95 -21.07 33.19
N GLY E 145 5.91 -21.66 32.49
CA GLY E 145 6.73 -20.98 31.51
C GLY E 145 5.88 -20.58 30.34
N ARG E 146 6.00 -19.32 29.90
CA ARG E 146 5.20 -18.87 28.79
C ARG E 146 6.05 -18.49 27.58
N GLN E 147 6.75 -17.35 27.65
CA GLN E 147 7.52 -16.80 26.52
C GLN E 147 9.02 -16.67 26.77
N ARG E 148 9.82 -16.99 25.73
CA ARG E 148 11.27 -16.86 25.74
C ARG E 148 11.63 -15.38 25.51
N PHE E 149 12.75 -14.94 26.09
CA PHE E 149 13.18 -13.56 25.89
C PHE E 149 14.69 -13.41 25.82
N LYS E 150 15.09 -12.25 25.33
CA LYS E 150 16.46 -11.77 25.26
C LYS E 150 16.52 -10.62 26.30
N VAL E 151 17.50 -10.71 27.21
CA VAL E 151 17.70 -9.72 28.25
C VAL E 151 18.39 -8.52 27.59
N LEU E 152 17.77 -7.33 27.72
CA LEU E 152 18.30 -6.08 27.17
C LEU E 152 19.01 -5.29 28.26
N GLU E 153 18.46 -5.29 29.50
CA GLU E 153 19.02 -4.58 30.64
C GLU E 153 18.52 -5.23 31.93
N GLN E 162 14.83 -6.72 41.68
CA GLN E 162 15.29 -6.28 40.37
C GLN E 162 14.28 -6.51 39.24
N GLN E 163 14.33 -5.62 38.22
CA GLN E 163 13.47 -5.61 37.04
C GLN E 163 14.33 -5.90 35.81
N ALA E 164 13.77 -6.64 34.85
CA ALA E 164 14.47 -6.97 33.63
C ALA E 164 13.81 -6.31 32.41
N LYS E 165 14.60 -5.52 31.64
CA LYS E 165 14.19 -4.93 30.36
C LYS E 165 14.45 -6.06 29.38
N VAL E 166 13.39 -6.57 28.79
CA VAL E 166 13.37 -7.78 28.00
C VAL E 166 12.77 -7.59 26.61
N GLN E 167 13.18 -8.43 25.63
CA GLN E 167 12.65 -8.44 24.28
C GLN E 167 12.09 -9.86 24.02
N ILE E 168 10.78 -9.96 23.75
CA ILE E 168 10.08 -11.21 23.51
C ILE E 168 10.55 -11.84 22.22
N LEU E 169 11.13 -13.05 22.31
CA LEU E 169 11.67 -13.79 21.18
C LEU E 169 10.55 -14.52 20.46
N PRO E 170 10.36 -14.27 19.14
CA PRO E 170 9.29 -14.97 18.41
C PRO E 170 9.57 -16.46 18.17
N GLU E 171 8.49 -17.23 18.03
CA GLU E 171 8.50 -18.66 17.74
C GLU E 171 8.41 -18.84 16.24
N CYS E 172 9.46 -19.38 15.65
CA CYS E 172 9.54 -19.61 14.24
C CYS E 172 8.72 -20.82 13.75
N VAL E 173 7.69 -20.53 12.93
CA VAL E 173 6.85 -21.57 12.33
C VAL E 173 7.17 -21.57 10.85
N LEU E 174 7.66 -22.70 10.34
CA LEU E 174 7.99 -22.86 8.91
C LEU E 174 6.92 -23.66 8.21
N PRO E 175 6.63 -23.41 6.90
CA PRO E 175 5.69 -24.30 6.18
C PRO E 175 6.39 -25.64 5.86
N SER E 176 5.66 -26.60 5.26
CA SER E 176 6.24 -27.87 4.82
C SER E 176 7.38 -27.53 3.86
N THR E 177 8.45 -28.31 3.93
CA THR E 177 9.62 -28.14 3.08
C THR E 177 9.24 -28.28 1.56
N MET E 178 8.12 -28.98 1.29
CA MET E 178 7.57 -29.22 -0.05
C MET E 178 6.62 -28.15 -0.54
N SER E 179 6.21 -27.18 0.31
CA SER E 179 5.29 -26.08 -0.06
C SER E 179 5.77 -25.32 -1.27
N ALA E 180 7.10 -25.01 -1.40
CA ALA E 180 7.73 -24.35 -2.55
C ALA E 180 7.91 -25.26 -3.83
N VAL E 181 8.12 -26.55 -3.65
CA VAL E 181 8.39 -27.39 -4.83
C VAL E 181 7.10 -27.98 -5.53
N GLN E 182 6.18 -28.52 -4.71
CA GLN E 182 4.89 -29.15 -4.98
C GLN E 182 4.29 -28.88 -6.40
N LEU E 183 4.10 -29.97 -7.20
CA LEU E 183 3.42 -29.91 -8.52
C LEU E 183 1.92 -29.73 -8.21
N GLU E 184 1.29 -28.79 -8.90
CA GLU E 184 -0.12 -28.42 -8.70
C GLU E 184 -1.09 -29.57 -8.99
N SER E 185 -0.72 -30.49 -9.93
CA SER E 185 -1.49 -31.69 -10.30
C SER E 185 -1.50 -32.75 -9.17
N LEU E 186 -0.46 -32.73 -8.30
CA LEU E 186 -0.29 -33.65 -7.18
C LEU E 186 -0.76 -33.08 -5.86
N ASN E 187 -1.39 -31.89 -5.90
CA ASN E 187 -1.93 -31.19 -4.74
C ASN E 187 -3.06 -31.99 -4.06
N LYS E 188 -3.93 -32.63 -4.88
CA LYS E 188 -5.07 -33.46 -4.44
C LYS E 188 -4.66 -34.84 -3.86
N CYS E 189 -3.34 -35.12 -3.83
CA CYS E 189 -2.72 -36.35 -3.32
C CYS E 189 -2.05 -36.11 -1.97
N GLN E 190 -2.01 -34.83 -1.52
CA GLN E 190 -1.37 -34.40 -0.28
C GLN E 190 -2.14 -34.75 0.99
N ILE E 191 -3.42 -35.11 0.87
CA ILE E 191 -4.22 -35.55 2.00
C ILE E 191 -4.14 -37.10 1.99
N PHE E 192 -3.76 -37.73 3.12
CA PHE E 192 -3.58 -39.18 3.20
C PHE E 192 -4.57 -39.88 4.16
N PRO E 193 -5.04 -41.10 3.82
CA PRO E 193 -5.90 -41.82 4.76
C PRO E 193 -5.09 -42.55 5.84
N CYS E 203 0.36 -51.85 11.40
CA CYS E 203 1.66 -51.75 10.75
C CYS E 203 2.04 -50.30 10.45
N SER E 204 2.56 -49.59 11.48
CA SER E 204 2.95 -48.19 11.41
C SER E 204 4.12 -47.91 10.47
N TYR E 205 5.08 -48.85 10.35
CA TYR E 205 6.26 -48.75 9.47
C TYR E 205 5.87 -48.64 7.97
N LYS E 206 4.89 -49.45 7.53
CA LYS E 206 4.39 -49.44 6.15
C LYS E 206 3.67 -48.12 5.87
N TRP E 207 2.99 -47.57 6.90
CA TRP E 207 2.26 -46.31 6.83
C TRP E 207 3.22 -45.14 6.66
N TRP E 208 4.30 -45.13 7.44
CA TRP E 208 5.31 -44.08 7.42
C TRP E 208 6.10 -44.08 6.14
N GLN E 209 6.30 -45.27 5.55
CA GLN E 209 6.95 -45.44 4.26
C GLN E 209 6.12 -44.77 3.16
N LYS E 210 4.78 -44.91 3.23
CA LYS E 210 3.82 -44.32 2.28
C LYS E 210 3.65 -42.82 2.53
N TYR E 211 3.77 -42.40 3.80
CA TYR E 211 3.70 -41.00 4.20
C TYR E 211 4.86 -40.28 3.50
N GLN E 212 6.09 -40.80 3.68
CA GLN E 212 7.33 -40.27 3.10
C GLN E 212 7.29 -40.24 1.56
N LYS E 213 6.80 -41.31 0.92
CA LYS E 213 6.72 -41.39 -0.54
C LYS E 213 5.76 -40.35 -1.15
N ARG E 214 4.63 -40.08 -0.47
CA ARG E 214 3.60 -39.15 -0.94
C ARG E 214 3.85 -37.71 -0.55
N LYS E 215 4.22 -37.46 0.71
CA LYS E 215 4.51 -36.11 1.16
C LYS E 215 5.73 -35.51 0.48
N PHE E 216 6.76 -36.32 0.26
CA PHE E 216 8.04 -35.89 -0.30
C PHE E 216 8.27 -36.33 -1.71
N HIS E 217 7.19 -36.59 -2.49
CA HIS E 217 7.32 -36.98 -3.89
C HIS E 217 8.03 -35.93 -4.71
N CYS E 218 7.69 -34.65 -4.49
CA CYS E 218 8.27 -33.57 -5.26
C CYS E 218 9.70 -33.20 -4.87
N ALA E 219 10.35 -34.05 -4.05
CA ALA E 219 11.76 -33.89 -3.71
C ALA E 219 12.62 -34.21 -4.94
N ASN E 220 12.05 -34.90 -5.95
CA ASN E 220 12.75 -35.25 -7.19
C ASN E 220 12.88 -34.06 -8.16
N LEU E 221 12.28 -32.91 -7.82
CA LEU E 221 12.42 -31.68 -8.56
C LEU E 221 13.58 -30.87 -7.96
N THR E 222 14.17 -31.37 -6.83
CA THR E 222 15.26 -30.71 -6.07
C THR E 222 16.58 -31.48 -6.07
N SER E 223 17.55 -31.00 -5.27
CA SER E 223 18.89 -31.54 -5.09
C SER E 223 18.98 -32.68 -4.09
N TRP E 224 17.90 -32.94 -3.34
CA TRP E 224 17.89 -33.90 -2.23
C TRP E 224 16.82 -35.00 -2.30
N PRO E 225 17.10 -36.16 -1.65
CA PRO E 225 16.09 -37.26 -1.63
C PRO E 225 15.02 -37.08 -0.56
N ARG E 226 13.96 -37.91 -0.63
CA ARG E 226 12.84 -37.91 0.32
C ARG E 226 13.33 -38.09 1.72
N TRP E 227 14.27 -39.04 1.92
CA TRP E 227 14.80 -39.40 3.23
C TRP E 227 15.50 -38.23 3.93
N LEU E 228 16.04 -37.25 3.18
CA LEU E 228 16.65 -36.08 3.78
C LEU E 228 15.56 -35.12 4.29
N TYR E 229 14.52 -34.90 3.49
CA TYR E 229 13.43 -34.04 3.91
C TYR E 229 12.75 -34.55 5.16
N SER E 230 12.66 -35.90 5.33
CA SER E 230 12.09 -36.56 6.53
C SER E 230 12.77 -36.14 7.82
N LEU E 231 14.09 -35.89 7.74
CA LEU E 231 14.93 -35.50 8.88
C LEU E 231 14.63 -34.09 9.35
N TYR E 232 13.86 -33.33 8.55
CA TYR E 232 13.45 -31.96 8.87
C TYR E 232 11.92 -31.84 8.87
N ASP E 233 11.20 -32.97 8.99
CA ASP E 233 9.75 -33.02 9.03
C ASP E 233 9.23 -33.15 10.44
N ALA E 234 8.50 -32.14 10.94
CA ALA E 234 7.95 -32.08 12.30
C ALA E 234 7.25 -33.33 12.76
N GLU E 235 6.32 -33.83 11.97
CA GLU E 235 5.51 -35.03 12.26
C GLU E 235 6.36 -36.29 12.42
N THR E 236 7.33 -36.49 11.51
CA THR E 236 8.26 -37.60 11.52
C THR E 236 9.19 -37.51 12.72
N LEU E 237 9.77 -36.32 12.96
CA LEU E 237 10.64 -36.06 14.13
C LEU E 237 9.89 -36.31 15.45
N MET E 238 8.62 -35.82 15.56
CA MET E 238 7.75 -36.04 16.74
C MET E 238 7.44 -37.53 16.89
N ASP E 239 7.22 -38.26 15.77
CA ASP E 239 6.97 -39.70 15.87
C ASP E 239 8.23 -40.48 16.31
N ARG E 240 9.42 -39.97 15.99
CA ARG E 240 10.68 -40.59 16.38
C ARG E 240 10.88 -40.36 17.86
N ILE E 241 10.51 -39.15 18.37
CA ILE E 241 10.61 -38.80 19.80
C ILE E 241 9.61 -39.63 20.61
N LYS E 242 8.33 -39.70 20.16
CA LYS E 242 7.29 -40.52 20.80
C LYS E 242 7.78 -41.95 21.01
N LYS E 243 8.56 -42.51 20.06
CA LYS E 243 9.09 -43.88 20.16
C LYS E 243 10.06 -44.04 21.33
N GLN E 244 10.75 -42.97 21.73
CA GLN E 244 11.69 -42.94 22.84
C GLN E 244 10.94 -42.63 24.15
N LEU E 245 9.90 -41.78 24.08
CA LEU E 245 9.05 -41.45 25.21
C LEU E 245 8.24 -42.67 25.63
N ARG E 246 7.85 -43.55 24.66
CA ARG E 246 7.13 -44.81 24.91
C ARG E 246 8.05 -45.80 25.61
N GLU E 247 9.36 -45.72 25.30
CA GLU E 247 10.39 -46.52 25.95
C GLU E 247 10.53 -46.14 27.47
N TRP E 248 10.07 -44.93 27.86
CA TRP E 248 10.09 -44.37 29.21
C TRP E 248 8.75 -44.49 29.97
N ASP E 249 7.60 -44.40 29.26
CA ASP E 249 6.24 -44.44 29.84
C ASP E 249 5.28 -45.26 28.97
N GLU E 250 4.33 -45.99 29.59
CA GLU E 250 3.39 -46.83 28.84
C GLU E 250 2.06 -46.11 28.45
N ASN E 251 1.93 -44.81 28.79
CA ASN E 251 0.76 -43.97 28.45
C ASN E 251 0.78 -43.65 26.96
N LEU E 252 -0.41 -43.69 26.33
CA LEU E 252 -0.58 -43.48 24.89
C LEU E 252 -0.54 -42.02 24.45
N LYS E 253 0.07 -41.80 23.26
CA LYS E 253 0.23 -40.54 22.53
C LYS E 253 -1.13 -39.91 22.25
N ASP E 254 -2.13 -40.78 21.99
CA ASP E 254 -3.55 -40.52 21.71
C ASP E 254 -4.11 -39.30 22.45
N ASP E 255 -3.86 -39.21 23.77
CA ASP E 255 -4.36 -38.14 24.61
C ASP E 255 -3.24 -37.22 25.16
N SER E 256 -2.40 -37.76 26.06
CA SER E 256 -1.32 -37.07 26.77
C SER E 256 -0.45 -36.10 25.94
N LEU E 257 0.13 -36.56 24.81
CA LEU E 257 1.07 -35.75 24.03
C LEU E 257 0.45 -34.72 23.07
N PRO E 258 1.09 -33.52 22.93
CA PRO E 258 0.55 -32.49 22.02
C PRO E 258 0.78 -32.72 20.54
N SER E 259 -0.14 -32.23 19.72
CA SER E 259 -0.09 -32.33 18.27
C SER E 259 0.71 -31.17 17.66
N ASN E 260 0.79 -30.02 18.36
CA ASN E 260 1.53 -28.84 17.87
C ASN E 260 3.03 -29.07 18.06
N PRO E 261 3.86 -29.00 16.98
CA PRO E 261 5.31 -29.19 17.15
C PRO E 261 5.93 -28.26 18.21
N ILE E 262 5.49 -26.99 18.29
CA ILE E 262 5.99 -26.03 19.27
C ILE E 262 5.83 -26.58 20.73
N ASP E 263 4.59 -26.96 21.09
CA ASP E 263 4.25 -27.48 22.41
C ASP E 263 4.94 -28.80 22.69
N PHE E 264 4.92 -29.71 21.70
CA PHE E 264 5.58 -31.01 21.82
C PHE E 264 7.08 -30.79 22.12
N SER E 265 7.77 -29.99 21.26
CA SER E 265 9.19 -29.70 21.42
C SER E 265 9.52 -29.12 22.77
N TYR E 266 8.65 -28.25 23.33
CA TYR E 266 8.88 -27.67 24.65
C TYR E 266 8.63 -28.68 25.77
N ARG E 267 7.60 -29.53 25.62
CA ARG E 267 7.27 -30.59 26.58
C ARG E 267 8.46 -31.58 26.71
N VAL E 268 9.10 -31.91 25.58
CA VAL E 268 10.26 -32.82 25.58
C VAL E 268 11.49 -32.15 26.18
N ALA E 269 11.74 -30.87 25.86
CA ALA E 269 12.86 -30.06 26.36
C ALA E 269 12.85 -29.97 27.89
N ALA E 270 11.65 -29.90 28.49
CA ALA E 270 11.46 -29.79 29.93
C ALA E 270 11.88 -31.04 30.70
N CYS E 271 11.73 -32.24 30.09
CA CYS E 271 12.06 -33.48 30.79
C CYS E 271 13.36 -34.18 30.27
N LEU E 272 14.27 -33.44 29.58
CA LEU E 272 15.56 -33.99 29.17
C LEU E 272 16.60 -33.70 30.24
N PRO E 273 17.26 -34.75 30.83
CA PRO E 273 18.25 -34.49 31.88
C PRO E 273 19.59 -34.00 31.34
N ILE E 274 19.65 -32.70 30.97
CA ILE E 274 20.87 -32.07 30.46
C ILE E 274 21.37 -30.97 31.42
N ASP E 275 22.65 -30.62 31.28
CA ASP E 275 23.25 -29.56 32.07
C ASP E 275 22.75 -28.18 31.60
N ASP E 276 23.00 -27.14 32.41
CA ASP E 276 22.55 -25.78 32.19
C ASP E 276 23.08 -25.14 30.90
N VAL E 277 24.32 -25.46 30.51
CA VAL E 277 24.94 -24.91 29.30
C VAL E 277 24.19 -25.42 28.06
N LEU E 278 23.81 -26.72 28.07
CA LEU E 278 23.03 -27.33 27.00
C LEU E 278 21.61 -26.80 26.98
N ARG E 279 20.97 -26.69 28.16
CA ARG E 279 19.61 -26.17 28.28
C ARG E 279 19.48 -24.72 27.80
N ILE E 280 20.50 -23.87 28.04
CA ILE E 280 20.52 -22.50 27.55
C ILE E 280 20.54 -22.49 26.03
N GLN E 281 21.38 -23.34 25.42
CA GLN E 281 21.48 -23.46 23.95
C GLN E 281 20.15 -23.92 23.35
N LEU E 282 19.49 -24.87 24.03
CA LEU E 282 18.17 -25.38 23.68
C LEU E 282 17.14 -24.26 23.78
N LEU E 283 17.20 -23.42 24.82
CA LEU E 283 16.30 -22.26 25.02
C LEU E 283 16.48 -21.20 23.92
N LYS E 284 17.72 -21.03 23.41
CA LYS E 284 18.06 -20.10 22.33
C LYS E 284 17.47 -20.51 20.95
N ILE E 285 17.01 -21.77 20.78
CA ILE E 285 16.40 -22.26 19.54
C ILE E 285 15.00 -21.66 19.37
N GLY E 286 14.76 -21.05 18.20
CA GLY E 286 13.50 -20.44 17.81
C GLY E 286 12.58 -21.29 16.95
N SER E 287 13.16 -22.31 16.26
CA SER E 287 12.39 -23.19 15.40
C SER E 287 12.08 -24.50 16.09
N ALA E 288 10.81 -24.93 16.06
CA ALA E 288 10.42 -26.23 16.60
C ALA E 288 11.17 -27.36 15.87
N ILE E 289 11.38 -27.28 14.54
CA ILE E 289 12.12 -28.31 13.77
C ILE E 289 13.50 -28.54 14.36
N GLN E 290 14.25 -27.44 14.54
CA GLN E 290 15.60 -27.43 15.10
C GLN E 290 15.63 -27.93 16.55
N ARG E 291 14.60 -27.60 17.36
CA ARG E 291 14.45 -27.99 18.75
C ARG E 291 14.21 -29.49 18.84
N LEU E 292 13.23 -30.02 18.07
CA LEU E 292 12.94 -31.45 17.98
C LEU E 292 14.17 -32.25 17.50
N ARG E 293 14.90 -31.73 16.48
CA ARG E 293 16.09 -32.42 15.95
C ARG E 293 17.19 -32.52 16.98
N CYS E 294 17.39 -31.43 17.69
CA CYS E 294 18.38 -31.23 18.74
C CYS E 294 18.11 -32.15 19.95
N GLU E 295 16.83 -32.38 20.27
CA GLU E 295 16.36 -33.26 21.33
C GLU E 295 16.63 -34.70 20.98
N LEU E 296 16.30 -35.09 19.74
CA LEU E 296 16.53 -36.44 19.24
C LEU E 296 17.99 -36.79 19.27
N ASP E 297 18.84 -35.82 18.94
CA ASP E 297 20.27 -36.02 18.93
C ASP E 297 20.86 -36.19 20.35
N ILE E 298 20.35 -35.44 21.32
CA ILE E 298 20.73 -35.55 22.73
C ILE E 298 20.34 -36.94 23.25
N MET E 299 19.09 -37.34 22.96
CA MET E 299 18.51 -38.64 23.32
C MET E 299 19.27 -39.83 22.73
N ASN E 300 19.96 -39.63 21.61
CA ASN E 300 20.71 -40.72 20.99
C ASN E 300 22.18 -40.70 21.42
N LYS E 301 22.82 -39.50 21.48
CA LYS E 301 24.22 -39.30 21.86
C LYS E 301 24.48 -39.59 23.33
N CYS E 302 23.80 -38.85 24.24
CA CYS E 302 24.01 -38.95 25.68
C CYS E 302 23.31 -40.15 26.23
N THR E 303 24.05 -41.26 26.36
CA THR E 303 23.50 -42.48 26.94
C THR E 303 23.87 -42.62 28.44
N SER E 304 24.96 -41.99 28.89
CA SER E 304 25.43 -42.06 30.27
C SER E 304 25.15 -40.77 31.04
N LEU E 305 24.91 -40.88 32.35
CA LEU E 305 24.67 -39.75 33.26
C LEU E 305 25.65 -39.86 34.42
N CYS E 306 26.57 -38.92 34.47
CA CYS E 306 27.63 -38.90 35.47
C CYS E 306 27.39 -37.85 36.50
N CYS E 307 28.17 -37.89 37.58
CA CYS E 307 28.18 -36.89 38.63
C CYS E 307 28.84 -35.65 38.03
N LYS E 308 28.21 -34.47 38.15
CA LYS E 308 28.75 -33.20 37.60
C LYS E 308 30.06 -32.80 38.25
N GLN E 309 30.20 -32.99 39.58
CA GLN E 309 31.39 -32.66 40.33
C GLN E 309 32.61 -33.54 39.96
N CYS E 310 32.38 -34.84 39.73
CA CYS E 310 33.39 -35.83 39.35
C CYS E 310 33.69 -35.78 37.89
N GLN E 311 32.60 -35.65 37.07
CA GLN E 311 32.56 -35.65 35.61
C GLN E 311 32.82 -37.03 35.04
N GLU E 312 33.52 -37.90 35.78
CA GLU E 312 33.88 -39.24 35.34
C GLU E 312 33.13 -40.35 36.08
N THR E 313 32.43 -40.03 37.17
CA THR E 313 31.68 -41.02 37.93
C THR E 313 30.27 -41.24 37.40
N GLU E 314 30.03 -42.41 36.78
CA GLU E 314 28.75 -42.83 36.24
C GLU E 314 27.74 -43.11 37.35
N ILE E 315 26.55 -42.53 37.24
CA ILE E 315 25.45 -42.70 38.19
C ILE E 315 24.34 -43.57 37.59
N THR E 316 23.94 -43.31 36.33
CA THR E 316 22.90 -44.08 35.64
C THR E 316 23.08 -43.94 34.11
N THR E 317 22.21 -44.64 33.36
CA THR E 317 22.15 -44.64 31.89
C THR E 317 20.71 -44.35 31.48
N LYS E 318 20.49 -43.99 30.18
CA LYS E 318 19.16 -43.70 29.64
C LYS E 318 18.22 -44.91 29.67
N ASN E 319 18.79 -46.12 29.74
CA ASN E 319 18.06 -47.38 29.80
C ASN E 319 17.30 -47.55 31.11
N GLU E 320 17.72 -46.80 32.15
CA GLU E 320 17.12 -46.87 33.49
C GLU E 320 16.07 -45.79 33.71
N ILE E 321 16.02 -44.80 32.81
CA ILE E 321 15.06 -43.68 32.82
C ILE E 321 13.63 -44.20 32.59
N PHE E 322 12.70 -43.74 33.43
CA PHE E 322 11.29 -44.10 33.33
C PHE E 322 10.42 -42.96 33.89
N SER E 323 9.16 -42.87 33.46
CA SER E 323 8.25 -41.84 33.92
C SER E 323 7.37 -42.34 35.05
N LEU E 324 7.45 -41.68 36.19
CA LEU E 324 6.60 -41.99 37.34
C LEU E 324 5.54 -40.84 37.42
N SER E 325 5.62 -39.90 36.43
CA SER E 325 4.77 -38.73 36.23
C SER E 325 4.26 -38.60 34.78
N LEU E 326 3.14 -37.89 34.61
CA LEU E 326 2.52 -37.59 33.30
C LEU E 326 3.42 -36.67 32.46
N CYS E 327 4.21 -35.81 33.14
CA CYS E 327 5.13 -34.85 32.57
C CYS E 327 6.30 -35.51 31.88
N GLY E 328 6.64 -36.70 32.36
CA GLY E 328 7.72 -37.50 31.84
C GLY E 328 8.61 -38.00 32.95
N PRO E 329 9.88 -38.31 32.64
CA PRO E 329 10.78 -38.83 33.68
C PRO E 329 11.30 -37.80 34.66
N MET E 330 11.30 -36.50 34.26
CA MET E 330 11.83 -35.41 35.06
C MET E 330 10.88 -34.24 35.18
N ALA E 331 10.72 -33.72 36.41
CA ALA E 331 9.89 -32.57 36.72
C ALA E 331 10.50 -31.80 37.90
N ALA E 332 10.12 -30.53 38.06
CA ALA E 332 10.56 -29.68 39.15
C ALA E 332 9.62 -29.84 40.32
N TYR E 333 10.21 -29.97 41.53
CA TYR E 333 9.53 -30.07 42.82
C TYR E 333 10.23 -29.12 43.76
N VAL E 334 9.51 -28.63 44.75
CA VAL E 334 10.02 -27.68 45.75
C VAL E 334 10.11 -28.39 47.12
N ASN E 335 11.20 -28.16 47.84
CA ASN E 335 11.41 -28.78 49.14
C ASN E 335 10.82 -27.87 50.27
N PRO E 336 10.77 -28.29 51.57
CA PRO E 336 10.14 -27.43 52.62
C PRO E 336 10.73 -26.02 52.85
N HIS E 337 11.95 -25.79 52.38
CA HIS E 337 12.69 -24.53 52.53
C HIS E 337 12.82 -23.77 51.18
N GLY E 338 11.99 -24.16 50.21
CA GLY E 338 11.90 -23.48 48.93
C GLY E 338 12.93 -23.81 47.88
N TYR E 339 13.75 -24.85 48.11
CA TYR E 339 14.75 -25.32 47.14
C TYR E 339 14.05 -26.17 46.12
N VAL E 340 14.21 -25.80 44.86
CA VAL E 340 13.59 -26.47 43.70
C VAL E 340 14.57 -27.46 43.09
N HIS E 341 14.12 -28.71 42.90
CA HIS E 341 14.92 -29.78 42.31
C HIS E 341 14.19 -30.37 41.13
N GLU E 342 14.85 -30.38 39.96
CA GLU E 342 14.30 -31.06 38.80
C GLU E 342 14.76 -32.50 39.00
N THR E 343 13.81 -33.36 39.37
CA THR E 343 14.04 -34.75 39.79
C THR E 343 13.66 -35.73 38.70
N LEU E 344 14.71 -36.43 38.20
CA LEU E 344 14.68 -37.48 37.18
C LEU E 344 14.55 -38.84 37.86
N THR E 345 13.47 -39.57 37.61
CA THR E 345 13.21 -40.90 38.16
C THR E 345 13.86 -42.03 37.32
N VAL E 346 14.71 -42.86 37.96
CA VAL E 346 15.41 -43.98 37.31
C VAL E 346 15.25 -45.25 38.14
N TYR E 347 15.25 -46.43 37.46
CA TYR E 347 15.10 -47.74 38.09
C TYR E 347 16.30 -48.14 38.91
N LYS E 348 17.50 -47.96 38.33
CA LYS E 348 18.79 -48.31 38.93
C LYS E 348 19.79 -47.18 38.81
N ALA E 349 20.63 -47.05 39.83
CA ALA E 349 21.73 -46.08 39.96
C ALA E 349 22.85 -46.81 40.67
N CYS E 350 24.10 -46.43 40.35
CA CYS E 350 25.32 -46.97 40.94
C CYS E 350 26.20 -45.82 41.43
N ASN E 351 27.23 -46.12 42.22
CA ASN E 351 28.23 -45.18 42.78
C ASN E 351 27.62 -44.20 43.76
N LEU E 352 26.59 -44.67 44.49
CA LEU E 352 25.89 -43.85 45.46
C LEU E 352 25.84 -44.47 46.87
N ASN E 353 26.09 -43.65 47.91
CA ASN E 353 26.00 -44.03 49.31
C ASN E 353 24.71 -43.47 49.89
N LEU E 354 24.04 -44.22 50.76
CA LEU E 354 22.79 -43.77 51.37
C LEU E 354 23.05 -43.18 52.73
N ILE E 355 22.59 -41.95 52.95
CA ILE E 355 22.80 -41.27 54.23
C ILE E 355 21.52 -41.34 55.07
N GLY E 356 21.63 -41.90 56.26
CA GLY E 356 20.54 -42.01 57.20
C GLY E 356 19.58 -43.15 56.93
N ARG E 357 18.33 -42.98 57.38
CA ARG E 357 17.24 -43.96 57.29
C ARG E 357 16.11 -43.35 56.43
N PRO E 358 15.17 -44.15 55.87
CA PRO E 358 14.14 -43.54 55.04
C PRO E 358 13.16 -42.65 55.82
N SER E 359 12.60 -41.64 55.14
CA SER E 359 11.62 -40.69 55.68
C SER E 359 10.51 -40.45 54.67
N THR E 360 9.26 -40.28 55.16
CA THR E 360 8.10 -40.00 54.31
C THR E 360 7.73 -38.50 54.33
N GLU E 361 8.44 -37.73 55.18
CA GLU E 361 8.26 -36.29 55.40
C GLU E 361 8.51 -35.47 54.14
N HIS E 362 7.43 -34.81 53.63
CA HIS E 362 7.43 -33.94 52.44
C HIS E 362 7.80 -34.71 51.15
N SER E 363 7.49 -36.04 51.09
CA SER E 363 7.76 -36.90 49.93
C SER E 363 6.98 -36.46 48.67
N TRP E 364 7.72 -36.25 47.57
CA TRP E 364 7.20 -35.80 46.28
C TRP E 364 6.47 -36.92 45.51
N PHE E 365 6.65 -38.17 45.98
CA PHE E 365 6.07 -39.39 45.39
C PHE E 365 5.34 -40.09 46.50
N PRO E 366 4.07 -39.69 46.74
CA PRO E 366 3.31 -40.25 47.87
C PRO E 366 3.20 -41.77 47.87
N GLY E 367 3.58 -42.36 48.99
CA GLY E 367 3.63 -43.81 49.17
C GLY E 367 5.05 -44.32 49.21
N TYR E 368 5.99 -43.42 48.92
CA TYR E 368 7.42 -43.72 48.95
C TYR E 368 8.11 -42.89 50.01
N ALA E 369 9.09 -43.50 50.66
CA ALA E 369 9.97 -42.86 51.61
C ALA E 369 11.28 -42.53 50.88
N TRP E 370 11.95 -41.42 51.24
CA TRP E 370 13.21 -41.00 50.63
C TRP E 370 14.41 -41.16 51.59
N THR E 371 15.59 -41.47 51.04
CA THR E 371 16.87 -41.55 51.77
C THR E 371 17.89 -40.79 50.89
N VAL E 372 18.52 -39.75 51.44
CA VAL E 372 19.55 -38.95 50.75
C VAL E 372 20.64 -39.84 50.10
N ALA E 373 20.96 -39.63 48.81
CA ALA E 373 22.02 -40.39 48.13
C ALA E 373 23.13 -39.47 47.67
N GLN E 374 24.34 -39.75 48.11
CA GLN E 374 25.53 -38.98 47.75
C GLN E 374 26.46 -39.81 46.84
N CYS E 375 27.32 -39.12 46.08
CA CYS E 375 28.34 -39.76 45.27
C CYS E 375 29.39 -40.39 46.21
N LYS E 376 29.82 -41.62 45.91
CA LYS E 376 30.84 -42.36 46.66
C LYS E 376 32.23 -41.71 46.60
N ILE E 377 32.50 -40.87 45.58
CA ILE E 377 33.81 -40.27 45.39
C ILE E 377 33.90 -38.90 46.01
N CYS E 378 33.02 -37.99 45.61
CA CYS E 378 33.11 -36.62 46.11
C CYS E 378 32.11 -36.28 47.20
N ALA E 379 31.23 -37.23 47.57
CA ALA E 379 30.15 -37.09 48.58
C ALA E 379 29.14 -35.97 48.27
N SER E 380 29.08 -35.52 47.00
CA SER E 380 28.12 -34.50 46.53
C SER E 380 26.75 -35.12 46.48
N HIS E 381 25.73 -34.36 46.88
CA HIS E 381 24.34 -34.81 46.85
C HIS E 381 23.90 -35.03 45.40
N ILE E 382 23.52 -36.29 45.08
CA ILE E 382 23.07 -36.63 43.74
C ILE E 382 21.54 -36.70 43.69
N GLY E 383 20.93 -37.17 44.76
CA GLY E 383 19.48 -37.27 44.84
C GLY E 383 19.02 -38.04 46.06
N TRP E 384 18.02 -38.90 45.85
CA TRP E 384 17.43 -39.71 46.91
C TRP E 384 17.03 -41.05 46.34
N LYS E 385 17.04 -42.08 47.19
CA LYS E 385 16.52 -43.38 46.84
C LYS E 385 15.09 -43.37 47.41
N PHE E 386 14.11 -43.78 46.59
CA PHE E 386 12.72 -43.89 47.01
C PHE E 386 12.37 -45.35 47.17
N THR E 387 11.90 -45.72 48.37
CA THR E 387 11.51 -47.07 48.74
C THR E 387 10.04 -47.07 49.17
N ALA E 388 9.26 -48.02 48.60
CA ALA E 388 7.83 -48.20 48.85
C ALA E 388 7.54 -48.47 50.32
N THR E 389 6.41 -47.94 50.81
CA THR E 389 5.95 -48.11 52.20
C THR E 389 5.08 -49.35 52.33
N LYS E 390 4.38 -49.73 51.23
CA LYS E 390 3.51 -50.90 51.14
C LYS E 390 4.10 -51.95 50.20
N LYS E 391 4.01 -53.24 50.60
CA LYS E 391 4.55 -54.39 49.87
C LYS E 391 3.89 -54.61 48.51
N ASP E 392 2.62 -54.22 48.38
CA ASP E 392 1.81 -54.34 47.16
C ASP E 392 2.18 -53.34 46.04
N MET E 393 2.92 -52.27 46.39
CA MET E 393 3.34 -51.20 45.48
C MET E 393 4.39 -51.65 44.49
N SER E 394 4.30 -51.12 43.26
CA SER E 394 5.28 -51.38 42.21
C SER E 394 5.57 -50.09 41.40
N PRO E 395 6.85 -49.69 41.21
CA PRO E 395 8.09 -50.36 41.66
C PRO E 395 8.28 -50.32 43.16
N GLN E 396 9.01 -51.29 43.71
CA GLN E 396 9.27 -51.32 45.14
C GLN E 396 10.35 -50.26 45.51
N LYS E 397 11.26 -49.96 44.57
CA LYS E 397 12.33 -48.95 44.73
C LYS E 397 12.73 -48.29 43.41
N PHE E 398 13.21 -47.04 43.50
CA PHE E 398 13.73 -46.25 42.37
C PHE E 398 14.57 -45.09 42.93
N TRP E 399 15.20 -44.31 42.05
CA TRP E 399 16.02 -43.17 42.46
C TRP E 399 15.52 -41.91 41.80
N GLY E 400 15.52 -40.84 42.58
CA GLY E 400 15.18 -39.50 42.11
C GLY E 400 16.45 -38.71 42.11
N LEU E 401 16.98 -38.39 40.93
CA LEU E 401 18.24 -37.66 40.84
C LEU E 401 18.02 -36.20 40.48
N THR E 402 18.69 -35.29 41.17
CA THR E 402 18.53 -33.86 40.92
C THR E 402 19.41 -33.46 39.71
N ARG E 403 18.79 -32.93 38.64
CA ARG E 403 19.40 -32.49 37.36
C ARG E 403 20.67 -31.67 37.53
N SER E 404 20.67 -30.76 38.52
CA SER E 404 21.79 -29.87 38.87
C SER E 404 23.09 -30.62 39.21
N ALA E 405 22.97 -31.89 39.68
CA ALA E 405 24.08 -32.79 40.08
C ALA E 405 24.58 -33.70 38.95
N LEU E 406 23.84 -33.78 37.83
CA LEU E 406 24.17 -34.69 36.73
C LEU E 406 24.82 -34.06 35.53
N LEU E 407 25.54 -34.87 34.77
CA LEU E 407 26.23 -34.43 33.58
C LEU E 407 26.04 -35.47 32.47
N PRO E 408 25.30 -35.10 31.37
CA PRO E 408 25.08 -36.04 30.26
C PRO E 408 26.41 -36.37 29.58
N THR E 409 26.59 -37.65 29.27
CA THR E 409 27.86 -38.15 28.77
C THR E 409 27.72 -38.97 27.53
N ILE E 410 28.65 -38.77 26.61
CA ILE E 410 28.73 -39.57 25.40
C ILE E 410 29.70 -40.72 25.75
N PRO E 411 29.27 -42.00 25.60
CA PRO E 411 30.17 -43.14 25.89
C PRO E 411 31.45 -43.13 25.04
N ASP E 412 32.50 -43.88 25.48
CA ASP E 412 33.84 -43.92 24.87
C ASP E 412 34.54 -42.57 25.27
N THR E 413 35.27 -41.90 24.32
CA THR E 413 35.93 -40.61 24.58
C THR E 413 35.55 -39.57 23.46
N GLU E 414 34.62 -38.62 23.81
CA GLU E 414 34.09 -37.58 22.92
C GLU E 414 33.46 -36.39 23.69
N ASP E 415 33.47 -35.18 23.08
CA ASP E 415 32.93 -33.92 23.62
C ASP E 415 31.42 -33.69 23.27
N GLU E 416 30.70 -33.03 24.19
CA GLU E 416 29.26 -32.77 24.13
C GLU E 416 28.82 -31.64 23.14
N ILE E 417 28.33 -32.06 21.96
CA ILE E 417 27.87 -31.18 20.88
C ILE E 417 26.36 -31.41 20.62
N SER E 418 25.62 -30.33 20.37
CA SER E 418 24.18 -30.40 20.13
C SER E 418 23.73 -29.98 18.69
N PRO E 419 23.83 -30.87 17.64
CA PRO E 419 23.39 -30.48 16.28
C PRO E 419 21.92 -30.08 16.11
N ASP E 420 21.77 -28.83 15.60
CA ASP E 420 20.62 -27.96 15.26
C ASP E 420 20.23 -27.07 16.45
N GLU F 14 14.99 -22.22 63.41
CA GLU F 14 15.42 -20.83 63.54
C GLU F 14 16.93 -20.63 63.40
N PHE F 15 17.77 -21.58 63.94
CA PHE F 15 19.24 -21.48 63.86
C PHE F 15 19.88 -22.36 62.78
N ILE F 16 20.51 -21.69 61.79
CA ILE F 16 21.18 -22.32 60.64
C ILE F 16 22.71 -22.11 60.70
N VAL F 17 23.44 -23.23 60.56
CA VAL F 17 24.91 -23.26 60.54
C VAL F 17 25.39 -23.65 59.12
N GLY F 18 26.59 -23.18 58.77
CA GLY F 18 27.23 -23.42 57.48
C GLY F 18 26.38 -23.12 56.26
N GLY F 19 25.39 -22.24 56.42
CA GLY F 19 24.46 -21.80 55.39
C GLY F 19 23.36 -22.79 55.03
N LYS F 20 23.43 -24.05 55.50
CA LYS F 20 22.40 -25.04 55.13
C LYS F 20 21.96 -26.00 56.23
N TYR F 21 22.60 -26.03 57.40
CA TYR F 21 22.21 -26.97 58.45
C TYR F 21 21.39 -26.29 59.57
N LYS F 22 20.06 -26.56 59.58
CA LYS F 22 19.12 -26.04 60.57
C LYS F 22 19.09 -26.99 61.76
N LEU F 23 19.25 -26.42 62.97
CA LEU F 23 19.26 -27.16 64.23
C LEU F 23 17.85 -27.60 64.57
N VAL F 24 17.69 -28.90 64.90
CA VAL F 24 16.40 -29.53 65.23
C VAL F 24 16.28 -29.64 66.75
N ARG F 25 17.15 -30.42 67.39
CA ARG F 25 17.14 -30.61 68.85
C ARG F 25 18.50 -31.04 69.37
N LYS F 26 18.76 -30.83 70.66
CA LYS F 26 19.97 -31.23 71.37
C LYS F 26 19.91 -32.75 71.50
N ILE F 27 21.01 -33.43 71.20
CA ILE F 27 21.15 -34.90 71.25
C ILE F 27 22.33 -35.34 72.13
N GLY F 28 23.02 -34.35 72.71
CA GLY F 28 24.18 -34.58 73.56
C GLY F 28 24.82 -33.34 74.15
N SER F 29 25.97 -33.52 74.81
CA SER F 29 26.76 -32.48 75.48
C SER F 29 28.30 -32.79 75.45
N GLY F 30 29.05 -31.96 76.18
CA GLY F 30 30.51 -32.05 76.32
C GLY F 30 31.09 -30.89 77.12
N SER F 31 32.43 -30.86 77.23
CA SER F 31 33.19 -29.81 77.95
C SER F 31 33.04 -28.46 77.23
N PHE F 32 33.12 -28.52 75.89
CA PHE F 32 33.01 -27.44 74.90
C PHE F 32 31.60 -26.78 74.84
N GLY F 33 30.58 -27.64 74.78
CA GLY F 33 29.17 -27.29 74.65
C GLY F 33 28.29 -28.48 74.30
N ASP F 34 27.28 -28.27 73.44
CA ASP F 34 26.33 -29.34 73.08
C ASP F 34 26.43 -29.90 71.65
N ILE F 35 25.75 -31.03 71.44
CA ILE F 35 25.65 -31.74 70.18
C ILE F 35 24.18 -31.74 69.79
N TYR F 36 23.89 -31.30 68.56
CA TYR F 36 22.54 -31.17 68.01
C TYR F 36 22.26 -32.04 66.80
N LEU F 37 20.99 -32.39 66.59
CA LEU F 37 20.53 -33.05 65.40
C LEU F 37 20.23 -31.88 64.47
N ALA F 38 20.78 -31.90 63.26
CA ALA F 38 20.54 -30.83 62.30
C ALA F 38 20.09 -31.44 61.00
N ILE F 39 19.41 -30.64 60.18
CA ILE F 39 18.90 -31.09 58.90
C ILE F 39 19.37 -30.15 57.80
N ASN F 40 19.94 -30.74 56.74
CA ASN F 40 20.35 -30.02 55.52
C ASN F 40 19.06 -29.52 54.87
N ILE F 41 18.81 -28.20 54.92
CA ILE F 41 17.62 -27.54 54.37
C ILE F 41 17.48 -27.71 52.83
N THR F 42 18.55 -28.12 52.14
CA THR F 42 18.45 -28.27 50.70
C THR F 42 18.05 -29.68 50.27
N ASN F 43 18.19 -30.70 51.14
CA ASN F 43 17.93 -32.08 50.68
C ASN F 43 17.38 -33.10 51.72
N GLY F 44 17.24 -32.68 52.97
CA GLY F 44 16.70 -33.53 54.03
C GLY F 44 17.71 -34.33 54.84
N GLU F 45 18.99 -34.29 54.43
CA GLU F 45 20.08 -35.01 55.09
C GLU F 45 20.17 -34.59 56.56
N GLU F 46 20.26 -35.59 57.45
CA GLU F 46 20.40 -35.41 58.90
C GLU F 46 21.85 -35.52 59.27
N VAL F 47 22.31 -34.57 60.09
CA VAL F 47 23.71 -34.49 60.54
C VAL F 47 23.78 -34.19 62.04
N ALA F 48 24.98 -34.29 62.60
CA ALA F 48 25.27 -33.90 63.96
C ALA F 48 26.05 -32.59 63.86
N VAL F 49 25.74 -31.65 64.76
CA VAL F 49 26.36 -30.33 64.86
C VAL F 49 26.83 -30.14 66.30
N LYS F 50 28.16 -30.12 66.49
CA LYS F 50 28.78 -29.82 67.79
C LYS F 50 28.91 -28.30 67.79
N LEU F 51 28.34 -27.66 68.82
CA LEU F 51 28.29 -26.23 69.04
C LEU F 51 29.10 -25.88 70.30
N GLU F 52 30.01 -24.92 70.18
CA GLU F 52 30.88 -24.51 71.27
C GLU F 52 30.96 -23.03 71.27
N SER F 53 30.70 -22.42 72.42
CA SER F 53 30.81 -20.97 72.51
C SER F 53 32.26 -20.55 72.23
N GLN F 54 32.41 -19.41 71.58
CA GLN F 54 33.70 -18.77 71.37
C GLN F 54 33.78 -18.16 72.76
N LYS F 55 34.94 -18.22 73.44
CA LYS F 55 35.06 -17.77 74.82
C LYS F 55 34.44 -18.81 75.80
N ALA F 56 34.56 -20.11 75.43
CA ALA F 56 34.11 -21.24 76.27
C ALA F 56 35.28 -21.53 77.17
N ARG F 57 35.01 -22.00 78.40
CA ARG F 57 36.10 -22.25 79.34
C ARG F 57 36.99 -23.42 78.90
N HIS F 58 36.42 -24.44 78.23
CA HIS F 58 37.18 -25.61 77.77
C HIS F 58 37.07 -25.82 76.26
N PRO F 59 37.76 -24.99 75.42
CA PRO F 59 37.64 -25.18 73.96
C PRO F 59 38.33 -26.44 73.42
N GLN F 60 37.70 -27.14 72.44
CA GLN F 60 38.25 -28.35 71.81
C GLN F 60 37.85 -28.55 70.32
N LEU F 61 36.77 -27.88 69.83
CA LEU F 61 36.27 -28.03 68.44
C LEU F 61 37.26 -27.69 67.32
N LEU F 62 38.05 -26.61 67.46
CA LEU F 62 39.03 -26.30 66.44
C LEU F 62 40.08 -27.44 66.40
N TYR F 63 40.56 -27.89 67.59
CA TYR F 63 41.51 -28.99 67.73
C TYR F 63 40.92 -30.26 67.15
N GLU F 64 39.66 -30.60 67.53
CA GLU F 64 38.95 -31.76 66.96
C GLU F 64 38.84 -31.69 65.43
N SER F 65 38.51 -30.51 64.87
CA SER F 65 38.40 -30.30 63.42
C SER F 65 39.70 -30.59 62.69
N LYS F 66 40.84 -30.27 63.33
CA LYS F 66 42.19 -30.49 62.81
C LYS F 66 42.52 -31.97 62.84
N LEU F 67 42.16 -32.65 63.93
CA LEU F 67 42.37 -34.09 64.12
C LEU F 67 41.59 -34.89 63.11
N TYR F 68 40.33 -34.48 62.89
CA TYR F 68 39.48 -35.16 61.92
C TYR F 68 40.04 -35.07 60.52
N LYS F 69 40.84 -34.03 60.19
CA LYS F 69 41.50 -33.87 58.89
C LYS F 69 42.58 -34.93 58.73
N ILE F 70 43.30 -35.23 59.84
CA ILE F 70 44.38 -36.21 59.91
C ILE F 70 43.82 -37.63 59.84
N LEU F 71 42.70 -37.84 60.52
CA LEU F 71 42.10 -39.16 60.65
C LEU F 71 41.17 -39.56 59.52
N GLN F 72 40.80 -38.62 58.65
CA GLN F 72 39.92 -38.91 57.51
C GLN F 72 40.48 -40.08 56.67
N GLY F 73 39.61 -41.02 56.29
CA GLY F 73 40.02 -42.16 55.47
C GLY F 73 39.90 -43.50 56.17
N GLY F 74 40.07 -43.47 57.48
CA GLY F 74 39.95 -44.64 58.33
C GLY F 74 38.52 -45.10 58.34
N VAL F 75 38.29 -46.40 58.54
CA VAL F 75 36.92 -46.86 58.63
C VAL F 75 36.47 -46.50 60.09
N GLY F 76 35.21 -46.27 60.33
CA GLY F 76 34.86 -45.92 61.71
C GLY F 76 35.32 -44.54 62.18
N ILE F 77 35.78 -43.70 61.25
CA ILE F 77 36.16 -42.30 61.51
C ILE F 77 35.08 -41.47 60.82
N PRO F 78 34.29 -40.64 61.57
CA PRO F 78 33.23 -39.84 60.95
C PRO F 78 33.69 -38.84 59.90
N HIS F 79 32.84 -38.62 58.91
CA HIS F 79 33.07 -37.61 57.90
C HIS F 79 32.64 -36.23 58.46
N ILE F 80 33.47 -35.22 58.23
CA ILE F 80 33.23 -33.84 58.64
C ILE F 80 32.73 -33.07 57.42
N ARG F 81 31.56 -32.42 57.56
CA ARG F 81 30.94 -31.64 56.50
C ARG F 81 31.50 -30.23 56.45
N TRP F 82 31.66 -29.58 57.62
CA TRP F 82 32.08 -28.19 57.72
C TRP F 82 32.50 -27.82 59.12
N TYR F 83 33.55 -27.01 59.22
CA TYR F 83 33.99 -26.38 60.46
C TYR F 83 34.07 -24.87 60.21
N GLY F 84 33.54 -24.09 61.14
CA GLY F 84 33.57 -22.65 61.05
C GLY F 84 32.91 -21.99 62.24
N GLN F 85 32.44 -20.76 62.04
CA GLN F 85 31.78 -19.94 63.04
C GLN F 85 30.42 -19.51 62.53
N GLU F 86 29.46 -19.39 63.45
CA GLU F 86 28.08 -18.93 63.21
C GLU F 86 27.66 -18.27 64.50
N LYS F 87 27.47 -16.93 64.47
CA LYS F 87 27.13 -16.08 65.63
C LYS F 87 28.31 -16.10 66.61
N ASP F 88 28.07 -16.35 67.91
CA ASP F 88 29.13 -16.40 68.90
C ASP F 88 29.56 -17.87 69.19
N TYR F 89 29.44 -18.74 68.18
CA TYR F 89 29.79 -20.16 68.28
C TYR F 89 30.77 -20.62 67.24
N ASN F 90 31.51 -21.67 67.58
CA ASN F 90 32.37 -22.48 66.73
C ASN F 90 31.49 -23.70 66.46
N VAL F 91 31.47 -24.16 65.20
CA VAL F 91 30.58 -25.22 64.73
C VAL F 91 31.34 -26.31 64.03
N LEU F 92 31.08 -27.57 64.44
CA LEU F 92 31.63 -28.72 63.75
C LEU F 92 30.42 -29.53 63.25
N VAL F 93 30.25 -29.59 61.93
CA VAL F 93 29.17 -30.35 61.27
C VAL F 93 29.77 -31.69 60.81
N MET F 94 29.14 -32.79 61.22
CA MET F 94 29.63 -34.14 60.93
C MET F 94 28.50 -35.15 60.75
N ASP F 95 28.87 -36.41 60.41
CA ASP F 95 27.94 -37.52 60.24
C ASP F 95 27.14 -37.72 61.50
N LEU F 96 25.85 -38.02 61.33
CA LEU F 96 24.98 -38.37 62.45
C LEU F 96 25.21 -39.86 62.70
N LEU F 97 25.61 -40.21 63.92
CA LEU F 97 25.87 -41.59 64.31
C LEU F 97 24.78 -42.03 65.27
N GLY F 98 24.68 -43.34 65.47
CA GLY F 98 23.72 -43.95 66.37
C GLY F 98 24.09 -43.80 67.83
N PRO F 99 23.53 -44.69 68.69
CA PRO F 99 23.79 -44.56 70.14
C PRO F 99 25.17 -45.06 70.54
N SER F 100 25.64 -44.59 71.71
CA SER F 100 26.91 -45.04 72.25
C SER F 100 26.74 -46.44 72.89
N LEU F 101 27.88 -47.10 73.22
CA LEU F 101 27.87 -48.39 73.92
C LEU F 101 27.27 -48.27 75.33
N GLU F 102 27.36 -47.09 75.96
CA GLU F 102 26.73 -46.87 77.25
C GLU F 102 25.21 -46.82 77.09
N ASP F 103 24.73 -46.22 76.00
CA ASP F 103 23.29 -46.14 75.69
C ASP F 103 22.77 -47.52 75.41
N LEU F 104 23.53 -48.31 74.64
CA LEU F 104 23.15 -49.68 74.28
C LEU F 104 23.23 -50.64 75.47
N PHE F 105 24.21 -50.45 76.38
CA PHE F 105 24.35 -51.20 77.63
C PHE F 105 23.07 -50.96 78.47
N ASN F 106 22.68 -49.70 78.66
CA ASN F 106 21.46 -49.31 79.36
C ASN F 106 20.21 -49.96 78.75
N PHE F 107 20.07 -49.86 77.43
CA PHE F 107 18.99 -50.45 76.62
C PHE F 107 18.88 -51.96 76.86
N CYS F 108 20.06 -52.65 76.98
CA CYS F 108 20.20 -54.08 77.24
C CYS F 108 20.19 -54.43 78.72
N SER F 109 19.69 -53.50 79.59
CA SER F 109 19.54 -53.67 81.03
C SER F 109 20.87 -53.98 81.71
N ARG F 110 21.92 -53.24 81.32
CA ARG F 110 23.27 -53.29 81.86
C ARG F 110 23.82 -54.75 81.88
N ARG F 111 23.69 -55.43 80.73
CA ARG F 111 24.12 -56.81 80.56
C ARG F 111 24.46 -57.03 79.08
N PHE F 112 25.70 -57.44 78.80
CA PHE F 112 26.10 -57.84 77.46
C PHE F 112 26.54 -59.28 77.52
N THR F 113 26.18 -60.09 76.49
CA THR F 113 26.57 -61.50 76.42
C THR F 113 28.03 -61.53 76.02
N MET F 114 28.72 -62.64 76.29
CA MET F 114 30.11 -62.81 75.88
C MET F 114 30.23 -62.58 74.36
N LYS F 115 29.21 -63.03 73.56
CA LYS F 115 29.17 -62.85 72.10
C LYS F 115 29.29 -61.39 71.71
N THR F 116 28.38 -60.51 72.19
CA THR F 116 28.40 -59.06 71.94
C THR F 116 29.73 -58.44 72.38
N VAL F 117 30.20 -58.76 73.58
CA VAL F 117 31.46 -58.20 74.09
C VAL F 117 32.64 -58.55 73.14
N LEU F 118 32.67 -59.80 72.69
CA LEU F 118 33.70 -60.28 71.78
C LEU F 118 33.62 -59.65 70.40
N MET F 119 32.40 -59.40 69.88
CA MET F 119 32.17 -58.76 68.58
C MET F 119 32.66 -57.32 68.61
N LEU F 120 32.29 -56.59 69.68
CA LEU F 120 32.70 -55.22 69.93
C LEU F 120 34.22 -55.14 70.12
N ALA F 121 34.81 -56.05 70.90
CA ALA F 121 36.25 -56.04 71.17
C ALA F 121 37.10 -56.01 69.92
N ASP F 122 36.68 -56.72 68.87
CA ASP F 122 37.34 -56.81 67.58
C ASP F 122 37.42 -55.45 66.91
N GLN F 123 36.29 -54.74 66.82
CA GLN F 123 36.16 -53.41 66.25
C GLN F 123 36.81 -52.31 67.08
N MET F 124 36.79 -52.43 68.44
CA MET F 124 37.40 -51.44 69.33
C MET F 124 38.91 -51.43 69.22
N ILE F 125 39.54 -52.62 69.07
CA ILE F 125 40.99 -52.75 68.92
C ILE F 125 41.37 -52.06 67.61
N SER F 126 40.64 -52.40 66.51
CA SER F 126 40.87 -51.82 65.18
C SER F 126 40.72 -50.30 65.17
N ARG F 127 39.66 -49.76 65.80
CA ARG F 127 39.40 -48.32 65.92
C ARG F 127 40.57 -47.58 66.62
N ILE F 128 41.03 -48.06 67.78
CA ILE F 128 42.19 -47.50 68.55
C ILE F 128 43.48 -47.64 67.68
N GLU F 129 43.66 -48.83 67.06
CA GLU F 129 44.81 -49.12 66.19
C GLU F 129 44.98 -48.09 65.09
N TYR F 130 43.89 -47.71 64.43
CA TYR F 130 43.94 -46.73 63.36
C TYR F 130 44.41 -45.36 63.84
N VAL F 131 43.83 -44.87 64.93
CA VAL F 131 44.22 -43.61 65.60
C VAL F 131 45.73 -43.66 65.89
N HIS F 132 46.23 -44.80 66.40
CA HIS F 132 47.65 -45.05 66.66
C HIS F 132 48.52 -45.02 65.40
N THR F 133 48.01 -45.51 64.25
CA THR F 133 48.79 -45.48 62.99
C THR F 133 48.96 -44.07 62.51
N LYS F 134 48.02 -43.17 62.89
CA LYS F 134 48.03 -41.75 62.58
C LYS F 134 48.81 -40.93 63.62
N ASN F 135 49.61 -41.61 64.46
CA ASN F 135 50.54 -41.02 65.45
C ASN F 135 49.90 -40.33 66.68
N PHE F 136 48.64 -40.68 67.00
CA PHE F 136 47.90 -40.12 68.12
C PHE F 136 47.43 -41.21 69.06
N ILE F 137 47.25 -40.83 70.33
CA ILE F 137 46.62 -41.63 71.38
C ILE F 137 45.33 -40.90 71.71
N HIS F 138 44.27 -41.63 72.00
CA HIS F 138 42.94 -41.04 72.22
C HIS F 138 42.81 -40.38 73.63
N ARG F 139 43.22 -41.09 74.65
CA ARG F 139 43.29 -40.68 76.07
C ARG F 139 41.95 -40.55 76.76
N ASP F 140 40.87 -41.01 76.12
CA ASP F 140 39.57 -40.98 76.75
C ASP F 140 38.75 -42.15 76.21
N ILE F 141 39.31 -43.37 76.38
CA ILE F 141 38.67 -44.63 76.00
C ILE F 141 37.62 -44.94 77.10
N LYS F 142 36.32 -44.89 76.71
CA LYS F 142 35.17 -45.15 77.58
C LYS F 142 33.98 -45.57 76.75
N PRO F 143 32.99 -46.33 77.33
CA PRO F 143 31.82 -46.77 76.54
C PRO F 143 31.11 -45.67 75.71
N ASP F 144 31.04 -44.45 76.26
CA ASP F 144 30.41 -43.27 75.68
C ASP F 144 31.04 -42.73 74.40
N ASN F 145 32.34 -43.01 74.15
CA ASN F 145 33.05 -42.54 72.95
C ASN F 145 33.04 -43.57 71.80
N PHE F 146 32.39 -44.72 72.00
CA PHE F 146 32.20 -45.72 70.96
C PHE F 146 30.71 -45.71 70.62
N LEU F 147 30.37 -45.35 69.35
CA LEU F 147 29.00 -45.19 68.84
C LEU F 147 28.80 -46.06 67.65
N MET F 148 27.61 -46.66 67.49
CA MET F 148 27.30 -47.48 66.31
C MET F 148 26.83 -46.49 65.23
N GLY F 149 26.96 -46.84 63.96
CA GLY F 149 26.51 -45.95 62.90
C GLY F 149 25.02 -46.09 62.64
N ILE F 150 24.53 -45.35 61.62
CA ILE F 150 23.12 -45.35 61.22
C ILE F 150 22.99 -45.87 59.79
N GLY F 151 21.90 -46.62 59.56
CA GLY F 151 21.54 -47.17 58.26
C GLY F 151 22.53 -48.20 57.80
N ARG F 152 23.28 -47.86 56.73
CA ARG F 152 24.32 -48.71 56.15
C ARG F 152 25.45 -49.03 57.17
N HIS F 153 25.72 -48.09 58.07
CA HIS F 153 26.75 -48.19 59.08
C HIS F 153 26.24 -48.67 60.43
N CYS F 154 25.06 -49.32 60.49
CA CYS F 154 24.46 -49.74 61.77
C CYS F 154 25.27 -50.82 62.56
N ASN F 155 26.15 -51.59 61.88
CA ASN F 155 26.99 -52.62 62.52
C ASN F 155 28.46 -52.19 62.58
N LYS F 156 28.72 -50.92 62.24
CA LYS F 156 30.06 -50.34 62.26
C LYS F 156 30.12 -49.45 63.47
N LEU F 157 31.15 -49.68 64.28
CA LEU F 157 31.44 -48.96 65.50
C LEU F 157 32.44 -47.81 65.19
N PHE F 158 32.18 -46.62 65.73
CA PHE F 158 32.97 -45.40 65.53
C PHE F 158 33.58 -44.93 66.86
N LEU F 159 34.89 -44.64 66.89
CA LEU F 159 35.54 -44.06 68.08
C LEU F 159 35.54 -42.57 67.80
N ILE F 160 34.94 -41.78 68.73
CA ILE F 160 34.80 -40.33 68.55
C ILE F 160 35.37 -39.57 69.73
N ASP F 161 35.17 -38.24 69.78
CA ASP F 161 35.68 -37.30 70.79
C ASP F 161 37.21 -37.30 70.88
N PHE F 162 37.84 -36.49 70.00
CA PHE F 162 39.28 -36.38 69.91
C PHE F 162 39.84 -35.16 70.62
N GLY F 163 39.05 -34.54 71.51
CA GLY F 163 39.44 -33.36 72.29
C GLY F 163 40.60 -33.58 73.24
N LEU F 164 40.83 -34.83 73.70
CA LEU F 164 41.97 -35.12 74.60
C LEU F 164 43.07 -35.86 73.87
N ALA F 165 42.92 -36.08 72.54
CA ALA F 165 43.91 -36.83 71.75
C ALA F 165 45.25 -36.11 71.76
N LYS F 166 46.36 -36.85 71.86
CA LYS F 166 47.71 -36.28 71.91
C LYS F 166 48.65 -37.01 70.92
N LYS F 167 49.61 -36.29 70.25
CA LYS F 167 50.61 -36.89 69.35
C LYS F 167 51.59 -37.73 70.19
N TYR F 168 51.85 -39.00 69.87
CA TYR F 168 52.78 -39.79 70.65
C TYR F 168 54.12 -40.00 69.89
N ARG F 169 54.20 -39.62 68.60
CA ARG F 169 55.41 -39.76 67.77
C ARG F 169 55.39 -38.80 66.56
N ASP F 170 56.59 -38.38 66.06
CA ASP F 170 56.72 -37.52 64.89
C ASP F 170 56.32 -38.33 63.67
N ASN F 171 55.57 -37.72 62.72
CA ASN F 171 55.09 -38.42 61.54
C ASN F 171 56.21 -39.01 60.66
N ARG F 172 57.26 -38.21 60.34
CA ARG F 172 58.31 -38.72 59.46
C ARG F 172 59.38 -39.57 60.19
N THR F 173 60.05 -39.01 61.23
CA THR F 173 61.12 -39.70 61.98
C THR F 173 60.66 -40.94 62.81
N ARG F 174 59.36 -40.97 63.17
CA ARG F 174 58.68 -41.95 64.03
C ARG F 174 59.26 -41.93 65.49
N GLN F 175 59.97 -40.84 65.85
CA GLN F 175 60.53 -40.63 67.19
C GLN F 175 59.38 -40.56 68.24
N HIS F 176 59.39 -41.50 69.21
CA HIS F 176 58.40 -41.53 70.29
C HIS F 176 58.57 -40.30 71.20
N ILE F 177 57.44 -39.87 71.84
CA ILE F 177 57.43 -38.76 72.79
C ILE F 177 58.24 -39.13 74.03
N PRO F 178 58.92 -38.15 74.68
CA PRO F 178 59.66 -38.50 75.91
C PRO F 178 58.77 -38.98 77.06
N TYR F 179 59.41 -39.67 77.98
CA TYR F 179 58.81 -40.20 79.18
C TYR F 179 58.76 -39.07 80.25
N ARG F 180 57.57 -38.81 80.77
CA ARG F 180 57.31 -37.79 81.79
C ARG F 180 56.60 -38.43 82.96
N GLU F 181 56.69 -37.79 84.11
CA GLU F 181 56.05 -38.16 85.38
C GLU F 181 55.42 -36.87 85.93
N ASP F 182 54.76 -36.95 87.09
CA ASP F 182 54.16 -35.76 87.70
C ASP F 182 53.09 -35.07 86.80
N LYS F 183 52.24 -35.86 86.15
CA LYS F 183 51.17 -35.39 85.30
C LYS F 183 49.84 -35.58 86.04
N ASN F 184 48.91 -34.62 85.91
CA ASN F 184 47.55 -34.75 86.43
C ASN F 184 46.83 -35.59 85.39
N LEU F 185 45.90 -36.44 85.83
CA LEU F 185 45.16 -37.35 84.95
C LEU F 185 44.22 -36.63 83.95
N THR F 186 44.24 -37.14 82.71
CA THR F 186 43.47 -36.78 81.51
C THR F 186 42.46 -37.93 81.22
N GLY F 187 41.18 -37.57 81.11
CA GLY F 187 40.12 -38.52 80.84
C GLY F 187 39.40 -38.96 82.08
N THR F 188 38.52 -39.95 81.91
CA THR F 188 37.77 -40.47 83.03
C THR F 188 38.63 -41.38 83.83
N ALA F 189 38.57 -41.19 85.15
CA ALA F 189 39.24 -41.95 86.19
C ALA F 189 38.80 -43.40 86.15
N ARG F 190 37.51 -43.67 85.97
CA ARG F 190 37.02 -45.03 85.91
C ARG F 190 37.83 -45.99 85.03
N TYR F 191 38.15 -45.59 83.80
CA TYR F 191 38.81 -46.46 82.83
C TYR F 191 40.31 -46.17 82.62
N ALA F 192 40.84 -45.17 83.33
CA ALA F 192 42.25 -44.78 83.27
C ALA F 192 43.17 -45.97 83.58
N SER F 193 44.33 -46.01 82.94
CA SER F 193 45.31 -47.05 83.21
C SER F 193 45.95 -46.79 84.60
N ILE F 194 46.62 -47.79 85.18
CA ILE F 194 47.27 -47.63 86.48
C ILE F 194 48.36 -46.54 86.36
N ASN F 195 49.17 -46.59 85.27
CA ASN F 195 50.25 -45.62 85.05
C ASN F 195 49.74 -44.20 84.85
N ALA F 196 48.59 -44.03 84.16
CA ALA F 196 47.98 -42.70 83.99
C ALA F 196 47.61 -42.13 85.37
N HIS F 197 47.17 -42.99 86.32
CA HIS F 197 46.83 -42.60 87.70
C HIS F 197 48.07 -42.14 88.46
N LEU F 198 49.23 -42.81 88.24
CA LEU F 198 50.53 -42.50 88.87
C LEU F 198 51.19 -41.20 88.38
N GLY F 199 50.66 -40.60 87.30
CA GLY F 199 51.18 -39.36 86.73
C GLY F 199 52.18 -39.58 85.63
N ILE F 200 52.22 -40.80 85.10
CA ILE F 200 53.10 -41.15 84.01
C ILE F 200 52.45 -40.71 82.66
N GLU F 201 53.29 -40.13 81.76
CA GLU F 201 52.89 -39.72 80.43
C GLU F 201 52.25 -40.93 79.73
N GLN F 202 51.03 -40.74 79.15
CA GLN F 202 50.29 -41.75 78.45
C GLN F 202 50.89 -42.04 77.09
N SER F 203 50.78 -43.29 76.64
CA SER F 203 51.21 -43.76 75.34
C SER F 203 50.23 -44.84 74.86
N ARG F 204 50.57 -45.54 73.77
CA ARG F 204 49.68 -46.52 73.17
C ARG F 204 49.16 -47.55 74.11
N ARG F 205 50.04 -48.08 74.99
CA ARG F 205 49.73 -49.07 76.05
C ARG F 205 48.57 -48.68 76.96
N ASP F 206 48.44 -47.38 77.26
CA ASP F 206 47.41 -46.84 78.15
C ASP F 206 46.03 -46.84 77.53
N ASP F 207 45.95 -46.62 76.19
CA ASP F 207 44.69 -46.68 75.45
C ASP F 207 44.19 -48.13 75.46
N MET F 208 45.11 -49.08 75.22
CA MET F 208 44.85 -50.52 75.22
C MET F 208 44.39 -51.04 76.57
N GLU F 209 45.00 -50.61 77.65
CA GLU F 209 44.62 -51.01 79.01
C GLU F 209 43.20 -50.50 79.35
N SER F 210 42.93 -49.18 79.07
CA SER F 210 41.59 -48.59 79.23
C SER F 210 40.52 -49.41 78.47
N LEU F 211 40.84 -49.98 77.27
CA LEU F 211 39.90 -50.86 76.55
C LEU F 211 39.59 -52.11 77.38
N GLY F 212 40.62 -52.70 77.99
CA GLY F 212 40.47 -53.83 78.90
C GLY F 212 39.48 -53.57 80.02
N TYR F 213 39.55 -52.36 80.62
CA TYR F 213 38.64 -51.98 81.71
C TYR F 213 37.26 -51.79 81.19
N VAL F 214 37.15 -51.29 79.95
CA VAL F 214 35.85 -51.05 79.31
C VAL F 214 35.23 -52.42 79.06
N LEU F 215 36.00 -53.38 78.53
CA LEU F 215 35.50 -54.76 78.34
C LEU F 215 35.13 -55.48 79.63
N MET F 216 35.90 -55.27 80.74
CA MET F 216 35.57 -55.89 82.03
C MET F 216 34.34 -55.25 82.68
N TYR F 217 34.14 -53.99 82.44
CA TYR F 217 32.95 -53.24 82.83
C TYR F 217 31.73 -53.84 82.15
N PHE F 218 31.74 -54.13 80.84
CA PHE F 218 30.56 -54.75 80.22
C PHE F 218 30.32 -56.19 80.73
N ASN F 219 31.40 -56.92 81.06
CA ASN F 219 31.38 -58.30 81.49
C ASN F 219 30.75 -58.46 82.84
N ARG F 220 31.23 -57.71 83.82
CA ARG F 220 30.66 -57.61 85.18
C ARG F 220 29.70 -56.41 85.08
N THR F 221 28.49 -56.39 85.62
CA THR F 221 27.71 -55.12 85.47
C THR F 221 28.51 -53.77 85.72
N SER F 222 29.56 -53.79 86.58
CA SER F 222 30.39 -52.66 87.01
C SER F 222 31.85 -53.06 87.24
N LEU F 223 32.69 -52.13 87.76
CA LEU F 223 34.10 -52.35 88.13
C LEU F 223 34.30 -52.22 89.66
N PRO F 224 35.34 -52.85 90.27
CA PRO F 224 35.45 -52.80 91.74
C PRO F 224 35.82 -51.44 92.36
N TRP F 225 36.18 -50.45 91.52
CA TRP F 225 36.56 -49.12 91.99
C TRP F 225 35.47 -48.10 91.69
N GLN F 226 34.32 -48.59 91.25
CA GLN F 226 33.14 -47.77 91.01
C GLN F 226 32.47 -47.51 92.36
N GLY F 227 31.78 -46.37 92.47
CA GLY F 227 31.07 -46.03 93.71
C GLY F 227 31.92 -45.90 94.96
N LEU F 228 33.15 -45.36 94.79
CA LEU F 228 34.05 -45.08 95.90
C LEU F 228 34.00 -43.55 96.10
N LYS F 229 33.38 -43.10 97.20
CA LYS F 229 33.26 -41.64 97.41
C LYS F 229 34.26 -41.09 98.44
N ALA F 230 34.68 -39.83 98.20
CA ALA F 230 35.56 -39.05 99.08
C ALA F 230 35.26 -37.56 98.89
N ALA F 231 35.65 -36.74 99.88
CA ALA F 231 35.41 -35.28 99.92
C ALA F 231 35.72 -34.55 98.59
N THR F 232 36.99 -34.54 98.15
CA THR F 232 37.42 -33.86 96.92
C THR F 232 37.70 -34.83 95.76
N LYS F 233 37.74 -34.28 94.52
CA LYS F 233 38.04 -34.96 93.27
C LYS F 233 39.41 -35.68 93.36
N LYS F 234 40.41 -35.04 94.03
CA LYS F 234 41.75 -35.58 94.23
C LYS F 234 41.70 -36.88 95.07
N GLN F 235 40.88 -36.86 96.16
CA GLN F 235 40.73 -37.98 97.09
C GLN F 235 39.90 -39.11 96.49
N LYS F 236 38.98 -38.76 95.56
CA LYS F 236 38.12 -39.66 94.79
C LYS F 236 39.02 -40.48 93.84
N TYR F 237 39.91 -39.76 93.13
CA TYR F 237 40.86 -40.32 92.18
C TYR F 237 41.89 -41.22 92.84
N GLU F 238 42.32 -40.88 94.09
CA GLU F 238 43.30 -41.67 94.86
C GLU F 238 42.69 -42.98 95.40
N LYS F 239 41.39 -42.95 95.73
CA LYS F 239 40.63 -44.13 96.16
C LYS F 239 40.50 -45.12 94.97
N ILE F 240 40.25 -44.60 93.74
CA ILE F 240 40.13 -45.37 92.47
C ILE F 240 41.48 -45.99 92.12
N SER F 241 42.54 -45.18 92.16
CA SER F 241 43.92 -45.53 91.85
C SER F 241 44.47 -46.65 92.73
N GLU F 242 44.29 -46.51 94.06
CA GLU F 242 44.76 -47.47 95.04
C GLU F 242 43.98 -48.79 94.99
N LYS F 243 42.65 -48.70 94.68
CA LYS F 243 41.81 -49.89 94.52
C LYS F 243 42.24 -50.67 93.29
N LYS F 244 42.57 -49.97 92.18
CA LYS F 244 43.03 -50.54 90.91
C LYS F 244 44.32 -51.29 91.13
N MET F 245 45.24 -50.68 91.89
CA MET F 245 46.55 -51.23 92.26
C MET F 245 46.45 -52.37 93.29
N SER F 246 45.40 -52.38 94.12
CA SER F 246 45.23 -53.45 95.11
C SER F 246 44.48 -54.65 94.50
N THR F 247 43.75 -54.44 93.38
CA THR F 247 43.00 -55.48 92.65
C THR F 247 43.86 -56.22 91.58
N PRO F 248 44.34 -57.46 91.88
CA PRO F 248 45.06 -58.24 90.86
C PRO F 248 44.16 -58.52 89.64
N VAL F 249 44.75 -58.61 88.43
CA VAL F 249 43.98 -58.83 87.17
C VAL F 249 43.11 -60.10 87.28
N GLU F 250 43.65 -61.12 87.95
CA GLU F 250 43.05 -62.43 88.22
C GLU F 250 41.80 -62.30 89.09
N VAL F 251 41.78 -61.30 89.99
CA VAL F 251 40.65 -61.01 90.86
C VAL F 251 39.54 -60.31 90.05
N LEU F 252 39.93 -59.34 89.23
CA LEU F 252 39.03 -58.59 88.38
C LEU F 252 38.36 -59.47 87.30
N CYS F 253 39.14 -60.38 86.69
CA CYS F 253 38.70 -61.25 85.60
C CYS F 253 38.23 -62.64 86.03
N LYS F 254 38.03 -62.85 87.34
CA LYS F 254 37.58 -64.14 87.91
C LYS F 254 36.19 -64.52 87.40
N GLY F 255 36.08 -65.76 86.93
CA GLY F 255 34.83 -66.31 86.41
C GLY F 255 34.68 -66.09 84.93
N PHE F 256 35.60 -65.32 84.34
CA PHE F 256 35.55 -65.01 82.91
C PHE F 256 36.61 -65.77 82.13
N PRO F 257 36.52 -65.88 80.77
CA PRO F 257 37.57 -66.61 80.03
C PRO F 257 38.95 -66.01 80.26
N ALA F 258 39.98 -66.88 80.31
CA ALA F 258 41.38 -66.54 80.55
C ALA F 258 41.90 -65.41 79.69
N GLU F 259 41.36 -65.27 78.46
CA GLU F 259 41.71 -64.26 77.43
C GLU F 259 41.66 -62.82 77.92
N PHE F 260 40.67 -62.51 78.77
CA PHE F 260 40.50 -61.20 79.38
C PHE F 260 41.65 -60.87 80.33
N ALA F 261 42.13 -61.87 81.11
CA ALA F 261 43.28 -61.65 81.97
C ALA F 261 44.55 -61.58 81.13
N MET F 262 44.67 -62.42 80.06
CA MET F 262 45.82 -62.40 79.12
C MET F 262 45.97 -61.03 78.48
N TYR F 263 44.84 -60.41 78.07
CA TYR F 263 44.74 -59.08 77.47
C TYR F 263 45.28 -58.02 78.40
N LEU F 264 44.73 -57.94 79.63
CA LEU F 264 45.14 -56.97 80.64
C LEU F 264 46.58 -57.13 81.09
N ASN F 265 47.04 -58.34 81.35
CA ASN F 265 48.43 -58.63 81.72
C ASN F 265 49.43 -58.25 80.62
N TYR F 266 49.03 -58.41 79.36
CA TYR F 266 49.80 -58.05 78.18
C TYR F 266 49.95 -56.51 78.17
N CYS F 267 48.83 -55.79 78.24
CA CYS F 267 48.77 -54.33 78.27
C CYS F 267 49.61 -53.72 79.41
N ARG F 268 49.49 -54.33 80.60
CA ARG F 268 50.26 -53.92 81.80
C ARG F 268 51.75 -54.28 81.68
N GLY F 269 52.09 -55.19 80.77
CA GLY F 269 53.47 -55.59 80.50
C GLY F 269 54.25 -54.77 79.48
N LEU F 270 53.54 -53.98 78.66
CA LEU F 270 54.09 -53.11 77.63
C LEU F 270 54.97 -51.99 78.19
N ARG F 271 56.12 -51.78 77.52
CA ARG F 271 57.03 -50.68 77.81
C ARG F 271 56.41 -49.40 77.23
N PHE F 272 56.78 -48.26 77.80
CA PHE F 272 56.31 -46.93 77.42
C PHE F 272 56.22 -46.71 75.91
N GLU F 273 57.36 -46.96 75.18
CA GLU F 273 57.53 -46.76 73.73
C GLU F 273 56.99 -47.88 72.86
N GLU F 274 56.68 -49.04 73.50
CA GLU F 274 56.31 -50.29 72.86
C GLU F 274 54.94 -50.29 72.17
N ALA F 275 54.94 -50.82 70.94
CA ALA F 275 53.76 -50.95 70.11
C ALA F 275 52.96 -52.17 70.56
N PRO F 276 51.63 -52.03 70.75
CA PRO F 276 50.83 -53.20 71.10
C PRO F 276 50.74 -54.11 69.90
N ASP F 277 50.65 -55.41 70.15
CA ASP F 277 50.52 -56.35 69.08
C ASP F 277 49.01 -56.53 68.91
N TYR F 278 48.42 -55.72 68.03
CA TYR F 278 46.99 -55.71 67.77
C TYR F 278 46.47 -57.01 67.21
N MET F 279 47.27 -57.66 66.35
CA MET F 279 46.87 -58.94 65.75
C MET F 279 46.70 -60.00 66.80
N TYR F 280 47.70 -60.09 67.72
CA TYR F 280 47.69 -61.01 68.85
C TYR F 280 46.45 -60.73 69.74
N LEU F 281 46.20 -59.48 70.07
CA LEU F 281 45.06 -59.11 70.92
C LEU F 281 43.69 -59.44 70.28
N ARG F 282 43.54 -59.21 68.95
CA ARG F 282 42.31 -59.52 68.19
C ARG F 282 42.10 -61.01 68.13
N GLN F 283 43.20 -61.76 67.86
CA GLN F 283 43.31 -63.22 67.80
C GLN F 283 42.92 -63.91 69.10
N LEU F 284 43.27 -63.33 70.29
CA LEU F 284 42.87 -63.86 71.60
C LEU F 284 41.36 -64.03 71.61
N PHE F 285 40.65 -62.95 71.26
CA PHE F 285 39.20 -62.88 71.26
C PHE F 285 38.56 -63.63 70.11
N ARG F 286 39.20 -63.66 68.93
CA ARG F 286 38.69 -64.38 67.74
C ARG F 286 38.75 -65.90 67.95
N ILE F 287 39.86 -66.40 68.53
CA ILE F 287 40.05 -67.81 68.87
C ILE F 287 39.04 -68.24 69.96
N LEU F 288 38.77 -67.36 70.96
CA LEU F 288 37.76 -67.58 72.01
C LEU F 288 36.33 -67.68 71.42
N PHE F 289 35.95 -66.70 70.58
CA PHE F 289 34.67 -66.56 69.86
C PHE F 289 34.32 -67.81 69.00
N ARG F 290 35.35 -68.43 68.37
CA ARG F 290 35.31 -69.64 67.55
C ARG F 290 35.05 -70.81 68.49
N THR F 291 35.86 -70.92 69.56
CA THR F 291 35.79 -71.95 70.61
C THR F 291 34.40 -72.00 71.31
N LEU F 292 33.77 -70.83 71.50
CA LEU F 292 32.42 -70.73 72.07
C LEU F 292 31.29 -71.00 71.04
N ASN F 293 31.67 -71.26 69.76
CA ASN F 293 30.83 -71.64 68.60
C ASN F 293 29.87 -70.53 68.11
N HIS F 294 30.30 -69.27 68.23
CA HIS F 294 29.51 -68.10 67.78
C HIS F 294 29.87 -67.70 66.32
N GLN F 295 28.95 -67.00 65.61
CA GLN F 295 29.20 -66.49 64.25
C GLN F 295 29.23 -64.96 64.24
N TYR F 296 29.99 -64.35 63.30
CA TYR F 296 30.05 -62.87 63.23
C TYR F 296 28.87 -62.24 62.44
N ASP F 297 27.64 -62.81 62.60
CA ASP F 297 26.37 -62.47 61.93
C ASP F 297 25.82 -61.05 62.20
N TYR F 298 26.53 -60.26 63.04
CA TYR F 298 26.19 -58.89 63.46
C TYR F 298 24.86 -58.80 64.18
N THR F 299 24.49 -59.87 64.87
CA THR F 299 23.29 -59.90 65.70
C THR F 299 23.79 -59.62 67.10
N PHE F 300 23.75 -58.36 67.48
CA PHE F 300 24.17 -57.90 68.78
C PHE F 300 23.00 -58.08 69.80
N ASP F 301 23.27 -57.83 71.09
CA ASP F 301 22.28 -57.92 72.16
C ASP F 301 21.04 -57.06 71.90
N TRP F 302 21.30 -55.82 71.43
CA TRP F 302 20.31 -54.79 71.13
C TRP F 302 19.56 -55.05 69.82
N THR F 303 20.21 -55.70 68.83
CA THR F 303 19.60 -56.05 67.55
C THR F 303 18.39 -56.95 67.84
N MET F 304 18.57 -57.87 68.78
CA MET F 304 17.58 -58.84 69.25
C MET F 304 16.40 -58.22 70.00
N LEU F 305 16.65 -57.22 70.87
CA LEU F 305 15.59 -56.52 71.61
C LEU F 305 14.67 -55.71 70.70
N LYS F 306 15.19 -55.27 69.53
CA LYS F 306 14.45 -54.55 68.49
C LYS F 306 13.70 -55.56 67.54
N GLN F 307 14.02 -56.88 67.70
CA GLN F 307 13.38 -58.01 67.02
C GLN F 307 12.49 -58.68 68.06
#